data_9BYM
#
_entry.id   9BYM
#
loop_
_entity.id
_entity.type
_entity.pdbx_description
1 polymer 'ATP synthase subunit alpha'
2 polymer 'ATP synthase subunit beta'
3 polymer 'ATPase inhibitor, mitochondrial'
4 polymer 'ATP synthase subunit gamma'
5 polymer 'ATP synthase F1 subunit delta'
6 polymer 'ATP synthase F1 subunit epsilon'
7 polymer 'ATP synthase lipid-binding protein'
8 non-polymer "ADENOSINE-5'-TRIPHOSPHATE"
9 non-polymer 'MAGNESIUM ION'
10 non-polymer "ADENOSINE-5'-DIPHOSPHATE"
#
loop_
_entity_poly.entity_id
_entity_poly.type
_entity_poly.pdbx_seq_one_letter_code
_entity_poly.pdbx_strand_id
1 'polypeptide(L)'
;MISGPLKIMTADLLKGMVSKNALGSSFVAARNLHASNTRLQKTGTAEVSSILEERILGADTSVDLEETGRVLSIGDGIAR
VHGLRNVQAEEMVEFSSGLKGMSLNLEPDNVGVVVFGNDKLIKEGDIVKRTGAIVDVPVGEELLGRVVDALGNAIDGKGP
IGSKTRRRVGLKAPGIIPRISVREPMQTGIKAVDSLVPIGRGQRELIIGDRQTGKTSIAIDTIINQKRFNDGTDEKKKLY
CIYVAIGQKRSTVAQLVKRLTDADAMKYTIVVSATASDAAPLQYLAPYSGCSMGEYFRDNGKHALIIYDDLSKQAVAYRQ
MSLLLRRPPGREAYPGDVFYLHSRLLERAAKMNDAFGGGSLTALPVIETQAGDVSAYIPTNVISITDGQIFLETELFYKG
IRPAINVGLSVSRVGSAAQTRAMKQVAGTMKLELAQYREVAAFAQFGSDLDAATQQLLSRGVRLTELLKQGQYAPMAIEE
QVAVIYAGVRGYLDKLEPSKITKFENAFLSHVISQHQALLGKIRADGKISEETDAKLKEIVTNFLAGFEA
;
A,C,B
2 'polypeptide(L)'
;MLRVISSKMIQRTCLLQSRPRPQLRGVGGQTAAALSLYPGSAMLGFVGRVASASASGALRGLSPSAPLPQAQLLLRAAPA
ALQPARDYATQPSPSPKAGAATGRIVAVIGAVVDVQFDEGLPPILNALEVQGRETRLVLEVAQHLGESTVRTIAMDGTEG
LVRGQKVLDSGAPIKIPVGPETLGRIMNVIGEPIDERGPIKTKQFAAIHAEAPEFMEMSVEQEILVTGIKVVDLLAPYAK
GGKIGLFGGAGVGKTVLIMELINNVAKAHGGYSVFAGVGERTREGNDLYHEMIESGVINLKDATSKVALVYGQMNEPPGA
RARVALTGLTVAEYFRDQEGQDVLLFIDNIFRFTQAGSEVSALLGRIPSAVGYQPTLATDMGTMQERITTTKKGSITSVQ
AIYVPADDLTDPAPATTFAHLDATTVLSRAIAELGIYPAVDPLDSTSRIMDPNIVGSEHYDVARGVQKILQDYKSLQDII
AILGMDELSEEDKLTVSRARKIQRFLSQPFQVAEVFTGHLGKLVPLKETIKGFQQILAGEYDHLPEQAFYMVGPIEEAVA
KADKLAEEHS
;
D,E,F
3 'polypeptide(L)'
;MAATALAVRSRIGAWSVWAMQSRGFSSDTPEGVRSGAGAVRDAGGAFGKKEQADEERYFRARAREQLAALKKHHENEISH
HVKEIERLQKEIERHKQSIKKLKNDDDD
;
J
4 'polypeptide(L)'
;MATLKDITRRLKSIKNIQKITKSMKMVAAAKYARAERDLKPARVYGIGSLALYEKADIKVPEDKKKHLIIGVSSDRGLCG
AIHSSVAKQIKSEVANLTAAGKEVKIVGVGDKIRGILHRTHSDQFLVTFKEVGRKPPTFGDASVIALELLNSGYEFDEGS
IIFNRFRSVISYKTEEKPIFSLDTVASAESMSIYDDIDADVLRNYQEYSLANIIYYSLKESTTSEQSARMTAMDNASKNA
SEMIDKLTLTFNRTRQAVITKELIEIISGAAAL
;
G
5 'polypeptide(L)'
;MLPATLLRRSGLGRVVRQARAYAEAAAAPASAAGPGQMSFTFASPTQVFFNGANVRQVDVPTQTGAFGILASHVPTLQVL
RPGLVVVHAEDGTTSKYFVSSGSVTVNADSSVQLLAEEAVTLDMLDPGVAKANLEKAQSELLGAADEASRAEIQIRIEAN
EALVKALE
;
H
6 'polypeptide(L)'
;FPFNNCREQTNSLNCLGLQAAPRWTGAEGLRPLLPGLSLGTHPGLSRTSAACHGVGSPRPSWAARSEPTLTGPRDSTRRA
HSSDIMVAYWRQAGLSYIRYSQICAKAVRDALKAEFKANAEKTSGSNVKIVKVKKE
;
I
7 'polypeptide(L)'
;MFACTKLACTPALIRAGSRVAYRPISASVLSRPEARPGEGSTVFNGAQNGVSQPIQREFQTSAVSRDIDTAAKFIGAGAA
TVGVAGSGAGIGTVFGSLIIGYARNPSLKQQLFSYAILGFALSEAMGLFCLMVAFLILFAM
;
K,L,N,O,P,Q,R,M
#
# COMPACT_ATOMS: atom_id res chain seq x y z
N SER A 62 19.46 34.56 -66.83
CA SER A 62 18.32 34.93 -67.64
C SER A 62 17.01 34.67 -66.89
N VAL A 63 17.11 34.00 -65.76
CA VAL A 63 15.96 33.74 -64.91
C VAL A 63 15.77 34.92 -63.97
N ASP A 64 14.52 35.37 -63.82
CA ASP A 64 14.24 36.55 -63.01
C ASP A 64 14.66 36.34 -61.55
N LEU A 65 14.44 35.14 -61.03
CA LEU A 65 14.69 34.80 -59.63
C LEU A 65 13.89 35.69 -58.68
N GLU A 66 12.80 36.27 -59.15
CA GLU A 66 11.89 37.03 -58.32
C GLU A 66 10.51 36.36 -58.25
N GLU A 67 10.00 35.89 -59.38
CA GLU A 67 8.76 35.12 -59.40
C GLU A 67 8.99 33.65 -59.72
N THR A 68 10.22 33.26 -60.05
CA THR A 68 10.59 31.88 -60.31
C THR A 68 11.81 31.53 -59.48
N GLY A 69 12.08 30.24 -59.37
CA GLY A 69 13.21 29.78 -58.58
C GLY A 69 13.66 28.42 -59.02
N ARG A 70 14.85 28.05 -58.54
CA ARG A 70 15.48 26.77 -58.86
C ARG A 70 15.72 26.01 -57.56
N VAL A 71 15.35 24.72 -57.56
CA VAL A 71 15.54 23.88 -56.37
C VAL A 71 17.02 23.60 -56.22
N LEU A 72 17.64 24.14 -55.16
CA LEU A 72 19.02 23.78 -54.87
C LEU A 72 19.12 22.36 -54.31
N SER A 73 18.21 22.00 -53.41
CA SER A 73 18.23 20.68 -52.81
C SER A 73 16.80 20.26 -52.49
N ILE A 74 16.50 18.99 -52.73
CA ILE A 74 15.21 18.41 -52.41
C ILE A 74 15.44 17.10 -51.69
N GLY A 75 14.83 16.94 -50.51
CA GLY A 75 14.96 15.72 -49.76
C GLY A 75 14.07 15.70 -48.54
N ASP A 76 13.52 14.52 -48.23
CA ASP A 76 12.67 14.33 -47.05
C ASP A 76 11.47 15.28 -47.07
N GLY A 77 10.99 15.61 -48.27
CA GLY A 77 9.85 16.50 -48.40
C GLY A 77 10.18 17.96 -48.31
N ILE A 78 11.45 18.33 -48.14
CA ILE A 78 11.86 19.72 -47.98
C ILE A 78 12.67 20.13 -49.20
N ALA A 79 12.25 21.21 -49.86
CA ALA A 79 12.95 21.73 -51.02
C ALA A 79 13.51 23.11 -50.69
N ARG A 80 14.84 23.23 -50.78
CA ARG A 80 15.51 24.52 -50.59
C ARG A 80 15.66 25.18 -51.95
N VAL A 81 14.77 26.12 -52.25
CA VAL A 81 14.73 26.76 -53.56
C VAL A 81 15.55 28.04 -53.54
N HIS A 82 16.43 28.21 -54.53
CA HIS A 82 17.14 29.45 -54.73
C HIS A 82 16.36 30.33 -55.69
N GLY A 83 16.15 31.59 -55.31
CA GLY A 83 15.35 32.52 -56.07
C GLY A 83 14.10 32.91 -55.29
N LEU A 84 13.01 33.14 -56.02
CA LEU A 84 11.72 33.46 -55.43
C LEU A 84 11.85 34.59 -54.42
N ARG A 85 12.59 35.63 -54.80
CA ARG A 85 12.89 36.72 -53.87
C ARG A 85 11.65 37.49 -53.45
N ASN A 86 10.55 37.39 -54.20
CA ASN A 86 9.32 38.09 -53.88
C ASN A 86 8.25 37.17 -53.31
N VAL A 87 8.65 36.00 -52.81
CA VAL A 87 7.69 35.06 -52.27
C VAL A 87 7.21 35.55 -50.91
N GLN A 88 5.89 35.55 -50.72
CA GLN A 88 5.31 35.87 -49.42
C GLN A 88 5.45 34.68 -48.49
N ALA A 89 5.58 34.96 -47.20
CA ALA A 89 5.60 33.89 -46.21
C ALA A 89 4.27 33.14 -46.24
N GLU A 90 4.35 31.82 -46.19
CA GLU A 90 3.19 30.92 -46.23
C GLU A 90 2.42 30.99 -47.55
N GLU A 91 3.06 31.47 -48.61
CA GLU A 91 2.45 31.53 -49.93
C GLU A 91 2.65 30.22 -50.67
N MET A 92 1.57 29.68 -51.24
CA MET A 92 1.69 28.45 -52.02
C MET A 92 2.45 28.70 -53.32
N VAL A 93 3.34 27.76 -53.65
CA VAL A 93 4.11 27.82 -54.89
C VAL A 93 3.91 26.51 -55.63
N GLU A 94 4.16 26.55 -56.93
CA GLU A 94 3.94 25.40 -57.81
C GLU A 94 5.27 24.97 -58.41
N PHE A 95 5.59 23.70 -58.26
CA PHE A 95 6.83 23.15 -58.79
C PHE A 95 6.68 22.81 -60.28
N SER A 96 7.82 22.53 -60.91
CA SER A 96 7.79 22.17 -62.33
C SER A 96 7.02 20.88 -62.56
N SER A 97 7.19 19.90 -61.69
CA SER A 97 6.50 18.62 -61.86
C SER A 97 4.99 18.73 -61.70
N GLY A 98 4.50 19.83 -61.16
CA GLY A 98 3.09 20.03 -60.91
C GLY A 98 2.70 19.98 -59.45
N LEU A 99 3.55 19.39 -58.60
CA LEU A 99 3.28 19.36 -57.17
C LEU A 99 3.32 20.77 -56.60
N LYS A 100 2.36 21.10 -55.76
CA LYS A 100 2.32 22.38 -55.10
C LYS A 100 3.22 22.36 -53.86
N GLY A 101 3.53 23.54 -53.35
CA GLY A 101 4.36 23.67 -52.16
C GLY A 101 4.03 24.92 -51.39
N MET A 102 4.38 24.91 -50.12
CA MET A 102 4.12 26.03 -49.22
C MET A 102 5.45 26.57 -48.71
N SER A 103 5.66 27.88 -48.89
CA SER A 103 6.89 28.53 -48.46
C SER A 103 6.81 28.84 -46.98
N LEU A 104 7.54 28.10 -46.16
CA LEU A 104 7.55 28.32 -44.71
C LEU A 104 8.78 29.05 -44.23
N ASN A 105 9.97 28.59 -44.61
CA ASN A 105 11.23 29.17 -44.15
C ASN A 105 11.79 30.07 -45.24
N LEU A 106 11.49 31.36 -45.15
CA LEU A 106 12.07 32.35 -46.05
C LEU A 106 13.45 32.75 -45.54
N GLU A 107 14.39 31.81 -45.67
CA GLU A 107 15.75 32.04 -45.21
C GLU A 107 16.43 33.05 -46.12
N PRO A 108 17.52 33.68 -45.66
CA PRO A 108 18.14 34.75 -46.46
C PRO A 108 18.60 34.32 -47.85
N ASP A 109 19.27 33.18 -47.96
CA ASP A 109 19.82 32.76 -49.25
C ASP A 109 18.88 31.86 -50.04
N ASN A 110 17.95 31.18 -49.39
CA ASN A 110 17.04 30.27 -50.06
C ASN A 110 15.71 30.25 -49.32
N VAL A 111 14.67 29.80 -50.02
CA VAL A 111 13.34 29.65 -49.43
C VAL A 111 13.08 28.16 -49.23
N GLY A 112 12.83 27.76 -47.99
CA GLY A 112 12.50 26.38 -47.70
C GLY A 112 11.02 26.10 -47.86
N VAL A 113 10.66 25.43 -48.94
CA VAL A 113 9.25 25.13 -49.26
C VAL A 113 9.00 23.65 -49.03
N VAL A 114 7.94 23.34 -48.32
CA VAL A 114 7.53 21.96 -48.10
C VAL A 114 6.77 21.46 -49.31
N VAL A 115 7.00 20.20 -49.67
CA VAL A 115 6.39 19.62 -50.86
C VAL A 115 5.09 18.93 -50.48
N PHE A 116 4.03 19.20 -51.25
CA PHE A 116 2.73 18.59 -51.05
C PHE A 116 2.61 17.22 -51.72
N GLY A 117 3.72 16.59 -52.06
CA GLY A 117 3.67 15.30 -52.73
C GLY A 117 4.96 14.54 -52.59
N ASN A 118 5.04 13.42 -53.30
CA ASN A 118 6.23 12.58 -53.27
C ASN A 118 7.42 13.32 -53.89
N ASP A 119 8.60 13.11 -53.31
CA ASP A 119 9.79 13.85 -53.72
C ASP A 119 10.47 13.25 -54.94
N LYS A 120 10.00 12.10 -55.44
CA LYS A 120 10.60 11.54 -56.65
C LYS A 120 10.40 12.47 -57.84
N LEU A 121 9.28 13.17 -57.89
CA LEU A 121 9.01 14.08 -59.00
C LEU A 121 9.93 15.29 -58.97
N ILE A 122 10.21 15.82 -57.78
CA ILE A 122 11.00 17.04 -57.65
C ILE A 122 12.48 16.67 -57.72
N LYS A 123 13.24 17.47 -58.46
CA LYS A 123 14.68 17.29 -58.60
C LYS A 123 15.38 18.62 -58.40
N GLU A 124 16.71 18.59 -58.42
CA GLU A 124 17.49 19.82 -58.34
C GLU A 124 17.44 20.55 -59.68
N GLY A 125 17.23 21.86 -59.62
CA GLY A 125 17.13 22.68 -60.81
C GLY A 125 15.73 22.88 -61.33
N ASP A 126 14.76 22.08 -60.87
CA ASP A 126 13.39 22.21 -61.33
C ASP A 126 12.85 23.60 -61.01
N ILE A 127 12.21 24.22 -62.00
CA ILE A 127 11.72 25.57 -61.85
C ILE A 127 10.53 25.59 -60.89
N VAL A 128 10.56 26.51 -59.93
CA VAL A 128 9.47 26.70 -58.98
C VAL A 128 8.91 28.10 -59.18
N LYS A 129 7.60 28.19 -59.39
CA LYS A 129 6.95 29.45 -59.69
C LYS A 129 6.02 29.86 -58.55
N ARG A 130 5.70 31.15 -58.52
CA ARG A 130 4.83 31.71 -57.49
C ARG A 130 3.38 31.65 -57.94
N THR A 131 2.52 31.07 -57.11
CA THR A 131 1.09 31.19 -57.34
C THR A 131 0.59 32.59 -56.99
N GLY A 132 1.22 33.22 -56.00
CA GLY A 132 0.89 34.58 -55.62
C GLY A 132 -0.11 34.72 -54.49
N ALA A 133 -0.56 33.62 -53.91
CA ALA A 133 -1.61 33.67 -52.89
C ALA A 133 -1.30 32.68 -51.77
N ILE A 134 -1.76 33.01 -50.56
CA ILE A 134 -1.70 32.08 -49.44
C ILE A 134 -2.73 30.98 -49.64
N VAL A 135 -2.48 29.84 -49.01
CA VAL A 135 -3.33 28.67 -49.22
C VAL A 135 -4.78 29.00 -48.89
N ASP A 136 -5.67 28.74 -49.84
CA ASP A 136 -7.09 28.92 -49.66
C ASP A 136 -7.81 27.68 -50.20
N VAL A 137 -8.95 27.37 -49.60
CA VAL A 137 -9.66 26.14 -49.93
C VAL A 137 -11.07 26.51 -50.36
N PRO A 138 -11.70 25.67 -51.19
CA PRO A 138 -13.11 25.90 -51.53
C PRO A 138 -13.97 25.88 -50.28
N VAL A 139 -14.86 26.87 -50.18
CA VAL A 139 -15.63 27.08 -48.96
C VAL A 139 -17.07 27.43 -49.36
N GLY A 140 -18.02 26.62 -48.93
CA GLY A 140 -19.42 26.86 -49.23
C GLY A 140 -20.27 25.67 -48.85
N GLU A 141 -21.57 25.81 -49.15
CA GLU A 141 -22.52 24.73 -48.93
C GLU A 141 -22.47 23.67 -50.02
N GLU A 142 -21.79 23.94 -51.13
CA GLU A 142 -21.61 22.91 -52.15
C GLU A 142 -20.80 21.74 -51.61
N LEU A 143 -19.86 22.02 -50.71
CA LEU A 143 -19.04 20.95 -50.13
C LEU A 143 -19.88 19.94 -49.36
N LEU A 144 -21.02 20.37 -48.80
CA LEU A 144 -21.87 19.49 -48.02
C LEU A 144 -22.18 18.20 -48.77
N GLY A 145 -21.82 17.08 -48.15
CA GLY A 145 -22.01 15.78 -48.76
C GLY A 145 -20.85 15.28 -49.58
N ARG A 146 -19.74 16.00 -49.62
CA ARG A 146 -18.59 15.65 -50.45
C ARG A 146 -17.37 15.41 -49.59
N VAL A 147 -16.61 14.37 -49.94
CA VAL A 147 -15.35 14.07 -49.28
C VAL A 147 -14.25 14.80 -50.05
N VAL A 148 -13.50 15.65 -49.35
CA VAL A 148 -12.44 16.43 -49.96
C VAL A 148 -11.14 16.20 -49.18
N ASP A 149 -10.03 16.59 -49.80
CA ASP A 149 -8.74 16.49 -49.17
C ASP A 149 -8.42 17.81 -48.45
N ALA A 150 -7.16 17.98 -48.04
CA ALA A 150 -6.77 19.17 -47.30
C ALA A 150 -6.95 20.43 -48.14
N LEU A 151 -6.60 20.37 -49.43
CA LEU A 151 -6.71 21.53 -50.29
C LEU A 151 -8.11 21.73 -50.85
N GLY A 152 -9.07 20.88 -50.48
CA GLY A 152 -10.43 21.00 -50.94
C GLY A 152 -10.76 20.27 -52.21
N ASN A 153 -9.77 19.68 -52.88
CA ASN A 153 -10.03 18.92 -54.08
C ASN A 153 -10.84 17.67 -53.74
N ALA A 154 -11.85 17.40 -54.55
CA ALA A 154 -12.72 16.27 -54.30
C ALA A 154 -11.97 14.95 -54.49
N ILE A 155 -12.23 14.00 -53.59
CA ILE A 155 -11.68 12.66 -53.71
C ILE A 155 -12.74 11.58 -53.78
N ASP A 156 -14.01 11.92 -53.60
CA ASP A 156 -15.09 10.95 -53.69
C ASP A 156 -15.52 10.66 -55.11
N GLY A 157 -14.86 11.27 -56.10
CA GLY A 157 -15.16 11.04 -57.50
C GLY A 157 -16.61 11.28 -57.90
N LYS A 158 -17.26 12.24 -57.23
CA LYS A 158 -18.62 12.62 -57.57
C LYS A 158 -18.67 13.86 -58.46
N GLY A 159 -17.51 14.37 -58.88
CA GLY A 159 -17.46 15.54 -59.73
C GLY A 159 -16.83 16.72 -59.02
N PRO A 160 -16.54 17.79 -59.77
CA PRO A 160 -15.94 18.97 -59.16
C PRO A 160 -16.91 19.67 -58.22
N ILE A 161 -16.36 20.23 -57.14
CA ILE A 161 -17.16 21.00 -56.20
C ILE A 161 -17.61 22.29 -56.87
N GLY A 162 -18.88 22.64 -56.68
CA GLY A 162 -19.42 23.84 -57.27
C GLY A 162 -19.24 25.08 -56.41
N SER A 163 -18.27 25.01 -55.50
CA SER A 163 -18.02 26.13 -54.58
C SER A 163 -17.71 27.41 -55.34
N LYS A 164 -18.39 28.48 -54.96
CA LYS A 164 -18.20 29.79 -55.57
C LYS A 164 -17.38 30.74 -54.69
N THR A 165 -16.81 30.24 -53.60
CA THR A 165 -16.05 31.06 -52.67
C THR A 165 -14.80 30.30 -52.24
N ARG A 166 -13.68 31.01 -52.17
CA ARG A 166 -12.41 30.46 -51.70
C ARG A 166 -11.95 31.30 -50.51
N ARG A 167 -11.96 30.70 -49.32
CA ARG A 167 -11.57 31.38 -48.10
C ARG A 167 -10.18 30.94 -47.67
N ARG A 168 -9.37 31.91 -47.26
CA ARG A 168 -8.02 31.59 -46.79
C ARG A 168 -8.08 30.81 -45.48
N VAL A 169 -7.16 29.85 -45.34
CA VAL A 169 -7.17 29.00 -44.15
C VAL A 169 -6.47 29.65 -42.97
N GLY A 170 -5.71 30.71 -43.19
CA GLY A 170 -5.00 31.40 -42.13
C GLY A 170 -5.75 32.55 -41.49
N LEU A 171 -7.00 32.77 -41.85
CA LEU A 171 -7.76 33.89 -41.28
C LEU A 171 -7.81 33.78 -39.76
N LYS A 172 -7.63 34.91 -39.09
CA LYS A 172 -7.60 34.94 -37.64
C LYS A 172 -8.99 34.71 -37.06
N ALA A 173 -9.02 34.41 -35.77
CA ALA A 173 -10.26 34.12 -35.07
C ALA A 173 -11.03 35.40 -34.75
N PRO A 174 -12.33 35.29 -34.49
CA PRO A 174 -13.07 36.45 -34.01
C PRO A 174 -12.53 36.94 -32.67
N GLY A 175 -12.68 38.24 -32.44
CA GLY A 175 -12.15 38.88 -31.25
C GLY A 175 -13.11 38.81 -30.07
N ILE A 176 -12.79 39.58 -29.03
CA ILE A 176 -13.59 39.59 -27.82
C ILE A 176 -14.97 40.15 -28.10
N ILE A 177 -15.03 41.30 -28.77
CA ILE A 177 -16.32 41.96 -29.00
C ILE A 177 -17.26 41.14 -29.87
N PRO A 178 -16.85 40.60 -31.02
CA PRO A 178 -17.82 39.87 -31.86
C PRO A 178 -18.45 38.68 -31.17
N ARG A 179 -17.74 38.03 -30.26
CA ARG A 179 -18.25 36.83 -29.62
C ARG A 179 -19.31 37.17 -28.58
N ILE A 180 -20.03 36.13 -28.14
CA ILE A 180 -21.06 36.27 -27.12
C ILE A 180 -21.11 34.97 -26.34
N SER A 181 -21.69 35.03 -25.14
CA SER A 181 -21.76 33.85 -24.28
C SER A 181 -22.53 32.73 -24.96
N VAL A 182 -21.97 31.52 -24.92
CA VAL A 182 -22.62 30.39 -25.58
C VAL A 182 -23.80 29.92 -24.73
N ARG A 183 -24.96 29.81 -25.36
CA ARG A 183 -26.16 29.40 -24.64
C ARG A 183 -26.85 28.22 -25.30
N GLU A 184 -26.85 28.20 -26.63
CA GLU A 184 -27.62 27.21 -27.37
C GLU A 184 -27.04 25.81 -27.12
N PRO A 185 -27.86 24.83 -26.72
CA PRO A 185 -27.34 23.48 -26.45
C PRO A 185 -27.03 22.76 -27.75
N MET A 186 -25.82 22.19 -27.83
CA MET A 186 -25.44 21.32 -28.93
C MET A 186 -25.65 19.89 -28.45
N GLN A 187 -26.76 19.29 -28.84
CA GLN A 187 -27.14 17.97 -28.35
C GLN A 187 -26.29 16.90 -29.01
N THR A 188 -25.42 16.27 -28.22
CA THR A 188 -24.60 15.18 -28.76
C THR A 188 -25.45 13.95 -29.07
N GLY A 189 -26.51 13.73 -28.30
CA GLY A 189 -27.31 12.52 -28.40
C GLY A 189 -26.91 11.45 -27.42
N ILE A 190 -25.76 11.59 -26.77
CA ILE A 190 -25.32 10.67 -25.74
C ILE A 190 -25.90 11.13 -24.41
N LYS A 191 -26.52 10.21 -23.68
CA LYS A 191 -27.10 10.56 -22.39
C LYS A 191 -26.03 11.09 -21.43
N ALA A 192 -24.87 10.44 -21.39
CA ALA A 192 -23.82 10.86 -20.46
C ALA A 192 -23.32 12.26 -20.78
N VAL A 193 -23.05 12.53 -22.07
CA VAL A 193 -22.53 13.85 -22.44
C VAL A 193 -23.60 14.93 -22.25
N ASP A 194 -24.80 14.70 -22.79
CA ASP A 194 -25.82 15.74 -22.74
C ASP A 194 -26.27 16.06 -21.32
N SER A 195 -26.07 15.15 -20.37
CA SER A 195 -26.50 15.35 -19.00
C SER A 195 -25.38 15.84 -18.08
N LEU A 196 -24.23 15.18 -18.10
CA LEU A 196 -23.18 15.47 -17.15
C LEU A 196 -22.01 16.25 -17.72
N VAL A 197 -21.82 16.23 -19.03
CA VAL A 197 -20.75 17.01 -19.66
C VAL A 197 -21.36 17.84 -20.78
N PRO A 198 -22.21 18.81 -20.46
CA PRO A 198 -22.93 19.55 -21.51
C PRO A 198 -21.99 20.27 -22.46
N ILE A 199 -22.36 20.26 -23.74
CA ILE A 199 -21.61 20.96 -24.78
C ILE A 199 -22.56 21.96 -25.44
N GLY A 200 -22.10 23.20 -25.56
CA GLY A 200 -22.88 24.27 -26.17
C GLY A 200 -22.29 24.66 -27.51
N ARG A 201 -23.14 25.16 -28.39
CA ARG A 201 -22.71 25.63 -29.70
C ARG A 201 -21.75 26.80 -29.53
N GLY A 202 -20.52 26.61 -30.03
CA GLY A 202 -19.45 27.57 -29.84
C GLY A 202 -18.42 27.16 -28.80
N GLN A 203 -18.56 25.99 -28.20
CA GLN A 203 -17.64 25.51 -27.17
C GLN A 203 -16.66 24.51 -27.76
N ARG A 204 -15.40 24.62 -27.34
CA ARG A 204 -14.35 23.70 -27.74
C ARG A 204 -14.24 22.63 -26.67
N GLU A 205 -14.81 21.47 -26.94
CA GLU A 205 -14.78 20.34 -26.00
C GLU A 205 -13.87 19.27 -26.55
N LEU A 206 -12.91 18.85 -25.73
CA LEU A 206 -11.89 17.89 -26.15
C LEU A 206 -12.37 16.47 -25.83
N ILE A 207 -12.51 15.64 -26.85
CA ILE A 207 -12.82 14.23 -26.64
C ILE A 207 -11.51 13.51 -26.44
N ILE A 208 -10.99 13.54 -25.23
CA ILE A 208 -9.68 12.97 -24.93
C ILE A 208 -9.84 11.54 -24.42
N GLY A 209 -8.81 10.73 -24.63
CA GLY A 209 -8.84 9.34 -24.23
C GLY A 209 -7.66 8.59 -24.82
N ASP A 210 -7.57 7.32 -24.45
CA ASP A 210 -6.52 6.45 -24.96
C ASP A 210 -6.98 5.83 -26.28
N ARG A 211 -6.19 4.90 -26.81
CA ARG A 211 -6.57 4.21 -28.04
C ARG A 211 -7.68 3.21 -27.75
N GLN A 212 -8.51 2.99 -28.77
CA GLN A 212 -9.60 2.02 -28.72
C GLN A 212 -10.48 2.22 -27.48
N THR A 213 -10.91 3.47 -27.29
CA THR A 213 -11.73 3.82 -26.15
C THR A 213 -13.09 4.38 -26.52
N GLY A 214 -13.30 4.80 -27.75
CA GLY A 214 -14.60 5.29 -28.19
C GLY A 214 -14.59 6.73 -28.61
N LYS A 215 -13.40 7.32 -28.70
CA LYS A 215 -13.29 8.74 -29.04
C LYS A 215 -13.98 9.07 -30.35
N THR A 216 -13.70 8.29 -31.40
CA THR A 216 -14.34 8.54 -32.68
C THR A 216 -15.85 8.31 -32.61
N SER A 217 -16.28 7.27 -31.89
CA SER A 217 -17.70 6.97 -31.80
C SER A 217 -18.47 8.12 -31.16
N ILE A 218 -17.92 8.70 -30.09
CA ILE A 218 -18.57 9.81 -29.40
C ILE A 218 -18.87 10.94 -30.37
N ALA A 219 -18.04 11.12 -31.38
CA ALA A 219 -18.21 12.21 -32.33
C ALA A 219 -19.15 11.84 -33.48
N ILE A 220 -19.06 10.62 -33.99
CA ILE A 220 -19.90 10.24 -35.13
C ILE A 220 -21.38 10.21 -34.72
N ASP A 221 -21.67 9.78 -33.48
CA ASP A 221 -23.06 9.76 -33.06
C ASP A 221 -23.61 11.17 -32.96
N THR A 222 -22.77 12.16 -32.67
CA THR A 222 -23.22 13.54 -32.70
C THR A 222 -23.67 13.94 -34.10
N ILE A 223 -22.88 13.59 -35.11
CA ILE A 223 -23.24 13.90 -36.49
C ILE A 223 -24.54 13.23 -36.87
N ILE A 224 -24.70 11.96 -36.46
CA ILE A 224 -25.95 11.25 -36.74
C ILE A 224 -27.12 11.90 -36.02
N ASN A 225 -26.90 12.32 -34.76
CA ASN A 225 -27.95 12.95 -33.97
C ASN A 225 -28.40 14.26 -34.59
N GLN A 226 -27.48 14.97 -35.25
CA GLN A 226 -27.85 16.24 -35.87
C GLN A 226 -28.88 16.07 -36.97
N LYS A 227 -29.09 14.85 -37.46
CA LYS A 227 -30.10 14.61 -38.48
C LYS A 227 -31.49 15.04 -38.00
N ARG A 228 -31.82 14.74 -36.74
CA ARG A 228 -33.14 15.07 -36.21
C ARG A 228 -33.46 16.54 -36.40
N PHE A 229 -32.56 17.42 -35.96
CA PHE A 229 -32.81 18.85 -36.05
C PHE A 229 -32.66 19.33 -37.50
N ASN A 230 -31.65 18.83 -38.21
CA ASN A 230 -31.37 19.33 -39.56
C ASN A 230 -32.52 19.06 -40.51
N ASP A 231 -33.12 17.87 -40.43
CA ASP A 231 -34.27 17.58 -41.27
C ASP A 231 -35.46 18.47 -40.91
N GLY A 232 -35.56 18.89 -39.65
CA GLY A 232 -36.65 19.75 -39.25
C GLY A 232 -36.61 21.09 -39.95
N THR A 233 -37.79 21.70 -40.09
CA THR A 233 -37.88 22.98 -40.78
C THR A 233 -37.15 24.08 -40.03
N ASP A 234 -37.13 24.00 -38.69
CA ASP A 234 -36.49 25.02 -37.87
C ASP A 234 -35.03 25.21 -38.27
N GLU A 235 -34.66 26.46 -38.52
CA GLU A 235 -33.31 26.77 -39.01
C GLU A 235 -32.34 27.08 -37.88
N LYS A 236 -32.80 27.67 -36.79
CA LYS A 236 -31.89 28.03 -35.69
C LYS A 236 -31.26 26.79 -35.06
N LYS A 237 -31.93 25.64 -35.14
CA LYS A 237 -31.40 24.43 -34.55
C LYS A 237 -30.54 23.60 -35.50
N LYS A 238 -30.58 23.90 -36.79
CA LYS A 238 -29.77 23.15 -37.75
C LYS A 238 -28.29 23.33 -37.47
N LEU A 239 -27.54 22.24 -37.52
CA LEU A 239 -26.11 22.24 -37.22
C LEU A 239 -25.40 21.42 -38.30
N TYR A 240 -24.85 22.10 -39.30
CA TYR A 240 -24.01 21.42 -40.27
C TYR A 240 -22.75 20.90 -39.60
N CYS A 241 -22.26 19.76 -40.06
CA CYS A 241 -21.14 19.08 -39.43
C CYS A 241 -19.97 18.94 -40.40
N ILE A 242 -18.77 18.99 -39.85
CA ILE A 242 -17.54 18.81 -40.61
C ILE A 242 -16.64 17.84 -39.85
N TYR A 243 -16.19 16.79 -40.50
CA TYR A 243 -15.29 15.82 -39.91
C TYR A 243 -13.94 15.91 -40.61
N VAL A 244 -12.89 16.19 -39.85
CA VAL A 244 -11.53 16.31 -40.38
C VAL A 244 -10.76 15.07 -39.95
N ALA A 245 -10.39 14.23 -40.91
CA ALA A 245 -9.63 13.01 -40.64
C ALA A 245 -8.15 13.29 -40.87
N ILE A 246 -7.37 13.26 -39.80
CA ILE A 246 -5.94 13.54 -39.85
C ILE A 246 -5.22 12.25 -39.47
N GLY A 247 -4.63 11.59 -40.45
CA GLY A 247 -3.82 10.42 -40.23
C GLY A 247 -4.56 9.10 -40.35
N GLN A 248 -5.89 9.11 -40.27
CA GLN A 248 -6.67 7.89 -40.39
C GLN A 248 -6.50 7.29 -41.79
N LYS A 249 -6.43 5.97 -41.84
CA LYS A 249 -6.27 5.30 -43.13
C LYS A 249 -7.54 5.41 -43.96
N ARG A 250 -7.35 5.30 -45.28
CA ARG A 250 -8.45 5.47 -46.21
C ARG A 250 -9.55 4.44 -45.98
N SER A 251 -9.18 3.23 -45.55
CA SER A 251 -10.20 2.24 -45.22
C SER A 251 -11.08 2.73 -44.08
N THR A 252 -10.46 3.29 -43.04
CA THR A 252 -11.22 3.82 -41.91
C THR A 252 -12.13 4.97 -42.35
N VAL A 253 -11.58 5.89 -43.14
CA VAL A 253 -12.39 7.01 -43.61
C VAL A 253 -13.56 6.52 -44.46
N ALA A 254 -13.32 5.52 -45.30
CA ALA A 254 -14.37 4.95 -46.13
C ALA A 254 -15.45 4.31 -45.27
N GLN A 255 -15.06 3.58 -44.23
CA GLN A 255 -16.06 2.98 -43.35
C GLN A 255 -16.86 4.06 -42.64
N LEU A 256 -16.20 5.13 -42.21
CA LEU A 256 -16.90 6.23 -41.54
C LEU A 256 -17.92 6.87 -42.47
N VAL A 257 -17.53 7.17 -43.70
CA VAL A 257 -18.45 7.80 -44.64
C VAL A 257 -19.58 6.84 -45.00
N LYS A 258 -19.29 5.54 -45.07
CA LYS A 258 -20.36 4.57 -45.28
C LYS A 258 -21.36 4.61 -44.15
N ARG A 259 -20.88 4.64 -42.91
CA ARG A 259 -21.78 4.72 -41.76
C ARG A 259 -22.65 5.97 -41.84
N LEU A 260 -22.04 7.10 -42.16
CA LEU A 260 -22.80 8.36 -42.25
C LEU A 260 -23.83 8.33 -43.37
N THR A 261 -23.46 7.79 -44.53
CA THR A 261 -24.39 7.66 -45.63
C THR A 261 -25.55 6.75 -45.29
N ASP A 262 -25.25 5.63 -44.61
CA ASP A 262 -26.31 4.72 -44.17
C ASP A 262 -27.25 5.41 -43.21
N ALA A 263 -26.73 6.25 -42.33
CA ALA A 263 -27.56 7.03 -41.44
C ALA A 263 -28.13 8.27 -42.13
N ASP A 264 -27.85 8.44 -43.41
CA ASP A 264 -28.29 9.61 -44.19
C ASP A 264 -27.89 10.90 -43.49
N ALA A 265 -26.65 10.93 -43.00
CA ALA A 265 -26.08 12.11 -42.38
C ALA A 265 -25.09 12.83 -43.27
N MET A 266 -24.71 12.24 -44.40
CA MET A 266 -23.74 12.88 -45.28
C MET A 266 -24.26 14.20 -45.84
N LYS A 267 -25.58 14.30 -46.06
CA LYS A 267 -26.15 15.46 -46.73
C LYS A 267 -25.78 16.77 -46.03
N TYR A 268 -25.58 16.72 -44.71
CA TYR A 268 -25.19 17.90 -43.95
C TYR A 268 -23.77 17.78 -43.39
N THR A 269 -22.95 16.91 -43.96
CA THR A 269 -21.61 16.65 -43.44
C THR A 269 -20.58 16.84 -44.53
N ILE A 270 -19.44 17.44 -44.18
CA ILE A 270 -18.29 17.57 -45.06
C ILE A 270 -17.14 16.81 -44.41
N VAL A 271 -16.57 15.85 -45.14
CA VAL A 271 -15.51 14.99 -44.62
C VAL A 271 -14.20 15.40 -45.28
N VAL A 272 -13.41 16.21 -44.60
CA VAL A 272 -12.05 16.52 -45.04
C VAL A 272 -11.12 15.44 -44.51
N SER A 273 -10.36 14.80 -45.41
CA SER A 273 -9.49 13.70 -45.02
C SER A 273 -8.06 14.00 -45.42
N ALA A 274 -7.13 13.74 -44.49
CA ALA A 274 -5.70 13.76 -44.75
C ALA A 274 -5.11 12.45 -44.22
N THR A 275 -5.16 11.42 -45.05
CA THR A 275 -4.72 10.09 -44.63
C THR A 275 -3.21 10.04 -44.48
N ALA A 276 -2.73 8.89 -44.00
CA ALA A 276 -1.30 8.70 -43.75
C ALA A 276 -0.48 8.87 -45.03
N SER A 277 -0.98 8.35 -46.15
CA SER A 277 -0.25 8.48 -47.41
C SER A 277 -0.04 9.93 -47.80
N ASP A 278 -1.00 10.79 -47.46
CA ASP A 278 -0.87 12.21 -47.74
C ASP A 278 0.36 12.78 -47.08
N ALA A 279 1.06 13.66 -47.80
CA ALA A 279 2.30 14.24 -47.29
C ALA A 279 2.03 15.05 -46.03
N ALA A 280 3.07 15.20 -45.22
CA ALA A 280 2.95 15.91 -43.94
C ALA A 280 2.29 17.26 -44.06
N PRO A 281 2.65 18.15 -45.00
CA PRO A 281 1.95 19.44 -45.08
C PRO A 281 0.45 19.33 -45.26
N LEU A 282 -0.03 18.35 -46.02
CA LEU A 282 -1.47 18.18 -46.18
C LEU A 282 -2.14 17.87 -44.85
N GLN A 283 -1.54 16.96 -44.08
CA GLN A 283 -2.07 16.67 -42.75
C GLN A 283 -1.99 17.88 -41.84
N TYR A 284 -0.95 18.70 -41.99
CA TYR A 284 -0.84 19.93 -41.22
C TYR A 284 -1.95 20.92 -41.56
N LEU A 285 -2.29 21.03 -42.84
CA LEU A 285 -3.26 22.04 -43.27
C LEU A 285 -4.70 21.57 -43.19
N ALA A 286 -4.94 20.27 -43.07
CA ALA A 286 -6.31 19.75 -43.07
C ALA A 286 -7.19 20.40 -42.00
N PRO A 287 -6.78 20.47 -40.73
CA PRO A 287 -7.66 21.11 -39.74
C PRO A 287 -7.99 22.55 -40.06
N TYR A 288 -7.01 23.32 -40.54
CA TYR A 288 -7.25 24.71 -40.88
C TYR A 288 -8.23 24.82 -42.04
N SER A 289 -8.07 23.96 -43.05
CA SER A 289 -9.01 23.95 -44.17
C SER A 289 -10.43 23.65 -43.70
N GLY A 290 -10.57 22.63 -42.86
CA GLY A 290 -11.89 22.29 -42.35
C GLY A 290 -12.50 23.41 -41.53
N CYS A 291 -11.69 24.05 -40.69
CA CYS A 291 -12.18 25.15 -39.88
C CYS A 291 -12.61 26.32 -40.76
N SER A 292 -11.83 26.62 -41.80
CA SER A 292 -12.20 27.67 -42.74
C SER A 292 -13.50 27.34 -43.47
N MET A 293 -13.68 26.07 -43.85
CA MET A 293 -14.95 25.65 -44.41
C MET A 293 -16.09 25.85 -43.42
N GLY A 294 -15.84 25.53 -42.15
CA GLY A 294 -16.87 25.73 -41.13
C GLY A 294 -17.19 27.20 -40.88
N GLU A 295 -16.17 28.06 -40.96
CA GLU A 295 -16.37 29.48 -40.68
C GLU A 295 -17.45 30.09 -41.58
N TYR A 296 -17.57 29.59 -42.80
CA TYR A 296 -18.61 30.07 -43.73
C TYR A 296 -19.98 30.05 -43.07
N PHE A 297 -20.34 28.93 -42.46
CA PHE A 297 -21.61 28.83 -41.76
C PHE A 297 -21.66 29.81 -40.59
N ARG A 298 -20.60 29.83 -39.77
CA ARG A 298 -20.59 30.71 -38.60
C ARG A 298 -20.69 32.17 -39.01
N ASP A 299 -19.96 32.56 -40.05
CA ASP A 299 -19.97 33.94 -40.50
C ASP A 299 -21.24 34.33 -41.24
N ASN A 300 -22.08 33.35 -41.62
CA ASN A 300 -23.33 33.63 -42.32
C ASN A 300 -24.55 33.22 -41.51
N GLY A 301 -24.43 33.19 -40.18
CA GLY A 301 -25.58 32.90 -39.34
C GLY A 301 -26.04 31.46 -39.37
N LYS A 302 -25.16 30.53 -39.66
CA LYS A 302 -25.46 29.11 -39.63
C LYS A 302 -24.59 28.42 -38.59
N HIS A 303 -25.18 27.49 -37.85
CA HIS A 303 -24.44 26.78 -36.81
C HIS A 303 -23.71 25.59 -37.40
N ALA A 304 -22.45 25.41 -36.98
CA ALA A 304 -21.60 24.38 -37.54
C ALA A 304 -20.84 23.67 -36.43
N LEU A 305 -20.49 22.42 -36.69
CA LEU A 305 -19.70 21.61 -35.77
C LEU A 305 -18.55 20.98 -36.54
N ILE A 306 -17.33 21.11 -36.00
CA ILE A 306 -16.16 20.48 -36.66
C ILE A 306 -15.53 19.48 -35.68
N ILE A 307 -15.10 18.32 -36.19
CA ILE A 307 -14.48 17.29 -35.32
C ILE A 307 -13.07 17.00 -35.84
N TYR A 308 -12.05 17.57 -35.17
CA TYR A 308 -10.65 17.37 -35.60
C TYR A 308 -10.15 16.04 -35.06
N ASP A 309 -10.52 14.94 -35.70
CA ASP A 309 -10.12 13.62 -35.13
C ASP A 309 -8.61 13.46 -35.26
N ASP A 310 -7.94 13.07 -34.16
CA ASP A 310 -6.47 12.88 -34.17
C ASP A 310 -5.76 14.22 -34.40
N LEU A 311 -6.06 15.23 -33.57
CA LEU A 311 -5.31 16.51 -33.67
C LEU A 311 -3.86 16.23 -33.29
N SER A 312 -3.62 15.14 -32.55
CA SER A 312 -2.23 14.76 -32.21
C SER A 312 -1.46 14.47 -33.51
N LYS A 313 -2.09 13.78 -34.46
CA LYS A 313 -1.39 13.41 -35.72
C LYS A 313 -1.03 14.68 -36.47
N GLN A 314 -1.87 15.72 -36.40
CA GLN A 314 -1.52 16.99 -37.04
C GLN A 314 -0.29 17.59 -36.38
N ALA A 315 -0.20 17.49 -35.06
CA ALA A 315 1.00 17.94 -34.35
C ALA A 315 2.21 17.14 -34.79
N VAL A 316 2.05 15.83 -35.00
CA VAL A 316 3.16 15.00 -35.47
C VAL A 316 3.63 15.44 -36.84
N ALA A 317 2.68 15.71 -37.75
CA ALA A 317 3.03 16.19 -39.08
C ALA A 317 3.74 17.53 -39.02
N TYR A 318 3.26 18.43 -38.17
CA TYR A 318 3.92 19.72 -38.00
C TYR A 318 5.33 19.54 -37.44
N ARG A 319 5.51 18.61 -36.51
CA ARG A 319 6.84 18.32 -35.98
C ARG A 319 7.76 17.81 -37.08
N GLN A 320 7.25 16.90 -37.92
CA GLN A 320 8.05 16.39 -39.02
C GLN A 320 8.48 17.53 -39.95
N MET A 321 7.54 18.41 -40.29
CA MET A 321 7.88 19.55 -41.14
C MET A 321 8.92 20.44 -40.48
N SER A 322 8.73 20.76 -39.20
CA SER A 322 9.62 21.69 -38.52
C SER A 322 11.03 21.13 -38.37
N LEU A 323 11.14 19.88 -37.92
CA LEU A 323 12.45 19.29 -37.72
C LEU A 323 13.20 19.13 -39.04
N LEU A 324 12.49 18.74 -40.10
CA LEU A 324 13.13 18.63 -41.41
C LEU A 324 13.46 20.00 -41.98
N LEU A 325 12.71 21.02 -41.59
CA LEU A 325 13.04 22.40 -41.92
C LEU A 325 14.10 22.98 -41.00
N ARG A 326 14.64 22.17 -40.09
CA ARG A 326 15.70 22.54 -39.16
C ARG A 326 15.25 23.58 -38.14
N ARG A 327 13.95 23.77 -37.96
CA ARG A 327 13.47 24.66 -36.92
C ARG A 327 13.84 24.09 -35.56
N PRO A 328 14.33 24.91 -34.63
CA PRO A 328 14.90 24.39 -33.37
C PRO A 328 13.90 23.53 -32.62
N PRO A 329 14.33 22.40 -32.10
CA PRO A 329 13.43 21.47 -31.43
C PRO A 329 13.10 21.92 -30.02
N GLY A 330 12.23 21.16 -29.37
CA GLY A 330 11.82 21.41 -28.00
C GLY A 330 11.47 20.10 -27.33
N ARG A 331 10.57 20.19 -26.36
CA ARG A 331 10.15 18.99 -25.63
C ARG A 331 9.50 17.99 -26.59
N GLU A 332 9.93 16.73 -26.50
CA GLU A 332 9.46 15.66 -27.37
C GLU A 332 9.68 15.99 -28.84
N ALA A 333 10.62 16.89 -29.12
CA ALA A 333 11.02 17.30 -30.46
C ALA A 333 9.95 18.14 -31.14
N TYR A 334 8.81 18.31 -30.49
CA TYR A 334 7.77 19.18 -31.02
C TYR A 334 8.28 20.62 -31.08
N PRO A 335 8.08 21.32 -32.20
CA PRO A 335 8.52 22.73 -32.27
C PRO A 335 7.79 23.58 -31.24
N GLY A 336 8.51 24.61 -30.76
CA GLY A 336 7.98 25.45 -29.70
C GLY A 336 6.63 26.05 -30.02
N ASP A 337 6.36 26.32 -31.29
CA ASP A 337 5.11 26.94 -31.68
C ASP A 337 3.98 25.94 -31.90
N VAL A 338 4.08 24.70 -31.38
CA VAL A 338 2.97 23.77 -31.55
C VAL A 338 1.74 24.22 -30.76
N PHE A 339 1.95 24.83 -29.58
CA PHE A 339 0.84 25.41 -28.84
C PHE A 339 0.15 26.49 -29.69
N TYR A 340 0.94 27.34 -30.34
CA TYR A 340 0.38 28.34 -31.24
C TYR A 340 -0.36 27.69 -32.40
N LEU A 341 0.20 26.60 -32.94
CA LEU A 341 -0.43 25.88 -34.05
C LEU A 341 -1.83 25.40 -33.65
N HIS A 342 -1.96 24.85 -32.46
CA HIS A 342 -3.26 24.36 -32.01
C HIS A 342 -4.18 25.49 -31.56
N SER A 343 -3.62 26.55 -30.98
CA SER A 343 -4.45 27.64 -30.48
C SER A 343 -5.06 28.46 -31.61
N ARG A 344 -4.28 28.76 -32.65
CA ARG A 344 -4.82 29.53 -33.75
C ARG A 344 -5.86 28.76 -34.55
N LEU A 345 -6.09 27.50 -34.21
CA LEU A 345 -7.11 26.66 -34.82
C LEU A 345 -8.34 26.49 -33.95
N LEU A 346 -8.16 26.19 -32.67
CA LEU A 346 -9.30 25.98 -31.79
C LEU A 346 -9.98 27.28 -31.40
N GLU A 347 -9.24 28.40 -31.39
CA GLU A 347 -9.86 29.67 -31.03
C GLU A 347 -10.77 30.22 -32.11
N ARG A 348 -10.64 29.72 -33.34
CA ARG A 348 -11.56 30.12 -34.40
C ARG A 348 -12.98 29.70 -34.08
N ALA A 349 -13.14 28.63 -33.30
CA ALA A 349 -14.45 28.24 -32.80
C ALA A 349 -15.02 29.32 -31.90
N ALA A 350 -16.20 29.82 -32.22
CA ALA A 350 -16.76 30.94 -31.50
C ALA A 350 -18.27 30.97 -31.69
N LYS A 351 -18.95 31.64 -30.76
CA LYS A 351 -20.37 31.95 -30.90
C LYS A 351 -20.49 33.45 -31.14
N MET A 352 -20.61 33.84 -32.41
CA MET A 352 -20.71 35.24 -32.75
C MET A 352 -22.04 35.82 -32.27
N ASN A 353 -22.03 37.12 -31.99
CA ASN A 353 -23.23 37.78 -31.50
C ASN A 353 -24.23 38.00 -32.64
N ASP A 354 -25.37 38.60 -32.29
CA ASP A 354 -26.42 38.84 -33.26
C ASP A 354 -25.97 39.76 -34.37
N ALA A 355 -25.19 40.80 -34.03
CA ALA A 355 -24.75 41.75 -35.05
C ALA A 355 -23.87 41.10 -36.10
N PHE A 356 -23.11 40.06 -35.72
CA PHE A 356 -22.21 39.38 -36.63
C PHE A 356 -22.83 38.11 -37.22
N GLY A 357 -24.15 37.97 -37.16
CA GLY A 357 -24.86 36.87 -37.77
C GLY A 357 -25.43 35.89 -36.77
N GLY A 358 -24.81 35.78 -35.59
CA GLY A 358 -25.26 34.82 -34.61
C GLY A 358 -24.92 33.38 -34.91
N GLY A 359 -23.96 33.14 -35.80
CA GLY A 359 -23.55 31.79 -36.11
C GLY A 359 -22.63 31.20 -35.06
N SER A 360 -22.42 29.89 -35.17
CA SER A 360 -21.58 29.16 -34.23
C SER A 360 -20.72 28.17 -35.00
N LEU A 361 -19.51 27.94 -34.48
CA LEU A 361 -18.62 26.89 -34.99
C LEU A 361 -18.14 26.05 -33.80
N THR A 362 -18.93 25.04 -33.44
CA THR A 362 -18.55 24.15 -32.36
C THR A 362 -17.36 23.30 -32.79
N ALA A 363 -16.42 23.10 -31.87
CA ALA A 363 -15.21 22.33 -32.13
C ALA A 363 -15.14 21.15 -31.17
N LEU A 364 -14.85 19.97 -31.70
CA LEU A 364 -14.65 18.76 -30.91
C LEU A 364 -13.32 18.13 -31.28
N PRO A 365 -12.21 18.69 -30.81
CA PRO A 365 -10.90 18.07 -31.06
C PRO A 365 -10.79 16.73 -30.36
N VAL A 366 -9.97 15.85 -30.92
CA VAL A 366 -9.70 14.53 -30.36
C VAL A 366 -8.20 14.38 -30.16
N ILE A 367 -7.80 14.05 -28.93
CA ILE A 367 -6.40 13.80 -28.59
C ILE A 367 -6.29 12.42 -27.99
N GLU A 368 -5.36 11.61 -28.50
CA GLU A 368 -5.12 10.26 -28.00
C GLU A 368 -4.00 10.30 -26.99
N THR A 369 -4.36 10.19 -25.70
CA THR A 369 -3.36 10.05 -24.66
C THR A 369 -2.74 8.65 -24.69
N GLN A 370 -1.46 8.58 -24.32
CA GLN A 370 -0.74 7.31 -24.26
C GLN A 370 -0.69 6.84 -22.81
N ALA A 371 -1.40 5.76 -22.52
CA ALA A 371 -1.50 5.21 -21.16
C ALA A 371 -2.01 6.26 -20.17
N GLY A 372 -2.99 7.05 -20.60
CA GLY A 372 -3.55 8.07 -19.73
C GLY A 372 -2.58 9.15 -19.33
N ASP A 373 -1.62 9.48 -20.20
CA ASP A 373 -0.66 10.55 -19.94
C ASP A 373 -1.28 11.88 -20.37
N VAL A 374 -2.09 12.45 -19.48
CA VAL A 374 -2.67 13.77 -19.73
C VAL A 374 -1.70 14.89 -19.43
N SER A 375 -0.47 14.57 -19.02
CA SER A 375 0.55 15.57 -18.76
C SER A 375 1.58 15.66 -19.88
N ALA A 376 1.35 14.98 -20.99
CA ALA A 376 2.26 15.07 -22.13
C ALA A 376 2.07 16.41 -22.84
N TYR A 377 3.06 16.74 -23.70
CA TYR A 377 3.12 18.06 -24.32
C TYR A 377 1.81 18.39 -25.03
N ILE A 378 1.47 17.63 -26.08
CA ILE A 378 0.26 17.92 -26.85
C ILE A 378 -1.01 17.80 -26.01
N PRO A 379 -1.19 16.75 -25.20
CA PRO A 379 -2.36 16.73 -24.31
C PRO A 379 -2.46 17.96 -23.41
N THR A 380 -1.35 18.38 -22.80
CA THR A 380 -1.39 19.57 -21.94
C THR A 380 -1.82 20.79 -22.72
N ASN A 381 -1.23 20.98 -23.91
CA ASN A 381 -1.58 22.12 -24.73
C ASN A 381 -3.07 22.14 -25.07
N VAL A 382 -3.57 21.00 -25.59
CA VAL A 382 -4.96 20.97 -26.04
C VAL A 382 -5.91 21.10 -24.86
N ILE A 383 -5.58 20.50 -23.72
CA ILE A 383 -6.41 20.63 -22.52
C ILE A 383 -6.45 22.08 -22.06
N SER A 384 -5.31 22.76 -22.09
CA SER A 384 -5.28 24.17 -21.72
C SER A 384 -6.14 25.01 -22.67
N ILE A 385 -6.08 24.70 -23.97
CA ILE A 385 -6.81 25.51 -24.94
C ILE A 385 -8.32 25.26 -24.84
N THR A 386 -8.73 24.00 -24.72
CA THR A 386 -10.14 23.65 -24.82
C THR A 386 -10.94 24.10 -23.61
N ASP A 387 -12.24 24.26 -23.81
CA ASP A 387 -13.20 24.59 -22.76
C ASP A 387 -13.80 23.34 -22.11
N GLY A 388 -12.96 22.47 -21.60
CA GLY A 388 -13.38 21.22 -21.01
C GLY A 388 -12.97 20.03 -21.84
N GLN A 389 -13.10 18.85 -21.22
CA GLN A 389 -12.72 17.61 -21.88
C GLN A 389 -13.73 16.52 -21.56
N ILE A 390 -13.77 15.50 -22.41
CA ILE A 390 -14.55 14.30 -22.17
C ILE A 390 -13.61 13.11 -22.11
N PHE A 391 -13.16 12.77 -20.90
CA PHE A 391 -12.16 11.72 -20.76
C PHE A 391 -12.82 10.35 -20.83
N LEU A 392 -12.25 9.48 -21.66
CA LEU A 392 -12.72 8.11 -21.81
C LEU A 392 -11.63 7.16 -21.33
N GLU A 393 -12.04 6.15 -20.56
CA GLU A 393 -11.12 5.21 -19.93
C GLU A 393 -11.38 3.81 -20.45
N THR A 394 -10.32 3.12 -20.86
CA THR A 394 -10.46 1.75 -21.36
C THR A 394 -10.97 0.82 -20.28
N GLU A 395 -10.65 1.08 -19.02
CA GLU A 395 -11.17 0.29 -17.92
C GLU A 395 -12.69 0.28 -17.92
N LEU A 396 -13.30 1.46 -18.03
CA LEU A 396 -14.76 1.53 -18.07
C LEU A 396 -15.31 0.85 -19.31
N PHE A 397 -14.61 0.98 -20.43
CA PHE A 397 -15.08 0.38 -21.68
C PHE A 397 -15.24 -1.13 -21.57
N TYR A 398 -14.30 -1.79 -20.87
CA TYR A 398 -14.37 -3.22 -20.67
C TYR A 398 -15.05 -3.61 -19.36
N LYS A 399 -15.53 -2.64 -18.59
CA LYS A 399 -16.26 -2.90 -17.36
C LYS A 399 -17.76 -2.84 -17.57
N GLY A 400 -18.22 -2.70 -18.80
CA GLY A 400 -19.62 -2.58 -19.13
C GLY A 400 -20.09 -1.17 -19.33
N ILE A 401 -19.30 -0.19 -18.91
CA ILE A 401 -19.67 1.22 -19.05
C ILE A 401 -19.31 1.66 -20.47
N ARG A 402 -20.26 1.54 -21.38
CA ARG A 402 -20.11 1.94 -22.77
C ARG A 402 -21.26 2.88 -23.10
N PRO A 403 -21.01 4.18 -23.29
CA PRO A 403 -19.71 4.85 -23.46
C PRO A 403 -18.85 4.87 -22.20
N ALA A 404 -17.53 5.04 -22.38
CA ALA A 404 -16.56 4.94 -21.29
C ALA A 404 -16.24 6.30 -20.68
N ILE A 405 -17.22 7.20 -20.67
CA ILE A 405 -17.01 8.56 -20.19
C ILE A 405 -16.81 8.53 -18.67
N ASN A 406 -15.64 8.95 -18.23
CA ASN A 406 -15.37 9.08 -16.80
C ASN A 406 -15.95 10.40 -16.32
N VAL A 407 -17.05 10.32 -15.56
CA VAL A 407 -17.76 11.52 -15.15
C VAL A 407 -16.87 12.43 -14.30
N GLY A 408 -16.05 11.84 -13.44
CA GLY A 408 -15.17 12.61 -12.58
C GLY A 408 -14.18 13.49 -13.33
N LEU A 409 -13.43 12.90 -14.26
CA LEU A 409 -12.44 13.68 -14.99
C LEU A 409 -13.10 14.59 -16.01
N SER A 410 -14.12 14.09 -16.72
CA SER A 410 -14.82 14.91 -17.71
C SER A 410 -15.44 16.13 -17.05
N VAL A 411 -15.26 17.29 -17.69
CA VAL A 411 -15.76 18.55 -17.16
C VAL A 411 -16.09 19.46 -18.33
N SER A 412 -17.02 20.39 -18.11
CA SER A 412 -17.43 21.36 -19.11
C SER A 412 -17.39 22.73 -18.47
N ARG A 413 -16.55 23.62 -18.99
CA ARG A 413 -16.46 24.96 -18.44
C ARG A 413 -17.77 25.71 -18.61
N VAL A 414 -18.43 25.53 -19.75
CA VAL A 414 -19.72 26.20 -19.98
C VAL A 414 -20.74 25.73 -18.95
N GLY A 415 -20.82 24.43 -18.72
CA GLY A 415 -21.70 23.93 -17.68
C GLY A 415 -23.17 23.97 -18.06
N SER A 416 -24.02 24.18 -17.04
CA SER A 416 -25.46 24.10 -17.23
C SER A 416 -25.99 25.13 -18.22
N ALA A 417 -25.23 26.19 -18.50
CA ALA A 417 -25.68 27.20 -19.45
C ALA A 417 -25.93 26.60 -20.83
N ALA A 418 -25.33 25.45 -21.13
CA ALA A 418 -25.47 24.79 -22.42
C ALA A 418 -26.46 23.63 -22.37
N GLN A 419 -27.39 23.66 -21.43
CA GLN A 419 -28.35 22.57 -21.23
C GLN A 419 -29.77 23.10 -21.27
N THR A 420 -30.67 22.29 -21.78
CA THR A 420 -32.09 22.60 -21.74
C THR A 420 -32.57 22.63 -20.28
N ARG A 421 -33.52 23.53 -20.00
CA ARG A 421 -33.98 23.73 -18.62
C ARG A 421 -34.47 22.43 -18.01
N ALA A 422 -35.17 21.60 -18.79
CA ALA A 422 -35.55 20.27 -18.30
C ALA A 422 -34.31 19.43 -18.00
N MET A 423 -33.37 19.37 -18.95
CA MET A 423 -32.14 18.63 -18.74
C MET A 423 -31.38 19.18 -17.55
N LYS A 424 -31.37 20.51 -17.39
CA LYS A 424 -30.79 21.09 -16.18
C LYS A 424 -31.44 20.53 -14.92
N GLN A 425 -32.78 20.49 -14.91
CA GLN A 425 -33.53 20.06 -13.72
C GLN A 425 -33.19 18.63 -13.33
N VAL A 426 -33.22 17.71 -14.29
CA VAL A 426 -32.93 16.31 -13.96
C VAL A 426 -31.43 16.11 -13.73
N ALA A 427 -30.60 16.70 -14.60
CA ALA A 427 -29.17 16.43 -14.60
C ALA A 427 -28.49 16.93 -13.33
N GLY A 428 -28.94 18.06 -12.78
CA GLY A 428 -28.34 18.53 -11.53
C GLY A 428 -28.45 17.48 -10.44
N THR A 429 -29.66 16.95 -10.24
CA THR A 429 -29.88 15.92 -9.24
C THR A 429 -29.09 14.66 -9.57
N MET A 430 -29.07 14.28 -10.86
CA MET A 430 -28.29 13.11 -11.25
C MET A 430 -26.82 13.30 -10.91
N LYS A 431 -26.29 14.48 -11.19
CA LYS A 431 -24.89 14.79 -10.91
C LYS A 431 -24.59 14.66 -9.43
N LEU A 432 -25.47 15.22 -8.59
CA LEU A 432 -25.23 15.15 -7.15
C LEU A 432 -25.24 13.70 -6.67
N GLU A 433 -26.25 12.93 -7.09
CA GLU A 433 -26.35 11.54 -6.66
C GLU A 433 -25.14 10.74 -7.12
N LEU A 434 -24.73 10.94 -8.38
CA LEU A 434 -23.61 10.18 -8.91
C LEU A 434 -22.31 10.57 -8.23
N ALA A 435 -22.12 11.87 -7.93
CA ALA A 435 -20.93 12.28 -7.20
C ALA A 435 -20.87 11.63 -5.83
N GLN A 436 -22.01 11.58 -5.13
CA GLN A 436 -22.03 10.89 -3.84
C GLN A 436 -21.70 9.41 -4.00
N TYR A 437 -22.22 8.79 -5.06
CA TYR A 437 -21.89 7.38 -5.33
C TYR A 437 -20.41 7.19 -5.55
N ARG A 438 -19.78 8.10 -6.30
CA ARG A 438 -18.34 8.06 -6.47
C ARG A 438 -17.63 8.17 -5.13
N GLU A 439 -18.13 9.05 -4.26
CA GLU A 439 -17.53 9.20 -2.94
C GLU A 439 -17.58 7.89 -2.15
N VAL A 440 -18.71 7.16 -2.24
CA VAL A 440 -18.86 5.92 -1.49
C VAL A 440 -18.58 4.68 -2.34
N ALA A 441 -18.10 4.86 -3.58
CA ALA A 441 -17.90 3.72 -4.48
C ALA A 441 -16.92 2.70 -3.92
N ALA A 442 -15.94 3.13 -3.13
CA ALA A 442 -14.93 2.22 -2.60
C ALA A 442 -15.58 1.14 -1.72
N PHE A 443 -16.55 1.51 -0.90
CA PHE A 443 -17.17 0.57 0.01
C PHE A 443 -17.91 -0.54 -0.74
N ALA A 444 -18.52 -0.19 -1.88
CA ALA A 444 -19.41 -1.07 -2.65
C ALA A 444 -18.92 -2.52 -2.71
N GLN A 445 -17.65 -2.71 -3.05
CA GLN A 445 -17.06 -4.04 -3.08
C GLN A 445 -17.47 -4.90 -1.89
N PHE A 446 -17.29 -4.38 -0.68
CA PHE A 446 -17.69 -5.07 0.54
C PHE A 446 -18.42 -4.12 1.49
N GLY A 447 -19.35 -3.35 0.93
CA GLY A 447 -20.11 -2.37 1.67
C GLY A 447 -21.47 -2.84 2.15
N SER A 448 -21.74 -4.14 2.12
CA SER A 448 -23.00 -4.65 2.66
C SER A 448 -23.19 -4.25 4.11
N ASP A 449 -22.13 -4.35 4.91
CA ASP A 449 -22.15 -3.93 6.30
C ASP A 449 -21.73 -2.46 6.39
N LEU A 450 -22.63 -1.60 5.95
CA LEU A 450 -22.43 -0.16 5.99
C LEU A 450 -23.74 0.51 6.38
N ASP A 451 -23.66 1.82 6.64
CA ASP A 451 -24.85 2.58 7.02
C ASP A 451 -25.87 2.57 5.89
N ALA A 452 -27.15 2.65 6.28
CA ALA A 452 -28.24 2.61 5.30
C ALA A 452 -28.10 3.73 4.29
N ALA A 453 -27.59 4.89 4.70
CA ALA A 453 -27.34 5.97 3.75
C ALA A 453 -26.32 5.53 2.71
N THR A 454 -25.25 4.86 3.12
CA THR A 454 -24.24 4.38 2.18
C THR A 454 -24.84 3.39 1.19
N GLN A 455 -25.66 2.46 1.69
CA GLN A 455 -26.32 1.50 0.82
C GLN A 455 -27.23 2.20 -0.19
N GLN A 456 -27.96 3.21 0.27
CA GLN A 456 -28.82 3.97 -0.62
C GLN A 456 -28.00 4.67 -1.70
N LEU A 457 -26.88 5.26 -1.31
CA LEU A 457 -26.00 5.92 -2.27
C LEU A 457 -25.49 4.93 -3.31
N LEU A 458 -25.06 3.75 -2.86
CA LEU A 458 -24.54 2.76 -3.79
C LEU A 458 -25.62 2.27 -4.76
N SER A 459 -26.84 2.05 -4.25
CA SER A 459 -27.93 1.61 -5.13
C SER A 459 -28.28 2.68 -6.15
N ARG A 460 -28.44 3.93 -5.70
CA ARG A 460 -28.76 4.99 -6.66
C ARG A 460 -27.65 5.16 -7.68
N GLY A 461 -26.39 5.01 -7.24
CA GLY A 461 -25.29 5.10 -8.17
C GLY A 461 -25.30 4.02 -9.23
N VAL A 462 -25.52 2.77 -8.82
CA VAL A 462 -25.52 1.70 -9.82
C VAL A 462 -26.69 1.87 -10.78
N ARG A 463 -27.85 2.28 -10.25
CA ARG A 463 -29.00 2.53 -11.13
C ARG A 463 -28.68 3.62 -12.15
N LEU A 464 -28.12 4.74 -11.69
CA LEU A 464 -27.78 5.83 -12.61
C LEU A 464 -26.73 5.41 -13.62
N THR A 465 -25.73 4.64 -13.18
CA THR A 465 -24.68 4.16 -14.08
C THR A 465 -25.27 3.27 -15.17
N GLU A 466 -26.19 2.39 -14.80
CA GLU A 466 -26.88 1.58 -15.81
C GLU A 466 -27.69 2.47 -16.75
N LEU A 467 -28.27 3.54 -16.21
CA LEU A 467 -29.02 4.47 -17.06
C LEU A 467 -28.12 5.13 -18.09
N LEU A 468 -26.93 5.58 -17.67
CA LEU A 468 -26.08 6.37 -18.56
C LEU A 468 -25.61 5.56 -19.77
N LYS A 469 -25.48 4.25 -19.62
CA LYS A 469 -25.01 3.40 -20.71
C LYS A 469 -25.91 3.55 -21.94
N GLN A 470 -25.29 3.79 -23.09
CA GLN A 470 -26.01 3.98 -24.34
C GLN A 470 -25.36 3.15 -25.44
N GLY A 471 -26.19 2.52 -26.26
CA GLY A 471 -25.66 1.73 -27.35
C GLY A 471 -25.01 2.59 -28.42
N GLN A 472 -24.05 1.98 -29.12
CA GLN A 472 -23.34 2.68 -30.18
C GLN A 472 -24.26 2.95 -31.37
N TYR A 473 -24.02 4.09 -32.03
CA TYR A 473 -24.79 4.50 -33.20
C TYR A 473 -26.29 4.54 -32.90
N ALA A 474 -26.63 5.00 -31.70
CA ALA A 474 -28.03 5.13 -31.26
C ALA A 474 -28.20 6.47 -30.56
N PRO A 475 -28.15 7.58 -31.29
CA PRO A 475 -28.33 8.88 -30.65
C PRO A 475 -29.76 9.09 -30.19
N MET A 476 -29.92 9.53 -28.95
CA MET A 476 -31.23 9.74 -28.35
C MET A 476 -31.61 11.22 -28.37
N ALA A 477 -32.90 11.48 -28.42
CA ALA A 477 -33.41 12.84 -28.38
C ALA A 477 -33.39 13.37 -26.95
N ILE A 478 -33.37 14.69 -26.84
CA ILE A 478 -33.27 15.33 -25.53
C ILE A 478 -34.47 14.97 -24.66
N GLU A 479 -35.67 14.94 -25.25
CA GLU A 479 -36.85 14.59 -24.46
C GLU A 479 -36.77 13.17 -23.93
N GLU A 480 -36.33 12.22 -24.76
CA GLU A 480 -36.20 10.84 -24.29
C GLU A 480 -35.14 10.73 -23.20
N GLN A 481 -34.02 11.43 -23.36
CA GLN A 481 -33.00 11.44 -22.31
C GLN A 481 -33.57 12.00 -21.03
N VAL A 482 -34.33 13.09 -21.12
CA VAL A 482 -34.95 13.68 -19.95
C VAL A 482 -35.90 12.70 -19.29
N ALA A 483 -36.68 11.96 -20.08
CA ALA A 483 -37.60 10.99 -19.52
C ALA A 483 -36.86 9.90 -18.76
N VAL A 484 -35.79 9.36 -19.35
CA VAL A 484 -35.03 8.29 -18.71
C VAL A 484 -34.37 8.80 -17.42
N ILE A 485 -33.73 9.97 -17.50
CA ILE A 485 -33.08 10.55 -16.32
C ILE A 485 -34.09 10.87 -15.24
N TYR A 486 -35.28 11.34 -15.64
CA TYR A 486 -36.38 11.55 -14.70
C TYR A 486 -36.77 10.26 -14.00
N ALA A 487 -36.87 9.17 -14.77
CA ALA A 487 -37.14 7.88 -14.19
C ALA A 487 -36.09 7.50 -13.15
N GLY A 488 -34.83 7.81 -13.44
CA GLY A 488 -33.76 7.39 -12.54
C GLY A 488 -33.65 8.24 -11.29
N VAL A 489 -33.59 9.56 -11.46
CA VAL A 489 -33.26 10.45 -10.33
C VAL A 489 -34.39 10.45 -9.30
N ARG A 490 -35.64 10.42 -9.76
CA ARG A 490 -36.75 10.44 -8.82
C ARG A 490 -36.75 9.21 -7.93
N GLY A 491 -36.16 8.12 -8.39
CA GLY A 491 -36.06 6.91 -7.62
C GLY A 491 -37.07 5.85 -7.94
N TYR A 492 -37.63 5.85 -9.15
CA TYR A 492 -38.56 4.79 -9.54
C TYR A 492 -37.85 3.49 -9.91
N LEU A 493 -36.53 3.53 -10.06
CA LEU A 493 -35.77 2.36 -10.47
C LEU A 493 -34.97 1.73 -9.34
N ASP A 494 -35.04 2.29 -8.13
CA ASP A 494 -34.28 1.72 -7.02
C ASP A 494 -34.72 0.29 -6.72
N LYS A 495 -36.03 0.04 -6.73
CA LYS A 495 -36.53 -1.31 -6.50
C LYS A 495 -36.10 -2.25 -7.61
N LEU A 496 -36.09 -1.78 -8.86
CA LEU A 496 -35.78 -2.63 -9.99
C LEU A 496 -34.37 -3.20 -9.88
N GLU A 497 -34.22 -4.46 -10.31
CA GLU A 497 -32.94 -5.14 -10.22
C GLU A 497 -31.92 -4.45 -11.12
N PRO A 498 -30.64 -4.41 -10.71
CA PRO A 498 -29.62 -3.70 -11.52
C PRO A 498 -29.59 -4.06 -12.99
N SER A 499 -29.54 -5.34 -13.34
CA SER A 499 -29.50 -5.72 -14.75
C SER A 499 -30.78 -5.32 -15.48
N LYS A 500 -31.90 -5.26 -14.77
CA LYS A 500 -33.17 -4.91 -15.39
C LYS A 500 -33.24 -3.44 -15.78
N ILE A 501 -32.30 -2.61 -15.32
CA ILE A 501 -32.43 -1.16 -15.51
C ILE A 501 -32.40 -0.80 -16.99
N THR A 502 -31.46 -1.37 -17.75
CA THR A 502 -31.37 -1.06 -19.17
C THR A 502 -32.58 -1.57 -19.93
N LYS A 503 -33.07 -2.76 -19.57
CA LYS A 503 -34.27 -3.29 -20.20
C LYS A 503 -35.44 -2.36 -19.97
N PHE A 504 -35.59 -1.87 -18.73
CA PHE A 504 -36.63 -0.88 -18.46
C PHE A 504 -36.42 0.39 -19.26
N GLU A 505 -35.16 0.84 -19.37
CA GLU A 505 -34.88 2.03 -20.16
C GLU A 505 -35.43 1.88 -21.57
N ASN A 506 -35.11 0.75 -22.21
CA ASN A 506 -35.56 0.52 -23.58
C ASN A 506 -37.08 0.43 -23.65
N ALA A 507 -37.69 -0.35 -22.77
CA ALA A 507 -39.13 -0.55 -22.82
C ALA A 507 -39.88 0.74 -22.55
N PHE A 508 -39.43 1.50 -21.55
CA PHE A 508 -40.03 2.79 -21.22
C PHE A 508 -39.86 3.78 -22.36
N LEU A 509 -38.68 3.77 -22.99
CA LEU A 509 -38.49 4.63 -24.16
C LEU A 509 -39.53 4.33 -25.21
N SER A 510 -39.71 3.05 -25.55
CA SER A 510 -40.73 2.68 -26.53
C SER A 510 -42.12 3.14 -26.09
N HIS A 511 -42.47 2.88 -24.83
CA HIS A 511 -43.80 3.21 -24.32
C HIS A 511 -44.07 4.70 -24.41
N VAL A 512 -43.16 5.51 -23.88
CA VAL A 512 -43.39 6.95 -23.86
C VAL A 512 -43.36 7.52 -25.27
N ILE A 513 -42.49 7.00 -26.13
CA ILE A 513 -42.38 7.52 -27.50
C ILE A 513 -43.66 7.25 -28.27
N SER A 514 -44.27 6.08 -28.07
CA SER A 514 -45.45 5.72 -28.87
C SER A 514 -46.74 6.21 -28.20
N GLN A 515 -47.00 5.76 -26.98
CA GLN A 515 -48.25 6.09 -26.29
C GLN A 515 -48.34 7.58 -25.97
N HIS A 516 -47.25 8.19 -25.53
CA HIS A 516 -47.32 9.51 -24.91
C HIS A 516 -46.42 10.52 -25.62
N GLN A 517 -46.50 10.56 -26.96
CA GLN A 517 -45.69 11.49 -27.74
C GLN A 517 -46.03 12.94 -27.44
N ALA A 518 -47.24 13.20 -26.95
CA ALA A 518 -47.62 14.57 -26.60
C ALA A 518 -46.73 15.12 -25.50
N LEU A 519 -46.47 14.31 -24.47
CA LEU A 519 -45.62 14.78 -23.37
C LEU A 519 -44.21 15.06 -23.83
N LEU A 520 -43.66 14.18 -24.68
CA LEU A 520 -42.35 14.45 -25.26
C LEU A 520 -42.36 15.75 -26.05
N GLY A 521 -43.45 16.02 -26.77
CA GLY A 521 -43.58 17.29 -27.46
C GLY A 521 -43.55 18.47 -26.51
N LYS A 522 -44.20 18.33 -25.35
CA LYS A 522 -44.18 19.39 -24.36
C LYS A 522 -42.76 19.68 -23.88
N ILE A 523 -42.03 18.63 -23.50
CA ILE A 523 -40.63 18.79 -23.10
C ILE A 523 -39.83 19.39 -24.24
N ARG A 524 -40.06 18.90 -25.46
CA ARG A 524 -39.32 19.41 -26.61
C ARG A 524 -39.67 20.87 -26.90
N ALA A 525 -40.97 21.20 -26.86
CA ALA A 525 -41.39 22.55 -27.24
C ALA A 525 -41.23 23.54 -26.08
N ASP A 526 -41.84 23.24 -24.93
CA ASP A 526 -41.74 24.13 -23.79
C ASP A 526 -40.29 24.28 -23.34
N GLY A 527 -39.53 23.19 -23.37
CA GLY A 527 -38.14 23.24 -22.97
C GLY A 527 -37.89 23.14 -21.48
N LYS A 528 -38.93 22.83 -20.69
CA LYS A 528 -38.77 22.68 -19.25
C LYS A 528 -39.83 21.72 -18.76
N ILE A 529 -39.57 21.12 -17.60
CA ILE A 529 -40.53 20.21 -16.97
C ILE A 529 -41.43 21.08 -16.11
N SER A 530 -42.55 21.51 -16.68
CA SER A 530 -43.55 22.21 -15.90
C SER A 530 -44.12 21.29 -14.84
N GLU A 531 -44.80 21.89 -13.84
CA GLU A 531 -45.38 21.07 -12.78
C GLU A 531 -46.37 20.05 -13.34
N GLU A 532 -47.18 20.46 -14.32
CA GLU A 532 -48.13 19.54 -14.93
C GLU A 532 -47.40 18.39 -15.62
N THR A 533 -46.32 18.70 -16.35
CA THR A 533 -45.53 17.66 -16.98
C THR A 533 -44.97 16.70 -15.94
N ASP A 534 -44.42 17.24 -14.86
CA ASP A 534 -43.85 16.40 -13.80
C ASP A 534 -44.92 15.48 -13.22
N ALA A 535 -46.12 16.01 -12.99
CA ALA A 535 -47.23 15.17 -12.55
C ALA A 535 -47.56 14.12 -13.60
N LYS A 536 -47.70 14.55 -14.86
CA LYS A 536 -47.98 13.60 -15.94
C LYS A 536 -46.82 12.61 -16.11
N LEU A 537 -45.58 13.11 -16.09
CA LEU A 537 -44.44 12.22 -16.18
C LEU A 537 -44.44 11.22 -15.03
N LYS A 538 -44.73 11.68 -13.81
CA LYS A 538 -44.81 10.79 -12.66
C LYS A 538 -45.82 9.68 -12.91
N GLU A 539 -47.02 10.05 -13.37
CA GLU A 539 -48.07 9.06 -13.61
C GLU A 539 -47.62 8.04 -14.65
N ILE A 540 -47.08 8.51 -15.77
CA ILE A 540 -46.68 7.62 -16.86
C ILE A 540 -45.62 6.64 -16.37
N VAL A 541 -44.58 7.18 -15.71
CA VAL A 541 -43.47 6.33 -15.28
C VAL A 541 -43.96 5.30 -14.26
N THR A 542 -44.73 5.74 -13.28
CA THR A 542 -45.23 4.81 -12.27
C THR A 542 -46.09 3.73 -12.90
N ASN A 543 -47.03 4.12 -13.77
CA ASN A 543 -47.91 3.15 -14.40
C ASN A 543 -47.12 2.12 -15.20
N PHE A 544 -46.21 2.59 -16.06
CA PHE A 544 -45.43 1.64 -16.85
C PHE A 544 -44.55 0.76 -15.97
N LEU A 545 -43.93 1.35 -14.95
CA LEU A 545 -43.06 0.60 -14.04
C LEU A 545 -43.82 -0.51 -13.34
N ALA A 546 -45.06 -0.22 -12.93
CA ALA A 546 -45.87 -1.25 -12.29
C ALA A 546 -46.09 -2.44 -13.21
N GLY A 547 -46.33 -2.17 -14.49
CA GLY A 547 -46.58 -3.22 -15.47
C GLY A 547 -45.36 -3.71 -16.22
N PHE A 548 -44.24 -2.98 -16.11
CA PHE A 548 -43.04 -3.34 -16.86
C PHE A 548 -42.61 -4.78 -16.59
N GLU A 549 -42.45 -5.13 -15.32
CA GLU A 549 -42.01 -6.48 -14.97
C GLU A 549 -43.08 -7.49 -15.37
N ALA A 550 -42.67 -8.55 -16.05
CA ALA A 550 -43.61 -9.55 -16.53
C ALA A 550 -43.09 -10.96 -16.27
N GLU B 66 52.56 2.75 -53.04
CA GLU B 66 51.54 2.75 -51.98
C GLU B 66 50.91 4.13 -51.85
N GLU B 67 49.72 4.28 -52.45
CA GLU B 67 48.95 5.49 -52.34
C GLU B 67 48.82 5.87 -50.86
N THR B 68 49.36 7.02 -50.50
CA THR B 68 49.45 7.42 -49.09
C THR B 68 48.73 8.73 -48.85
N GLY B 69 48.66 9.10 -47.57
CA GLY B 69 47.99 10.31 -47.16
C GLY B 69 48.76 11.00 -46.05
N ARG B 70 48.35 12.25 -45.78
CA ARG B 70 48.97 13.08 -44.75
C ARG B 70 47.95 13.32 -43.64
N VAL B 71 48.37 13.10 -42.40
CA VAL B 71 47.49 13.26 -41.25
C VAL B 71 47.24 14.75 -41.01
N LEU B 72 46.04 15.22 -41.34
CA LEU B 72 45.71 16.61 -41.06
C LEU B 72 45.52 16.84 -39.56
N SER B 73 44.77 15.97 -38.90
CA SER B 73 44.48 16.11 -37.49
C SER B 73 44.47 14.74 -36.84
N ILE B 74 45.13 14.62 -35.70
CA ILE B 74 45.12 13.39 -34.91
C ILE B 74 44.66 13.75 -33.50
N GLY B 75 43.45 13.32 -33.15
CA GLY B 75 42.92 13.62 -31.83
C GLY B 75 42.03 12.52 -31.28
N ASP B 76 42.35 12.06 -30.07
CA ASP B 76 41.56 11.04 -29.38
C ASP B 76 41.43 9.76 -30.19
N GLY B 77 42.47 9.42 -30.95
CA GLY B 77 42.44 8.21 -31.75
C GLY B 77 41.81 8.34 -33.11
N ILE B 78 41.35 9.51 -33.50
CA ILE B 78 40.73 9.74 -34.80
C ILE B 78 41.70 10.55 -35.66
N ALA B 79 42.10 9.98 -36.78
CA ALA B 79 43.02 10.64 -37.70
C ALA B 79 42.28 10.99 -38.99
N ARG B 80 42.15 12.29 -39.27
CA ARG B 80 41.56 12.76 -40.51
C ARG B 80 42.67 12.86 -41.55
N VAL B 81 43.03 11.70 -42.11
CA VAL B 81 44.12 11.63 -43.07
C VAL B 81 43.71 12.31 -44.38
N HIS B 82 44.61 13.11 -44.93
CA HIS B 82 44.40 13.77 -46.21
C HIS B 82 45.16 13.00 -47.28
N GLY B 83 44.43 12.45 -48.24
CA GLY B 83 45.05 11.61 -49.24
C GLY B 83 44.36 10.27 -49.33
N LEU B 84 45.14 9.21 -49.55
CA LEU B 84 44.60 7.85 -49.64
C LEU B 84 43.44 7.80 -50.62
N ARG B 85 43.63 8.42 -51.79
CA ARG B 85 42.53 8.52 -52.74
C ARG B 85 42.07 7.16 -53.25
N ASN B 86 42.87 6.11 -53.08
CA ASN B 86 42.49 4.76 -53.45
C ASN B 86 42.16 3.89 -52.24
N VAL B 87 41.89 4.50 -51.10
CA VAL B 87 41.64 3.73 -49.88
C VAL B 87 40.25 3.10 -49.97
N GLN B 88 40.15 1.86 -49.53
CA GLN B 88 38.86 1.20 -49.45
C GLN B 88 38.21 1.50 -48.11
N ALA B 89 36.88 1.55 -48.10
CA ALA B 89 36.17 1.66 -46.84
C ALA B 89 36.37 0.38 -46.04
N GLU B 90 36.45 0.54 -44.72
CA GLU B 90 36.70 -0.56 -43.79
C GLU B 90 38.02 -1.26 -44.06
N GLU B 91 38.98 -0.57 -44.68
CA GLU B 91 40.28 -1.13 -45.01
C GLU B 91 41.33 -0.69 -44.00
N MET B 92 42.16 -1.63 -43.58
CA MET B 92 43.24 -1.30 -42.66
C MET B 92 44.29 -0.44 -43.35
N VAL B 93 44.80 0.56 -42.63
CA VAL B 93 45.88 1.42 -43.10
C VAL B 93 46.96 1.43 -42.03
N GLU B 94 48.20 1.61 -42.47
CA GLU B 94 49.37 1.57 -41.60
C GLU B 94 49.97 2.96 -41.48
N PHE B 95 50.19 3.41 -40.26
CA PHE B 95 50.77 4.72 -39.98
C PHE B 95 52.29 4.63 -39.98
N SER B 96 52.93 5.82 -39.99
CA SER B 96 54.38 5.87 -40.05
C SER B 96 55.02 5.19 -38.85
N SER B 97 54.42 5.36 -37.66
CA SER B 97 54.98 4.77 -36.45
C SER B 97 54.80 3.26 -36.38
N GLY B 98 54.04 2.66 -37.29
CA GLY B 98 53.70 1.26 -37.24
C GLY B 98 52.32 0.97 -36.70
N LEU B 99 51.67 1.95 -36.08
CA LEU B 99 50.29 1.79 -35.67
C LEU B 99 49.40 1.55 -36.88
N LYS B 100 48.45 0.64 -36.73
CA LYS B 100 47.51 0.31 -37.79
C LYS B 100 46.14 0.89 -37.47
N GLY B 101 45.46 1.42 -38.50
CA GLY B 101 44.15 2.00 -38.33
C GLY B 101 43.19 1.47 -39.37
N MET B 102 41.92 1.80 -39.19
CA MET B 102 40.86 1.36 -40.08
C MET B 102 40.13 2.58 -40.62
N SER B 103 40.00 2.66 -41.94
CA SER B 103 39.29 3.78 -42.55
C SER B 103 37.79 3.56 -42.44
N LEU B 104 37.09 4.46 -41.75
CA LEU B 104 35.66 4.36 -41.58
C LEU B 104 34.91 5.49 -42.29
N ASN B 105 35.25 6.75 -42.01
CA ASN B 105 34.53 7.88 -42.58
C ASN B 105 35.29 8.39 -43.78
N LEU B 106 34.96 7.88 -44.96
CA LEU B 106 35.51 8.42 -46.19
C LEU B 106 34.76 9.69 -46.55
N GLU B 107 35.42 10.82 -46.42
CA GLU B 107 34.85 12.13 -46.70
C GLU B 107 35.42 12.67 -48.01
N PRO B 108 34.77 13.68 -48.60
CA PRO B 108 35.23 14.17 -49.91
C PRO B 108 36.67 14.65 -49.92
N ASP B 109 37.18 15.18 -48.82
CA ASP B 109 38.54 15.70 -48.78
C ASP B 109 39.46 14.97 -47.79
N ASN B 110 38.92 14.21 -46.84
CA ASN B 110 39.73 13.54 -45.84
C ASN B 110 39.18 12.15 -45.59
N VAL B 111 39.94 11.33 -44.86
CA VAL B 111 39.55 9.98 -44.50
C VAL B 111 39.64 9.84 -43.00
N GLY B 112 38.52 9.57 -42.35
CA GLY B 112 38.51 9.32 -40.92
C GLY B 112 39.00 7.95 -40.55
N VAL B 113 40.17 7.86 -39.93
CA VAL B 113 40.81 6.59 -39.59
C VAL B 113 40.82 6.43 -38.09
N VAL B 114 40.41 5.26 -37.61
CA VAL B 114 40.44 4.94 -36.19
C VAL B 114 41.72 4.12 -35.92
N VAL B 115 42.60 4.67 -35.09
CA VAL B 115 43.86 3.99 -34.81
C VAL B 115 43.62 2.85 -33.83
N PHE B 116 44.30 1.73 -34.08
CA PHE B 116 44.22 0.57 -33.20
C PHE B 116 45.34 0.61 -32.15
N GLY B 117 45.35 1.71 -31.40
CA GLY B 117 46.35 1.86 -30.35
C GLY B 117 46.40 3.30 -29.87
N ASN B 118 47.44 3.59 -29.10
CA ASN B 118 47.63 4.93 -28.57
C ASN B 118 47.99 5.88 -29.71
N ASP B 119 47.36 7.06 -29.70
CA ASP B 119 47.54 8.03 -30.77
C ASP B 119 48.65 9.03 -30.48
N LYS B 120 49.38 8.87 -29.38
CA LYS B 120 50.45 9.80 -29.06
C LYS B 120 51.56 9.74 -30.09
N LEU B 121 51.90 8.54 -30.56
CA LEU B 121 52.93 8.41 -31.58
C LEU B 121 52.52 9.11 -32.87
N ILE B 122 51.25 9.03 -33.23
CA ILE B 122 50.76 9.70 -34.42
C ILE B 122 50.77 11.20 -34.21
N LYS B 123 51.28 11.93 -35.20
CA LYS B 123 51.31 13.39 -35.17
C LYS B 123 50.91 13.93 -36.54
N GLU B 124 50.54 15.20 -36.57
CA GLU B 124 50.17 15.84 -37.82
C GLU B 124 51.33 15.78 -38.81
N GLY B 125 51.01 15.45 -40.06
CA GLY B 125 52.03 15.31 -41.08
C GLY B 125 52.61 13.92 -41.22
N ASP B 126 52.08 12.94 -40.49
CA ASP B 126 52.54 11.56 -40.64
C ASP B 126 52.03 10.96 -41.93
N ILE B 127 52.79 10.01 -42.46
CA ILE B 127 52.45 9.34 -43.71
C ILE B 127 51.71 8.05 -43.39
N VAL B 128 50.50 7.92 -43.92
CA VAL B 128 49.66 6.73 -43.72
C VAL B 128 49.64 5.95 -45.03
N LYS B 129 50.07 4.69 -44.97
CA LYS B 129 50.17 3.85 -46.15
C LYS B 129 49.02 2.83 -46.16
N ARG B 130 48.40 2.66 -47.32
CA ARG B 130 47.37 1.65 -47.47
C ARG B 130 47.96 0.25 -47.31
N THR B 131 47.34 -0.57 -46.47
CA THR B 131 47.72 -1.98 -46.41
C THR B 131 47.20 -2.73 -47.62
N GLY B 132 46.08 -2.29 -48.20
CA GLY B 132 45.52 -2.90 -49.38
C GLY B 132 44.47 -3.96 -49.14
N ALA B 133 44.14 -4.24 -47.89
CA ALA B 133 43.19 -5.30 -47.56
C ALA B 133 42.21 -4.82 -46.51
N ILE B 134 40.94 -5.20 -46.68
CA ILE B 134 39.95 -4.95 -45.64
C ILE B 134 40.37 -5.71 -44.39
N VAL B 135 40.16 -5.09 -43.22
CA VAL B 135 40.65 -5.62 -41.95
C VAL B 135 40.30 -7.08 -41.80
N ASP B 136 41.32 -7.91 -41.55
CA ASP B 136 41.16 -9.34 -41.40
C ASP B 136 41.96 -9.80 -40.19
N VAL B 137 41.66 -11.01 -39.73
CA VAL B 137 42.32 -11.56 -38.55
C VAL B 137 42.95 -12.91 -38.90
N PRO B 138 44.16 -13.19 -38.43
CA PRO B 138 44.76 -14.51 -38.66
C PRO B 138 43.89 -15.59 -38.05
N VAL B 139 43.52 -16.55 -38.88
CA VAL B 139 42.47 -17.51 -38.54
C VAL B 139 43.01 -18.92 -38.71
N GLY B 140 42.45 -19.85 -37.98
CA GLY B 140 42.87 -21.23 -38.06
C GLY B 140 42.84 -21.89 -36.70
N GLU B 141 43.36 -23.11 -36.68
CA GLU B 141 43.45 -23.91 -35.47
C GLU B 141 44.80 -23.76 -34.77
N GLU B 142 45.71 -22.97 -35.33
CA GLU B 142 46.98 -22.69 -34.67
C GLU B 142 46.82 -21.69 -33.54
N LEU B 143 45.66 -21.06 -33.43
CA LEU B 143 45.38 -20.11 -32.36
C LEU B 143 44.83 -20.77 -31.11
N LEU B 144 44.50 -22.06 -31.18
CA LEU B 144 44.04 -22.77 -29.99
C LEU B 144 45.13 -22.78 -28.92
N GLY B 145 44.76 -22.37 -27.72
CA GLY B 145 45.71 -22.28 -26.63
C GLY B 145 46.48 -20.98 -26.55
N ARG B 146 46.12 -19.99 -27.36
CA ARG B 146 46.86 -18.73 -27.42
C ARG B 146 45.94 -17.59 -27.03
N VAL B 147 46.44 -16.70 -26.18
CA VAL B 147 45.74 -15.48 -25.82
C VAL B 147 46.14 -14.41 -26.83
N VAL B 148 45.21 -14.01 -27.68
CA VAL B 148 45.50 -13.05 -28.74
C VAL B 148 44.74 -11.76 -28.47
N ASP B 149 45.10 -10.72 -29.21
CA ASP B 149 44.43 -9.44 -29.12
C ASP B 149 43.39 -9.33 -30.25
N ALA B 150 42.86 -8.13 -30.44
CA ALA B 150 41.81 -7.95 -31.44
C ALA B 150 42.32 -8.18 -32.86
N LEU B 151 43.60 -7.90 -33.10
CA LEU B 151 44.19 -8.03 -34.43
C LEU B 151 44.90 -9.37 -34.62
N GLY B 152 44.69 -10.32 -33.72
CA GLY B 152 45.33 -11.62 -33.84
C GLY B 152 46.78 -11.65 -33.44
N ASN B 153 47.29 -10.60 -32.79
CA ASN B 153 48.65 -10.60 -32.29
C ASN B 153 48.71 -11.29 -30.94
N ALA B 154 49.62 -12.24 -30.80
CA ALA B 154 49.70 -13.01 -29.57
C ALA B 154 50.24 -12.14 -28.44
N ILE B 155 49.57 -12.18 -27.30
CA ILE B 155 50.01 -11.49 -26.10
C ILE B 155 50.36 -12.46 -24.98
N ASP B 156 50.31 -13.76 -25.25
CA ASP B 156 50.67 -14.77 -24.26
C ASP B 156 52.18 -14.97 -24.15
N GLY B 157 52.95 -14.36 -25.03
CA GLY B 157 54.39 -14.52 -25.00
C GLY B 157 54.87 -15.93 -25.24
N LYS B 158 54.07 -16.74 -25.94
CA LYS B 158 54.45 -18.12 -26.27
C LYS B 158 55.03 -18.22 -27.67
N GLY B 159 55.14 -17.11 -28.40
CA GLY B 159 55.71 -17.13 -29.73
C GLY B 159 54.72 -16.68 -30.79
N PRO B 160 55.22 -16.49 -32.02
CA PRO B 160 54.32 -16.09 -33.11
C PRO B 160 53.29 -17.16 -33.42
N ILE B 161 52.09 -16.73 -33.76
CA ILE B 161 51.02 -17.65 -34.16
C ILE B 161 51.26 -18.09 -35.60
N GLY B 162 51.20 -19.40 -35.82
CA GLY B 162 51.47 -19.94 -37.15
C GLY B 162 50.24 -20.03 -38.03
N SER B 163 49.47 -18.95 -38.10
CA SER B 163 48.27 -18.94 -38.94
C SER B 163 48.66 -18.73 -40.39
N LYS B 164 48.12 -19.58 -41.28
CA LYS B 164 48.35 -19.45 -42.71
C LYS B 164 47.17 -18.83 -43.44
N THR B 165 46.03 -18.67 -42.78
CA THR B 165 44.81 -18.16 -43.40
C THR B 165 44.33 -16.93 -42.64
N ARG B 166 43.90 -15.92 -43.37
CA ARG B 166 43.33 -14.71 -42.79
C ARG B 166 41.92 -14.52 -43.32
N ARG B 167 40.99 -14.27 -42.41
CA ARG B 167 39.57 -14.12 -42.74
C ARG B 167 39.11 -12.73 -42.33
N ARG B 168 38.37 -12.07 -43.22
CA ARG B 168 37.88 -10.73 -42.93
C ARG B 168 36.99 -10.73 -41.69
N VAL B 169 37.14 -9.70 -40.87
CA VAL B 169 36.34 -9.59 -39.65
C VAL B 169 34.90 -9.18 -39.93
N GLY B 170 34.60 -8.70 -41.12
CA GLY B 170 33.26 -8.23 -41.43
C GLY B 170 32.55 -9.03 -42.50
N LEU B 171 32.78 -10.33 -42.53
CA LEU B 171 32.11 -11.17 -43.51
C LEU B 171 30.62 -11.31 -43.17
N LYS B 172 29.83 -11.60 -44.20
CA LYS B 172 28.40 -11.77 -44.03
C LYS B 172 28.10 -13.09 -43.33
N ALA B 173 26.93 -13.17 -42.72
CA ALA B 173 26.50 -14.38 -42.06
C ALA B 173 26.01 -15.41 -43.08
N PRO B 174 26.00 -16.68 -42.71
CA PRO B 174 25.42 -17.70 -43.59
C PRO B 174 23.95 -17.39 -43.89
N GLY B 175 23.54 -17.71 -45.11
CA GLY B 175 22.20 -17.42 -45.56
C GLY B 175 21.18 -18.44 -45.07
N ILE B 176 20.00 -18.38 -45.68
CA ILE B 176 18.92 -19.29 -45.27
C ILE B 176 19.28 -20.73 -45.61
N ILE B 177 19.73 -20.98 -46.84
CA ILE B 177 20.04 -22.32 -47.33
C ILE B 177 21.20 -22.95 -46.56
N PRO B 178 22.36 -22.27 -46.39
CA PRO B 178 23.51 -22.94 -45.75
C PRO B 178 23.27 -23.41 -44.32
N ARG B 179 22.09 -23.14 -43.76
CA ARG B 179 21.80 -23.47 -42.38
C ARG B 179 20.85 -24.65 -42.30
N ILE B 180 20.96 -25.41 -41.21
CA ILE B 180 20.05 -26.51 -40.91
C ILE B 180 19.61 -26.37 -39.47
N SER B 181 18.55 -27.11 -39.12
CA SER B 181 17.98 -27.02 -37.78
C SER B 181 19.01 -27.43 -36.74
N VAL B 182 18.94 -26.79 -35.57
CA VAL B 182 19.82 -27.14 -34.47
C VAL B 182 19.49 -28.55 -33.99
N ARG B 183 20.51 -29.41 -33.96
CA ARG B 183 20.33 -30.79 -33.53
C ARG B 183 21.21 -31.17 -32.34
N GLU B 184 22.50 -30.87 -32.41
CA GLU B 184 23.43 -31.35 -31.39
C GLU B 184 23.24 -30.59 -30.08
N PRO B 185 23.30 -31.26 -28.92
CA PRO B 185 23.19 -30.55 -27.64
C PRO B 185 24.52 -29.93 -27.24
N MET B 186 24.47 -28.65 -26.85
CA MET B 186 25.67 -27.94 -26.38
C MET B 186 25.64 -27.95 -24.86
N GLN B 187 26.18 -29.02 -24.28
CA GLN B 187 26.19 -29.16 -22.83
C GLN B 187 27.05 -28.09 -22.17
N THR B 188 26.54 -27.53 -21.09
CA THR B 188 27.25 -26.50 -20.34
C THR B 188 27.86 -27.02 -19.04
N GLY B 189 27.46 -28.19 -18.59
CA GLY B 189 27.88 -28.71 -17.30
C GLY B 189 27.12 -28.15 -16.12
N ILE B 190 26.21 -27.21 -16.35
CA ILE B 190 25.39 -26.61 -15.30
C ILE B 190 24.05 -27.35 -15.29
N LYS B 191 23.62 -27.80 -14.11
CA LYS B 191 22.37 -28.54 -14.02
C LYS B 191 21.19 -27.69 -14.48
N ALA B 192 21.10 -26.45 -14.00
CA ALA B 192 19.97 -25.59 -14.33
C ALA B 192 19.93 -25.29 -15.82
N VAL B 193 21.08 -24.99 -16.42
CA VAL B 193 21.11 -24.67 -17.85
C VAL B 193 20.78 -25.92 -18.67
N ASP B 194 21.43 -27.04 -18.39
CA ASP B 194 21.25 -28.25 -19.18
C ASP B 194 19.93 -28.94 -18.91
N SER B 195 19.14 -28.49 -17.94
CA SER B 195 17.89 -29.13 -17.61
C SER B 195 16.68 -28.27 -17.98
N LEU B 196 16.63 -27.02 -17.52
CA LEU B 196 15.46 -26.20 -17.73
C LEU B 196 15.58 -25.20 -18.87
N VAL B 197 16.79 -24.81 -19.25
CA VAL B 197 16.99 -23.91 -20.39
C VAL B 197 18.05 -24.50 -21.30
N PRO B 198 17.79 -25.62 -21.97
CA PRO B 198 18.83 -26.27 -22.77
C PRO B 198 19.29 -25.40 -23.92
N ILE B 199 20.59 -25.48 -24.22
CA ILE B 199 21.21 -24.73 -25.30
C ILE B 199 21.75 -25.71 -26.33
N GLY B 200 21.36 -25.53 -27.59
CA GLY B 200 21.85 -26.36 -28.67
C GLY B 200 22.97 -25.70 -29.43
N ARG B 201 23.67 -26.51 -30.22
CA ARG B 201 24.79 -26.02 -31.02
C ARG B 201 24.26 -25.23 -32.21
N GLY B 202 24.67 -23.96 -32.30
CA GLY B 202 24.13 -23.04 -33.28
C GLY B 202 23.10 -22.10 -32.72
N GLN B 203 22.78 -22.20 -31.44
CA GLN B 203 21.78 -21.35 -30.80
C GLN B 203 22.48 -20.26 -29.99
N ARG B 204 22.05 -19.02 -30.20
CA ARG B 204 22.60 -17.87 -29.49
C ARG B 204 21.81 -17.63 -28.21
N GLU B 205 22.42 -17.92 -27.08
CA GLU B 205 21.78 -17.77 -25.78
C GLU B 205 22.46 -16.65 -25.01
N LEU B 206 21.66 -15.73 -24.47
CA LEU B 206 22.17 -14.54 -23.81
C LEU B 206 22.27 -14.76 -22.30
N ILE B 207 23.46 -14.61 -21.76
CA ILE B 207 23.67 -14.65 -20.30
C ILE B 207 23.53 -13.21 -19.82
N ILE B 208 22.31 -12.81 -19.57
CA ILE B 208 22.00 -11.44 -19.15
C ILE B 208 21.87 -11.39 -17.64
N GLY B 209 22.33 -10.29 -17.03
CA GLY B 209 22.28 -10.15 -15.60
C GLY B 209 22.91 -8.85 -15.15
N ASP B 210 22.97 -8.68 -13.83
CA ASP B 210 23.55 -7.50 -13.22
C ASP B 210 25.04 -7.71 -12.98
N ARG B 211 25.67 -6.81 -12.24
CA ARG B 211 27.08 -6.94 -11.93
C ARG B 211 27.28 -7.97 -10.81
N GLN B 212 28.38 -8.71 -10.93
CA GLN B 212 28.73 -9.74 -9.95
C GLN B 212 27.58 -10.72 -9.74
N THR B 213 27.02 -11.22 -10.84
CA THR B 213 25.93 -12.18 -10.78
C THR B 213 26.32 -13.59 -11.21
N GLY B 214 27.45 -13.75 -11.88
CA GLY B 214 27.92 -15.07 -12.26
C GLY B 214 27.80 -15.43 -13.73
N LYS B 215 27.61 -14.45 -14.61
CA LYS B 215 27.55 -14.72 -16.04
C LYS B 215 28.88 -15.28 -16.55
N THR B 216 29.98 -14.62 -16.17
CA THR B 216 31.30 -15.12 -16.55
C THR B 216 31.55 -16.49 -15.94
N SER B 217 31.04 -16.72 -14.72
CA SER B 217 31.14 -18.04 -14.12
C SER B 217 30.43 -19.09 -14.97
N ILE B 218 29.23 -18.77 -15.46
CA ILE B 218 28.51 -19.72 -16.31
C ILE B 218 29.31 -20.01 -17.58
N ALA B 219 29.84 -18.96 -18.21
CA ALA B 219 30.58 -19.15 -19.45
C ALA B 219 31.83 -20.00 -19.23
N ILE B 220 32.61 -19.68 -18.20
CA ILE B 220 33.84 -20.42 -17.94
C ILE B 220 33.52 -21.86 -17.53
N ASP B 221 32.42 -22.07 -16.81
CA ASP B 221 32.03 -23.42 -16.46
C ASP B 221 31.69 -24.24 -17.70
N THR B 222 31.00 -23.63 -18.67
CA THR B 222 30.76 -24.32 -19.94
C THR B 222 32.08 -24.64 -20.64
N ILE B 223 33.00 -23.67 -20.63
CA ILE B 223 34.31 -23.85 -21.26
C ILE B 223 35.01 -25.07 -20.66
N ILE B 224 35.01 -25.17 -19.33
CA ILE B 224 35.64 -26.29 -18.65
C ILE B 224 34.91 -27.58 -18.96
N ASN B 225 33.57 -27.53 -19.02
CA ASN B 225 32.78 -28.71 -19.31
C ASN B 225 33.16 -29.31 -20.66
N GLN B 226 33.50 -28.45 -21.63
CA GLN B 226 33.84 -28.95 -22.97
C GLN B 226 35.00 -29.95 -22.96
N LYS B 227 35.76 -30.02 -21.87
CA LYS B 227 36.95 -30.87 -21.84
C LYS B 227 36.60 -32.35 -22.03
N ARG B 228 35.57 -32.83 -21.34
CA ARG B 228 35.26 -34.26 -21.36
C ARG B 228 34.95 -34.74 -22.77
N PHE B 229 34.45 -33.87 -23.63
CA PHE B 229 34.26 -34.23 -25.02
C PHE B 229 35.52 -34.00 -25.85
N ASN B 230 36.24 -32.92 -25.58
CA ASN B 230 37.42 -32.61 -26.41
C ASN B 230 38.50 -33.68 -26.26
N ASP B 231 38.68 -34.21 -25.06
CA ASP B 231 39.73 -35.21 -24.88
C ASP B 231 39.32 -36.60 -25.34
N GLY B 232 38.10 -36.75 -25.86
CA GLY B 232 37.65 -38.01 -26.39
C GLY B 232 38.15 -38.26 -27.80
N THR B 233 37.41 -39.08 -28.54
CA THR B 233 37.80 -39.50 -29.88
C THR B 233 36.97 -38.87 -30.98
N ASP B 234 35.64 -38.97 -30.89
CA ASP B 234 34.78 -38.44 -31.93
C ASP B 234 34.95 -36.94 -32.07
N GLU B 235 35.09 -36.48 -33.32
CA GLU B 235 35.21 -35.05 -33.58
C GLU B 235 33.87 -34.35 -33.62
N LYS B 236 32.76 -35.09 -33.69
CA LYS B 236 31.44 -34.46 -33.67
C LYS B 236 31.19 -33.76 -32.35
N LYS B 237 31.54 -34.41 -31.25
CA LYS B 237 31.28 -33.83 -29.93
C LYS B 237 32.29 -32.77 -29.54
N LYS B 238 33.51 -32.84 -30.08
CA LYS B 238 34.54 -31.86 -29.76
C LYS B 238 34.06 -30.45 -30.09
N LEU B 239 34.18 -29.56 -29.11
CA LEU B 239 33.71 -28.18 -29.24
C LEU B 239 34.84 -27.24 -28.83
N TYR B 240 35.55 -26.70 -29.81
CA TYR B 240 36.55 -25.67 -29.52
C TYR B 240 35.87 -24.40 -29.04
N CYS B 241 36.49 -23.74 -28.07
CA CYS B 241 35.89 -22.58 -27.43
C CYS B 241 36.69 -21.33 -27.75
N ILE B 242 36.01 -20.19 -27.71
CA ILE B 242 36.64 -18.88 -27.93
C ILE B 242 36.06 -17.91 -26.92
N TYR B 243 36.92 -17.32 -26.08
CA TYR B 243 36.50 -16.32 -25.12
C TYR B 243 36.96 -14.95 -25.61
N VAL B 244 36.02 -14.06 -25.84
CA VAL B 244 36.30 -12.69 -26.26
C VAL B 244 36.05 -11.77 -25.07
N ALA B 245 37.12 -11.24 -24.49
CA ALA B 245 37.03 -10.35 -23.34
C ALA B 245 37.01 -8.91 -23.85
N ILE B 246 35.89 -8.21 -23.64
CA ILE B 246 35.70 -6.84 -24.11
C ILE B 246 35.53 -5.95 -22.90
N GLY B 247 36.55 -5.14 -22.60
CA GLY B 247 36.48 -4.19 -21.52
C GLY B 247 36.94 -4.71 -20.18
N GLN B 248 37.03 -6.04 -20.02
CA GLN B 248 37.52 -6.61 -18.77
C GLN B 248 38.98 -6.26 -18.56
N LYS B 249 39.35 -6.01 -17.30
CA LYS B 249 40.73 -5.65 -17.01
C LYS B 249 41.67 -6.84 -17.19
N ARG B 250 42.94 -6.51 -17.38
CA ARG B 250 43.95 -7.52 -17.68
C ARG B 250 44.09 -8.52 -16.54
N SER B 251 43.99 -8.07 -15.30
CA SER B 251 44.06 -9.00 -14.17
C SER B 251 42.92 -10.01 -14.21
N THR B 252 41.71 -9.55 -14.54
CA THR B 252 40.56 -10.45 -14.67
C THR B 252 40.78 -11.46 -15.79
N VAL B 253 41.24 -10.98 -16.95
CA VAL B 253 41.50 -11.89 -18.06
C VAL B 253 42.57 -12.91 -17.68
N ALA B 254 43.60 -12.46 -16.98
CA ALA B 254 44.66 -13.36 -16.55
C ALA B 254 44.13 -14.41 -15.59
N GLN B 255 43.24 -14.01 -14.68
CA GLN B 255 42.64 -14.97 -13.75
C GLN B 255 41.81 -16.01 -14.51
N LEU B 256 41.05 -15.57 -15.51
CA LEU B 256 40.30 -16.50 -16.34
C LEU B 256 41.23 -17.49 -17.04
N VAL B 257 42.31 -16.97 -17.63
CA VAL B 257 43.28 -17.84 -18.30
C VAL B 257 43.91 -18.81 -17.32
N LYS B 258 44.17 -18.34 -16.09
CA LYS B 258 44.74 -19.22 -15.07
C LYS B 258 43.78 -20.36 -14.74
N ARG B 259 42.50 -20.05 -14.58
CA ARG B 259 41.51 -21.10 -14.31
C ARG B 259 41.48 -22.10 -15.45
N LEU B 260 41.46 -21.59 -16.68
CA LEU B 260 41.41 -22.48 -17.84
C LEU B 260 42.65 -23.36 -17.93
N THR B 261 43.82 -22.81 -17.62
CA THR B 261 45.06 -23.58 -17.74
C THR B 261 45.36 -24.43 -16.52
N ASP B 262 44.61 -24.26 -15.41
CA ASP B 262 44.67 -25.24 -14.35
C ASP B 262 43.64 -26.34 -14.51
N ALA B 263 42.57 -26.09 -15.27
CA ALA B 263 41.62 -27.15 -15.61
C ALA B 263 41.93 -27.77 -16.97
N ASP B 264 43.03 -27.36 -17.59
CA ASP B 264 43.49 -27.92 -18.87
C ASP B 264 42.42 -27.77 -19.93
N ALA B 265 41.78 -26.60 -19.93
CA ALA B 265 40.84 -26.19 -20.94
C ALA B 265 41.44 -25.24 -21.97
N MET B 266 42.58 -24.62 -21.67
CA MET B 266 43.21 -23.71 -22.61
C MET B 266 43.56 -24.40 -23.92
N LYS B 267 43.83 -25.71 -23.88
CA LYS B 267 44.27 -26.42 -25.07
C LYS B 267 43.29 -26.30 -26.23
N TYR B 268 42.00 -26.09 -25.93
CA TYR B 268 40.99 -25.96 -26.96
C TYR B 268 40.28 -24.61 -26.94
N THR B 269 40.93 -23.57 -26.43
CA THR B 269 40.32 -22.24 -26.35
C THR B 269 41.23 -21.19 -26.96
N ILE B 270 40.62 -20.22 -27.63
CA ILE B 270 41.32 -19.04 -28.13
C ILE B 270 40.76 -17.84 -27.37
N VAL B 271 41.60 -17.20 -26.57
CA VAL B 271 41.18 -16.11 -25.70
C VAL B 271 41.54 -14.80 -26.38
N VAL B 272 40.60 -14.26 -27.16
CA VAL B 272 40.77 -12.91 -27.71
C VAL B 272 40.48 -11.90 -26.60
N SER B 273 41.42 -10.97 -26.38
CA SER B 273 41.33 -10.04 -25.27
C SER B 273 41.43 -8.61 -25.77
N ALA B 274 40.42 -7.81 -25.45
CA ALA B 274 40.44 -6.35 -25.66
C ALA B 274 40.12 -5.71 -24.33
N THR B 275 41.15 -5.49 -23.53
CA THR B 275 40.99 -4.95 -22.19
C THR B 275 40.72 -3.44 -22.25
N ALA B 276 40.48 -2.86 -21.07
CA ALA B 276 40.18 -1.44 -20.97
C ALA B 276 41.34 -0.59 -21.49
N SER B 277 42.57 -1.00 -21.22
CA SER B 277 43.73 -0.28 -21.74
C SER B 277 43.70 -0.26 -23.26
N ASP B 278 43.28 -1.36 -23.89
CA ASP B 278 43.21 -1.43 -25.34
C ASP B 278 42.25 -0.38 -25.89
N ALA B 279 42.59 0.13 -27.07
CA ALA B 279 41.85 1.25 -27.65
C ALA B 279 40.40 0.87 -27.95
N ALA B 280 39.53 1.88 -27.96
CA ALA B 280 38.13 1.67 -28.33
C ALA B 280 37.97 0.97 -29.67
N PRO B 281 38.68 1.35 -30.75
CA PRO B 281 38.58 0.54 -31.98
C PRO B 281 38.91 -0.92 -31.77
N LEU B 282 39.94 -1.23 -30.98
CA LEU B 282 40.29 -2.62 -30.72
C LEU B 282 39.16 -3.33 -29.98
N GLN B 283 38.59 -2.68 -28.98
CA GLN B 283 37.48 -3.28 -28.24
C GLN B 283 36.27 -3.49 -29.13
N TYR B 284 36.03 -2.57 -30.07
CA TYR B 284 34.93 -2.71 -31.01
C TYR B 284 35.17 -3.86 -31.97
N LEU B 285 36.41 -4.04 -32.41
CA LEU B 285 36.73 -5.07 -33.39
C LEU B 285 36.83 -6.46 -32.78
N ALA B 286 37.17 -6.57 -31.49
CA ALA B 286 37.41 -7.86 -30.86
C ALA B 286 36.30 -8.88 -31.09
N PRO B 287 35.02 -8.54 -30.85
CA PRO B 287 33.98 -9.56 -31.08
C PRO B 287 33.95 -10.11 -32.49
N TYR B 288 34.11 -9.24 -33.50
CA TYR B 288 34.11 -9.71 -34.88
C TYR B 288 35.32 -10.59 -35.16
N SER B 289 36.48 -10.22 -34.61
CA SER B 289 37.67 -11.06 -34.73
C SER B 289 37.42 -12.46 -34.20
N GLY B 290 36.92 -12.55 -32.96
CA GLY B 290 36.63 -13.85 -32.39
C GLY B 290 35.59 -14.62 -33.18
N CYS B 291 34.58 -13.91 -33.68
CA CYS B 291 33.53 -14.57 -34.45
C CYS B 291 34.10 -15.16 -35.74
N SER B 292 35.00 -14.43 -36.40
CA SER B 292 35.66 -14.97 -37.58
C SER B 292 36.53 -16.18 -37.23
N MET B 293 37.23 -16.11 -36.10
CA MET B 293 38.04 -17.25 -35.67
C MET B 293 37.18 -18.48 -35.43
N GLY B 294 35.99 -18.28 -34.87
CA GLY B 294 35.04 -19.38 -34.75
C GLY B 294 34.48 -19.82 -36.10
N GLU B 295 34.26 -18.87 -37.00
CA GLU B 295 33.78 -19.18 -38.33
C GLU B 295 34.74 -20.12 -39.05
N TYR B 296 36.03 -20.00 -38.76
CA TYR B 296 37.00 -20.96 -39.30
C TYR B 296 36.57 -22.39 -39.01
N PHE B 297 36.28 -22.68 -37.75
CA PHE B 297 35.86 -24.02 -37.37
C PHE B 297 34.48 -24.33 -37.93
N ARG B 298 33.57 -23.36 -37.90
CA ARG B 298 32.20 -23.59 -38.34
C ARG B 298 32.15 -24.00 -39.81
N ASP B 299 32.95 -23.35 -40.65
CA ASP B 299 32.92 -23.61 -42.08
C ASP B 299 33.81 -24.77 -42.50
N ASN B 300 34.54 -25.37 -41.56
CA ASN B 300 35.35 -26.55 -41.86
C ASN B 300 34.73 -27.82 -41.31
N GLY B 301 33.49 -27.77 -40.83
CA GLY B 301 32.82 -28.93 -40.28
C GLY B 301 32.99 -29.12 -38.80
N LYS B 302 33.90 -28.38 -38.15
CA LYS B 302 34.08 -28.48 -36.72
C LYS B 302 33.04 -27.62 -36.00
N HIS B 303 32.84 -27.92 -34.72
CA HIS B 303 31.90 -27.20 -33.89
C HIS B 303 32.64 -26.29 -32.92
N ALA B 304 32.16 -25.05 -32.80
CA ALA B 304 32.84 -24.05 -32.01
C ALA B 304 31.85 -23.31 -31.12
N LEU B 305 32.37 -22.77 -30.02
CA LEU B 305 31.59 -21.98 -29.07
C LEU B 305 32.33 -20.66 -28.83
N ILE B 306 31.59 -19.57 -28.74
CA ILE B 306 32.17 -18.27 -28.50
C ILE B 306 31.38 -17.53 -27.43
N ILE B 307 32.09 -16.86 -26.52
CA ILE B 307 31.43 -16.09 -25.44
C ILE B 307 31.85 -14.63 -25.59
N TYR B 308 30.95 -13.77 -26.08
CA TYR B 308 31.25 -12.33 -26.20
C TYR B 308 31.05 -11.68 -24.84
N ASP B 309 32.07 -11.75 -23.97
CA ASP B 309 31.90 -11.23 -22.59
C ASP B 309 31.72 -9.71 -22.63
N ASP B 310 30.64 -9.21 -22.02
CA ASP B 310 30.39 -7.75 -21.96
C ASP B 310 30.22 -7.18 -23.37
N LEU B 311 29.21 -7.65 -24.11
CA LEU B 311 28.94 -7.05 -25.45
C LEU B 311 28.53 -5.60 -25.22
N SER B 312 28.06 -5.27 -24.02
CA SER B 312 27.71 -3.87 -23.69
C SER B 312 28.96 -3.00 -23.76
N LYS B 313 30.10 -3.54 -23.33
CA LYS B 313 31.37 -2.77 -23.37
C LYS B 313 31.75 -2.54 -24.84
N GLN B 314 31.35 -3.44 -25.74
CA GLN B 314 31.58 -3.17 -27.15
C GLN B 314 30.68 -2.03 -27.62
N ALA B 315 29.48 -1.93 -27.06
CA ALA B 315 28.58 -0.84 -27.43
C ALA B 315 29.15 0.52 -27.04
N VAL B 316 29.77 0.62 -25.85
CA VAL B 316 30.36 1.88 -25.45
C VAL B 316 31.58 2.20 -26.31
N ALA B 317 32.32 1.17 -26.73
CA ALA B 317 33.45 1.40 -27.64
C ALA B 317 32.95 1.93 -28.98
N TYR B 318 31.85 1.35 -29.50
CA TYR B 318 31.25 1.87 -30.72
C TYR B 318 30.77 3.30 -30.52
N ARG B 319 30.19 3.60 -29.36
CA ARG B 319 29.73 4.96 -29.08
C ARG B 319 30.89 5.94 -29.10
N GLN B 320 31.99 5.60 -28.42
CA GLN B 320 33.16 6.46 -28.45
C GLN B 320 33.69 6.65 -29.85
N MET B 321 33.84 5.54 -30.59
CA MET B 321 34.40 5.60 -31.93
C MET B 321 33.54 6.47 -32.85
N SER B 322 32.23 6.26 -32.81
CA SER B 322 31.32 7.01 -33.69
C SER B 322 31.28 8.49 -33.31
N LEU B 323 31.14 8.78 -32.02
CA LEU B 323 31.06 10.17 -31.60
C LEU B 323 32.36 10.92 -31.89
N LEU B 324 33.51 10.27 -31.66
CA LEU B 324 34.77 10.90 -32.03
C LEU B 324 34.95 11.00 -33.53
N LEU B 325 34.24 10.18 -34.30
CA LEU B 325 34.18 10.31 -35.75
C LEU B 325 33.13 11.33 -36.20
N ARG B 326 32.54 12.06 -35.26
CA ARG B 326 31.54 13.10 -35.51
C ARG B 326 30.22 12.56 -36.02
N ARG B 327 29.99 11.25 -35.93
CA ARG B 327 28.71 10.69 -36.31
C ARG B 327 27.66 11.08 -35.27
N PRO B 328 26.52 11.65 -35.69
CA PRO B 328 25.57 12.17 -34.70
C PRO B 328 25.09 11.08 -33.78
N PRO B 329 24.83 11.40 -32.52
CA PRO B 329 24.36 10.40 -31.56
C PRO B 329 22.85 10.23 -31.61
N GLY B 330 22.39 9.18 -30.92
CA GLY B 330 20.98 8.87 -30.82
C GLY B 330 20.60 8.57 -29.38
N ARG B 331 19.82 7.51 -29.21
CA ARG B 331 19.40 7.08 -27.88
C ARG B 331 20.60 6.76 -27.02
N GLU B 332 20.68 7.43 -25.87
CA GLU B 332 21.78 7.25 -24.90
C GLU B 332 23.14 7.48 -25.54
N ALA B 333 23.16 8.22 -26.66
CA ALA B 333 24.36 8.59 -27.40
C ALA B 333 24.96 7.39 -28.13
N TYR B 334 24.40 6.20 -27.93
CA TYR B 334 24.77 5.06 -28.74
C TYR B 334 24.43 5.35 -30.21
N PRO B 335 25.35 5.10 -31.13
CA PRO B 335 25.06 5.33 -32.55
C PRO B 335 23.86 4.49 -32.99
N GLY B 336 23.08 5.05 -33.91
CA GLY B 336 21.84 4.40 -34.32
C GLY B 336 22.02 2.97 -34.78
N ASP B 337 23.20 2.62 -35.27
CA ASP B 337 23.48 1.28 -35.78
C ASP B 337 24.06 0.35 -34.72
N VAL B 338 23.77 0.57 -33.44
CA VAL B 338 24.18 -0.40 -32.43
C VAL B 338 23.43 -1.72 -32.62
N PHE B 339 22.16 -1.63 -33.04
CA PHE B 339 21.41 -2.85 -33.30
C PHE B 339 22.09 -3.67 -34.38
N TYR B 340 22.50 -3.04 -35.48
CA TYR B 340 23.25 -3.76 -36.50
C TYR B 340 24.60 -4.23 -35.98
N LEU B 341 25.25 -3.39 -35.18
CA LEU B 341 26.53 -3.74 -34.57
C LEU B 341 26.46 -5.08 -33.87
N HIS B 342 25.41 -5.29 -33.10
CA HIS B 342 25.24 -6.57 -32.40
C HIS B 342 24.58 -7.64 -33.26
N SER B 343 23.75 -7.25 -34.23
CA SER B 343 23.03 -8.22 -35.04
C SER B 343 23.96 -8.97 -35.99
N ARG B 344 24.79 -8.23 -36.72
CA ARG B 344 25.68 -8.89 -37.68
C ARG B 344 26.66 -9.82 -36.99
N LEU B 345 27.00 -9.53 -35.74
CA LEU B 345 27.88 -10.40 -34.98
C LEU B 345 27.19 -11.71 -34.62
N LEU B 346 26.00 -11.63 -34.02
CA LEU B 346 25.35 -12.82 -33.50
C LEU B 346 24.76 -13.68 -34.62
N GLU B 347 24.31 -13.07 -35.71
CA GLU B 347 23.70 -13.82 -36.79
C GLU B 347 24.67 -14.83 -37.41
N ARG B 348 25.97 -14.57 -37.32
CA ARG B 348 26.94 -15.51 -37.88
C ARG B 348 26.85 -16.87 -37.22
N ALA B 349 26.60 -16.91 -35.92
CA ALA B 349 26.42 -18.16 -35.22
C ALA B 349 25.28 -18.97 -35.84
N ALA B 350 25.60 -20.16 -36.34
CA ALA B 350 24.61 -20.95 -37.06
C ALA B 350 25.06 -22.40 -37.10
N LYS B 351 24.11 -23.29 -37.40
CA LYS B 351 24.38 -24.71 -37.59
C LYS B 351 24.36 -24.98 -39.09
N MET B 352 25.55 -25.16 -39.68
CA MET B 352 25.64 -25.42 -41.10
C MET B 352 25.02 -26.75 -41.47
N ASN B 353 24.43 -26.82 -42.66
CA ASN B 353 23.88 -28.07 -43.15
C ASN B 353 24.99 -29.00 -43.59
N ASP B 354 24.61 -30.25 -43.90
CA ASP B 354 25.60 -31.27 -44.23
C ASP B 354 26.41 -30.89 -45.45
N ALA B 355 25.77 -30.32 -46.47
CA ALA B 355 26.48 -29.92 -47.69
C ALA B 355 27.56 -28.90 -47.39
N PHE B 356 27.33 -28.01 -46.42
CA PHE B 356 28.30 -26.98 -46.06
C PHE B 356 29.25 -27.44 -44.96
N GLY B 357 29.31 -28.74 -44.68
CA GLY B 357 30.23 -29.29 -43.71
C GLY B 357 29.58 -29.75 -42.42
N GLY B 358 28.40 -29.23 -42.10
CA GLY B 358 27.74 -29.62 -40.87
C GLY B 358 28.33 -29.01 -39.61
N GLY B 359 29.25 -28.06 -39.73
CA GLY B 359 29.80 -27.42 -38.57
C GLY B 359 28.81 -26.47 -37.92
N SER B 360 29.16 -26.04 -36.72
CA SER B 360 28.28 -25.16 -35.96
C SER B 360 29.10 -24.16 -35.18
N LEU B 361 28.51 -23.00 -34.92
CA LEU B 361 29.11 -21.97 -34.08
C LEU B 361 28.08 -21.52 -33.07
N THR B 362 28.36 -21.74 -31.78
CA THR B 362 27.46 -21.37 -30.71
C THR B 362 27.96 -20.07 -30.05
N ALA B 363 27.04 -19.16 -29.79
CA ALA B 363 27.36 -17.86 -29.22
C ALA B 363 26.66 -17.70 -27.89
N LEU B 364 27.40 -17.25 -26.87
CA LEU B 364 26.85 -16.97 -25.55
C LEU B 364 27.23 -15.55 -25.15
N PRO B 365 26.58 -14.55 -25.76
CA PRO B 365 26.87 -13.16 -25.39
C PRO B 365 26.51 -12.88 -23.94
N VAL B 366 27.26 -11.97 -23.31
CA VAL B 366 27.02 -11.54 -21.95
C VAL B 366 26.68 -10.05 -21.96
N ILE B 367 25.61 -9.69 -21.25
CA ILE B 367 25.16 -8.30 -21.16
C ILE B 367 24.95 -7.95 -19.69
N GLU B 368 25.53 -6.84 -19.26
CA GLU B 368 25.36 -6.35 -17.90
C GLU B 368 24.21 -5.35 -17.89
N THR B 369 23.22 -5.59 -17.05
CA THR B 369 22.06 -4.71 -16.90
C THR B 369 22.17 -3.95 -15.58
N GLN B 370 22.20 -2.62 -15.66
CA GLN B 370 22.24 -1.81 -14.46
C GLN B 370 20.91 -1.86 -13.72
N ALA B 371 20.97 -2.21 -12.44
CA ALA B 371 19.80 -2.31 -11.56
C ALA B 371 18.78 -3.33 -12.08
N GLY B 372 19.22 -4.29 -12.88
CA GLY B 372 18.32 -5.31 -13.39
C GLY B 372 17.24 -4.80 -14.30
N ASP B 373 17.49 -3.72 -15.03
CA ASP B 373 16.53 -3.17 -15.98
C ASP B 373 16.82 -3.77 -17.34
N VAL B 374 16.14 -4.88 -17.64
CA VAL B 374 16.27 -5.50 -18.96
C VAL B 374 15.49 -4.77 -20.03
N SER B 375 14.84 -3.66 -19.68
CA SER B 375 14.16 -2.81 -20.64
C SER B 375 15.06 -1.71 -21.18
N ALA B 376 16.33 -1.70 -20.79
CA ALA B 376 17.27 -0.70 -21.29
C ALA B 376 17.57 -0.96 -22.76
N TYR B 377 18.13 0.05 -23.42
CA TYR B 377 18.29 0.05 -24.87
C TYR B 377 19.10 -1.14 -25.37
N ILE B 378 20.38 -1.23 -24.98
CA ILE B 378 21.23 -2.33 -25.43
C ILE B 378 20.71 -3.69 -24.95
N PRO B 379 20.29 -3.86 -23.69
CA PRO B 379 19.70 -5.15 -23.31
C PRO B 379 18.53 -5.57 -24.17
N THR B 380 17.61 -4.67 -24.51
CA THR B 380 16.50 -5.05 -25.38
C THR B 380 17.00 -5.39 -26.77
N ASN B 381 17.94 -4.61 -27.30
CA ASN B 381 18.50 -4.89 -28.62
C ASN B 381 19.09 -6.29 -28.67
N VAL B 382 19.91 -6.63 -27.68
CA VAL B 382 20.56 -7.94 -27.68
C VAL B 382 19.55 -9.05 -27.41
N ILE B 383 18.55 -8.78 -26.57
CA ILE B 383 17.54 -9.80 -26.25
C ILE B 383 16.77 -10.18 -27.49
N SER B 384 16.39 -9.18 -28.31
CA SER B 384 15.67 -9.48 -29.53
C SER B 384 16.48 -10.37 -30.46
N ILE B 385 17.79 -10.16 -30.52
CA ILE B 385 18.63 -10.91 -31.45
C ILE B 385 18.78 -12.36 -31.01
N THR B 386 19.02 -12.59 -29.72
CA THR B 386 19.34 -13.93 -29.25
C THR B 386 18.13 -14.84 -29.28
N ASP B 387 18.40 -16.15 -29.40
CA ASP B 387 17.32 -17.13 -29.39
C ASP B 387 16.69 -17.25 -28.02
N GLY B 388 17.52 -17.35 -26.97
CA GLY B 388 17.02 -17.42 -25.62
C GLY B 388 17.89 -16.59 -24.69
N GLN B 389 17.37 -16.34 -23.49
CA GLN B 389 18.03 -15.50 -22.51
C GLN B 389 18.08 -16.22 -21.18
N ILE B 390 19.26 -16.25 -20.57
CA ILE B 390 19.44 -16.79 -19.22
C ILE B 390 19.52 -15.60 -18.27
N PHE B 391 18.48 -15.43 -17.46
CA PHE B 391 18.37 -14.27 -16.58
C PHE B 391 19.01 -14.59 -15.24
N LEU B 392 20.05 -13.84 -14.88
CA LEU B 392 20.68 -13.94 -13.58
C LEU B 392 20.28 -12.74 -12.72
N GLU B 393 19.73 -13.02 -11.54
CA GLU B 393 19.21 -11.99 -10.66
C GLU B 393 20.01 -11.96 -9.35
N THR B 394 20.31 -10.75 -8.89
CA THR B 394 21.07 -10.61 -7.64
C THR B 394 20.31 -11.17 -6.45
N GLU B 395 18.99 -10.98 -6.43
CA GLU B 395 18.21 -11.43 -5.28
C GLU B 395 18.32 -12.93 -5.09
N LEU B 396 18.28 -13.70 -6.18
CA LEU B 396 18.47 -15.14 -6.06
C LEU B 396 19.87 -15.46 -5.54
N PHE B 397 20.89 -14.76 -6.05
CA PHE B 397 22.26 -15.01 -5.62
C PHE B 397 22.42 -14.79 -4.13
N TYR B 398 21.86 -13.71 -3.61
CA TYR B 398 21.95 -13.42 -2.18
C TYR B 398 20.86 -14.13 -1.37
N LYS B 399 19.95 -14.85 -2.03
CA LYS B 399 19.01 -15.72 -1.38
C LYS B 399 19.48 -17.16 -1.36
N GLY B 400 20.61 -17.45 -2.00
CA GLY B 400 21.25 -18.75 -1.93
C GLY B 400 21.20 -19.54 -3.22
N ILE B 401 20.34 -19.17 -4.15
CA ILE B 401 20.26 -19.85 -5.44
C ILE B 401 21.49 -19.44 -6.24
N ARG B 402 22.50 -20.31 -6.24
CA ARG B 402 23.75 -20.07 -6.97
C ARG B 402 24.04 -21.35 -7.75
N PRO B 403 23.98 -21.31 -9.08
CA PRO B 403 23.82 -20.12 -9.94
C PRO B 403 22.44 -19.47 -9.84
N ALA B 404 22.37 -18.15 -9.99
CA ALA B 404 21.15 -17.38 -9.80
C ALA B 404 20.31 -17.32 -11.07
N ILE B 405 20.02 -18.47 -11.66
CA ILE B 405 19.23 -18.53 -12.88
C ILE B 405 17.75 -18.45 -12.51
N ASN B 406 17.07 -17.43 -13.01
CA ASN B 406 15.63 -17.29 -12.79
C ASN B 406 14.91 -18.17 -13.80
N VAL B 407 14.77 -19.44 -13.45
CA VAL B 407 14.22 -20.44 -14.38
C VAL B 407 12.81 -20.08 -14.80
N GLY B 408 12.08 -19.33 -13.98
CA GLY B 408 10.76 -18.87 -14.38
C GLY B 408 10.81 -17.94 -15.58
N LEU B 409 11.73 -16.97 -15.54
CA LEU B 409 11.85 -16.01 -16.63
C LEU B 409 12.89 -16.40 -17.66
N SER B 410 13.91 -17.17 -17.27
CA SER B 410 14.88 -17.67 -18.24
C SER B 410 14.17 -18.53 -19.27
N VAL B 411 14.36 -18.20 -20.54
CA VAL B 411 13.74 -18.94 -21.63
C VAL B 411 14.81 -19.34 -22.62
N SER B 412 14.61 -20.49 -23.25
CA SER B 412 15.52 -20.97 -24.28
C SER B 412 14.73 -21.85 -25.23
N ARG B 413 14.72 -21.49 -26.52
CA ARG B 413 14.15 -22.37 -27.52
C ARG B 413 14.82 -23.73 -27.44
N VAL B 414 14.01 -24.79 -27.45
CA VAL B 414 14.50 -26.14 -27.20
C VAL B 414 15.58 -26.56 -28.18
N GLY B 415 15.80 -25.79 -29.24
CA GLY B 415 16.76 -26.18 -30.25
C GLY B 415 16.33 -27.40 -31.03
N SER B 416 15.03 -27.53 -31.31
CA SER B 416 14.47 -28.66 -32.03
C SER B 416 15.02 -29.98 -31.49
N ALA B 417 14.73 -30.20 -30.20
CA ALA B 417 15.20 -31.37 -29.46
C ALA B 417 16.73 -31.36 -29.35
N ALA B 418 17.27 -30.25 -28.82
CA ALA B 418 18.69 -30.12 -28.55
C ALA B 418 19.06 -30.54 -27.14
N GLN B 419 18.28 -31.44 -26.56
CA GLN B 419 18.52 -31.99 -25.24
C GLN B 419 18.45 -33.51 -25.33
N THR B 420 19.37 -34.20 -24.67
CA THR B 420 19.39 -35.65 -24.75
C THR B 420 18.11 -36.23 -24.14
N ARG B 421 17.68 -37.37 -24.69
CA ARG B 421 16.42 -37.99 -24.29
C ARG B 421 16.39 -38.30 -22.80
N ALA B 422 17.49 -38.85 -22.28
CA ALA B 422 17.58 -39.18 -20.87
C ALA B 422 17.37 -37.94 -20.01
N MET B 423 17.97 -36.81 -20.40
CA MET B 423 17.76 -35.57 -19.66
C MET B 423 16.31 -35.11 -19.78
N LYS B 424 15.74 -35.18 -20.99
CA LYS B 424 14.36 -34.76 -21.21
C LYS B 424 13.40 -35.45 -20.25
N GLN B 425 13.58 -36.77 -20.09
CA GLN B 425 12.61 -37.57 -19.33
C GLN B 425 12.42 -37.02 -17.93
N VAL B 426 13.51 -36.66 -17.26
CA VAL B 426 13.39 -36.11 -15.92
C VAL B 426 13.16 -34.60 -15.96
N ALA B 427 13.66 -33.93 -17.00
CA ALA B 427 13.61 -32.47 -17.04
C ALA B 427 12.19 -31.97 -17.22
N GLY B 428 11.38 -32.66 -18.02
CA GLY B 428 10.00 -32.24 -18.19
C GLY B 428 9.24 -32.20 -16.88
N THR B 429 9.31 -33.29 -16.11
CA THR B 429 8.63 -33.35 -14.82
C THR B 429 9.25 -32.37 -13.82
N MET B 430 10.57 -32.22 -13.85
CA MET B 430 11.21 -31.24 -12.96
C MET B 430 10.70 -29.84 -13.26
N LYS B 431 10.59 -29.50 -14.54
CA LYS B 431 10.11 -28.19 -14.96
C LYS B 431 8.68 -27.97 -14.50
N LEU B 432 7.81 -28.95 -14.72
CA LEU B 432 6.41 -28.80 -14.31
C LEU B 432 6.30 -28.65 -12.79
N GLU B 433 7.01 -29.48 -12.04
CA GLU B 433 6.97 -29.40 -10.59
C GLU B 433 7.49 -28.05 -10.10
N LEU B 434 8.59 -27.57 -10.68
CA LEU B 434 9.15 -26.30 -10.26
C LEU B 434 8.22 -25.14 -10.60
N ALA B 435 7.57 -25.20 -11.76
CA ALA B 435 6.59 -24.18 -12.10
C ALA B 435 5.46 -24.14 -11.07
N GLN B 436 4.91 -25.32 -10.75
CA GLN B 436 3.83 -25.36 -9.77
C GLN B 436 4.30 -24.88 -8.41
N TYR B 437 5.53 -25.23 -8.02
CA TYR B 437 6.09 -24.77 -6.75
C TYR B 437 6.25 -23.25 -6.74
N ARG B 438 6.71 -22.68 -7.84
CA ARG B 438 6.85 -21.23 -7.93
C ARG B 438 5.49 -20.54 -7.81
N GLU B 439 4.46 -21.12 -8.44
CA GLU B 439 3.16 -20.49 -8.43
C GLU B 439 2.54 -20.47 -7.03
N VAL B 440 2.81 -21.47 -6.21
CA VAL B 440 2.13 -21.64 -4.94
C VAL B 440 2.95 -21.13 -3.76
N ALA B 441 4.28 -21.27 -3.81
CA ALA B 441 5.12 -20.92 -2.66
C ALA B 441 5.77 -19.56 -2.88
N ALA B 442 4.93 -18.53 -2.85
CA ALA B 442 5.40 -17.16 -2.94
C ALA B 442 4.69 -16.28 -1.93
N PHE B 443 4.44 -16.82 -0.73
CA PHE B 443 3.68 -16.08 0.27
C PHE B 443 4.48 -15.84 1.54
N ALA B 444 5.10 -16.89 2.09
CA ALA B 444 5.79 -16.84 3.37
C ALA B 444 4.88 -16.45 4.53
N GLN B 445 3.58 -16.72 4.40
CA GLN B 445 2.56 -16.40 5.40
C GLN B 445 1.71 -17.62 5.69
N PHE B 446 2.37 -18.75 5.96
CA PHE B 446 1.69 -20.02 6.15
C PHE B 446 0.63 -19.90 7.25
N GLY B 447 -0.58 -20.38 6.94
CA GLY B 447 -1.71 -20.26 7.84
C GLY B 447 -1.55 -20.95 9.17
N ASP B 449 -2.09 -24.72 5.34
CA ASP B 449 -2.57 -25.84 6.14
C ASP B 449 -3.10 -26.95 5.25
N LEU B 450 -2.48 -27.10 4.08
CA LEU B 450 -2.88 -28.08 3.07
C LEU B 450 -1.66 -28.95 2.77
N ASP B 451 -1.50 -30.01 3.56
CA ASP B 451 -0.35 -30.89 3.40
C ASP B 451 -0.41 -31.63 2.07
N ALA B 452 -1.56 -32.26 1.78
CA ALA B 452 -1.70 -33.05 0.57
C ALA B 452 -1.48 -32.22 -0.69
N ALA B 453 -1.95 -30.97 -0.71
CA ALA B 453 -1.91 -30.19 -1.94
C ALA B 453 -0.67 -29.30 -2.02
N THR B 454 -0.53 -28.39 -1.05
CA THR B 454 0.53 -27.40 -1.10
C THR B 454 1.82 -27.93 -0.48
N GLN B 455 1.78 -28.33 0.79
CA GLN B 455 2.99 -28.70 1.50
C GLN B 455 3.73 -29.84 0.79
N GLN B 456 2.98 -30.75 0.18
CA GLN B 456 3.61 -31.77 -0.66
C GLN B 456 4.32 -31.13 -1.85
N LEU B 457 3.65 -30.21 -2.52
CA LEU B 457 4.24 -29.58 -3.70
C LEU B 457 5.45 -28.73 -3.35
N LEU B 458 5.31 -27.88 -2.32
CA LEU B 458 6.39 -26.95 -2.02
C LEU B 458 7.62 -27.65 -1.45
N SER B 459 7.43 -28.75 -0.73
CA SER B 459 8.58 -29.54 -0.28
C SER B 459 9.36 -30.08 -1.48
N ARG B 460 8.64 -30.63 -2.46
CA ARG B 460 9.30 -31.09 -3.68
C ARG B 460 10.00 -29.95 -4.40
N GLY B 461 9.37 -28.76 -4.43
CA GLY B 461 10.00 -27.62 -5.05
C GLY B 461 11.30 -27.23 -4.37
N VAL B 462 11.30 -27.21 -3.03
CA VAL B 462 12.52 -26.92 -2.28
C VAL B 462 13.59 -27.96 -2.59
N ARG B 463 13.19 -29.24 -2.62
CA ARG B 463 14.13 -30.30 -2.94
C ARG B 463 14.76 -30.09 -4.32
N LEU B 464 13.93 -29.76 -5.31
CA LEU B 464 14.44 -29.57 -6.66
C LEU B 464 15.32 -28.34 -6.76
N THR B 465 15.00 -27.28 -6.01
CA THR B 465 15.85 -26.09 -6.01
C THR B 465 17.21 -26.39 -5.41
N GLU B 466 17.24 -27.09 -4.28
CA GLU B 466 18.51 -27.49 -3.70
C GLU B 466 19.29 -28.37 -4.68
N LEU B 467 18.58 -29.22 -5.41
CA LEU B 467 19.21 -30.02 -6.46
C LEU B 467 19.82 -29.13 -7.54
N LEU B 468 19.12 -28.06 -7.91
CA LEU B 468 19.61 -27.19 -8.98
C LEU B 468 20.83 -26.39 -8.53
N LYS B 469 20.91 -26.06 -7.23
CA LYS B 469 22.07 -25.33 -6.73
C LYS B 469 23.37 -26.08 -7.05
N GLN B 470 24.35 -25.34 -7.57
CA GLN B 470 25.62 -25.93 -8.00
C GLN B 470 26.76 -24.98 -7.69
N GLY B 471 27.93 -25.56 -7.40
CA GLY B 471 29.12 -24.78 -7.14
C GLY B 471 29.79 -24.28 -8.40
N GLN B 472 30.94 -23.65 -8.20
CA GLN B 472 31.68 -23.00 -9.27
C GLN B 472 32.86 -23.84 -9.72
N TYR B 473 33.17 -23.77 -11.01
CA TYR B 473 34.30 -24.49 -11.62
C TYR B 473 34.21 -25.99 -11.38
N ALA B 474 32.99 -26.53 -11.43
CA ALA B 474 32.74 -27.96 -11.27
C ALA B 474 31.62 -28.39 -12.20
N PRO B 475 31.87 -28.41 -13.51
CA PRO B 475 30.84 -28.84 -14.45
C PRO B 475 30.54 -30.33 -14.30
N MET B 476 29.26 -30.67 -14.32
CA MET B 476 28.82 -32.06 -14.21
C MET B 476 28.51 -32.62 -15.59
N ALA B 477 28.91 -33.87 -15.81
CA ALA B 477 28.56 -34.56 -17.04
C ALA B 477 27.05 -34.79 -17.10
N ILE B 478 26.52 -34.87 -18.31
CA ILE B 478 25.08 -34.91 -18.50
C ILE B 478 24.47 -36.12 -17.81
N GLU B 479 25.16 -37.25 -17.83
CA GLU B 479 24.64 -38.45 -17.17
C GLU B 479 24.54 -38.25 -15.66
N GLU B 480 25.53 -37.59 -15.07
CA GLU B 480 25.48 -37.34 -13.63
C GLU B 480 24.34 -36.38 -13.28
N GLN B 481 24.13 -35.36 -14.12
CA GLN B 481 22.98 -34.49 -13.93
C GLN B 481 21.68 -35.28 -14.01
N VAL B 482 21.59 -36.20 -14.98
CA VAL B 482 20.41 -37.04 -15.09
C VAL B 482 20.23 -37.87 -13.83
N ALA B 483 21.32 -38.41 -13.29
CA ALA B 483 21.24 -39.21 -12.08
C ALA B 483 20.69 -38.39 -10.92
N VAL B 484 21.26 -37.21 -10.67
CA VAL B 484 20.85 -36.42 -9.51
C VAL B 484 19.43 -35.89 -9.70
N ILE B 485 19.12 -35.41 -10.91
CA ILE B 485 17.77 -34.92 -11.19
C ILE B 485 16.75 -36.03 -11.08
N TYR B 486 17.12 -37.25 -11.50
CA TYR B 486 16.30 -38.42 -11.27
C TYR B 486 16.04 -38.63 -9.80
N ALA B 487 17.11 -38.63 -9.00
CA ALA B 487 17.00 -38.85 -7.56
C ALA B 487 16.02 -37.87 -6.94
N GLY B 488 16.10 -36.60 -7.36
CA GLY B 488 15.20 -35.59 -6.80
C GLY B 488 13.78 -35.65 -7.34
N VAL B 489 13.63 -35.94 -8.64
CA VAL B 489 12.33 -35.83 -9.29
C VAL B 489 11.47 -37.05 -9.02
N ARG B 490 12.07 -38.19 -8.69
CA ARG B 490 11.24 -39.37 -8.42
C ARG B 490 10.64 -39.36 -7.03
N GLY B 491 10.89 -38.31 -6.25
CA GLY B 491 10.42 -38.24 -4.88
C GLY B 491 11.27 -38.97 -3.88
N TYR B 492 12.39 -39.56 -4.32
CA TYR B 492 13.24 -40.32 -3.41
C TYR B 492 13.87 -39.41 -2.36
N LEU B 493 14.08 -38.14 -2.68
CA LEU B 493 14.68 -37.18 -1.77
C LEU B 493 13.66 -36.32 -1.04
N ASP B 494 12.37 -36.57 -1.24
CA ASP B 494 11.35 -35.77 -0.57
C ASP B 494 11.47 -35.87 0.94
N LYS B 495 11.81 -37.05 1.45
CA LYS B 495 11.99 -37.23 2.89
C LYS B 495 13.29 -36.59 3.38
N LEU B 496 14.29 -36.48 2.51
CA LEU B 496 15.57 -35.93 2.89
C LEU B 496 15.43 -34.48 3.35
N GLU B 497 16.25 -34.12 4.34
CA GLU B 497 16.18 -32.79 4.92
C GLU B 497 16.51 -31.72 3.87
N PRO B 498 15.76 -30.62 3.85
CA PRO B 498 15.98 -29.58 2.82
C PRO B 498 17.37 -28.97 2.85
N SER B 499 18.00 -28.89 4.02
CA SER B 499 19.36 -28.38 4.10
C SER B 499 20.41 -29.47 3.95
N LYS B 500 20.00 -30.74 3.97
CA LYS B 500 20.92 -31.86 3.73
C LYS B 500 20.85 -32.36 2.30
N ILE B 501 19.97 -31.77 1.47
CA ILE B 501 19.88 -32.19 0.07
C ILE B 501 21.21 -32.02 -0.64
N THR B 502 21.92 -30.91 -0.39
CA THR B 502 23.20 -30.68 -1.08
C THR B 502 24.22 -31.75 -0.71
N LYS B 503 24.31 -32.09 0.58
CA LYS B 503 25.21 -33.15 1.01
C LYS B 503 24.85 -34.45 0.32
N PHE B 504 23.54 -34.74 0.24
CA PHE B 504 23.11 -35.95 -0.47
C PHE B 504 23.52 -35.90 -1.92
N GLU B 505 23.39 -34.75 -2.57
CA GLU B 505 23.78 -34.59 -3.96
C GLU B 505 25.23 -34.96 -4.16
N ASN B 506 26.11 -34.36 -3.35
CA ASN B 506 27.53 -34.63 -3.48
C ASN B 506 27.85 -36.10 -3.21
N ALA B 507 27.30 -36.64 -2.12
CA ALA B 507 27.59 -38.03 -1.75
C ALA B 507 27.09 -39.00 -2.81
N PHE B 508 25.86 -38.79 -3.29
CA PHE B 508 25.29 -39.67 -4.31
C PHE B 508 26.08 -39.58 -5.61
N LEU B 509 26.48 -38.36 -6.00
CA LEU B 509 27.32 -38.22 -7.18
C LEU B 509 28.58 -39.06 -7.05
N SER B 510 29.28 -38.92 -5.92
CA SER B 510 30.51 -39.70 -5.71
C SER B 510 30.24 -41.20 -5.73
N HIS B 511 29.18 -41.63 -5.04
CA HIS B 511 28.86 -43.05 -4.95
C HIS B 511 28.57 -43.63 -6.33
N VAL B 512 27.78 -42.92 -7.13
CA VAL B 512 27.48 -43.40 -8.48
C VAL B 512 28.76 -43.49 -9.29
N ILE B 513 29.55 -42.40 -9.30
CA ILE B 513 30.74 -42.34 -10.14
C ILE B 513 31.70 -43.48 -9.78
N SER B 514 31.82 -43.79 -8.49
CA SER B 514 32.77 -44.84 -8.07
C SER B 514 32.18 -46.24 -8.29
N GLN B 515 31.06 -46.55 -7.65
CA GLN B 515 30.55 -47.91 -7.70
C GLN B 515 29.84 -48.22 -9.01
N HIS B 516 28.86 -47.40 -9.38
CA HIS B 516 27.95 -47.73 -10.47
C HIS B 516 28.33 -46.97 -11.74
N GLN B 517 29.63 -46.83 -11.96
CA GLN B 517 30.12 -46.12 -13.13
C GLN B 517 29.60 -46.75 -14.42
N ALA B 518 29.37 -48.07 -14.40
CA ALA B 518 28.77 -48.73 -15.55
C ALA B 518 27.40 -48.14 -15.88
N LEU B 519 26.62 -47.81 -14.86
CA LEU B 519 25.31 -47.19 -15.09
C LEU B 519 25.46 -45.88 -15.83
N LEU B 520 26.38 -45.02 -15.38
CA LEU B 520 26.63 -43.76 -16.06
C LEU B 520 27.08 -43.99 -17.50
N GLY B 521 27.95 -44.97 -17.71
CA GLY B 521 28.39 -45.28 -19.06
C GLY B 521 27.24 -45.71 -19.96
N LYS B 522 26.35 -46.54 -19.43
CA LYS B 522 25.19 -46.99 -20.19
C LYS B 522 24.28 -45.82 -20.53
N ILE B 523 24.01 -44.97 -19.55
CA ILE B 523 23.18 -43.78 -19.79
C ILE B 523 23.79 -42.93 -20.90
N ARG B 524 25.09 -42.69 -20.81
CA ARG B 524 25.76 -41.85 -21.80
C ARG B 524 25.72 -42.49 -23.18
N ALA B 525 26.02 -43.79 -23.25
CA ALA B 525 26.07 -44.48 -24.54
C ALA B 525 24.71 -44.51 -25.21
N ASP B 526 23.69 -44.96 -24.46
CA ASP B 526 22.35 -45.05 -25.04
C ASP B 526 21.79 -43.68 -25.37
N GLY B 527 22.05 -42.68 -24.52
CA GLY B 527 21.41 -41.40 -24.64
C GLY B 527 19.99 -41.36 -24.12
N LYS B 528 19.49 -42.46 -23.58
CA LYS B 528 18.13 -42.56 -23.09
C LYS B 528 18.10 -43.52 -21.91
N ILE B 529 17.29 -43.20 -20.90
CA ILE B 529 17.11 -44.07 -19.75
C ILE B 529 15.96 -45.01 -20.08
N SER B 530 16.30 -46.27 -20.36
CA SER B 530 15.28 -47.27 -20.65
C SER B 530 14.64 -47.74 -19.36
N GLU B 531 13.66 -48.63 -19.49
CA GLU B 531 13.00 -49.17 -18.29
C GLU B 531 13.98 -49.96 -17.44
N GLU B 532 14.84 -50.76 -18.05
CA GLU B 532 15.81 -51.54 -17.29
C GLU B 532 16.81 -50.62 -16.58
N THR B 533 17.31 -49.61 -17.29
CA THR B 533 18.20 -48.63 -16.67
C THR B 533 17.48 -47.89 -15.56
N ASP B 534 16.20 -47.60 -15.74
CA ASP B 534 15.40 -46.98 -14.69
C ASP B 534 15.33 -47.87 -13.46
N ALA B 535 15.11 -49.16 -13.66
CA ALA B 535 15.09 -50.10 -12.52
C ALA B 535 16.42 -50.11 -11.79
N LYS B 536 17.52 -50.13 -12.56
CA LYS B 536 18.84 -50.07 -11.95
C LYS B 536 19.00 -48.80 -11.12
N LEU B 537 18.57 -47.67 -11.67
CA LEU B 537 18.64 -46.40 -10.95
C LEU B 537 17.79 -46.44 -9.68
N LYS B 538 16.60 -47.03 -9.78
CA LYS B 538 15.75 -47.21 -8.60
C LYS B 538 16.51 -47.94 -7.50
N GLU B 539 17.12 -49.07 -7.86
CA GLU B 539 17.89 -49.83 -6.88
C GLU B 539 18.99 -48.98 -6.27
N ILE B 540 19.78 -48.32 -7.12
CA ILE B 540 20.93 -47.55 -6.65
C ILE B 540 20.49 -46.46 -5.68
N VAL B 541 19.51 -45.66 -6.09
CA VAL B 541 19.09 -44.51 -5.28
C VAL B 541 18.47 -44.99 -3.98
N THR B 542 17.58 -45.98 -4.04
CA THR B 542 16.96 -46.48 -2.82
C THR B 542 18.01 -47.01 -1.86
N ASN B 543 18.94 -47.82 -2.35
CA ASN B 543 19.96 -48.40 -1.49
C ASN B 543 20.82 -47.29 -0.84
N PHE B 544 21.30 -46.36 -1.66
CA PHE B 544 22.15 -45.30 -1.11
C PHE B 544 21.38 -44.41 -0.15
N LEU B 545 20.13 -44.07 -0.49
CA LEU B 545 19.30 -43.24 0.37
C LEU B 545 19.10 -43.90 1.73
N ALA B 546 18.83 -45.21 1.73
CA ALA B 546 18.72 -45.93 3.00
C ALA B 546 20.04 -45.91 3.75
N GLY B 547 21.15 -46.10 3.04
CA GLY B 547 22.46 -46.04 3.63
C GLY B 547 23.12 -44.68 3.65
N PHE B 548 22.41 -43.62 3.24
CA PHE B 548 22.99 -42.29 3.21
C PHE B 548 23.39 -41.82 4.60
N GLU B 549 22.48 -41.94 5.56
CA GLU B 549 22.74 -41.50 6.93
C GLU B 549 23.07 -42.74 7.77
N ALA B 550 24.32 -42.82 8.20
CA ALA B 550 24.78 -43.96 8.99
C ALA B 550 24.14 -43.98 10.36
N ALA C 100 24.78 5.39 -68.07
CA ALA C 100 23.73 6.39 -67.87
C ALA C 100 24.13 7.40 -66.79
N ALA C 101 24.72 8.51 -67.23
CA ALA C 101 25.11 9.58 -66.33
C ALA C 101 26.03 9.09 -65.22
N THR C 102 26.97 8.22 -65.58
CA THR C 102 27.81 7.50 -64.63
C THR C 102 28.33 8.40 -63.53
N GLY C 103 27.95 8.09 -62.28
CA GLY C 103 28.40 8.87 -61.15
C GLY C 103 29.63 8.30 -60.49
N ARG C 104 30.15 9.04 -59.53
CA ARG C 104 31.33 8.62 -58.77
C ARG C 104 31.03 8.76 -57.29
N ILE C 105 31.46 7.77 -56.51
CA ILE C 105 31.30 7.86 -55.06
C ILE C 105 32.20 8.94 -54.50
N VAL C 106 31.61 9.85 -53.72
CA VAL C 106 32.38 10.90 -53.08
C VAL C 106 32.53 10.68 -51.58
N ALA C 107 31.67 9.89 -50.95
CA ALA C 107 31.79 9.63 -49.53
C ALA C 107 31.13 8.30 -49.20
N VAL C 108 31.79 7.51 -48.34
CA VAL C 108 31.20 6.28 -47.84
C VAL C 108 31.24 6.32 -46.31
N ILE C 109 30.16 6.79 -45.71
CA ILE C 109 30.02 6.81 -44.26
C ILE C 109 28.90 5.86 -43.88
N GLY C 110 29.24 4.76 -43.21
CA GLY C 110 28.23 3.79 -42.85
C GLY C 110 27.54 3.23 -44.07
N ALA C 111 26.21 3.15 -44.00
CA ALA C 111 25.40 2.71 -45.12
C ALA C 111 25.00 3.86 -46.06
N VAL C 112 25.26 5.10 -45.65
CA VAL C 112 24.91 6.26 -46.47
C VAL C 112 26.08 6.57 -47.38
N VAL C 113 25.90 6.37 -48.68
CA VAL C 113 26.92 6.61 -49.69
C VAL C 113 26.46 7.76 -50.57
N ASP C 114 27.31 8.77 -50.70
CA ASP C 114 27.01 9.94 -51.53
C ASP C 114 27.70 9.79 -52.88
N VAL C 115 26.94 10.01 -53.96
CA VAL C 115 27.44 9.89 -55.32
C VAL C 115 27.23 11.22 -56.03
N GLN C 116 28.23 11.66 -56.79
CA GLN C 116 28.14 12.88 -57.58
C GLN C 116 27.93 12.52 -59.04
N PHE C 117 26.84 13.02 -59.63
CA PHE C 117 26.52 12.78 -61.03
C PHE C 117 26.92 14.01 -61.84
N ASP C 118 27.94 13.85 -62.69
CA ASP C 118 28.30 14.93 -63.60
C ASP C 118 27.18 15.21 -64.60
N GLU C 119 26.55 14.15 -65.08
CA GLU C 119 25.44 14.27 -66.03
C GLU C 119 24.14 14.36 -65.24
N GLY C 120 22.97 14.22 -65.85
CA GLY C 120 21.72 14.56 -65.18
C GLY C 120 21.49 13.74 -63.92
N LEU C 121 21.14 14.42 -62.84
CA LEU C 121 21.02 13.78 -61.53
C LEU C 121 19.89 12.76 -61.53
N PRO C 122 20.08 11.59 -60.93
CA PRO C 122 19.00 10.60 -60.86
C PRO C 122 17.92 11.05 -59.91
N PRO C 123 16.66 10.95 -60.30
CA PRO C 123 15.57 11.33 -59.40
C PRO C 123 15.53 10.47 -58.15
N ILE C 124 14.99 11.05 -57.08
CA ILE C 124 14.91 10.35 -55.80
C ILE C 124 14.12 9.05 -55.96
N LEU C 125 14.52 8.05 -55.18
CA LEU C 125 13.98 6.69 -55.11
C LEU C 125 14.42 5.83 -56.28
N ASN C 126 15.20 6.35 -57.23
CA ASN C 126 15.74 5.51 -58.29
C ASN C 126 16.89 4.68 -57.77
N ALA C 127 17.14 3.56 -58.43
CA ALA C 127 18.16 2.61 -58.01
C ALA C 127 19.46 2.88 -58.76
N LEU C 128 20.56 2.98 -58.02
CA LEU C 128 21.89 3.18 -58.58
C LEU C 128 22.70 1.91 -58.38
N GLU C 129 23.40 1.48 -59.42
CA GLU C 129 24.20 0.26 -59.38
C GLU C 129 25.68 0.64 -59.33
N VAL C 130 26.38 0.13 -58.32
CA VAL C 130 27.80 0.40 -58.17
C VAL C 130 28.57 -0.57 -59.06
N GLN C 131 29.38 -0.02 -59.98
CA GLN C 131 30.14 -0.83 -60.91
C GLN C 131 31.49 -1.20 -60.31
N GLY C 132 31.94 -2.42 -60.61
CA GLY C 132 33.23 -2.91 -60.15
C GLY C 132 33.15 -3.89 -59.01
N ARG C 133 32.00 -4.00 -58.35
CA ARG C 133 31.88 -4.92 -57.22
C ARG C 133 31.58 -6.33 -57.71
N GLU C 134 32.14 -7.32 -57.01
CA GLU C 134 31.94 -8.71 -57.40
C GLU C 134 30.47 -9.10 -57.33
N THR C 135 29.76 -8.67 -56.30
CA THR C 135 28.32 -8.88 -56.19
C THR C 135 27.60 -7.60 -56.59
N ARG C 136 26.28 -7.62 -56.46
CA ARG C 136 25.43 -6.50 -56.86
C ARG C 136 25.12 -5.65 -55.65
N LEU C 137 25.56 -4.39 -55.66
CA LEU C 137 25.26 -3.43 -54.62
C LEU C 137 24.39 -2.33 -55.23
N VAL C 138 23.16 -2.20 -54.72
CA VAL C 138 22.21 -1.22 -55.23
C VAL C 138 22.11 -0.08 -54.23
N LEU C 139 22.29 1.15 -54.72
CA LEU C 139 22.15 2.36 -53.92
C LEU C 139 20.87 3.07 -54.33
N GLU C 140 19.96 3.26 -53.39
CA GLU C 140 18.71 3.95 -53.66
C GLU C 140 18.84 5.41 -53.26
N VAL C 141 18.53 6.31 -54.19
CA VAL C 141 18.65 7.74 -53.93
C VAL C 141 17.68 8.14 -52.84
N ALA C 142 18.17 8.90 -51.86
CA ALA C 142 17.36 9.41 -50.76
C ALA C 142 17.19 10.91 -50.78
N GLN C 143 18.24 11.67 -51.07
CA GLN C 143 18.20 13.11 -51.03
C GLN C 143 19.04 13.69 -52.16
N HIS C 144 18.59 14.82 -52.71
CA HIS C 144 19.39 15.61 -53.63
C HIS C 144 20.12 16.67 -52.80
N LEU C 145 21.30 16.29 -52.31
CA LEU C 145 22.06 17.15 -51.42
C LEU C 145 22.38 18.50 -52.06
N GLY C 146 22.72 18.48 -53.33
CA GLY C 146 23.13 19.66 -54.05
C GLY C 146 24.46 19.45 -54.74
N GLU C 147 24.81 20.42 -55.58
CA GLU C 147 26.01 20.33 -56.42
C GLU C 147 25.99 19.04 -57.24
N SER C 148 24.79 18.65 -57.67
CA SER C 148 24.58 17.42 -58.42
C SER C 148 25.14 16.21 -57.68
N THR C 149 24.88 16.15 -56.38
CA THR C 149 25.26 15.01 -55.54
C THR C 149 24.01 14.43 -54.89
N VAL C 150 23.91 13.10 -54.88
CA VAL C 150 22.77 12.40 -54.32
C VAL C 150 23.23 11.58 -53.12
N ARG C 151 22.51 11.71 -52.01
CA ARG C 151 22.74 10.87 -50.84
C ARG C 151 21.94 9.59 -50.99
N THR C 152 22.63 8.45 -51.00
CA THR C 152 22.02 7.16 -51.29
C THR C 152 22.23 6.18 -50.15
N ILE C 153 21.21 5.38 -49.87
CA ILE C 153 21.30 4.34 -48.85
C ILE C 153 21.58 3.01 -49.55
N ALA C 154 22.67 2.36 -49.15
CA ALA C 154 23.05 1.11 -49.78
C ALA C 154 22.12 -0.01 -49.37
N MET C 155 21.81 -0.91 -50.30
CA MET C 155 20.99 -2.07 -50.04
C MET C 155 21.80 -3.31 -49.70
N ASP C 156 23.12 -3.16 -49.54
CA ASP C 156 23.98 -4.27 -49.12
C ASP C 156 25.20 -3.66 -48.45
N GLY C 157 26.20 -4.48 -48.16
CA GLY C 157 27.35 -4.00 -47.43
C GLY C 157 28.11 -2.95 -48.21
N THR C 158 28.65 -1.96 -47.49
CA THR C 158 29.43 -0.89 -48.09
C THR C 158 30.93 -1.11 -47.99
N GLU C 159 31.36 -2.27 -47.50
CA GLU C 159 32.78 -2.54 -47.39
C GLU C 159 33.38 -2.72 -48.78
N GLY C 160 34.59 -2.19 -48.97
CA GLY C 160 35.26 -2.27 -50.23
C GLY C 160 35.06 -1.08 -51.14
N LEU C 161 34.03 -0.26 -50.89
CA LEU C 161 33.83 0.92 -51.71
C LEU C 161 34.98 1.91 -51.54
N VAL C 162 35.46 2.43 -52.67
CA VAL C 162 36.55 3.38 -52.70
C VAL C 162 36.07 4.65 -53.39
N ARG C 163 36.41 5.80 -52.80
CA ARG C 163 35.99 7.08 -53.36
C ARG C 163 36.41 7.20 -54.82
N GLY C 164 35.46 7.59 -55.66
CA GLY C 164 35.68 7.69 -57.09
C GLY C 164 35.13 6.53 -57.89
N GLN C 165 34.65 5.48 -57.23
CA GLN C 165 34.14 4.31 -57.95
C GLN C 165 32.91 4.69 -58.78
N LYS C 166 32.86 4.17 -60.00
CA LYS C 166 31.78 4.52 -60.91
C LYS C 166 30.46 3.89 -60.47
N VAL C 167 29.39 4.68 -60.53
CA VAL C 167 28.05 4.22 -60.18
C VAL C 167 27.12 4.55 -61.33
N LEU C 168 26.44 3.54 -61.86
CA LEU C 168 25.47 3.74 -62.92
C LEU C 168 24.08 4.02 -62.35
N ASP C 169 23.20 4.51 -63.21
CA ASP C 169 21.81 4.79 -62.85
C ASP C 169 20.91 3.83 -63.61
N SER C 170 20.10 3.07 -62.88
CA SER C 170 19.15 2.16 -63.54
C SER C 170 18.04 2.94 -64.23
N GLY C 171 17.66 4.10 -63.68
CA GLY C 171 16.59 4.90 -64.23
C GLY C 171 15.21 4.57 -63.68
N ALA C 172 15.08 3.52 -62.89
CA ALA C 172 13.82 3.12 -62.28
C ALA C 172 14.08 2.77 -60.83
N PRO C 173 13.08 2.94 -59.96
CA PRO C 173 13.20 2.41 -58.60
C PRO C 173 13.46 0.91 -58.64
N ILE C 174 13.98 0.37 -57.54
CA ILE C 174 14.42 -1.02 -57.48
C ILE C 174 13.33 -1.91 -58.04
N LYS C 175 13.63 -2.64 -59.11
CA LYS C 175 12.66 -3.50 -59.76
C LYS C 175 12.93 -4.96 -59.42
N ILE C 176 11.86 -5.67 -59.10
CA ILE C 176 11.96 -7.05 -58.63
C ILE C 176 11.24 -7.96 -59.61
N PRO C 177 11.73 -9.18 -59.84
CA PRO C 177 10.96 -10.16 -60.61
C PRO C 177 9.67 -10.48 -59.88
N VAL C 178 8.56 -10.35 -60.59
CA VAL C 178 7.24 -10.51 -59.99
C VAL C 178 6.35 -11.27 -60.96
N GLY C 179 5.49 -12.13 -60.41
CA GLY C 179 4.63 -12.95 -61.22
C GLY C 179 4.34 -14.28 -60.54
N PRO C 180 3.67 -15.19 -61.25
CA PRO C 180 3.43 -16.52 -60.68
C PRO C 180 4.70 -17.32 -60.49
N GLU C 181 5.79 -16.94 -61.14
CA GLU C 181 7.04 -17.69 -61.03
C GLU C 181 7.80 -17.41 -59.74
N THR C 182 7.38 -16.41 -58.97
CA THR C 182 8.02 -16.15 -57.68
C THR C 182 7.53 -17.08 -56.59
N LEU C 183 6.42 -17.78 -56.82
CA LEU C 183 5.90 -18.72 -55.83
C LEU C 183 6.87 -19.87 -55.62
N GLY C 184 7.14 -20.20 -54.36
CA GLY C 184 8.10 -21.22 -54.04
C GLY C 184 9.55 -20.79 -54.14
N ARG C 185 9.81 -19.51 -54.33
CA ARG C 185 11.16 -18.98 -54.49
C ARG C 185 11.45 -17.95 -53.40
N ILE C 186 12.67 -17.95 -52.90
CA ILE C 186 13.13 -16.96 -51.93
C ILE C 186 13.89 -15.87 -52.67
N MET C 187 13.49 -14.62 -52.47
CA MET C 187 14.11 -13.48 -53.14
C MET C 187 14.55 -12.44 -52.12
N ASN C 188 15.56 -11.67 -52.50
CA ASN C 188 16.13 -10.66 -51.63
C ASN C 188 15.39 -9.33 -51.81
N VAL C 189 15.88 -8.29 -51.13
CA VAL C 189 15.28 -6.96 -51.26
C VAL C 189 15.37 -6.47 -52.70
N ILE C 190 16.46 -6.80 -53.39
CA ILE C 190 16.68 -6.32 -54.75
C ILE C 190 16.17 -7.37 -55.73
N GLY C 191 15.36 -8.29 -55.25
CA GLY C 191 14.75 -9.31 -56.08
C GLY C 191 15.73 -10.27 -56.71
N GLU C 192 16.66 -10.78 -55.92
CA GLU C 192 17.62 -11.76 -56.39
C GLU C 192 17.35 -13.11 -55.76
N PRO C 193 17.32 -14.20 -56.54
CA PRO C 193 17.07 -15.52 -55.96
C PRO C 193 18.15 -15.90 -54.97
N ILE C 194 17.73 -16.17 -53.73
CA ILE C 194 18.65 -16.56 -52.66
C ILE C 194 18.41 -17.99 -52.21
N ASP C 195 17.62 -18.75 -52.96
CA ASP C 195 17.35 -20.14 -52.66
C ASP C 195 18.27 -21.10 -53.42
N GLU C 196 19.19 -20.56 -54.22
CA GLU C 196 20.12 -21.36 -55.01
C GLU C 196 19.38 -22.32 -55.94
N ARG C 197 18.30 -21.84 -56.55
CA ARG C 197 17.50 -22.62 -57.49
C ARG C 197 17.47 -21.99 -58.88
N GLY C 198 18.45 -21.16 -59.21
CA GLY C 198 18.50 -20.53 -60.50
C GLY C 198 17.74 -19.23 -60.56
N PRO C 199 17.83 -18.55 -61.70
CA PRO C 199 17.18 -17.23 -61.83
C PRO C 199 15.67 -17.35 -61.80
N ILE C 200 15.02 -16.33 -61.23
CA ILE C 200 13.56 -16.24 -61.19
C ILE C 200 13.11 -15.68 -62.53
N LYS C 201 12.59 -16.54 -63.40
CA LYS C 201 12.25 -16.14 -64.77
C LYS C 201 10.79 -15.69 -64.82
N THR C 202 10.58 -14.42 -64.47
CA THR C 202 9.29 -13.77 -64.57
C THR C 202 9.30 -12.80 -65.74
N LYS C 203 8.21 -12.77 -66.49
CA LYS C 203 8.11 -11.90 -67.65
C LYS C 203 7.68 -10.48 -67.30
N GLN C 204 7.39 -10.20 -66.02
CA GLN C 204 6.96 -8.89 -65.60
C GLN C 204 7.80 -8.42 -64.42
N PHE C 205 8.32 -7.20 -64.51
CA PHE C 205 9.11 -6.60 -63.45
C PHE C 205 8.39 -5.38 -62.91
N ALA C 206 8.38 -5.24 -61.58
CA ALA C 206 7.70 -4.15 -60.92
C ALA C 206 8.63 -3.49 -59.91
N ALA C 207 8.47 -2.18 -59.74
CA ALA C 207 9.28 -1.42 -58.79
C ALA C 207 8.72 -1.54 -57.39
N ILE C 208 9.62 -1.56 -56.40
CA ILE C 208 9.17 -1.68 -55.02
C ILE C 208 8.40 -0.44 -54.59
N HIS C 209 8.78 0.74 -55.06
CA HIS C 209 8.11 1.98 -54.70
C HIS C 209 6.96 2.24 -55.66
N ALA C 210 5.79 2.55 -55.12
CA ALA C 210 4.61 2.81 -55.92
C ALA C 210 3.63 3.64 -55.09
N GLU C 211 2.66 4.23 -55.76
CA GLU C 211 1.67 5.05 -55.08
C GLU C 211 0.67 4.19 -54.33
N ALA C 212 -0.02 4.80 -53.39
CA ALA C 212 -1.00 4.10 -52.59
C ALA C 212 -2.34 4.02 -53.32
N PRO C 213 -3.15 2.99 -53.04
CA PRO C 213 -4.49 2.93 -53.64
C PRO C 213 -5.33 4.13 -53.24
N GLU C 214 -6.21 4.53 -54.15
CA GLU C 214 -6.99 5.74 -53.96
C GLU C 214 -8.18 5.51 -53.03
N PHE C 215 -8.77 6.61 -52.56
CA PHE C 215 -9.90 6.51 -51.66
C PHE C 215 -11.10 5.86 -52.32
N MET C 216 -11.34 6.19 -53.59
CA MET C 216 -12.46 5.58 -54.31
C MET C 216 -12.22 4.12 -54.64
N GLU C 217 -11.02 3.59 -54.39
CA GLU C 217 -10.72 2.18 -54.60
C GLU C 217 -10.85 1.37 -53.33
N MET C 218 -11.17 2.00 -52.20
CA MET C 218 -11.28 1.29 -50.94
C MET C 218 -12.57 0.49 -50.87
N SER C 219 -12.48 -0.76 -50.40
CA SER C 219 -13.64 -1.60 -50.20
C SER C 219 -14.21 -1.36 -48.81
N VAL C 220 -15.53 -1.49 -48.69
CA VAL C 220 -16.23 -1.23 -47.44
C VAL C 220 -16.86 -2.49 -46.86
N GLU C 221 -16.57 -3.65 -47.43
CA GLU C 221 -17.09 -4.90 -46.89
C GLU C 221 -16.27 -5.34 -45.68
N GLN C 222 -16.93 -6.07 -44.77
CA GLN C 222 -16.27 -6.60 -43.58
C GLN C 222 -16.80 -8.01 -43.32
N GLU C 223 -16.04 -9.01 -43.77
CA GLU C 223 -16.37 -10.41 -43.50
C GLU C 223 -15.67 -10.83 -42.21
N ILE C 224 -15.69 -12.12 -41.91
CA ILE C 224 -15.03 -12.66 -40.73
C ILE C 224 -14.19 -13.87 -41.15
N LEU C 225 -12.95 -13.92 -40.68
CA LEU C 225 -12.03 -15.02 -40.96
C LEU C 225 -11.89 -15.85 -39.68
N VAL C 226 -12.36 -17.10 -39.74
CA VAL C 226 -12.32 -17.99 -38.59
C VAL C 226 -10.96 -18.68 -38.58
N THR C 227 -10.03 -18.16 -37.77
CA THR C 227 -8.71 -18.76 -37.66
C THR C 227 -8.75 -20.09 -36.93
N GLY C 228 -9.68 -20.24 -35.99
CA GLY C 228 -9.75 -21.41 -35.14
C GLY C 228 -9.24 -21.18 -33.73
N ILE C 229 -8.62 -20.03 -33.48
CA ILE C 229 -8.15 -19.70 -32.14
C ILE C 229 -9.30 -19.15 -31.33
N LYS C 230 -9.51 -19.70 -30.13
CA LYS C 230 -10.64 -19.29 -29.31
C LYS C 230 -10.54 -17.81 -28.93
N VAL C 231 -9.36 -17.36 -28.53
CA VAL C 231 -9.21 -15.97 -28.09
C VAL C 231 -9.50 -15.02 -29.25
N VAL C 232 -8.89 -15.29 -30.41
CA VAL C 232 -9.02 -14.39 -31.55
C VAL C 232 -10.46 -14.38 -32.06
N ASP C 233 -11.00 -15.56 -32.37
CA ASP C 233 -12.32 -15.63 -33.00
C ASP C 233 -13.40 -15.02 -32.12
N LEU C 234 -13.30 -15.21 -30.81
CA LEU C 234 -14.33 -14.72 -29.89
C LEU C 234 -14.12 -13.24 -29.58
N LEU C 235 -12.95 -12.90 -29.01
CA LEU C 235 -12.74 -11.54 -28.52
C LEU C 235 -12.41 -10.58 -29.67
N ALA C 236 -11.44 -10.92 -30.50
CA ALA C 236 -10.97 -10.02 -31.55
C ALA C 236 -11.00 -10.74 -32.89
N PRO C 237 -12.18 -10.93 -33.47
CA PRO C 237 -12.28 -11.71 -34.71
C PRO C 237 -11.56 -11.02 -35.85
N TYR C 238 -10.76 -11.80 -36.58
CA TYR C 238 -10.11 -11.28 -37.76
C TYR C 238 -11.11 -11.18 -38.90
N ALA C 239 -10.81 -10.32 -39.87
CA ALA C 239 -11.68 -10.06 -41.00
C ALA C 239 -10.96 -10.41 -42.30
N LYS C 240 -11.71 -10.97 -43.24
CA LYS C 240 -11.15 -11.27 -44.55
C LYS C 240 -10.86 -9.95 -45.28
N GLY C 241 -9.61 -9.76 -45.67
CA GLY C 241 -9.18 -8.55 -46.32
C GLY C 241 -8.69 -7.47 -45.38
N GLY C 242 -9.07 -7.53 -44.11
CA GLY C 242 -8.62 -6.55 -43.17
C GLY C 242 -7.15 -6.69 -42.82
N LYS C 243 -6.61 -5.67 -42.19
CA LYS C 243 -5.22 -5.64 -41.79
C LYS C 243 -5.11 -6.09 -40.33
N ILE C 244 -4.54 -7.28 -40.12
CA ILE C 244 -4.40 -7.88 -38.79
C ILE C 244 -3.05 -7.51 -38.22
N GLY C 245 -3.00 -7.20 -36.93
CA GLY C 245 -1.75 -6.89 -36.28
C GLY C 245 -1.46 -7.70 -35.03
N LEU C 246 -0.32 -8.38 -35.01
CA LEU C 246 0.09 -9.21 -33.88
C LEU C 246 1.09 -8.44 -33.01
N PHE C 247 0.57 -7.51 -32.21
CA PHE C 247 1.41 -6.77 -31.29
C PHE C 247 1.95 -7.68 -30.19
N GLY C 248 3.20 -7.50 -29.84
CA GLY C 248 3.81 -8.28 -28.77
C GLY C 248 5.24 -7.88 -28.54
N GLY C 249 5.76 -8.28 -27.39
CA GLY C 249 7.15 -8.03 -27.04
C GLY C 249 8.09 -9.07 -27.60
N ALA C 250 9.16 -9.33 -26.87
CA ALA C 250 10.15 -10.32 -27.24
C ALA C 250 9.87 -11.61 -26.50
N GLY C 251 9.81 -12.71 -27.24
CA GLY C 251 9.53 -14.01 -26.64
C GLY C 251 8.14 -14.15 -26.07
N VAL C 252 7.15 -13.53 -26.70
CA VAL C 252 5.78 -13.57 -26.21
C VAL C 252 4.88 -14.48 -27.04
N GLY C 253 5.25 -14.77 -28.28
CA GLY C 253 4.45 -15.65 -29.11
C GLY C 253 4.08 -15.10 -30.47
N LYS C 254 4.69 -13.98 -30.88
CA LYS C 254 4.36 -13.40 -32.18
C LYS C 254 4.70 -14.35 -33.32
N THR C 255 5.93 -14.85 -33.35
CA THR C 255 6.36 -15.73 -34.44
C THR C 255 5.58 -17.04 -34.43
N VAL C 256 5.40 -17.63 -33.25
CA VAL C 256 4.64 -18.88 -33.16
C VAL C 256 3.21 -18.67 -33.60
N LEU C 257 2.60 -17.56 -33.16
CA LEU C 257 1.22 -17.27 -33.54
C LEU C 257 1.08 -17.07 -35.04
N ILE C 258 2.02 -16.32 -35.64
CA ILE C 258 1.93 -16.05 -37.08
C ILE C 258 2.14 -17.33 -37.88
N MET C 259 3.05 -18.20 -37.41
CA MET C 259 3.23 -19.47 -38.10
C MET C 259 1.99 -20.34 -37.96
N GLU C 260 1.34 -20.31 -36.79
CA GLU C 260 0.10 -21.06 -36.62
C GLU C 260 -1.00 -20.50 -37.53
N LEU C 261 -1.05 -19.18 -37.68
CA LEU C 261 -2.00 -18.58 -38.60
C LEU C 261 -1.74 -19.01 -40.03
N ILE C 262 -0.46 -19.09 -40.41
CA ILE C 262 -0.11 -19.60 -41.73
C ILE C 262 -0.60 -21.03 -41.89
N ASN C 263 -0.36 -21.85 -40.87
CA ASN C 263 -0.76 -23.26 -40.94
C ASN C 263 -2.27 -23.41 -41.07
N ASN C 264 -3.03 -22.62 -40.31
CA ASN C 264 -4.48 -22.80 -40.26
C ASN C 264 -5.17 -22.15 -41.45
N VAL C 265 -4.77 -20.93 -41.81
CA VAL C 265 -5.49 -20.13 -42.79
C VAL C 265 -4.86 -20.26 -44.17
N ALA C 266 -3.56 -19.94 -44.26
CA ALA C 266 -2.89 -19.88 -45.56
C ALA C 266 -2.97 -21.23 -46.28
N LYS C 267 -2.72 -22.32 -45.55
CA LYS C 267 -2.81 -23.64 -46.17
C LYS C 267 -4.21 -23.90 -46.71
N ALA C 268 -5.24 -23.58 -45.93
CA ALA C 268 -6.61 -23.75 -46.40
C ALA C 268 -6.93 -22.77 -47.53
N HIS C 269 -6.46 -21.53 -47.42
CA HIS C 269 -6.77 -20.51 -48.41
C HIS C 269 -6.25 -20.91 -49.78
N GLY C 270 -7.13 -20.88 -50.78
CA GLY C 270 -6.73 -21.22 -52.13
C GLY C 270 -5.80 -20.21 -52.76
N GLY C 271 -5.98 -18.92 -52.47
CA GLY C 271 -5.13 -17.90 -53.05
C GLY C 271 -3.71 -17.98 -52.54
N TYR C 272 -2.81 -17.38 -53.31
CA TYR C 272 -1.40 -17.41 -52.97
C TYR C 272 -1.13 -16.54 -51.74
N SER C 273 0.04 -16.74 -51.13
CA SER C 273 0.46 -15.99 -49.97
C SER C 273 1.89 -15.50 -50.17
N VAL C 274 2.25 -14.45 -49.44
CA VAL C 274 3.60 -13.91 -49.48
C VAL C 274 4.07 -13.72 -48.03
N PHE C 275 5.29 -14.17 -47.74
CA PHE C 275 5.90 -13.98 -46.43
C PHE C 275 7.07 -13.03 -46.58
N ALA C 276 7.04 -11.93 -45.82
CA ALA C 276 8.10 -10.93 -45.85
C ALA C 276 8.81 -10.95 -44.49
N GLY C 277 9.98 -11.57 -44.45
CA GLY C 277 10.75 -11.68 -43.23
C GLY C 277 11.60 -10.45 -42.95
N VAL C 278 10.97 -9.37 -42.51
CA VAL C 278 11.66 -8.11 -42.30
C VAL C 278 12.39 -8.15 -40.97
N GLY C 279 13.72 -8.09 -41.02
CA GLY C 279 14.55 -7.98 -39.83
C GLY C 279 14.30 -9.04 -38.77
N GLU C 280 14.31 -10.30 -39.18
CA GLU C 280 14.07 -11.41 -38.27
C GLU C 280 15.30 -12.32 -38.22
N ARG C 281 15.23 -13.33 -37.38
CA ARG C 281 16.33 -14.29 -37.27
C ARG C 281 16.41 -15.14 -38.52
N THR C 282 17.63 -15.32 -39.04
CA THR C 282 17.82 -16.14 -40.24
C THR C 282 17.41 -17.58 -39.98
N ARG C 283 17.66 -18.08 -38.77
CA ARG C 283 17.29 -19.44 -38.42
C ARG C 283 15.79 -19.67 -38.61
N GLU C 284 14.97 -18.72 -38.18
CA GLU C 284 13.53 -18.83 -38.35
C GLU C 284 13.15 -18.85 -39.82
N GLY C 285 13.86 -18.08 -40.65
CA GLY C 285 13.59 -18.11 -42.08
C GLY C 285 13.82 -19.47 -42.68
N ASN C 286 14.95 -20.11 -42.33
CA ASN C 286 15.22 -21.45 -42.81
C ASN C 286 14.20 -22.45 -42.28
N ASP C 287 13.82 -22.31 -41.02
CA ASP C 287 12.81 -23.19 -40.44
C ASP C 287 11.50 -23.08 -41.20
N LEU C 288 11.07 -21.86 -41.50
CA LEU C 288 9.84 -21.67 -42.27
C LEU C 288 9.97 -22.26 -43.66
N TYR C 289 11.12 -22.03 -44.32
CA TYR C 289 11.30 -22.54 -45.67
C TYR C 289 11.22 -24.06 -45.71
N HIS C 290 11.93 -24.73 -44.79
CA HIS C 290 11.89 -26.19 -44.75
C HIS C 290 10.51 -26.70 -44.36
N GLU C 291 9.86 -26.04 -43.41
CA GLU C 291 8.54 -26.48 -42.96
C GLU C 291 7.53 -26.43 -44.09
N MET C 292 7.54 -25.35 -44.87
CA MET C 292 6.60 -25.25 -45.97
C MET C 292 6.93 -26.24 -47.09
N ILE C 293 8.21 -26.60 -47.24
CA ILE C 293 8.58 -27.60 -48.24
C ILE C 293 7.95 -28.95 -47.90
N GLU C 294 8.09 -29.38 -46.65
CA GLU C 294 7.49 -30.67 -46.25
C GLU C 294 5.98 -30.56 -46.13
N SER C 295 5.48 -29.40 -45.69
CA SER C 295 4.03 -29.22 -45.60
C SER C 295 3.37 -29.26 -46.98
N GLY C 296 4.12 -28.94 -48.03
CA GLY C 296 3.60 -28.93 -49.38
C GLY C 296 3.24 -27.57 -49.91
N VAL C 297 3.27 -26.54 -49.08
CA VAL C 297 2.95 -25.19 -49.54
C VAL C 297 3.95 -24.74 -50.60
N ILE C 298 5.22 -25.11 -50.43
CA ILE C 298 6.26 -24.89 -51.42
C ILE C 298 6.66 -26.24 -52.00
N ASN C 299 6.52 -26.39 -53.30
CA ASN C 299 6.89 -27.62 -54.00
C ASN C 299 8.11 -27.33 -54.86
N LEU C 300 9.25 -27.93 -54.49
CA LEU C 300 10.46 -27.73 -55.27
C LEU C 300 10.44 -28.50 -56.59
N LYS C 301 9.58 -29.50 -56.72
CA LYS C 301 9.52 -30.32 -57.92
C LYS C 301 8.52 -29.78 -58.94
N ASP C 302 7.26 -29.66 -58.54
CA ASP C 302 6.21 -29.17 -59.43
C ASP C 302 6.13 -27.65 -59.33
N ALA C 303 5.08 -27.07 -59.92
CA ALA C 303 4.87 -25.63 -59.93
C ALA C 303 3.54 -25.27 -59.26
N THR C 304 3.21 -25.99 -58.18
CA THR C 304 1.98 -25.75 -57.44
C THR C 304 2.23 -25.04 -56.12
N SER C 305 3.39 -24.40 -55.97
CA SER C 305 3.69 -23.68 -54.74
C SER C 305 2.71 -22.52 -54.55
N LYS C 306 2.33 -22.27 -53.30
CA LYS C 306 1.29 -21.28 -53.00
C LYS C 306 1.79 -20.14 -52.12
N VAL C 307 3.09 -20.06 -51.84
CA VAL C 307 3.62 -19.02 -50.97
C VAL C 307 4.97 -18.56 -51.52
N ALA C 308 5.11 -17.26 -51.70
CA ALA C 308 6.38 -16.65 -52.09
C ALA C 308 7.07 -16.08 -50.85
N LEU C 309 8.41 -16.11 -50.87
CA LEU C 309 9.22 -15.73 -49.72
C LEU C 309 10.13 -14.57 -50.10
N VAL C 310 10.03 -13.47 -49.37
CA VAL C 310 10.97 -12.36 -49.43
C VAL C 310 11.60 -12.24 -48.05
N TYR C 311 12.92 -12.37 -47.98
CA TYR C 311 13.63 -12.37 -46.71
C TYR C 311 14.74 -11.32 -46.71
N GLY C 312 14.67 -10.38 -45.76
CA GLY C 312 15.85 -9.66 -45.35
C GLY C 312 16.04 -9.77 -43.85
N GLN C 313 17.02 -10.54 -43.42
CA GLN C 313 17.17 -10.80 -41.99
C GLN C 313 17.93 -9.66 -41.32
N MET C 314 18.10 -9.78 -40.00
CA MET C 314 18.86 -8.79 -39.26
C MET C 314 20.34 -8.80 -39.65
N ASN C 315 20.81 -9.88 -40.28
CA ASN C 315 22.18 -9.87 -40.80
C ASN C 315 22.36 -8.83 -41.90
N GLU C 316 21.27 -8.47 -42.58
CA GLU C 316 21.34 -7.51 -43.65
C GLU C 316 21.62 -6.10 -43.11
N PRO C 317 22.17 -5.22 -43.94
CA PRO C 317 22.44 -3.86 -43.51
C PRO C 317 21.15 -3.10 -43.25
N PRO C 318 21.22 -1.98 -42.51
CA PRO C 318 19.98 -1.24 -42.18
C PRO C 318 19.19 -0.82 -43.41
N GLY C 319 19.87 -0.43 -44.50
CA GLY C 319 19.15 -0.04 -45.69
C GLY C 319 18.31 -1.17 -46.26
N ALA C 320 18.88 -2.38 -46.32
CA ALA C 320 18.14 -3.52 -46.88
C ALA C 320 16.93 -3.85 -46.03
N ARG C 321 17.07 -3.76 -44.70
CA ARG C 321 15.98 -4.10 -43.80
C ARG C 321 14.83 -3.10 -43.84
N ALA C 322 15.00 -1.97 -44.52
CA ALA C 322 13.97 -0.96 -44.62
C ALA C 322 13.16 -1.03 -45.91
N ARG C 323 13.52 -1.93 -46.84
CA ARG C 323 12.83 -2.05 -48.11
C ARG C 323 12.32 -3.45 -48.40
N VAL C 324 12.69 -4.45 -47.61
CA VAL C 324 12.21 -5.82 -47.84
C VAL C 324 10.70 -5.88 -47.72
N ALA C 325 10.13 -5.12 -46.77
CA ALA C 325 8.69 -5.05 -46.65
C ALA C 325 8.07 -4.49 -47.92
N LEU C 326 8.70 -3.46 -48.50
CA LEU C 326 8.20 -2.90 -49.75
C LEU C 326 8.26 -3.92 -50.88
N THR C 327 9.34 -4.69 -50.95
CA THR C 327 9.45 -5.74 -51.97
C THR C 327 8.34 -6.78 -51.80
N GLY C 328 8.13 -7.25 -50.57
CA GLY C 328 7.09 -8.23 -50.33
C GLY C 328 5.71 -7.72 -50.67
N LEU C 329 5.41 -6.49 -50.25
CA LEU C 329 4.10 -5.92 -50.56
C LEU C 329 3.94 -5.65 -52.05
N THR C 330 5.04 -5.37 -52.76
CA THR C 330 4.95 -5.25 -54.22
C THR C 330 4.56 -6.57 -54.85
N VAL C 331 5.14 -7.67 -54.36
CA VAL C 331 4.75 -8.99 -54.87
C VAL C 331 3.28 -9.26 -54.57
N ALA C 332 2.85 -8.93 -53.35
CA ALA C 332 1.44 -9.11 -52.99
C ALA C 332 0.53 -8.25 -53.87
N GLU C 333 0.96 -7.02 -54.17
CA GLU C 333 0.18 -6.14 -55.04
C GLU C 333 0.04 -6.71 -56.43
N TYR C 334 1.11 -7.31 -56.96
CA TYR C 334 0.98 -8.03 -58.23
C TYR C 334 -0.04 -9.13 -58.10
N PHE C 335 -0.01 -9.88 -57.00
CA PHE C 335 -1.00 -10.92 -56.83
C PHE C 335 -2.39 -10.38 -56.54
N ARG C 336 -2.56 -9.06 -56.45
CA ARG C 336 -3.85 -8.41 -56.23
C ARG C 336 -4.37 -7.69 -57.46
N ASP C 337 -3.52 -6.94 -58.16
CA ASP C 337 -3.99 -6.11 -59.26
C ASP C 337 -3.90 -6.84 -60.60
N GLN C 338 -2.68 -7.25 -60.98
CA GLN C 338 -2.51 -7.98 -62.23
C GLN C 338 -3.36 -9.25 -62.24
N GLU C 339 -3.31 -10.02 -61.17
CA GLU C 339 -4.16 -11.20 -61.00
C GLU C 339 -5.23 -10.89 -59.97
N GLY C 340 -6.49 -11.01 -60.38
CA GLY C 340 -7.59 -10.70 -59.49
C GLY C 340 -7.85 -11.79 -58.46
N GLN C 341 -6.89 -12.02 -57.57
CA GLN C 341 -6.95 -13.09 -56.60
C GLN C 341 -6.81 -12.52 -55.19
N ASP C 342 -7.23 -13.32 -54.22
CA ASP C 342 -7.04 -12.98 -52.82
C ASP C 342 -5.65 -13.43 -52.38
N VAL C 343 -4.93 -12.52 -51.71
CA VAL C 343 -3.57 -12.79 -51.27
C VAL C 343 -3.48 -12.65 -49.76
N LEU C 344 -2.51 -13.35 -49.17
CA LEU C 344 -2.24 -13.26 -47.74
C LEU C 344 -0.79 -12.82 -47.56
N LEU C 345 -0.61 -11.58 -47.10
CA LEU C 345 0.73 -11.06 -46.85
C LEU C 345 1.06 -11.26 -45.37
N PHE C 346 2.04 -12.12 -45.10
CA PHE C 346 2.53 -12.32 -43.74
C PHE C 346 3.89 -11.67 -43.62
N ILE C 347 3.97 -10.62 -42.79
CA ILE C 347 5.26 -9.91 -42.56
C ILE C 347 5.62 -10.11 -41.09
N ASP C 348 6.90 -10.39 -40.80
CA ASP C 348 7.34 -10.60 -39.40
C ASP C 348 8.11 -9.37 -38.92
N ASN C 349 7.76 -8.85 -37.75
CA ASN C 349 8.47 -7.68 -37.15
C ASN C 349 8.47 -6.50 -38.12
N ILE C 350 7.30 -5.96 -38.46
CA ILE C 350 7.27 -4.74 -39.31
C ILE C 350 8.08 -3.65 -38.58
N PHE C 351 8.05 -3.67 -37.25
CA PHE C 351 8.84 -2.75 -36.44
C PHE C 351 10.23 -2.53 -37.05
N ARG C 352 10.82 -3.58 -37.64
CA ARG C 352 12.15 -3.45 -38.21
C ARG C 352 12.18 -2.41 -39.33
N PHE C 353 11.07 -2.29 -40.06
CA PHE C 353 10.96 -1.26 -41.09
C PHE C 353 11.17 0.13 -40.50
N THR C 354 10.53 0.41 -39.37
CA THR C 354 10.71 1.71 -38.71
C THR C 354 12.09 1.82 -38.07
N GLN C 355 12.56 0.74 -37.43
CA GLN C 355 13.84 0.79 -36.74
C GLN C 355 14.98 1.01 -37.71
N ALA C 356 14.94 0.38 -38.88
CA ALA C 356 16.00 0.55 -39.85
C ALA C 356 16.13 2.01 -40.27
N GLY C 357 15.00 2.70 -40.43
CA GLY C 357 15.05 4.12 -40.72
C GLY C 357 15.72 4.91 -39.62
N SER C 358 15.51 4.51 -38.36
CA SER C 358 16.15 5.20 -37.24
C SER C 358 17.65 5.00 -37.24
N GLU C 359 18.13 3.90 -37.81
CA GLU C 359 19.57 3.63 -37.87
C GLU C 359 20.27 4.43 -38.95
N VAL C 360 19.53 5.07 -39.84
CA VAL C 360 20.13 5.79 -40.96
C VAL C 360 19.71 7.25 -41.03
N SER C 361 18.72 7.68 -40.25
CA SER C 361 18.25 9.06 -40.32
C SER C 361 19.35 10.05 -39.92
N ALA C 362 20.12 9.71 -38.89
CA ALA C 362 21.18 10.61 -38.44
C ALA C 362 22.20 10.86 -39.55
N LEU C 363 22.61 9.80 -40.25
CA LEU C 363 23.52 9.96 -41.37
C LEU C 363 22.86 10.68 -42.53
N LEU C 364 21.56 10.42 -42.75
CA LEU C 364 20.83 11.17 -43.78
C LEU C 364 20.75 12.65 -43.46
N GLY C 365 20.92 13.03 -42.20
CA GLY C 365 20.94 14.42 -41.81
C GLY C 365 19.67 14.96 -41.21
N ARG C 366 18.95 14.17 -40.43
CA ARG C 366 17.68 14.57 -39.83
C ARG C 366 17.83 14.73 -38.33
N ILE C 367 17.20 15.76 -37.78
CA ILE C 367 17.23 15.98 -36.34
C ILE C 367 16.41 14.90 -35.66
N PRO C 368 16.94 14.24 -34.63
CA PRO C 368 16.20 13.13 -34.01
C PRO C 368 14.85 13.59 -33.46
N SER C 369 13.86 12.73 -33.60
CA SER C 369 12.53 12.97 -33.09
C SER C 369 12.44 12.37 -31.66
N ALA C 370 11.28 12.22 -31.07
CA ALA C 370 11.18 11.82 -29.67
C ALA C 370 11.64 10.38 -29.50
N VAL C 371 12.14 10.08 -28.30
CA VAL C 371 12.78 8.82 -27.94
C VAL C 371 14.04 8.58 -28.77
N GLY C 372 14.00 8.89 -30.07
CA GLY C 372 15.13 8.61 -30.94
C GLY C 372 14.78 8.14 -32.33
N TYR C 373 13.49 8.00 -32.62
CA TYR C 373 13.08 7.59 -33.95
C TYR C 373 13.27 8.73 -34.94
N GLN C 374 13.24 8.39 -36.22
CA GLN C 374 13.40 9.39 -37.28
C GLN C 374 12.20 10.35 -37.26
N PRO C 375 12.41 11.60 -37.65
CA PRO C 375 11.28 12.53 -37.75
C PRO C 375 10.23 12.08 -38.76
N THR C 376 10.63 11.34 -39.79
CA THR C 376 9.68 10.80 -40.77
C THR C 376 9.30 9.37 -40.40
N LEU C 377 8.65 9.24 -39.25
CA LEU C 377 8.18 7.93 -38.79
C LEU C 377 6.78 7.63 -39.31
N ALA C 378 5.81 8.47 -38.93
CA ALA C 378 4.42 8.23 -39.30
C ALA C 378 4.23 8.30 -40.81
N THR C 379 4.87 9.28 -41.46
CA THR C 379 4.72 9.44 -42.91
C THR C 379 5.22 8.21 -43.66
N ASP C 380 6.42 7.75 -43.33
CA ASP C 380 6.97 6.58 -44.02
C ASP C 380 6.15 5.33 -43.70
N MET C 381 5.75 5.16 -42.43
CA MET C 381 4.95 4.01 -42.07
C MET C 381 3.62 3.99 -42.80
N GLY C 382 2.98 5.16 -42.93
CA GLY C 382 1.75 5.22 -43.71
C GLY C 382 1.97 4.93 -45.17
N THR C 383 3.01 5.52 -45.75
CA THR C 383 3.35 5.25 -47.15
C THR C 383 3.46 3.76 -47.41
N MET C 384 4.07 3.03 -46.48
CA MET C 384 4.13 1.58 -46.63
C MET C 384 2.77 0.93 -46.41
N GLN C 385 2.08 1.29 -45.31
CA GLN C 385 0.89 0.57 -44.91
C GLN C 385 -0.28 0.82 -45.84
N GLU C 386 -0.45 2.06 -46.32
CA GLU C 386 -1.59 2.36 -47.18
C GLU C 386 -1.56 1.51 -48.43
N ARG C 387 -0.36 1.15 -48.90
CA ARG C 387 -0.24 0.25 -50.05
C ARG C 387 -0.79 -1.13 -49.74
N ILE C 388 -0.65 -1.59 -48.49
CA ILE C 388 -1.12 -2.91 -48.11
C ILE C 388 -2.58 -2.79 -47.69
N THR C 389 -3.49 -2.81 -48.67
CA THR C 389 -4.91 -2.71 -48.42
C THR C 389 -5.65 -3.57 -49.44
N THR C 390 -6.93 -3.82 -49.17
CA THR C 390 -7.78 -4.58 -50.08
C THR C 390 -8.53 -3.59 -50.97
N THR C 391 -8.06 -3.42 -52.19
CA THR C 391 -8.76 -2.55 -53.12
C THR C 391 -10.02 -3.24 -53.63
N LYS C 392 -10.79 -2.50 -54.43
CA LYS C 392 -11.95 -3.10 -55.09
C LYS C 392 -11.54 -4.12 -56.13
N LYS C 393 -10.32 -4.03 -56.66
CA LYS C 393 -9.85 -5.05 -57.61
C LYS C 393 -9.63 -6.38 -56.92
N GLY C 394 -8.91 -6.39 -55.80
CA GLY C 394 -8.59 -7.63 -55.12
C GLY C 394 -8.41 -7.41 -53.63
N SER C 395 -8.33 -8.52 -52.91
CA SER C 395 -8.23 -8.52 -51.45
C SER C 395 -6.87 -9.00 -51.01
N ILE C 396 -6.34 -8.37 -49.96
CA ILE C 396 -5.07 -8.76 -49.35
C ILE C 396 -5.29 -8.80 -47.84
N THR C 397 -5.49 -10.00 -47.29
CA THR C 397 -5.56 -10.16 -45.84
C THR C 397 -4.14 -10.20 -45.29
N SER C 398 -3.73 -9.14 -44.61
CA SER C 398 -2.34 -8.98 -44.17
C SER C 398 -2.25 -9.19 -42.67
N VAL C 399 -1.38 -10.09 -42.25
CA VAL C 399 -1.07 -10.32 -40.84
C VAL C 399 0.35 -9.82 -40.60
N GLN C 400 0.49 -8.79 -39.79
CA GLN C 400 1.78 -8.17 -39.52
C GLN C 400 2.15 -8.33 -38.06
N ALA C 401 3.32 -8.91 -37.81
CA ALA C 401 3.85 -8.99 -36.45
C ALA C 401 4.56 -7.68 -36.12
N ILE C 402 4.28 -7.13 -34.95
CA ILE C 402 4.84 -5.85 -34.54
C ILE C 402 5.53 -6.04 -33.20
N TYR C 403 6.86 -5.94 -33.20
CA TYR C 403 7.60 -6.00 -31.94
C TYR C 403 7.33 -4.75 -31.12
N VAL C 404 7.00 -4.95 -29.85
CA VAL C 404 6.76 -3.84 -28.94
C VAL C 404 8.00 -3.62 -28.10
N PRO C 405 8.79 -2.58 -28.38
CA PRO C 405 10.07 -2.40 -27.69
C PRO C 405 9.89 -2.28 -26.18
N ALA C 406 10.58 -3.15 -25.44
CA ALA C 406 10.55 -3.16 -23.98
C ALA C 406 9.13 -3.29 -23.43
N ASP C 407 8.27 -3.96 -24.19
CA ASP C 407 6.86 -4.18 -23.81
C ASP C 407 6.18 -2.87 -23.47
N ASP C 408 6.54 -1.81 -24.18
CA ASP C 408 5.96 -0.48 -23.98
C ASP C 408 5.13 -0.14 -25.22
N LEU C 409 3.81 -0.32 -25.11
CA LEU C 409 2.92 0.00 -26.23
C LEU C 409 2.91 1.49 -26.54
N THR C 410 3.26 2.34 -25.58
CA THR C 410 3.31 3.77 -25.82
C THR C 410 4.48 4.18 -26.70
N ASP C 411 5.40 3.26 -26.97
CA ASP C 411 6.52 3.55 -27.85
C ASP C 411 6.00 4.02 -29.22
N PRO C 412 6.64 5.01 -29.83
CA PRO C 412 6.11 5.56 -31.10
C PRO C 412 5.93 4.54 -32.20
N ALA C 413 6.84 3.58 -32.33
CA ALA C 413 6.73 2.61 -33.43
C ALA C 413 5.47 1.77 -33.35
N PRO C 414 5.18 1.06 -32.24
CA PRO C 414 3.90 0.36 -32.18
C PRO C 414 2.70 1.28 -32.11
N ALA C 415 2.86 2.46 -31.49
CA ALA C 415 1.72 3.36 -31.32
C ALA C 415 1.16 3.82 -32.66
N THR C 416 2.05 4.18 -33.60
CA THR C 416 1.60 4.65 -34.89
C THR C 416 0.92 3.54 -35.68
N THR C 417 1.42 2.30 -35.55
CA THR C 417 0.89 1.20 -36.36
C THR C 417 -0.50 0.78 -35.92
N PHE C 418 -0.93 1.19 -34.71
CA PHE C 418 -2.27 0.83 -34.24
C PHE C 418 -3.34 1.39 -35.17
N ALA C 419 -3.17 2.63 -35.64
CA ALA C 419 -4.18 3.24 -36.49
C ALA C 419 -4.29 2.57 -37.85
N HIS C 420 -3.25 1.86 -38.30
CA HIS C 420 -3.23 1.27 -39.62
C HIS C 420 -3.79 -0.15 -39.67
N LEU C 421 -4.27 -0.68 -38.54
CA LEU C 421 -4.68 -2.07 -38.46
C LEU C 421 -6.14 -2.17 -38.02
N ASP C 422 -6.93 -2.95 -38.76
CA ASP C 422 -8.33 -3.13 -38.42
C ASP C 422 -8.49 -3.98 -37.16
N ALA C 423 -7.80 -5.11 -37.11
CA ALA C 423 -7.89 -6.04 -35.98
C ALA C 423 -6.52 -6.13 -35.31
N THR C 424 -6.48 -5.91 -34.00
CA THR C 424 -5.26 -5.93 -33.22
C THR C 424 -5.34 -7.02 -32.16
N THR C 425 -4.27 -7.80 -32.04
CA THR C 425 -4.15 -8.83 -31.01
C THR C 425 -2.84 -8.60 -30.26
N VAL C 426 -2.94 -8.12 -29.03
CA VAL C 426 -1.76 -7.80 -28.22
C VAL C 426 -1.43 -9.00 -27.33
N LEU C 427 -0.20 -9.47 -27.44
CA LEU C 427 0.28 -10.58 -26.62
C LEU C 427 0.94 -10.04 -25.36
N SER C 428 0.38 -10.37 -24.20
CA SER C 428 0.89 -9.89 -22.93
C SER C 428 1.89 -10.88 -22.35
N ARG C 429 3.04 -10.37 -21.91
CA ARG C 429 4.04 -11.23 -21.29
C ARG C 429 3.51 -11.84 -19.99
N ALA C 430 2.79 -11.06 -19.20
CA ALA C 430 2.30 -11.55 -17.91
C ALA C 430 1.43 -12.78 -18.08
N ILE C 431 0.57 -12.79 -19.11
CA ILE C 431 -0.25 -13.97 -19.39
C ILE C 431 0.62 -15.14 -19.81
N ALA C 432 1.63 -14.88 -20.63
CA ALA C 432 2.55 -15.95 -21.02
C ALA C 432 3.30 -16.48 -19.80
N GLU C 433 3.64 -15.61 -18.86
CA GLU C 433 4.23 -16.07 -17.61
C GLU C 433 3.25 -16.94 -16.84
N LEU C 434 1.96 -16.60 -16.88
CA LEU C 434 0.94 -17.48 -16.30
C LEU C 434 0.87 -18.80 -17.03
N GLY C 435 1.28 -18.85 -18.29
CA GLY C 435 1.32 -20.08 -19.06
C GLY C 435 0.29 -20.14 -20.17
N ILE C 436 -0.71 -19.26 -20.15
CA ILE C 436 -1.75 -19.26 -21.17
C ILE C 436 -1.12 -18.97 -22.52
N TYR C 437 -1.20 -19.94 -23.43
CA TYR C 437 -0.66 -19.80 -24.79
C TYR C 437 -1.77 -20.15 -25.76
N PRO C 438 -2.13 -19.24 -26.67
CA PRO C 438 -1.49 -17.95 -26.94
C PRO C 438 -1.71 -16.92 -25.83
N ALA C 439 -0.80 -15.95 -25.72
CA ALA C 439 -0.82 -14.96 -24.65
C ALA C 439 -1.63 -13.72 -25.02
N VAL C 440 -2.64 -13.88 -25.86
CA VAL C 440 -3.48 -12.76 -26.26
C VAL C 440 -4.06 -12.10 -25.03
N ASP C 441 -3.90 -10.78 -24.95
CA ASP C 441 -4.48 -10.01 -23.85
C ASP C 441 -5.97 -9.84 -24.09
N PRO C 442 -6.81 -10.49 -23.29
CA PRO C 442 -8.27 -10.43 -23.55
C PRO C 442 -8.83 -9.02 -23.45
N LEU C 443 -8.23 -8.15 -22.64
CA LEU C 443 -8.76 -6.82 -22.40
C LEU C 443 -7.99 -5.75 -23.16
N ASP C 444 -7.21 -6.12 -24.17
CA ASP C 444 -6.48 -5.14 -24.95
C ASP C 444 -6.70 -5.35 -26.44
N SER C 445 -6.93 -6.60 -26.84
CA SER C 445 -7.17 -6.91 -28.24
C SER C 445 -8.50 -6.35 -28.70
N THR C 446 -8.51 -5.78 -29.90
CA THR C 446 -9.70 -5.15 -30.45
C THR C 446 -9.80 -5.47 -31.94
N SER C 447 -11.03 -5.51 -32.44
CA SER C 447 -11.30 -5.71 -33.85
C SER C 447 -12.46 -4.82 -34.27
N ARG C 448 -12.37 -4.25 -35.47
CA ARG C 448 -13.43 -3.37 -35.96
C ARG C 448 -14.73 -4.14 -36.23
N ILE C 449 -14.63 -5.41 -36.62
CA ILE C 449 -15.84 -6.20 -36.89
C ILE C 449 -16.52 -6.67 -35.62
N MET C 450 -15.97 -6.35 -34.45
CA MET C 450 -16.61 -6.66 -33.18
C MET C 450 -17.79 -5.71 -33.02
N ASP C 451 -18.90 -6.08 -33.69
CA ASP C 451 -20.10 -5.29 -33.77
C ASP C 451 -21.23 -6.30 -33.75
N PRO C 452 -22.18 -6.19 -32.82
CA PRO C 452 -23.29 -7.15 -32.79
C PRO C 452 -24.04 -7.26 -34.11
N ASN C 453 -24.03 -6.21 -34.92
CA ASN C 453 -24.59 -6.31 -36.25
C ASN C 453 -23.78 -7.24 -37.14
N ILE C 454 -22.47 -7.29 -36.93
CA ILE C 454 -21.58 -8.03 -37.83
C ILE C 454 -21.36 -9.45 -37.32
N VAL C 455 -20.81 -9.58 -36.10
CA VAL C 455 -20.52 -10.89 -35.55
C VAL C 455 -21.75 -11.61 -35.01
N GLY C 456 -22.86 -10.92 -34.88
CA GLY C 456 -24.05 -11.53 -34.30
C GLY C 456 -24.22 -11.17 -32.84
N SER C 457 -25.48 -11.09 -32.41
CA SER C 457 -25.76 -10.66 -31.05
C SER C 457 -25.17 -11.62 -30.02
N GLU C 458 -25.37 -12.93 -30.21
CA GLU C 458 -24.87 -13.91 -29.26
C GLU C 458 -23.36 -13.83 -29.13
N HIS C 459 -22.66 -13.79 -30.27
CA HIS C 459 -21.20 -13.68 -30.25
C HIS C 459 -20.76 -12.44 -29.49
N TYR C 460 -21.35 -11.28 -29.83
CA TYR C 460 -20.98 -10.03 -29.19
C TYR C 460 -21.25 -10.08 -27.69
N ASP C 461 -22.42 -10.60 -27.31
CA ASP C 461 -22.78 -10.67 -25.90
C ASP C 461 -21.82 -11.54 -25.12
N VAL C 462 -21.48 -12.71 -25.66
CA VAL C 462 -20.56 -13.62 -24.98
C VAL C 462 -19.19 -12.99 -24.84
N ALA C 463 -18.70 -12.37 -25.92
CA ALA C 463 -17.38 -11.75 -25.87
C ALA C 463 -17.33 -10.64 -24.82
N ARG C 464 -18.34 -9.76 -24.83
CA ARG C 464 -18.37 -8.67 -23.86
C ARG C 464 -18.50 -9.21 -22.44
N GLY C 465 -19.29 -10.27 -22.24
CA GLY C 465 -19.38 -10.86 -20.92
C GLY C 465 -18.07 -11.41 -20.43
N VAL C 466 -17.33 -12.08 -21.31
CA VAL C 466 -16.00 -12.59 -20.96
C VAL C 466 -15.09 -11.43 -20.55
N GLN C 467 -15.07 -10.38 -21.36
CA GLN C 467 -14.20 -9.24 -21.05
C GLN C 467 -14.59 -8.60 -19.72
N LYS C 468 -15.89 -8.46 -19.47
CA LYS C 468 -16.35 -7.83 -18.24
C LYS C 468 -15.99 -8.67 -17.02
N ILE C 469 -16.19 -10.00 -17.11
CA ILE C 469 -15.88 -10.85 -15.97
C ILE C 469 -14.39 -10.85 -15.70
N LEU C 470 -13.56 -10.76 -16.75
CA LEU C 470 -12.13 -10.67 -16.53
C LEU C 470 -11.74 -9.33 -15.89
N GLN C 471 -12.40 -8.24 -16.30
CA GLN C 471 -12.17 -6.95 -15.65
C GLN C 471 -12.54 -7.01 -14.18
N ASP C 472 -13.68 -7.61 -13.86
CA ASP C 472 -14.11 -7.72 -12.48
C ASP C 472 -13.14 -8.58 -11.67
N TYR C 473 -12.59 -9.62 -12.30
CA TYR C 473 -11.54 -10.42 -11.65
C TYR C 473 -10.30 -9.58 -11.36
N LYS C 474 -9.89 -8.77 -12.33
CA LYS C 474 -8.78 -7.85 -12.11
C LYS C 474 -9.05 -6.95 -10.91
N SER C 475 -10.28 -6.44 -10.82
CA SER C 475 -10.66 -5.61 -9.68
C SER C 475 -10.58 -6.41 -8.38
N LEU C 476 -11.05 -7.66 -8.41
CA LEU C 476 -11.12 -8.46 -7.20
C LEU C 476 -9.74 -8.83 -6.68
N GLN C 477 -8.76 -9.00 -7.58
CA GLN C 477 -7.43 -9.41 -7.16
C GLN C 477 -6.83 -8.44 -6.14
N ASP C 478 -7.05 -7.14 -6.35
CA ASP C 478 -6.53 -6.15 -5.42
C ASP C 478 -7.11 -6.35 -4.03
N ILE C 479 -8.42 -6.62 -3.97
CA ILE C 479 -9.03 -6.93 -2.68
C ILE C 479 -8.41 -8.19 -2.08
N ILE C 480 -8.23 -9.22 -2.91
CA ILE C 480 -7.68 -10.49 -2.44
C ILE C 480 -6.37 -10.26 -1.73
N ALA C 481 -5.49 -9.45 -2.33
CA ALA C 481 -4.14 -9.28 -1.82
C ALA C 481 -4.14 -8.88 -0.35
N ILE C 482 -5.13 -8.09 0.09
CA ILE C 482 -5.19 -7.63 1.46
C ILE C 482 -6.08 -8.55 2.30
N LEU C 483 -7.33 -8.73 1.87
CA LEU C 483 -8.30 -9.46 2.68
C LEU C 483 -7.91 -10.93 2.84
N GLY C 484 -7.56 -11.58 1.76
CA GLY C 484 -7.44 -13.03 1.77
C GLY C 484 -8.55 -13.65 0.94
N MET C 485 -8.23 -14.77 0.30
CA MET C 485 -9.22 -15.44 -0.54
C MET C 485 -10.37 -16.00 0.31
N ASP C 486 -10.06 -16.48 1.51
CA ASP C 486 -11.06 -17.00 2.43
C ASP C 486 -11.81 -15.91 3.17
N GLU C 487 -11.76 -14.67 2.68
CA GLU C 487 -12.50 -13.56 3.23
C GLU C 487 -13.50 -12.96 2.27
N LEU C 488 -13.35 -13.20 0.96
CA LEU C 488 -14.25 -12.63 -0.03
C LEU C 488 -15.64 -13.23 0.12
N SER C 489 -16.62 -12.51 -0.43
CA SER C 489 -17.98 -13.02 -0.47
C SER C 489 -18.09 -14.17 -1.47
N GLU C 490 -19.17 -14.93 -1.33
CA GLU C 490 -19.39 -16.06 -2.23
C GLU C 490 -19.54 -15.60 -3.67
N GLU C 491 -20.21 -14.46 -3.88
CA GLU C 491 -20.28 -13.90 -5.23
C GLU C 491 -18.90 -13.57 -5.76
N ASP C 492 -18.05 -13.00 -4.92
CA ASP C 492 -16.68 -12.69 -5.33
C ASP C 492 -15.92 -13.97 -5.66
N LYS C 493 -16.05 -15.00 -4.81
CA LYS C 493 -15.38 -16.26 -5.07
C LYS C 493 -15.90 -16.90 -6.36
N LEU C 494 -17.21 -16.86 -6.57
CA LEU C 494 -17.78 -17.39 -7.80
C LEU C 494 -17.23 -16.67 -9.03
N THR C 495 -17.18 -15.34 -8.96
CA THR C 495 -16.66 -14.55 -10.07
C THR C 495 -15.20 -14.89 -10.35
N VAL C 496 -14.39 -15.01 -9.29
CA VAL C 496 -12.98 -15.32 -9.46
C VAL C 496 -12.82 -16.70 -10.10
N SER C 497 -13.58 -17.68 -9.62
CA SER C 497 -13.50 -19.04 -10.17
C SER C 497 -13.87 -19.06 -11.64
N ARG C 498 -15.00 -18.43 -11.99
CA ARG C 498 -15.43 -18.40 -13.38
C ARG C 498 -14.42 -17.68 -14.26
N ALA C 499 -13.88 -16.57 -13.78
CA ALA C 499 -12.89 -15.83 -14.56
C ALA C 499 -11.64 -16.66 -14.79
N ARG C 500 -11.17 -17.37 -13.76
CA ARG C 500 -10.01 -18.23 -13.93
C ARG C 500 -10.30 -19.35 -14.92
N LYS C 501 -11.50 -19.92 -14.86
CA LYS C 501 -11.87 -20.95 -15.82
C LYS C 501 -11.85 -20.42 -17.24
N ILE C 502 -12.40 -19.21 -17.43
CA ILE C 502 -12.42 -18.60 -18.76
C ILE C 502 -11.00 -18.34 -19.25
N GLN C 503 -10.15 -17.81 -18.37
CA GLN C 503 -8.76 -17.53 -18.75
C GLN C 503 -8.06 -18.81 -19.17
N ARG C 504 -8.26 -19.89 -18.42
CA ARG C 504 -7.66 -21.17 -18.79
C ARG C 504 -8.19 -21.65 -20.13
N PHE C 505 -9.50 -21.51 -20.35
CA PHE C 505 -10.10 -22.00 -21.59
C PHE C 505 -9.65 -21.16 -22.79
N LEU C 506 -9.20 -19.93 -22.55
CA LEU C 506 -8.65 -19.13 -23.64
C LEU C 506 -7.43 -19.82 -24.24
N SER C 507 -6.61 -20.46 -23.41
CA SER C 507 -5.43 -21.16 -23.91
C SER C 507 -5.82 -22.28 -24.86
N GLN C 508 -5.12 -22.37 -25.98
CA GLN C 508 -5.39 -23.38 -27.00
C GLN C 508 -4.08 -23.97 -27.51
N PRO C 509 -3.89 -25.28 -27.42
CA PRO C 509 -2.67 -25.88 -27.98
C PRO C 509 -2.59 -25.69 -29.48
N PHE C 510 -1.40 -25.36 -29.97
CA PHE C 510 -1.18 -25.11 -31.39
C PHE C 510 -0.39 -26.24 -32.02
N GLN C 511 -0.70 -26.51 -33.30
CA GLN C 511 0.03 -27.53 -34.04
C GLN C 511 1.49 -27.16 -34.19
N VAL C 512 1.77 -25.88 -34.48
CA VAL C 512 3.15 -25.42 -34.56
C VAL C 512 3.81 -25.45 -33.19
N ALA C 513 3.02 -25.42 -32.11
CA ALA C 513 3.53 -25.47 -30.76
C ALA C 513 3.52 -26.87 -30.17
N GLU C 514 3.15 -27.88 -30.97
CA GLU C 514 3.24 -29.26 -30.51
C GLU C 514 4.65 -29.61 -30.07
N VAL C 515 5.66 -29.07 -30.77
CA VAL C 515 7.06 -29.29 -30.40
C VAL C 515 7.37 -28.65 -29.06
N PHE C 516 6.76 -27.51 -28.75
CA PHE C 516 7.04 -26.81 -27.49
C PHE C 516 6.24 -27.43 -26.34
N THR C 517 4.91 -27.39 -26.44
CA THR C 517 4.08 -27.83 -25.34
C THR C 517 4.13 -29.34 -25.16
N GLY C 518 4.07 -30.08 -26.27
CA GLY C 518 3.93 -31.51 -26.24
C GLY C 518 2.50 -31.99 -26.48
N HIS C 519 1.52 -31.11 -26.31
CA HIS C 519 0.13 -31.45 -26.58
C HIS C 519 -0.17 -31.31 -28.07
N LEU C 520 -1.06 -32.16 -28.56
CA LEU C 520 -1.46 -32.09 -29.96
C LEU C 520 -2.23 -30.80 -30.22
N GLY C 521 -2.01 -30.21 -31.38
CA GLY C 521 -2.70 -28.99 -31.73
C GLY C 521 -4.18 -29.22 -31.96
N LYS C 522 -4.98 -28.21 -31.60
CA LYS C 522 -6.42 -28.26 -31.75
C LYS C 522 -6.91 -27.02 -32.46
N LEU C 523 -7.98 -27.18 -33.24
CA LEU C 523 -8.64 -26.07 -33.92
C LEU C 523 -10.11 -26.07 -33.52
N VAL C 524 -10.57 -24.96 -32.95
CA VAL C 524 -11.91 -24.87 -32.39
C VAL C 524 -12.78 -24.07 -33.36
N PRO C 525 -13.89 -24.61 -33.84
CA PRO C 525 -14.82 -23.82 -34.64
C PRO C 525 -15.40 -22.66 -33.85
N LEU C 526 -15.78 -21.61 -34.58
CA LEU C 526 -16.32 -20.40 -33.94
C LEU C 526 -17.57 -20.71 -33.13
N LYS C 527 -18.46 -21.54 -33.68
CA LYS C 527 -19.68 -21.89 -32.99
C LYS C 527 -19.37 -22.61 -31.67
N GLU C 528 -18.41 -23.53 -31.70
CA GLU C 528 -18.02 -24.23 -30.48
C GLU C 528 -17.37 -23.29 -29.47
N THR C 529 -16.55 -22.35 -29.94
CA THR C 529 -15.95 -21.37 -29.04
C THR C 529 -17.03 -20.56 -28.32
N ILE C 530 -17.98 -20.03 -29.10
CA ILE C 530 -19.05 -19.23 -28.52
C ILE C 530 -19.87 -20.06 -27.54
N LYS C 531 -20.22 -21.28 -27.93
CA LYS C 531 -21.02 -22.13 -27.07
C LYS C 531 -20.29 -22.44 -25.76
N GLY C 532 -19.01 -22.80 -25.85
CA GLY C 532 -18.26 -23.14 -24.65
C GLY C 532 -18.12 -21.96 -23.70
N PHE C 533 -17.74 -20.80 -24.24
CA PHE C 533 -17.58 -19.63 -23.36
C PHE C 533 -18.93 -19.21 -22.79
N GLN C 534 -20.01 -19.33 -23.56
CA GLN C 534 -21.34 -19.03 -23.06
C GLN C 534 -21.72 -19.97 -21.92
N GLN C 535 -21.43 -21.26 -22.06
CA GLN C 535 -21.70 -22.22 -21.00
C GLN C 535 -20.90 -21.89 -19.74
N ILE C 536 -19.62 -21.56 -19.90
CA ILE C 536 -18.79 -21.24 -18.74
C ILE C 536 -19.31 -19.98 -18.06
N LEU C 537 -19.72 -18.98 -18.84
CA LEU C 537 -20.30 -17.78 -18.25
C LEU C 537 -21.58 -18.10 -17.49
N ALA C 538 -22.42 -18.97 -18.06
CA ALA C 538 -23.65 -19.36 -17.37
C ALA C 538 -23.35 -20.12 -16.08
N GLY C 539 -22.27 -20.89 -16.07
CA GLY C 539 -21.89 -21.67 -14.90
C GLY C 539 -22.17 -23.15 -14.99
N GLU C 540 -22.50 -23.66 -16.17
CA GLU C 540 -22.83 -25.07 -16.31
C GLU C 540 -21.66 -25.98 -15.97
N TYR C 541 -20.44 -25.47 -16.09
CA TYR C 541 -19.24 -26.26 -15.80
C TYR C 541 -18.50 -25.76 -14.56
N ASP C 542 -19.22 -25.14 -13.62
CA ASP C 542 -18.58 -24.70 -12.38
C ASP C 542 -18.04 -25.88 -11.57
N HIS C 543 -18.68 -27.04 -11.67
CA HIS C 543 -18.22 -28.19 -10.90
C HIS C 543 -16.89 -28.72 -11.41
N LEU C 544 -16.54 -28.48 -12.67
CA LEU C 544 -15.29 -28.99 -13.22
C LEU C 544 -14.11 -28.18 -12.67
N PRO C 545 -12.97 -28.83 -12.41
CA PRO C 545 -11.79 -28.09 -11.94
C PRO C 545 -11.25 -27.15 -13.01
N GLU C 546 -10.52 -26.14 -12.56
CA GLU C 546 -9.91 -25.19 -13.48
C GLU C 546 -8.90 -25.87 -14.40
N GLN C 547 -8.15 -26.84 -13.88
CA GLN C 547 -7.12 -27.51 -14.67
C GLN C 547 -7.72 -28.14 -15.92
N ALA C 548 -8.97 -28.60 -15.84
CA ALA C 548 -9.61 -29.24 -16.99
C ALA C 548 -9.73 -28.29 -18.17
N PHE C 549 -9.81 -27.00 -17.93
CA PHE C 549 -10.01 -26.02 -18.98
C PHE C 549 -8.71 -25.52 -19.59
N TYR C 550 -7.56 -25.95 -19.08
CA TYR C 550 -6.28 -25.46 -19.54
C TYR C 550 -5.72 -26.33 -20.65
N MET C 551 -5.23 -25.69 -21.71
CA MET C 551 -4.65 -26.36 -22.88
C MET C 551 -5.58 -27.44 -23.41
N VAL C 552 -6.79 -27.01 -23.79
CA VAL C 552 -7.79 -27.89 -24.38
C VAL C 552 -8.30 -27.25 -25.67
N GLY C 553 -9.10 -28.01 -26.40
CA GLY C 553 -9.78 -27.49 -27.57
C GLY C 553 -11.17 -27.03 -27.20
N PRO C 554 -12.18 -27.76 -27.65
CA PRO C 554 -13.56 -27.42 -27.29
C PRO C 554 -13.86 -27.80 -25.84
N ILE C 555 -15.01 -27.32 -25.37
CA ILE C 555 -15.44 -27.63 -24.00
C ILE C 555 -15.71 -29.12 -23.86
N GLU C 556 -15.97 -29.82 -24.97
CA GLU C 556 -16.07 -31.27 -24.92
C GLU C 556 -14.74 -31.88 -24.50
N GLU C 557 -13.63 -31.37 -25.03
CA GLU C 557 -12.32 -31.78 -24.53
C GLU C 557 -12.14 -31.34 -23.08
N ALA C 558 -12.68 -30.17 -22.73
CA ALA C 558 -12.53 -29.65 -21.36
C ALA C 558 -13.18 -30.60 -20.35
N VAL C 559 -14.42 -31.00 -20.58
CA VAL C 559 -15.10 -31.89 -19.64
C VAL C 559 -14.44 -33.27 -19.65
N ALA C 560 -14.03 -33.74 -20.83
CA ALA C 560 -13.42 -35.06 -20.94
C ALA C 560 -12.13 -35.12 -20.14
N LYS C 561 -11.33 -34.06 -20.17
CA LYS C 561 -10.09 -34.03 -19.41
C LYS C 561 -10.35 -34.17 -17.91
N ALA C 562 -11.40 -33.50 -17.42
CA ALA C 562 -11.74 -33.58 -16.00
C ALA C 562 -11.98 -35.01 -15.57
N ASP C 563 -12.71 -35.78 -16.39
CA ASP C 563 -12.96 -37.17 -16.08
C ASP C 563 -11.67 -37.97 -15.97
N LYS C 564 -10.71 -37.71 -16.86
CA LYS C 564 -9.43 -38.40 -16.80
C LYS C 564 -8.73 -38.13 -15.48
N LEU C 565 -8.73 -36.87 -15.03
CA LEU C 565 -8.10 -36.54 -13.75
C LEU C 565 -8.79 -37.25 -12.60
N ALA C 566 -10.12 -37.34 -12.63
CA ALA C 566 -10.85 -38.07 -11.60
C ALA C 566 -10.51 -39.55 -11.62
N GLU C 567 -10.37 -40.14 -12.81
CA GLU C 567 -9.94 -41.53 -12.91
C GLU C 567 -8.53 -41.71 -12.38
N GLU C 568 -7.68 -40.69 -12.52
CA GLU C 568 -6.32 -40.74 -12.00
C GLU C 568 -6.20 -40.17 -10.60
N HIS C 569 -7.32 -39.76 -9.99
CA HIS C 569 -7.31 -39.21 -8.64
C HIS C 569 -7.11 -40.32 -7.61
N ALA D 100 12.64 56.16 -39.33
CA ALA D 100 13.97 56.11 -38.73
C ALA D 100 14.61 54.74 -38.92
N ALA D 101 15.75 54.71 -39.61
CA ALA D 101 16.50 53.48 -39.85
C ALA D 101 15.60 52.40 -40.45
N THR D 102 15.14 52.67 -41.67
CA THR D 102 14.22 51.76 -42.36
C THR D 102 15.00 50.51 -42.78
N GLY D 103 14.93 49.47 -41.96
CA GLY D 103 15.57 48.21 -42.29
C GLY D 103 14.75 47.37 -43.23
N ARG D 104 15.36 46.28 -43.69
CA ARG D 104 14.74 45.36 -44.63
C ARG D 104 14.70 43.96 -44.02
N ILE D 105 13.56 43.31 -44.13
CA ILE D 105 13.44 41.92 -43.69
C ILE D 105 14.31 41.04 -44.56
N VAL D 106 15.13 40.21 -43.93
CA VAL D 106 16.01 39.30 -44.64
C VAL D 106 15.61 37.84 -44.46
N ALA D 107 14.95 37.50 -43.36
CA ALA D 107 14.55 36.11 -43.13
C ALA D 107 13.25 36.08 -42.35
N VAL D 108 12.32 35.24 -42.79
CA VAL D 108 11.06 35.05 -42.09
C VAL D 108 10.86 33.57 -41.81
N ILE D 109 11.30 33.11 -40.65
CA ILE D 109 11.15 31.72 -40.24
C ILE D 109 10.18 31.69 -39.06
N GLY D 110 8.96 31.23 -39.30
CA GLY D 110 7.96 31.23 -38.25
C GLY D 110 7.69 32.65 -37.77
N ALA D 111 7.67 32.82 -36.45
CA ALA D 111 7.53 34.13 -35.85
C ALA D 111 8.88 34.82 -35.62
N VAL D 112 9.99 34.17 -36.00
CA VAL D 112 11.31 34.72 -35.80
C VAL D 112 11.67 35.46 -37.10
N VAL D 113 11.35 36.74 -37.15
CA VAL D 113 11.73 37.57 -38.29
C VAL D 113 13.13 38.12 -38.07
N ASP D 114 13.85 38.35 -39.16
CA ASP D 114 15.19 38.93 -39.10
C ASP D 114 15.24 40.12 -40.04
N VAL D 115 15.75 41.25 -39.52
CA VAL D 115 15.79 42.50 -40.27
C VAL D 115 17.23 43.00 -40.32
N GLN D 116 17.65 43.45 -41.50
CA GLN D 116 18.98 44.04 -41.69
C GLN D 116 18.84 45.55 -41.80
N PHE D 117 19.37 46.27 -40.82
CA PHE D 117 19.34 47.73 -40.83
C PHE D 117 20.60 48.25 -41.51
N ASP D 118 20.43 48.83 -42.70
CA ASP D 118 21.55 49.48 -43.37
C ASP D 118 22.04 50.68 -42.55
N GLU D 119 21.13 51.42 -41.92
CA GLU D 119 21.50 52.48 -41.01
C GLU D 119 21.64 51.91 -39.60
N GLY D 120 21.72 52.79 -38.59
CA GLY D 120 22.10 52.38 -37.26
C GLY D 120 21.18 51.34 -36.64
N LEU D 121 21.77 50.25 -36.18
CA LEU D 121 21.01 49.08 -35.75
C LEU D 121 20.17 49.41 -34.52
N PRO D 122 18.92 48.96 -34.44
CA PRO D 122 18.12 49.23 -33.25
C PRO D 122 18.61 48.43 -32.07
N PRO D 123 18.50 48.96 -30.86
CA PRO D 123 18.94 48.21 -29.68
C PRO D 123 18.03 47.04 -29.38
N ILE D 124 18.50 46.17 -28.48
CA ILE D 124 17.69 45.06 -28.04
C ILE D 124 16.45 45.58 -27.30
N LEU D 125 15.38 44.80 -27.35
CA LEU D 125 14.10 45.16 -26.73
C LEU D 125 13.58 46.48 -27.29
N ASN D 126 13.52 46.56 -28.61
CA ASN D 126 13.03 47.74 -29.30
C ASN D 126 11.96 47.33 -30.30
N ALA D 127 10.92 48.15 -30.43
CA ALA D 127 9.81 47.83 -31.30
C ALA D 127 10.13 48.20 -32.74
N LEU D 128 9.86 47.26 -33.65
CA LEU D 128 10.06 47.48 -35.09
C LEU D 128 8.71 47.32 -35.77
N GLU D 129 8.18 48.42 -36.30
CA GLU D 129 6.92 48.36 -37.03
C GLU D 129 7.16 47.97 -38.48
N VAL D 130 6.40 47.00 -38.96
CA VAL D 130 6.52 46.51 -40.32
C VAL D 130 5.61 47.35 -41.22
N GLN D 131 6.19 47.95 -42.26
CA GLN D 131 5.43 48.77 -43.20
C GLN D 131 4.86 47.90 -44.31
N GLY D 132 3.63 48.22 -44.72
CA GLY D 132 2.96 47.50 -45.77
C GLY D 132 1.96 46.46 -45.33
N ARG D 133 1.66 46.38 -44.04
CA ARG D 133 0.71 45.42 -43.50
C ARG D 133 -0.55 46.16 -43.04
N GLU D 134 -1.71 45.56 -43.34
CA GLU D 134 -2.97 46.14 -42.91
C GLU D 134 -3.08 46.16 -41.38
N THR D 135 -2.72 45.06 -40.74
CA THR D 135 -2.69 45.00 -39.29
C THR D 135 -1.30 45.34 -38.80
N ARG D 136 -1.21 46.21 -37.79
CA ARG D 136 0.08 46.65 -37.28
C ARG D 136 0.84 45.49 -36.66
N LEU D 137 1.94 45.08 -37.30
CA LEU D 137 2.79 44.01 -36.79
C LEU D 137 4.05 44.64 -36.22
N VAL D 138 4.23 44.54 -34.90
CA VAL D 138 5.40 45.07 -34.24
C VAL D 138 6.39 43.93 -34.02
N LEU D 139 7.67 44.23 -34.14
CA LEU D 139 8.74 43.26 -33.92
C LEU D 139 9.62 43.74 -32.78
N GLU D 140 9.91 42.86 -31.83
CA GLU D 140 10.72 43.20 -30.67
C GLU D 140 12.12 42.63 -30.87
N VAL D 141 13.12 43.52 -30.95
CA VAL D 141 14.50 43.09 -31.16
C VAL D 141 14.95 42.21 -30.01
N ALA D 142 15.54 41.07 -30.34
CA ALA D 142 16.00 40.12 -29.33
C ALA D 142 17.50 39.88 -29.35
N GLN D 143 18.10 39.75 -30.54
CA GLN D 143 19.51 39.45 -30.65
C GLN D 143 20.10 40.22 -31.83
N HIS D 144 21.26 40.84 -31.61
CA HIS D 144 22.05 41.39 -32.70
C HIS D 144 22.95 40.28 -33.23
N LEU D 145 22.72 39.87 -34.49
CA LEU D 145 23.43 38.75 -35.07
C LEU D 145 24.63 39.18 -35.89
N GLY D 146 25.06 40.42 -35.76
CA GLY D 146 26.13 40.92 -36.61
C GLY D 146 25.60 41.23 -38.00
N GLU D 147 26.53 41.60 -38.89
CA GLU D 147 26.21 41.90 -40.28
C GLU D 147 25.08 42.94 -40.38
N SER D 148 24.97 43.79 -39.36
CA SER D 148 23.93 44.81 -39.27
C SER D 148 22.53 44.21 -39.40
N THR D 149 22.33 43.03 -38.83
CA THR D 149 21.02 42.40 -38.79
C THR D 149 20.64 42.09 -37.35
N VAL D 150 19.34 42.14 -37.07
CA VAL D 150 18.81 41.92 -35.74
C VAL D 150 17.70 40.87 -35.83
N ARG D 151 17.88 39.75 -35.15
CA ARG D 151 16.80 38.77 -35.02
C ARG D 151 15.75 39.30 -34.06
N THR D 152 14.48 39.24 -34.46
CA THR D 152 13.39 39.78 -33.67
C THR D 152 12.21 38.83 -33.65
N ILE D 153 11.38 38.97 -32.61
CA ILE D 153 10.18 38.15 -32.43
C ILE D 153 8.96 38.97 -32.80
N ALA D 154 7.98 38.33 -33.41
CA ALA D 154 6.78 39.00 -33.89
C ALA D 154 5.67 38.95 -32.83
N MET D 155 4.94 40.06 -32.70
CA MET D 155 3.80 40.14 -31.80
C MET D 155 2.47 39.94 -32.52
N ASP D 156 2.50 39.54 -33.77
CA ASP D 156 1.30 39.25 -34.55
C ASP D 156 1.69 38.25 -35.62
N GLY D 157 0.70 37.85 -36.42
CA GLY D 157 0.93 36.88 -37.47
C GLY D 157 2.04 37.27 -38.42
N THR D 158 2.91 36.33 -38.75
CA THR D 158 4.06 36.58 -39.61
C THR D 158 3.82 36.16 -41.05
N GLU D 159 2.59 35.79 -41.38
CA GLU D 159 2.25 35.45 -42.77
C GLU D 159 2.17 36.71 -43.62
N GLY D 160 2.50 36.56 -44.89
CA GLY D 160 2.47 37.64 -45.84
C GLY D 160 3.74 38.46 -45.92
N LEU D 161 4.65 38.31 -44.96
CA LEU D 161 5.91 39.03 -45.00
C LEU D 161 6.76 38.53 -46.16
N VAL D 162 7.33 39.46 -46.93
CA VAL D 162 8.16 39.15 -48.08
C VAL D 162 9.58 39.61 -47.78
N ARG D 163 10.55 38.75 -48.07
CA ARG D 163 11.95 39.12 -47.94
C ARG D 163 12.22 40.40 -48.73
N GLY D 164 12.60 41.46 -48.00
CA GLY D 164 12.79 42.77 -48.59
C GLY D 164 11.81 43.82 -48.11
N GLN D 165 10.75 43.43 -47.40
CA GLN D 165 9.82 44.41 -46.86
C GLN D 165 10.53 45.36 -45.90
N LYS D 166 10.18 46.63 -45.97
CA LYS D 166 10.81 47.65 -45.14
C LYS D 166 10.09 47.76 -43.80
N VAL D 167 10.87 47.86 -42.73
CA VAL D 167 10.37 47.98 -41.37
C VAL D 167 11.07 49.15 -40.70
N LEU D 168 10.31 49.97 -39.99
CA LEU D 168 10.85 51.12 -39.28
C LEU D 168 11.21 50.75 -37.85
N ASP D 169 12.00 51.61 -37.22
CA ASP D 169 12.40 51.44 -35.82
C ASP D 169 11.70 52.50 -34.99
N SER D 170 10.96 52.06 -33.96
CA SER D 170 10.28 53.00 -33.09
C SER D 170 11.27 53.84 -32.28
N GLY D 171 12.43 53.28 -31.97
CA GLY D 171 13.42 53.96 -31.15
C GLY D 171 13.27 53.72 -29.66
N ALA D 172 12.33 52.88 -29.24
CA ALA D 172 12.10 52.62 -27.82
C ALA D 172 11.40 51.28 -27.71
N PRO D 173 11.44 50.63 -26.54
CA PRO D 173 10.61 49.45 -26.32
C PRO D 173 9.14 49.77 -26.56
N ILE D 174 8.35 48.73 -26.79
CA ILE D 174 6.94 48.88 -27.12
C ILE D 174 6.28 49.81 -26.12
N LYS D 175 5.71 50.92 -26.62
CA LYS D 175 5.08 51.90 -25.77
C LYS D 175 3.57 51.73 -25.83
N ILE D 176 2.93 51.71 -24.65
CA ILE D 176 1.51 51.42 -24.55
C ILE D 176 0.79 52.66 -24.02
N PRO D 177 -0.43 52.92 -24.48
CA PRO D 177 -1.24 53.99 -23.87
C PRO D 177 -1.36 53.81 -22.36
N VAL D 178 -0.84 54.78 -21.62
CA VAL D 178 -0.73 54.69 -20.17
C VAL D 178 -1.33 55.95 -19.56
N GLY D 179 -2.28 55.78 -18.64
CA GLY D 179 -2.92 56.89 -18.02
C GLY D 179 -4.16 56.51 -17.24
N PRO D 180 -5.03 57.49 -16.96
CA PRO D 180 -6.28 57.20 -16.26
C PRO D 180 -7.43 56.79 -17.18
N GLU D 181 -7.28 56.93 -18.50
CA GLU D 181 -8.34 56.53 -19.42
C GLU D 181 -8.25 55.07 -19.83
N THR D 182 -7.14 54.39 -19.52
CA THR D 182 -7.06 52.96 -19.81
C THR D 182 -8.06 52.17 -18.99
N LEU D 183 -8.51 52.73 -17.86
CA LEU D 183 -9.54 52.10 -17.06
C LEU D 183 -10.82 51.95 -17.86
N GLY D 184 -11.41 50.76 -17.84
CA GLY D 184 -12.58 50.48 -18.63
C GLY D 184 -12.31 50.12 -20.07
N ARG D 185 -11.05 49.90 -20.44
CA ARG D 185 -10.67 49.61 -21.81
C ARG D 185 -9.89 48.31 -21.86
N ILE D 186 -10.05 47.57 -22.97
CA ILE D 186 -9.27 46.36 -23.21
C ILE D 186 -8.23 46.67 -24.28
N MET D 187 -6.97 46.53 -23.93
CA MET D 187 -5.86 46.78 -24.85
C MET D 187 -5.06 45.50 -25.03
N ASN D 188 -4.45 45.37 -26.21
CA ASN D 188 -3.61 44.23 -26.49
C ASN D 188 -2.17 44.54 -26.06
N VAL D 189 -1.25 43.63 -26.38
CA VAL D 189 0.12 43.76 -25.92
C VAL D 189 0.76 45.04 -26.46
N ILE D 190 0.53 45.36 -27.74
CA ILE D 190 1.10 46.56 -28.31
C ILE D 190 0.41 47.83 -27.83
N GLY D 191 -0.73 47.70 -27.16
CA GLY D 191 -1.41 48.84 -26.56
C GLY D 191 -2.63 49.32 -27.31
N GLU D 192 -2.86 48.84 -28.52
CA GLU D 192 -4.01 49.30 -29.29
C GLU D 192 -5.30 48.73 -28.69
N PRO D 193 -6.38 49.52 -28.68
CA PRO D 193 -7.64 49.02 -28.11
C PRO D 193 -8.17 47.82 -28.90
N ILE D 194 -8.73 46.86 -28.16
CA ILE D 194 -9.37 45.70 -28.77
C ILE D 194 -10.81 45.55 -28.29
N ASP D 195 -11.39 46.60 -27.70
CA ASP D 195 -12.77 46.60 -27.24
C ASP D 195 -13.68 47.37 -28.18
N GLU D 196 -13.17 47.85 -29.30
CA GLU D 196 -13.95 48.58 -30.30
C GLU D 196 -14.71 49.75 -29.69
N ARG D 197 -14.04 50.47 -28.79
CA ARG D 197 -14.61 51.67 -28.17
C ARG D 197 -13.79 52.91 -28.52
N GLY D 198 -13.10 52.88 -29.65
CA GLY D 198 -12.31 54.00 -30.09
C GLY D 198 -10.91 53.97 -29.51
N PRO D 199 -10.09 54.96 -29.89
CA PRO D 199 -8.71 55.00 -29.40
C PRO D 199 -8.66 55.33 -27.92
N ILE D 200 -7.63 54.80 -27.25
CA ILE D 200 -7.38 55.11 -25.85
C ILE D 200 -6.58 56.41 -25.78
N LYS D 201 -7.29 57.53 -25.66
CA LYS D 201 -6.69 58.86 -25.72
C LYS D 201 -6.13 59.24 -24.36
N THR D 202 -4.91 58.81 -24.08
CA THR D 202 -4.21 59.16 -22.87
C THR D 202 -3.10 60.17 -23.16
N LYS D 203 -2.75 60.96 -22.14
CA LYS D 203 -1.79 62.04 -22.34
C LYS D 203 -0.39 61.52 -22.65
N GLN D 204 0.03 60.47 -21.95
CA GLN D 204 1.40 59.97 -22.08
C GLN D 204 1.38 58.48 -22.38
N PHE D 205 2.52 57.98 -22.84
CA PHE D 205 2.71 56.56 -23.09
C PHE D 205 4.03 56.12 -22.46
N ALA D 206 4.06 54.87 -21.99
CA ALA D 206 5.23 54.32 -21.32
C ALA D 206 5.67 53.02 -21.99
N ALA D 207 6.98 52.81 -22.03
CA ALA D 207 7.52 51.57 -22.59
C ALA D 207 7.26 50.40 -21.65
N ILE D 208 6.98 49.24 -22.24
CA ILE D 208 6.69 48.06 -21.42
C ILE D 208 7.93 47.62 -20.65
N HIS D 209 9.10 47.66 -21.29
CA HIS D 209 10.32 47.18 -20.66
C HIS D 209 10.91 48.28 -19.78
N ALA D 210 10.83 48.09 -18.47
CA ALA D 210 11.38 49.03 -17.52
C ALA D 210 12.15 48.28 -16.44
N GLU D 211 13.11 48.97 -15.84
CA GLU D 211 13.90 48.34 -14.78
C GLU D 211 13.11 48.32 -13.47
N ALA D 212 13.49 47.39 -12.60
CA ALA D 212 12.85 47.29 -11.30
C ALA D 212 13.24 48.48 -10.43
N PRO D 213 12.40 48.82 -9.45
CA PRO D 213 12.75 49.90 -8.52
C PRO D 213 14.07 49.60 -7.82
N GLU D 214 14.86 50.65 -7.62
CA GLU D 214 16.19 50.49 -7.05
C GLU D 214 16.12 50.22 -5.55
N PHE D 215 17.28 49.93 -4.97
CA PHE D 215 17.33 49.55 -3.56
C PHE D 215 16.83 50.66 -2.66
N MET D 216 17.23 51.90 -2.94
CA MET D 216 16.81 53.02 -2.11
C MET D 216 15.31 53.22 -2.16
N GLU D 217 14.71 53.06 -3.34
CA GLU D 217 13.28 53.26 -3.49
C GLU D 217 12.48 52.22 -2.72
N MET D 218 13.01 51.00 -2.61
CA MET D 218 12.29 49.92 -1.93
C MET D 218 11.98 50.30 -0.49
N SER D 219 10.74 50.02 -0.07
CA SER D 219 10.36 50.23 1.31
C SER D 219 10.93 49.13 2.19
N VAL D 220 11.18 49.46 3.46
CA VAL D 220 11.78 48.53 4.39
C VAL D 220 10.79 48.07 5.45
N GLU D 221 9.49 48.22 5.21
CA GLU D 221 8.47 47.82 6.17
C GLU D 221 7.43 46.96 5.48
N GLN D 222 7.11 45.82 6.10
CA GLN D 222 6.06 44.94 5.60
C GLN D 222 4.71 45.41 6.16
N GLU D 223 3.76 45.67 5.27
CA GLU D 223 2.44 46.15 5.65
C GLU D 223 1.38 45.24 5.06
N ILE D 224 0.21 45.24 5.70
CA ILE D 224 -0.91 44.40 5.30
C ILE D 224 -1.87 45.22 4.45
N LEU D 225 -2.21 44.70 3.27
CA LEU D 225 -3.21 45.32 2.41
C LEU D 225 -4.56 44.75 2.79
N VAL D 226 -5.32 45.50 3.61
CA VAL D 226 -6.63 45.03 4.04
C VAL D 226 -7.57 44.99 2.84
N THR D 227 -8.09 43.80 2.55
CA THR D 227 -8.98 43.60 1.42
C THR D 227 -10.46 43.65 1.81
N GLY D 228 -10.78 43.69 3.09
CA GLY D 228 -12.15 43.66 3.53
C GLY D 228 -12.81 42.31 3.51
N ILE D 229 -12.08 41.26 3.17
CA ILE D 229 -12.60 39.89 3.17
C ILE D 229 -12.08 39.22 4.44
N LYS D 230 -13.00 38.66 5.23
CA LYS D 230 -12.64 38.13 6.54
C LYS D 230 -11.56 37.07 6.45
N VAL D 231 -11.79 36.04 5.65
CA VAL D 231 -10.87 34.90 5.62
C VAL D 231 -9.48 35.33 5.18
N VAL D 232 -9.41 36.12 4.11
CA VAL D 232 -8.12 36.59 3.63
C VAL D 232 -7.44 37.44 4.70
N ASP D 233 -8.12 38.50 5.16
CA ASP D 233 -7.50 39.47 6.05
C ASP D 233 -7.05 38.83 7.36
N LEU D 234 -7.75 37.80 7.81
CA LEU D 234 -7.41 37.18 9.10
C LEU D 234 -6.40 36.05 8.93
N LEU D 235 -6.78 35.01 8.18
CA LEU D 235 -5.91 33.84 8.10
C LEU D 235 -4.74 34.06 7.15
N ALA D 236 -4.98 34.65 5.99
CA ALA D 236 -3.94 34.83 4.97
C ALA D 236 -3.90 36.29 4.53
N PRO D 237 -3.45 37.19 5.41
CA PRO D 237 -3.41 38.61 5.05
C PRO D 237 -2.55 38.84 3.81
N TYR D 238 -3.02 39.72 2.94
CA TYR D 238 -2.27 40.07 1.74
C TYR D 238 -1.25 41.15 2.06
N ALA D 239 0.01 40.89 1.71
CA ALA D 239 1.04 41.90 1.88
C ALA D 239 0.83 43.05 0.92
N LYS D 240 1.23 44.24 1.33
CA LYS D 240 1.12 45.44 0.51
C LYS D 240 2.39 45.54 -0.34
N GLY D 241 2.25 45.27 -1.63
CA GLY D 241 3.38 45.24 -2.53
C GLY D 241 3.97 43.88 -2.79
N GLY D 242 3.37 42.82 -2.24
CA GLY D 242 3.81 41.47 -2.50
C GLY D 242 2.95 40.79 -3.56
N LYS D 243 3.35 39.56 -3.89
CA LYS D 243 2.69 38.77 -4.91
C LYS D 243 1.89 37.65 -4.26
N ILE D 244 0.64 37.50 -4.68
CA ILE D 244 -0.28 36.52 -4.10
C ILE D 244 -0.57 35.43 -5.14
N GLY D 245 -0.67 34.20 -4.66
CA GLY D 245 -0.99 33.08 -5.53
C GLY D 245 -2.41 32.58 -5.36
N LEU D 246 -3.25 32.79 -6.37
CA LEU D 246 -4.66 32.41 -6.30
C LEU D 246 -4.85 31.03 -6.93
N PHE D 247 -4.61 30.01 -6.11
CA PHE D 247 -4.88 28.64 -6.54
C PHE D 247 -6.38 28.40 -6.61
N GLY D 248 -6.80 27.62 -7.60
CA GLY D 248 -8.23 27.34 -7.77
C GLY D 248 -8.68 27.83 -9.14
N GLY D 249 -9.40 26.95 -9.84
CA GLY D 249 -9.85 27.26 -11.18
C GLY D 249 -11.26 27.80 -11.24
N ALA D 250 -12.17 27.04 -11.83
CA ALA D 250 -13.56 27.46 -12.00
C ALA D 250 -14.47 26.71 -11.04
N GLY D 251 -15.68 27.23 -10.87
CA GLY D 251 -16.61 26.69 -9.92
C GLY D 251 -16.32 27.00 -8.48
N VAL D 252 -15.27 27.77 -8.20
CA VAL D 252 -14.86 28.12 -6.85
C VAL D 252 -14.97 29.62 -6.60
N GLY D 253 -15.69 30.34 -7.47
CA GLY D 253 -15.86 31.76 -7.32
C GLY D 253 -14.58 32.56 -7.45
N LYS D 254 -13.77 32.24 -8.47
CA LYS D 254 -12.55 33.00 -8.71
C LYS D 254 -12.85 34.38 -9.27
N THR D 255 -13.71 34.47 -10.28
CA THR D 255 -14.01 35.75 -10.92
C THR D 255 -14.67 36.71 -9.95
N VAL D 256 -15.63 36.22 -9.16
CA VAL D 256 -16.29 37.08 -8.18
C VAL D 256 -15.30 37.56 -7.14
N LEU D 257 -14.36 36.69 -6.73
CA LEU D 257 -13.34 37.11 -5.78
C LEU D 257 -12.47 38.20 -6.36
N ILE D 258 -12.06 38.07 -7.62
CA ILE D 258 -11.22 39.08 -8.26
C ILE D 258 -11.97 40.41 -8.33
N MET D 259 -13.21 40.38 -8.80
CA MET D 259 -13.97 41.62 -8.92
C MET D 259 -14.22 42.25 -7.55
N GLU D 260 -14.48 41.43 -6.54
CA GLU D 260 -14.65 41.95 -5.19
C GLU D 260 -13.38 42.60 -4.69
N LEU D 261 -12.23 41.99 -4.98
CA LEU D 261 -10.96 42.61 -4.61
C LEU D 261 -10.79 43.97 -5.28
N ILE D 262 -11.14 44.05 -6.57
CA ILE D 262 -11.02 45.33 -7.28
C ILE D 262 -11.90 46.37 -6.61
N ASN D 263 -13.16 46.02 -6.35
CA ASN D 263 -14.10 46.98 -5.78
C ASN D 263 -13.70 47.39 -4.37
N ASN D 264 -13.21 46.44 -3.58
CA ASN D 264 -12.80 46.75 -2.21
C ASN D 264 -11.60 47.69 -2.20
N VAL D 265 -10.55 47.35 -2.94
CA VAL D 265 -9.36 48.20 -2.94
C VAL D 265 -9.68 49.57 -3.53
N ALA D 266 -10.61 49.62 -4.49
CA ALA D 266 -11.05 50.90 -5.01
C ALA D 266 -11.75 51.73 -3.95
N LYS D 267 -12.63 51.09 -3.15
CA LYS D 267 -13.39 51.83 -2.15
C LYS D 267 -12.57 52.15 -0.90
N ALA D 268 -11.70 51.24 -0.46
CA ALA D 268 -11.03 51.44 0.82
C ALA D 268 -9.69 52.14 0.65
N HIS D 269 -8.80 51.55 -0.14
CA HIS D 269 -7.48 52.13 -0.39
C HIS D 269 -7.48 53.17 -1.49
N GLY D 270 -8.58 53.32 -2.24
CA GLY D 270 -8.61 54.27 -3.33
C GLY D 270 -7.58 54.02 -4.39
N GLY D 271 -7.39 52.77 -4.77
CA GLY D 271 -6.45 52.40 -5.82
C GLY D 271 -7.14 51.61 -6.92
N TYR D 272 -6.70 51.83 -8.15
CA TYR D 272 -7.25 51.11 -9.28
C TYR D 272 -6.59 49.74 -9.39
N SER D 273 -7.02 48.97 -10.40
CA SER D 273 -6.48 47.64 -10.62
C SER D 273 -6.30 47.41 -12.12
N VAL D 274 -5.37 46.52 -12.47
CA VAL D 274 -5.11 46.15 -13.85
C VAL D 274 -5.18 44.64 -13.95
N PHE D 275 -6.02 44.14 -14.86
CA PHE D 275 -6.12 42.71 -15.12
C PHE D 275 -5.33 42.40 -16.38
N ALA D 276 -4.23 41.66 -16.23
CA ALA D 276 -3.40 41.23 -17.34
C ALA D 276 -3.65 39.75 -17.58
N GLY D 277 -4.47 39.44 -18.60
CA GLY D 277 -4.75 38.05 -18.92
C GLY D 277 -3.76 37.47 -19.90
N VAL D 278 -2.80 36.71 -19.39
CA VAL D 278 -1.80 36.07 -20.25
C VAL D 278 -2.38 34.80 -20.82
N GLY D 279 -2.45 34.72 -22.15
CA GLY D 279 -3.01 33.54 -22.80
C GLY D 279 -4.44 33.25 -22.40
N GLU D 280 -5.27 34.29 -22.29
CA GLU D 280 -6.65 34.12 -21.88
C GLU D 280 -7.49 33.62 -23.04
N ARG D 281 -8.28 32.59 -22.81
CA ARG D 281 -9.23 32.13 -23.83
C ARG D 281 -10.14 33.28 -24.24
N THR D 282 -10.40 33.40 -25.55
CA THR D 282 -11.20 34.52 -26.03
C THR D 282 -12.61 34.49 -25.46
N ARG D 283 -13.24 33.31 -25.43
CA ARG D 283 -14.59 33.20 -24.89
C ARG D 283 -14.61 33.62 -23.42
N GLU D 284 -13.65 33.12 -22.64
CA GLU D 284 -13.58 33.49 -21.23
C GLU D 284 -13.26 34.96 -21.05
N GLY D 285 -12.47 35.55 -21.94
CA GLY D 285 -12.22 36.99 -21.87
C GLY D 285 -13.48 37.80 -22.10
N ASN D 286 -14.28 37.41 -23.09
CA ASN D 286 -15.55 38.09 -23.33
C ASN D 286 -16.48 37.93 -22.13
N ASP D 287 -16.53 36.72 -21.56
CA ASP D 287 -17.35 36.48 -20.38
C ASP D 287 -16.90 37.34 -19.21
N LEU D 288 -15.59 37.43 -18.99
CA LEU D 288 -15.05 38.26 -17.91
C LEU D 288 -15.39 39.72 -18.13
N TYR D 289 -15.22 40.20 -19.36
CA TYR D 289 -15.56 41.58 -19.68
C TYR D 289 -17.02 41.89 -19.36
N HIS D 290 -17.93 41.05 -19.85
CA HIS D 290 -19.35 41.30 -19.62
C HIS D 290 -19.70 41.18 -18.14
N GLU D 291 -19.14 40.19 -17.44
CA GLU D 291 -19.42 40.04 -16.03
C GLU D 291 -18.90 41.22 -15.23
N MET D 292 -17.72 41.74 -15.59
CA MET D 292 -17.19 42.92 -14.92
C MET D 292 -18.08 44.12 -15.18
N ILE D 293 -18.60 44.25 -16.41
CA ILE D 293 -19.50 45.36 -16.72
C ILE D 293 -20.77 45.27 -15.87
N GLU D 294 -21.34 44.07 -15.77
CA GLU D 294 -22.57 43.90 -15.00
C GLU D 294 -22.33 44.10 -13.50
N SER D 295 -21.15 43.72 -13.01
CA SER D 295 -20.84 43.91 -11.60
C SER D 295 -20.65 45.39 -11.26
N GLY D 296 -20.14 46.17 -12.20
CA GLY D 296 -19.94 47.60 -12.01
C GLY D 296 -18.51 48.03 -11.82
N VAL D 297 -17.56 47.10 -11.79
CA VAL D 297 -16.16 47.49 -11.64
C VAL D 297 -15.69 48.26 -12.87
N ILE D 298 -16.24 47.97 -14.04
CA ILE D 298 -15.97 48.72 -15.25
C ILE D 298 -17.30 49.28 -15.74
N ASN D 299 -17.38 50.61 -15.84
CA ASN D 299 -18.57 51.30 -16.31
C ASN D 299 -18.29 51.87 -17.69
N LEU D 300 -19.20 51.61 -18.63
CA LEU D 300 -19.04 52.10 -19.99
C LEU D 300 -19.66 53.48 -20.20
N LYS D 301 -20.70 53.81 -19.44
CA LYS D 301 -21.39 55.08 -19.63
C LYS D 301 -20.51 56.26 -19.24
N ASP D 302 -19.93 56.21 -18.04
CA ASP D 302 -19.10 57.30 -17.53
C ASP D 302 -17.80 56.73 -16.99
N ALA D 303 -16.92 57.63 -16.56
CA ALA D 303 -15.59 57.25 -16.06
C ALA D 303 -15.67 56.86 -14.59
N THR D 304 -16.38 55.76 -14.34
CA THR D 304 -16.43 55.14 -13.02
C THR D 304 -15.73 53.80 -13.01
N SER D 305 -14.97 53.48 -14.05
CA SER D 305 -14.27 52.21 -14.13
C SER D 305 -13.20 52.11 -13.05
N LYS D 306 -12.92 50.89 -12.62
CA LYS D 306 -11.89 50.63 -11.63
C LYS D 306 -10.82 49.65 -12.10
N VAL D 307 -10.99 49.03 -13.26
CA VAL D 307 -10.03 48.07 -13.78
C VAL D 307 -9.66 48.44 -15.20
N ALA D 308 -8.42 48.12 -15.57
CA ALA D 308 -7.95 48.23 -16.94
C ALA D 308 -7.58 46.82 -17.42
N LEU D 309 -8.18 46.40 -18.53
CA LEU D 309 -7.99 45.04 -19.02
C LEU D 309 -6.91 45.01 -20.09
N VAL D 310 -5.97 44.07 -19.95
CA VAL D 310 -4.96 43.79 -20.98
C VAL D 310 -5.08 42.32 -21.34
N TYR D 311 -5.52 42.03 -22.56
CA TYR D 311 -5.80 40.67 -22.98
C TYR D 311 -4.69 40.15 -23.88
N GLY D 312 -4.21 38.95 -23.58
CA GLY D 312 -3.15 38.28 -24.32
C GLY D 312 -3.59 36.97 -24.92
N GLN D 313 -4.78 36.97 -25.54
CA GLN D 313 -5.47 35.75 -25.92
C GLN D 313 -4.59 34.77 -26.68
N MET D 314 -4.91 33.48 -26.52
CA MET D 314 -4.03 32.39 -26.96
C MET D 314 -3.72 32.45 -28.44
N ASN D 315 -4.64 32.98 -29.26
CA ASN D 315 -4.41 33.01 -30.70
C ASN D 315 -3.26 33.92 -31.09
N GLU D 316 -2.76 34.75 -30.18
CA GLU D 316 -1.63 35.61 -30.45
C GLU D 316 -0.32 34.83 -30.39
N PRO D 317 0.71 35.28 -31.11
CA PRO D 317 1.99 34.58 -31.11
C PRO D 317 2.61 34.53 -29.73
N PRO D 318 3.51 33.57 -29.47
CA PRO D 318 4.05 33.40 -28.11
C PRO D 318 4.72 34.64 -27.54
N GLY D 319 5.41 35.44 -28.37
CA GLY D 319 6.04 36.64 -27.87
C GLY D 319 5.04 37.63 -27.29
N ALA D 320 3.90 37.80 -27.96
CA ALA D 320 2.87 38.70 -27.47
C ALA D 320 2.36 38.24 -26.11
N ARG D 321 2.07 36.94 -25.98
CA ARG D 321 1.64 36.41 -24.69
C ARG D 321 2.71 36.60 -23.63
N ALA D 322 3.98 36.49 -24.02
CA ALA D 322 5.06 36.67 -23.06
C ALA D 322 5.13 38.11 -22.56
N ARG D 323 4.86 39.08 -23.43
CA ARG D 323 4.99 40.48 -23.05
C ARG D 323 3.70 41.12 -22.56
N VAL D 324 2.57 40.41 -22.62
CA VAL D 324 1.31 40.98 -22.14
C VAL D 324 1.40 41.30 -20.65
N ALA D 325 2.05 40.43 -19.88
CA ALA D 325 2.21 40.68 -18.46
C ALA D 325 3.00 41.96 -18.21
N LEU D 326 4.05 42.19 -19.00
CA LEU D 326 4.81 43.43 -18.87
C LEU D 326 3.96 44.64 -19.25
N THR D 327 3.13 44.50 -20.27
CA THR D 327 2.22 45.58 -20.66
C THR D 327 1.30 45.96 -19.50
N GLY D 328 0.63 44.96 -18.92
CA GLY D 328 -0.25 45.22 -17.80
C GLY D 328 0.50 45.78 -16.60
N LEU D 329 1.71 45.28 -16.36
CA LEU D 329 2.51 45.77 -15.26
C LEU D 329 2.87 47.24 -15.44
N THR D 330 3.20 47.65 -16.67
CA THR D 330 3.47 49.06 -16.92
C THR D 330 2.22 49.91 -16.69
N VAL D 331 1.07 49.43 -17.17
CA VAL D 331 -0.18 50.17 -16.94
C VAL D 331 -0.44 50.35 -15.46
N ALA D 332 -0.17 49.31 -14.66
CA ALA D 332 -0.26 49.46 -13.21
C ALA D 332 0.81 50.41 -12.69
N GLU D 333 2.02 50.36 -13.25
CA GLU D 333 3.12 51.20 -12.79
C GLU D 333 2.78 52.67 -12.90
N TYR D 334 1.95 53.04 -13.89
CA TYR D 334 1.50 54.42 -13.98
C TYR D 334 0.89 54.89 -12.66
N PHE D 335 -0.07 54.11 -12.13
CA PHE D 335 -0.79 54.54 -10.95
C PHE D 335 0.11 54.57 -9.72
N ARG D 336 1.02 53.60 -9.60
CA ARG D 336 1.89 53.56 -8.42
C ARG D 336 2.82 54.77 -8.37
N ASP D 337 3.40 55.15 -9.50
CA ASP D 337 4.42 56.20 -9.52
C ASP D 337 3.80 57.57 -9.74
N GLN D 338 3.08 57.73 -10.86
CA GLN D 338 2.54 59.05 -11.19
C GLN D 338 1.41 59.44 -10.25
N GLU D 339 0.51 58.51 -9.95
CA GLU D 339 -0.64 58.82 -9.11
C GLU D 339 -0.43 58.46 -7.64
N GLY D 340 0.62 57.73 -7.32
CA GLY D 340 0.90 57.35 -5.94
C GLY D 340 -0.21 56.56 -5.28
N GLN D 341 -0.71 55.54 -5.97
CA GLN D 341 -1.81 54.72 -5.49
C GLN D 341 -1.35 53.29 -5.28
N ASP D 342 -2.20 52.52 -4.61
CA ASP D 342 -1.97 51.09 -4.37
C ASP D 342 -2.74 50.31 -5.43
N VAL D 343 -2.02 49.82 -6.44
CA VAL D 343 -2.64 49.16 -7.58
C VAL D 343 -2.73 47.66 -7.31
N LEU D 344 -3.60 46.99 -8.05
CA LEU D 344 -3.76 45.54 -7.97
C LEU D 344 -3.61 44.95 -9.38
N LEU D 345 -2.50 44.26 -9.61
CA LEU D 345 -2.24 43.67 -10.95
C LEU D 345 -2.67 42.19 -10.92
N PHE D 346 -3.75 41.85 -11.62
CA PHE D 346 -4.25 40.46 -11.64
C PHE D 346 -3.70 39.75 -12.88
N ILE D 347 -2.67 38.93 -12.69
CA ILE D 347 -2.09 38.15 -13.83
C ILE D 347 -2.66 36.73 -13.77
N ASP D 348 -3.49 36.37 -14.75
CA ASP D 348 -4.14 35.03 -14.72
C ASP D 348 -3.20 33.98 -15.32
N ASN D 349 -3.00 32.86 -14.61
CA ASN D 349 -2.15 31.75 -15.11
C ASN D 349 -0.73 32.26 -15.39
N ILE D 350 -0.03 32.71 -14.35
CA ILE D 350 1.39 33.13 -14.54
C ILE D 350 2.11 31.97 -15.22
N PHE D 351 1.51 30.78 -15.18
CA PHE D 351 2.08 29.61 -15.84
C PHE D 351 2.13 29.82 -17.35
N ARG D 352 1.10 30.45 -17.92
CA ARG D 352 1.12 30.73 -19.34
C ARG D 352 2.18 31.76 -19.69
N PHE D 353 2.47 32.71 -18.79
CA PHE D 353 3.59 33.61 -19.00
C PHE D 353 4.90 32.82 -19.07
N THR D 354 5.09 31.90 -18.13
CA THR D 354 6.29 31.06 -18.14
C THR D 354 6.38 30.23 -19.42
N GLN D 355 5.26 29.63 -19.82
CA GLN D 355 5.23 28.80 -21.01
C GLN D 355 5.53 29.61 -22.26
N ALA D 356 4.97 30.83 -22.35
CA ALA D 356 5.26 31.69 -23.49
C ALA D 356 6.73 32.06 -23.54
N GLY D 357 7.33 32.35 -22.37
CA GLY D 357 8.76 32.59 -22.36
C GLY D 357 9.56 31.40 -22.85
N SER D 358 9.17 30.20 -22.42
CA SER D 358 9.86 29.00 -22.89
C SER D 358 9.73 28.84 -24.40
N GLU D 359 8.54 29.09 -24.94
CA GLU D 359 8.32 28.99 -26.38
C GLU D 359 9.17 30.00 -27.13
N VAL D 360 9.24 31.23 -26.62
CA VAL D 360 10.05 32.26 -27.27
C VAL D 360 11.52 31.87 -27.27
N SER D 361 12.00 31.33 -26.14
CA SER D 361 13.38 30.88 -26.09
C SER D 361 13.62 29.75 -27.10
N ALA D 362 12.68 28.81 -27.19
CA ALA D 362 12.82 27.72 -28.15
C ALA D 362 12.88 28.25 -29.58
N LEU D 363 12.03 29.23 -29.90
CA LEU D 363 12.05 29.83 -31.23
C LEU D 363 13.37 30.53 -31.49
N LEU D 364 13.91 31.21 -30.48
CA LEU D 364 15.22 31.85 -30.62
C LEU D 364 16.35 30.84 -30.69
N GLY D 365 16.10 29.59 -30.33
CA GLY D 365 17.07 28.53 -30.49
C GLY D 365 17.95 28.26 -29.28
N ARG D 366 17.69 28.93 -28.17
CA ARG D 366 18.46 28.68 -26.95
C ARG D 366 18.21 27.27 -26.44
N ILE D 367 19.27 26.57 -26.08
CA ILE D 367 19.20 25.18 -25.64
C ILE D 367 18.30 25.07 -24.42
N PRO D 368 17.23 24.28 -24.49
CA PRO D 368 16.27 24.23 -23.37
C PRO D 368 16.90 23.72 -22.09
N SER D 369 16.39 24.21 -20.97
CA SER D 369 16.86 23.79 -19.65
C SER D 369 16.07 22.57 -19.20
N ALA D 370 16.20 22.22 -17.92
CA ALA D 370 15.56 21.03 -17.39
C ALA D 370 14.04 21.12 -17.53
N VAL D 371 13.42 19.98 -17.89
CA VAL D 371 11.99 19.82 -18.14
C VAL D 371 11.60 20.51 -19.45
N GLY D 372 12.49 21.32 -20.00
CA GLY D 372 12.24 21.99 -21.26
C GLY D 372 11.87 23.45 -21.16
N TYR D 373 11.88 24.02 -19.95
CA TYR D 373 11.60 25.43 -19.80
C TYR D 373 12.79 26.26 -20.29
N GLN D 374 12.52 27.55 -20.50
CA GLN D 374 13.55 28.43 -21.06
C GLN D 374 14.76 28.47 -20.13
N PRO D 375 15.97 28.59 -20.67
CA PRO D 375 17.16 28.66 -19.82
C PRO D 375 17.17 29.87 -18.91
N THR D 376 16.44 30.92 -19.28
CA THR D 376 16.40 32.16 -18.51
C THR D 376 15.12 32.29 -17.71
N LEU D 377 14.55 31.16 -17.29
CA LEU D 377 13.28 31.18 -16.57
C LEU D 377 13.36 32.04 -15.31
N ALA D 378 14.38 31.81 -14.48
CA ALA D 378 14.51 32.54 -13.23
C ALA D 378 14.68 34.03 -13.48
N THR D 379 15.53 34.40 -14.44
CA THR D 379 15.76 35.82 -14.72
C THR D 379 14.53 36.50 -15.30
N ASP D 380 13.82 35.84 -16.20
CA ASP D 380 12.59 36.42 -16.75
C ASP D 380 11.55 36.64 -15.66
N MET D 381 11.34 35.62 -14.82
CA MET D 381 10.41 35.75 -13.73
C MET D 381 10.83 36.87 -12.79
N GLY D 382 12.13 36.97 -12.51
CA GLY D 382 12.61 38.04 -11.65
C GLY D 382 12.37 39.41 -12.25
N THR D 383 12.69 39.58 -13.53
CA THR D 383 12.47 40.86 -14.20
C THR D 383 11.01 41.25 -14.11
N MET D 384 10.10 40.29 -14.29
CA MET D 384 8.68 40.63 -14.24
C MET D 384 8.23 40.93 -12.82
N GLN D 385 8.59 40.07 -11.86
CA GLN D 385 8.05 40.19 -10.51
C GLN D 385 8.64 41.37 -9.76
N GLU D 386 9.95 41.59 -9.88
CA GLU D 386 10.63 42.58 -9.07
C GLU D 386 10.13 44.00 -9.33
N ARG D 387 9.51 44.24 -10.47
CA ARG D 387 8.85 45.52 -10.68
C ARG D 387 7.56 45.64 -9.87
N ILE D 388 7.00 44.51 -9.45
CA ILE D 388 5.77 44.53 -8.62
C ILE D 388 6.25 44.56 -7.18
N THR D 389 6.53 45.77 -6.69
CA THR D 389 7.02 45.98 -5.34
C THR D 389 6.40 47.24 -4.76
N THR D 390 6.84 47.59 -3.55
CA THR D 390 6.39 48.81 -2.88
C THR D 390 7.49 49.86 -3.01
N THR D 391 7.19 50.93 -3.72
CA THR D 391 8.10 52.06 -3.80
C THR D 391 7.70 53.11 -2.77
N LYS D 392 8.43 54.23 -2.77
CA LYS D 392 8.08 55.33 -1.88
C LYS D 392 6.74 55.95 -2.26
N LYS D 393 6.49 56.09 -3.56
CA LYS D 393 5.24 56.71 -4.01
C LYS D 393 4.04 55.80 -3.73
N GLY D 394 4.17 54.52 -4.01
CA GLY D 394 3.06 53.61 -3.80
C GLY D 394 3.50 52.17 -3.85
N SER D 395 2.53 51.28 -4.05
CA SER D 395 2.79 49.86 -4.06
C SER D 395 1.85 49.19 -5.07
N ILE D 396 2.36 48.17 -5.76
CA ILE D 396 1.55 47.34 -6.64
C ILE D 396 1.50 45.95 -6.06
N THR D 397 0.35 45.55 -5.53
CA THR D 397 0.11 44.18 -5.12
C THR D 397 -0.40 43.38 -6.31
N SER D 398 0.06 42.14 -6.44
CA SER D 398 -0.29 41.31 -7.58
C SER D 398 -0.93 40.02 -7.09
N VAL D 399 -2.17 39.79 -7.50
CA VAL D 399 -2.86 38.53 -7.26
C VAL D 399 -2.71 37.70 -8.53
N GLN D 400 -1.78 36.75 -8.51
CA GLN D 400 -1.43 35.96 -9.68
C GLN D 400 -2.00 34.56 -9.56
N ALA D 401 -2.84 34.18 -10.52
CA ALA D 401 -3.32 32.81 -10.59
C ALA D 401 -2.19 31.89 -11.01
N ILE D 402 -2.08 30.73 -10.37
CA ILE D 402 -0.97 29.81 -10.57
C ILE D 402 -1.51 28.47 -10.99
N TYR D 403 -0.96 27.94 -12.09
CA TYR D 403 -1.28 26.61 -12.59
C TYR D 403 -0.11 25.68 -12.28
N VAL D 404 -0.41 24.51 -11.74
CA VAL D 404 0.63 23.55 -11.37
C VAL D 404 0.66 22.42 -12.39
N PRO D 405 1.64 22.41 -13.29
CA PRO D 405 1.70 21.34 -14.30
C PRO D 405 1.93 19.98 -13.66
N ALA D 406 1.18 18.99 -14.14
CA ALA D 406 1.28 17.59 -13.67
C ALA D 406 1.12 17.49 -12.16
N ASP D 407 0.47 18.47 -11.54
CA ASP D 407 0.33 18.56 -10.09
C ASP D 407 1.67 18.35 -9.38
N ASP D 408 2.69 19.01 -9.91
CA ASP D 408 4.05 18.92 -9.38
C ASP D 408 4.46 20.31 -8.88
N LEU D 409 4.43 20.51 -7.56
CA LEU D 409 4.90 21.76 -7.00
C LEU D 409 6.41 21.92 -7.19
N THR D 410 7.13 20.81 -7.33
CA THR D 410 8.57 20.84 -7.53
C THR D 410 8.95 21.14 -8.98
N ASP D 411 7.96 21.23 -9.87
CA ASP D 411 8.22 21.58 -11.25
C ASP D 411 8.87 22.97 -11.31
N PRO D 412 9.76 23.20 -12.29
CA PRO D 412 10.49 24.48 -12.32
C PRO D 412 9.62 25.72 -12.32
N ALA D 413 8.54 25.74 -13.12
CA ALA D 413 7.68 26.93 -13.15
C ALA D 413 6.98 27.16 -11.81
N PRO D 414 6.31 26.18 -11.21
CA PRO D 414 5.76 26.41 -9.86
C PRO D 414 6.82 26.83 -8.86
N ALA D 415 7.99 26.20 -8.87
CA ALA D 415 9.03 26.53 -7.91
C ALA D 415 9.47 27.98 -8.07
N THR D 416 9.77 28.38 -9.30
CA THR D 416 10.23 29.73 -9.58
C THR D 416 9.18 30.76 -9.20
N THR D 417 7.91 30.48 -9.50
CA THR D 417 6.86 31.41 -9.11
C THR D 417 6.70 31.47 -7.59
N PHE D 418 6.79 30.32 -6.91
CA PHE D 418 6.65 30.29 -5.46
C PHE D 418 7.78 31.04 -4.78
N ALA D 419 8.95 31.10 -5.42
CA ALA D 419 10.06 31.85 -4.83
C ALA D 419 9.71 33.30 -4.62
N HIS D 420 8.88 33.88 -5.50
CA HIS D 420 8.48 35.28 -5.39
C HIS D 420 7.16 35.49 -4.66
N LEU D 421 6.45 34.41 -4.32
CA LEU D 421 5.16 34.56 -3.67
C LEU D 421 5.31 35.05 -2.24
N ASP D 422 4.25 35.71 -1.74
CA ASP D 422 4.18 36.13 -0.35
C ASP D 422 2.92 35.65 0.35
N ALA D 423 1.91 35.18 -0.38
CA ALA D 423 0.72 34.62 0.22
C ALA D 423 0.02 33.75 -0.81
N THR D 424 -0.78 32.81 -0.32
CA THR D 424 -1.50 31.87 -1.17
C THR D 424 -2.98 31.86 -0.80
N THR D 425 -3.84 31.92 -1.80
CA THR D 425 -5.29 31.82 -1.60
C THR D 425 -5.81 30.62 -2.38
N VAL D 426 -6.28 29.61 -1.66
CA VAL D 426 -6.72 28.35 -2.25
C VAL D 426 -8.25 28.34 -2.23
N LEU D 427 -8.86 28.58 -3.39
CA LEU D 427 -10.31 28.48 -3.52
C LEU D 427 -10.69 27.02 -3.71
N SER D 428 -11.33 26.43 -2.70
CA SER D 428 -11.59 25.00 -2.68
C SER D 428 -13.05 24.67 -2.98
N ARG D 429 -13.24 23.67 -3.85
CA ARG D 429 -14.59 23.25 -4.20
C ARG D 429 -15.34 22.69 -3.01
N ALA D 430 -14.63 22.04 -2.08
CA ALA D 430 -15.29 21.51 -0.89
C ALA D 430 -15.90 22.64 -0.06
N ILE D 431 -15.13 23.71 0.18
CA ILE D 431 -15.64 24.87 0.91
C ILE D 431 -16.79 25.49 0.14
N ALA D 432 -16.73 25.46 -1.20
CA ALA D 432 -17.89 25.90 -1.98
C ALA D 432 -19.11 25.02 -1.73
N GLU D 433 -18.90 23.70 -1.63
CA GLU D 433 -19.99 22.77 -1.39
C GLU D 433 -20.66 23.05 -0.06
N LEU D 434 -19.86 23.31 0.98
CA LEU D 434 -20.43 23.69 2.27
C LEU D 434 -21.31 24.93 2.15
N GLY D 435 -21.06 25.77 1.15
CA GLY D 435 -21.81 26.99 0.95
C GLY D 435 -21.08 28.25 1.39
N ILE D 436 -19.84 28.12 1.85
CA ILE D 436 -19.09 29.27 2.34
C ILE D 436 -18.53 30.03 1.14
N TYR D 437 -19.00 31.26 0.97
CA TYR D 437 -18.54 32.14 -0.12
C TYR D 437 -18.07 33.45 0.48
N PRO D 438 -16.80 33.84 0.29
CA PRO D 438 -15.81 33.26 -0.63
C PRO D 438 -15.33 31.87 -0.24
N ALA D 439 -15.04 31.04 -1.23
CA ALA D 439 -14.70 29.63 -1.01
C ALA D 439 -13.22 29.43 -0.76
N VAL D 440 -12.67 30.19 0.18
CA VAL D 440 -11.26 30.10 0.52
C VAL D 440 -11.08 29.03 1.58
N ASP D 441 -10.18 28.09 1.32
CA ASP D 441 -9.84 27.10 2.33
C ASP D 441 -9.02 27.76 3.42
N PRO D 442 -9.55 27.94 4.63
CA PRO D 442 -8.82 28.70 5.65
C PRO D 442 -7.53 28.02 6.10
N LEU D 443 -7.58 26.71 6.35
CA LEU D 443 -6.38 26.02 6.83
C LEU D 443 -5.29 26.00 5.76
N ASP D 444 -5.67 25.72 4.51
CA ASP D 444 -4.67 25.56 3.46
C ASP D 444 -4.08 26.92 3.05
N SER D 445 -4.90 27.96 3.00
CA SER D 445 -4.40 29.28 2.64
C SER D 445 -3.34 29.75 3.64
N THR D 446 -2.23 30.24 3.11
CA THR D 446 -1.11 30.66 3.93
C THR D 446 -0.61 32.02 3.47
N SER D 447 -0.03 32.78 4.40
CA SER D 447 0.61 34.04 4.09
C SER D 447 1.96 34.10 4.80
N ARG D 448 2.90 34.81 4.19
CA ARG D 448 4.23 34.93 4.77
C ARG D 448 4.36 36.09 5.74
N ILE D 449 3.41 37.03 5.74
CA ILE D 449 3.41 38.09 6.75
C ILE D 449 2.69 37.68 8.01
N MET D 450 2.18 36.45 8.08
CA MET D 450 1.48 35.96 9.26
C MET D 450 2.49 35.65 10.35
N ASP D 451 3.16 36.69 10.84
CA ASP D 451 4.13 36.59 11.91
C ASP D 451 3.84 37.74 12.86
N PRO D 452 3.91 37.51 14.17
CA PRO D 452 3.55 38.56 15.13
C PRO D 452 4.24 39.88 14.87
N ASN D 453 5.53 39.86 14.53
CA ASN D 453 6.29 41.10 14.34
C ASN D 453 5.63 41.98 13.30
N ILE D 454 4.92 41.38 12.35
CA ILE D 454 4.32 42.12 11.26
C ILE D 454 2.86 42.41 11.54
N VAL D 455 2.07 41.34 11.73
CA VAL D 455 0.63 41.53 11.79
C VAL D 455 0.18 42.14 13.11
N GLY D 456 0.94 41.96 14.17
CA GLY D 456 0.42 42.32 15.47
C GLY D 456 0.12 41.08 16.29
N SER D 457 0.40 41.17 17.58
CA SER D 457 0.26 40.00 18.45
C SER D 457 -1.19 39.54 18.50
N GLU D 458 -2.12 40.48 18.61
CA GLU D 458 -3.54 40.15 18.64
C GLU D 458 -3.97 39.46 17.35
N HIS D 459 -3.55 40.00 16.21
CA HIS D 459 -3.92 39.41 14.93
C HIS D 459 -3.38 37.98 14.82
N TYR D 460 -2.12 37.79 15.21
CA TYR D 460 -1.51 36.46 15.14
C TYR D 460 -2.22 35.49 16.07
N ASP D 461 -2.56 35.94 17.28
CA ASP D 461 -3.27 35.08 18.23
C ASP D 461 -4.62 34.66 17.67
N VAL D 462 -5.36 35.61 17.09
CA VAL D 462 -6.67 35.29 16.54
C VAL D 462 -6.56 34.32 15.38
N ALA D 463 -5.64 34.60 14.44
CA ALA D 463 -5.50 33.74 13.27
C ALA D 463 -5.02 32.35 13.65
N ARG D 464 -4.06 32.28 14.56
CA ARG D 464 -3.58 30.99 15.06
C ARG D 464 -4.69 30.22 15.75
N GLY D 465 -5.49 30.91 16.57
CA GLY D 465 -6.57 30.25 17.27
C GLY D 465 -7.60 29.67 16.33
N VAL D 466 -8.06 30.48 15.37
CA VAL D 466 -9.08 30.00 14.42
C VAL D 466 -8.51 28.90 13.55
N GLN D 467 -7.20 28.89 13.32
CA GLN D 467 -6.58 27.79 12.63
C GLN D 467 -6.75 26.48 13.40
N LYS D 468 -6.36 26.50 14.68
CA LYS D 468 -6.46 25.30 15.51
C LYS D 468 -7.91 24.88 15.71
N ILE D 469 -8.81 25.86 15.93
CA ILE D 469 -10.20 25.54 16.20
C ILE D 469 -10.84 24.83 15.03
N LEU D 470 -10.31 25.03 13.81
CA LEU D 470 -10.79 24.30 12.64
C LEU D 470 -10.01 23.02 12.40
N GLN D 471 -8.72 22.99 12.74
CA GLN D 471 -7.93 21.77 12.58
C GLN D 471 -8.44 20.67 13.48
N ASP D 472 -8.69 20.99 14.74
CA ASP D 472 -9.20 19.96 15.67
C ASP D 472 -10.62 19.56 15.29
N TYR D 473 -11.42 20.50 14.79
CA TYR D 473 -12.75 20.14 14.30
C TYR D 473 -12.67 19.16 13.14
N LYS D 474 -11.74 19.39 12.22
CA LYS D 474 -11.53 18.45 11.12
C LYS D 474 -11.04 17.10 11.64
N SER D 475 -10.13 17.11 12.60
CA SER D 475 -9.56 15.87 13.12
C SER D 475 -10.64 15.04 13.80
N LEU D 476 -11.45 15.67 14.65
CA LEU D 476 -12.52 14.95 15.34
C LEU D 476 -13.70 14.67 14.42
N GLN D 477 -13.78 15.35 13.27
CA GLN D 477 -14.88 15.11 12.35
C GLN D 477 -14.91 13.66 11.88
N ASP D 478 -13.75 13.00 11.86
CA ASP D 478 -13.73 11.55 11.68
C ASP D 478 -14.28 10.83 12.90
N ILE D 479 -13.96 11.33 14.10
CA ILE D 479 -14.39 10.68 15.33
C ILE D 479 -15.91 10.67 15.44
N ILE D 480 -16.54 11.80 15.15
CA ILE D 480 -18.01 11.85 15.17
C ILE D 480 -18.57 10.97 14.07
N ALA D 481 -17.92 10.97 12.90
CA ALA D 481 -18.40 10.16 11.78
C ALA D 481 -18.36 8.67 12.09
N ILE D 482 -17.43 8.25 12.93
CA ILE D 482 -17.28 6.83 13.25
C ILE D 482 -18.13 6.47 14.46
N LEU D 483 -17.83 7.09 15.60
CA LEU D 483 -18.55 6.75 16.83
C LEU D 483 -19.89 7.47 16.91
N GLY D 484 -19.87 8.79 16.92
CA GLY D 484 -21.09 9.58 16.98
C GLY D 484 -20.84 10.89 17.69
N MET D 485 -21.77 11.83 17.48
CA MET D 485 -21.68 13.13 18.17
C MET D 485 -21.83 12.95 19.68
N ASP D 486 -22.76 12.10 20.11
CA ASP D 486 -22.93 11.82 21.53
C ASP D 486 -21.73 11.09 22.12
N GLU D 487 -20.89 10.49 21.28
CA GLU D 487 -19.68 9.80 21.72
C GLU D 487 -18.50 10.74 21.85
N LEU D 488 -18.71 12.05 21.77
CA LEU D 488 -17.66 13.03 21.93
C LEU D 488 -17.66 13.57 23.36
N SER D 489 -16.53 14.16 23.75
CA SER D 489 -16.43 14.78 25.06
C SER D 489 -17.18 16.11 25.07
N GLU D 490 -17.45 16.62 26.27
CA GLU D 490 -18.19 17.88 26.40
C GLU D 490 -17.47 19.02 25.69
N GLU D 491 -16.16 19.12 25.91
CA GLU D 491 -15.38 20.13 25.18
C GLU D 491 -15.37 19.86 23.69
N ASP D 492 -15.31 18.58 23.31
CA ASP D 492 -15.36 18.22 21.90
C ASP D 492 -16.68 18.66 21.28
N LYS D 493 -17.76 18.64 22.04
CA LYS D 493 -19.02 19.19 21.56
C LYS D 493 -18.95 20.71 21.45
N LEU D 494 -18.28 21.35 22.40
CA LEU D 494 -18.18 22.82 22.38
C LEU D 494 -17.35 23.29 21.19
N THR D 495 -16.19 22.66 20.96
CA THR D 495 -15.32 23.11 19.88
C THR D 495 -16.01 22.94 18.52
N VAL D 496 -16.83 21.91 18.37
CA VAL D 496 -17.59 21.75 17.13
C VAL D 496 -18.50 22.94 16.91
N SER D 497 -19.23 23.34 17.95
CA SER D 497 -20.14 24.48 17.82
C SER D 497 -19.38 25.75 17.45
N ARG D 498 -18.30 26.03 18.18
CA ARG D 498 -17.52 27.24 17.90
C ARG D 498 -16.88 27.19 16.52
N ALA D 499 -16.32 26.03 16.14
CA ALA D 499 -15.71 25.90 14.83
C ALA D 499 -16.76 26.07 13.73
N ARG D 500 -17.93 25.45 13.90
CA ARG D 500 -19.00 25.63 12.94
C ARG D 500 -19.43 27.09 12.85
N LYS D 501 -19.42 27.80 13.98
CA LYS D 501 -19.68 29.23 13.95
C LYS D 501 -18.59 29.96 13.16
N ILE D 502 -17.33 29.58 13.38
CA ILE D 502 -16.23 30.27 12.71
C ILE D 502 -16.25 29.99 11.22
N GLN D 503 -16.42 28.71 10.83
CA GLN D 503 -16.45 28.38 9.41
C GLN D 503 -17.60 29.07 8.70
N ARG D 504 -18.72 29.30 9.40
CA ARG D 504 -19.79 30.08 8.82
C ARG D 504 -19.46 31.57 8.82
N PHE D 505 -18.83 32.05 9.91
CA PHE D 505 -18.49 33.47 9.99
C PHE D 505 -17.49 33.86 8.92
N LEU D 506 -16.68 32.92 8.43
CA LEU D 506 -15.75 33.22 7.36
C LEU D 506 -16.48 33.73 6.12
N SER D 507 -17.63 33.14 5.81
CA SER D 507 -18.42 33.57 4.67
C SER D 507 -18.84 35.02 4.83
N GLN D 508 -18.70 35.80 3.75
CA GLN D 508 -19.01 37.22 3.77
C GLN D 508 -19.69 37.60 2.46
N PRO D 509 -20.82 38.28 2.50
CA PRO D 509 -21.46 38.73 1.26
C PRO D 509 -20.56 39.70 0.50
N PHE D 510 -20.56 39.56 -0.82
CA PHE D 510 -19.74 40.38 -1.69
C PHE D 510 -20.59 41.40 -2.43
N GLN D 511 -20.08 42.63 -2.51
CA GLN D 511 -20.83 43.72 -3.12
C GLN D 511 -20.98 43.53 -4.63
N VAL D 512 -20.01 42.88 -5.28
CA VAL D 512 -20.07 42.69 -6.72
C VAL D 512 -21.21 41.77 -7.11
N ALA D 513 -21.55 40.79 -6.27
CA ALA D 513 -22.64 39.86 -6.52
C ALA D 513 -23.93 40.28 -5.83
N GLU D 514 -23.97 41.50 -5.28
CA GLU D 514 -25.13 41.96 -4.54
C GLU D 514 -26.39 41.96 -5.39
N VAL D 515 -26.28 42.36 -6.65
CA VAL D 515 -27.45 42.43 -7.53
C VAL D 515 -28.14 41.07 -7.61
N PHE D 516 -27.34 40.01 -7.77
CA PHE D 516 -27.90 38.66 -7.87
C PHE D 516 -28.35 38.13 -6.51
N THR D 517 -27.48 38.20 -5.50
CA THR D 517 -27.77 37.53 -4.24
C THR D 517 -28.85 38.25 -3.43
N GLY D 518 -29.04 39.54 -3.65
CA GLY D 518 -29.99 40.31 -2.89
C GLY D 518 -29.51 40.78 -1.53
N HIS D 519 -28.28 40.45 -1.16
CA HIS D 519 -27.71 40.80 0.14
C HIS D 519 -26.60 41.83 -0.07
N LEU D 520 -26.72 42.97 0.60
CA LEU D 520 -25.71 44.02 0.48
C LEU D 520 -24.34 43.49 0.88
N GLY D 521 -23.34 43.76 0.05
CA GLY D 521 -21.99 43.35 0.37
C GLY D 521 -21.42 44.12 1.54
N LYS D 522 -20.52 43.47 2.27
CA LYS D 522 -19.91 44.06 3.44
C LYS D 522 -18.41 44.20 3.26
N LEU D 523 -17.85 45.27 3.80
CA LEU D 523 -16.41 45.49 3.82
C LEU D 523 -15.96 45.59 5.28
N VAL D 524 -15.72 44.42 5.88
CA VAL D 524 -15.35 44.34 7.29
C VAL D 524 -13.94 44.88 7.49
N PRO D 525 -13.73 45.83 8.38
CA PRO D 525 -12.36 46.22 8.72
C PRO D 525 -11.63 45.11 9.44
N LEU D 526 -10.30 45.17 9.38
CA LEU D 526 -9.48 44.16 10.04
C LEU D 526 -9.76 44.12 11.54
N LYS D 527 -9.97 45.30 12.14
CA LYS D 527 -10.28 45.35 13.57
C LYS D 527 -11.58 44.62 13.87
N GLU D 528 -12.60 44.82 13.03
CA GLU D 528 -13.86 44.13 13.21
C GLU D 528 -13.71 42.62 13.03
N THR D 529 -12.93 42.20 12.03
CA THR D 529 -12.70 40.78 11.83
C THR D 529 -12.03 40.16 13.06
N ILE D 530 -10.99 40.83 13.58
CA ILE D 530 -10.29 40.34 14.75
C ILE D 530 -11.22 40.27 15.94
N LYS D 531 -12.02 41.32 16.17
CA LYS D 531 -12.93 41.34 17.30
C LYS D 531 -13.95 40.23 17.21
N GLY D 532 -14.57 40.06 16.03
CA GLY D 532 -15.57 39.02 15.88
C GLY D 532 -15.00 37.63 16.10
N PHE D 533 -13.85 37.35 15.48
CA PHE D 533 -13.30 36.01 15.60
C PHE D 533 -12.80 35.72 17.00
N GLN D 534 -12.20 36.71 17.67
CA GLN D 534 -11.78 36.51 19.06
C GLN D 534 -12.97 36.32 19.96
N GLN D 535 -14.08 37.04 19.69
CA GLN D 535 -15.29 36.85 20.48
C GLN D 535 -15.83 35.44 20.31
N ILE D 536 -15.83 34.94 19.07
CA ILE D 536 -16.32 33.58 18.84
C ILE D 536 -15.40 32.56 19.51
N LEU D 537 -14.09 32.80 19.46
CA LEU D 537 -13.15 31.89 20.12
C LEU D 537 -13.35 31.87 21.62
N ALA D 538 -13.58 33.04 22.22
CA ALA D 538 -13.75 33.13 23.67
C ALA D 538 -15.02 32.44 24.13
N GLY D 539 -15.98 32.23 23.24
CA GLY D 539 -17.26 31.67 23.60
C GLY D 539 -18.33 32.69 23.96
N GLU D 540 -18.08 33.97 23.68
CA GLU D 540 -19.04 35.01 24.05
C GLU D 540 -20.38 34.81 23.34
N TYR D 541 -20.34 34.43 22.07
CA TYR D 541 -21.54 34.18 21.29
C TYR D 541 -21.80 32.69 21.08
N ASP D 542 -21.39 31.87 22.05
CA ASP D 542 -21.64 30.44 21.94
C ASP D 542 -23.12 30.11 22.03
N HIS D 543 -23.91 30.96 22.70
CA HIS D 543 -25.35 30.74 22.76
C HIS D 543 -26.01 31.01 21.42
N LEU D 544 -25.40 31.85 20.58
CA LEU D 544 -26.00 32.22 19.31
C LEU D 544 -26.13 30.99 18.40
N PRO D 545 -27.14 30.95 17.55
CA PRO D 545 -27.25 29.85 16.58
C PRO D 545 -26.19 29.96 15.50
N GLU D 546 -25.88 28.81 14.90
CA GLU D 546 -24.86 28.77 13.85
C GLU D 546 -25.27 29.59 12.63
N GLN D 547 -26.55 29.53 12.26
CA GLN D 547 -27.03 30.25 11.09
C GLN D 547 -26.83 31.75 11.24
N ALA D 548 -26.80 32.25 12.47
CA ALA D 548 -26.62 33.67 12.69
C ALA D 548 -25.27 34.15 12.16
N PHE D 549 -24.27 33.28 12.11
CA PHE D 549 -22.94 33.65 11.65
C PHE D 549 -22.73 33.41 10.17
N TYR D 550 -23.72 32.87 9.46
CA TYR D 550 -23.57 32.55 8.05
C TYR D 550 -23.97 33.74 7.18
N MET D 551 -23.10 34.06 6.22
CA MET D 551 -23.33 35.16 5.27
C MET D 551 -23.66 36.47 6.00
N VAL D 552 -22.80 36.85 6.92
CA VAL D 552 -22.94 38.11 7.66
C VAL D 552 -21.64 38.88 7.57
N GLY D 553 -21.70 40.15 7.95
CA GLY D 553 -20.52 40.98 8.00
C GLY D 553 -19.94 41.04 9.39
N PRO D 554 -19.95 42.23 10.00
CA PRO D 554 -19.47 42.36 11.37
C PRO D 554 -20.30 41.54 12.34
N ILE D 555 -19.69 41.19 13.47
CA ILE D 555 -20.32 40.32 14.47
C ILE D 555 -21.61 40.94 15.00
N GLU D 556 -21.72 42.27 14.97
CA GLU D 556 -22.97 42.91 15.32
C GLU D 556 -24.08 42.50 14.36
N GLU D 557 -23.75 42.39 13.07
CA GLU D 557 -24.73 41.88 12.12
C GLU D 557 -25.11 40.44 12.45
N ALA D 558 -24.14 39.63 12.89
CA ALA D 558 -24.44 38.24 13.26
C ALA D 558 -25.43 38.19 14.41
N VAL D 559 -25.18 38.96 15.48
CA VAL D 559 -26.07 38.92 16.63
C VAL D 559 -27.43 39.52 16.28
N ALA D 560 -27.44 40.60 15.48
CA ALA D 560 -28.71 41.16 15.03
C ALA D 560 -29.50 40.15 14.22
N LYS D 561 -28.84 39.42 13.32
CA LYS D 561 -29.50 38.38 12.54
C LYS D 561 -30.08 37.31 13.46
N ALA D 562 -29.29 36.86 14.44
CA ALA D 562 -29.79 35.93 15.44
C ALA D 562 -31.07 36.44 16.07
N ASP D 563 -31.11 37.74 16.39
CA ASP D 563 -32.34 38.33 16.89
C ASP D 563 -33.46 38.24 15.85
N LYS D 564 -33.13 38.51 14.59
CA LYS D 564 -34.14 38.51 13.53
C LYS D 564 -34.78 37.14 13.36
N LEU D 565 -33.99 36.08 13.53
CA LEU D 565 -34.47 34.72 13.32
C LEU D 565 -35.69 34.43 14.18
N ALA D 566 -36.77 34.00 13.54
CA ALA D 566 -38.02 33.64 14.21
C ALA D 566 -38.54 34.75 15.13
N ALA E 100 63.22 24.19 -27.42
CA ALA E 100 62.73 23.12 -28.29
C ALA E 100 61.91 23.69 -29.44
N ALA E 101 60.79 24.31 -29.10
CA ALA E 101 59.91 24.91 -30.10
C ALA E 101 59.03 25.94 -29.40
N THR E 102 58.88 27.11 -30.01
CA THR E 102 58.11 28.20 -29.43
C THR E 102 56.82 28.38 -30.22
N GLY E 103 55.70 28.41 -29.51
CA GLY E 103 54.41 28.62 -30.14
C GLY E 103 53.66 29.74 -29.46
N ARG E 104 52.87 30.46 -30.26
CA ARG E 104 52.07 31.57 -29.76
C ARG E 104 50.67 31.07 -29.39
N ILE E 105 50.18 31.53 -28.23
CA ILE E 105 48.82 31.20 -27.83
C ILE E 105 47.84 31.86 -28.78
N VAL E 106 46.94 31.05 -29.34
CA VAL E 106 45.94 31.54 -30.28
C VAL E 106 44.57 31.69 -29.64
N ALA E 107 44.18 30.72 -28.80
CA ALA E 107 42.87 30.77 -28.17
C ALA E 107 42.97 30.28 -26.73
N VAL E 108 42.23 30.92 -25.84
CA VAL E 108 42.14 30.53 -24.44
C VAL E 108 40.68 30.42 -24.08
N ILE E 109 40.19 29.20 -23.89
CA ILE E 109 38.84 28.96 -23.40
C ILE E 109 38.95 28.05 -22.19
N GLY E 110 38.65 28.59 -21.02
CA GLY E 110 38.74 27.79 -19.80
C GLY E 110 40.14 27.26 -19.60
N ALA E 111 40.25 25.94 -19.43
CA ALA E 111 41.54 25.29 -19.27
C ALA E 111 42.11 24.76 -20.58
N VAL E 112 41.43 24.98 -21.69
CA VAL E 112 41.88 24.51 -23.00
C VAL E 112 42.57 25.69 -23.69
N VAL E 113 43.87 25.56 -23.91
CA VAL E 113 44.68 26.60 -24.55
C VAL E 113 45.07 26.11 -25.93
N ASP E 114 44.73 26.90 -26.95
CA ASP E 114 45.04 26.58 -28.34
C ASP E 114 46.33 27.28 -28.73
N VAL E 115 47.39 26.51 -28.96
CA VAL E 115 48.72 27.04 -29.26
C VAL E 115 49.11 26.62 -30.66
N GLN E 116 49.57 27.58 -31.47
CA GLN E 116 50.06 27.32 -32.82
C GLN E 116 51.58 27.39 -32.81
N PHE E 117 52.23 26.29 -33.18
CA PHE E 117 53.68 26.20 -33.24
C PHE E 117 54.15 26.45 -34.67
N ASP E 118 55.11 27.37 -34.82
CA ASP E 118 55.62 27.70 -36.15
C ASP E 118 56.28 26.48 -36.80
N GLU E 119 57.08 25.75 -36.04
CA GLU E 119 57.74 24.56 -36.55
C GLU E 119 57.81 23.51 -35.44
N GLY E 120 57.88 22.25 -35.87
CA GLY E 120 58.03 21.15 -34.94
C GLY E 120 56.89 21.04 -33.94
N LEU E 121 55.71 20.61 -34.40
CA LEU E 121 54.57 20.45 -33.53
C LEU E 121 54.90 19.48 -32.40
N PRO E 122 54.72 19.88 -31.15
CA PRO E 122 54.98 18.97 -30.04
C PRO E 122 54.07 17.74 -30.13
N PRO E 123 54.60 16.56 -29.86
CA PRO E 123 53.77 15.36 -29.91
C PRO E 123 52.68 15.42 -28.84
N ILE E 124 51.59 14.70 -29.09
CA ILE E 124 50.48 14.67 -28.15
C ILE E 124 50.96 14.19 -26.79
N LEU E 125 50.35 14.76 -25.73
CA LEU E 125 50.68 14.49 -24.33
C LEU E 125 52.06 15.01 -23.95
N ASN E 126 52.57 16.00 -24.66
CA ASN E 126 53.80 16.67 -24.25
C ASN E 126 53.49 17.81 -23.29
N ALA E 127 54.52 18.25 -22.57
CA ALA E 127 54.39 19.30 -21.58
C ALA E 127 54.88 20.61 -22.19
N LEU E 128 53.96 21.54 -22.42
CA LEU E 128 54.29 22.86 -22.95
C LEU E 128 54.29 23.87 -21.82
N GLU E 129 55.39 24.60 -21.68
CA GLU E 129 55.56 25.58 -20.61
C GLU E 129 55.30 26.97 -21.14
N VAL E 130 54.36 27.68 -20.52
CA VAL E 130 54.07 29.06 -20.89
C VAL E 130 55.18 29.96 -20.36
N GLN E 131 55.69 30.84 -21.23
CA GLN E 131 56.76 31.75 -20.88
C GLN E 131 56.17 33.11 -20.52
N GLY E 132 56.63 33.68 -19.41
CA GLY E 132 56.20 34.99 -18.98
C GLY E 132 55.21 35.02 -17.85
N ARG E 133 54.99 33.91 -17.14
CA ARG E 133 54.07 33.85 -16.02
C ARG E 133 54.84 33.74 -14.72
N GLU E 134 54.28 34.30 -13.65
CA GLU E 134 54.96 34.30 -12.37
C GLU E 134 55.18 32.88 -11.85
N THR E 135 54.21 32.00 -12.01
CA THR E 135 54.32 30.61 -11.61
C THR E 135 54.20 29.73 -12.85
N ARG E 136 54.90 28.60 -12.84
CA ARG E 136 54.91 27.69 -13.97
C ARG E 136 53.50 27.25 -14.33
N LEU E 137 53.09 27.53 -15.56
CA LEU E 137 51.84 27.04 -16.11
C LEU E 137 52.19 26.10 -17.25
N VAL E 138 52.04 24.80 -17.01
CA VAL E 138 52.37 23.79 -18.01
C VAL E 138 51.10 23.39 -18.74
N LEU E 139 51.17 23.36 -20.06
CA LEU E 139 50.07 22.91 -20.91
C LEU E 139 50.39 21.53 -21.45
N GLU E 140 49.39 20.64 -21.43
CA GLU E 140 49.56 19.27 -21.92
C GLU E 140 48.88 19.15 -23.27
N VAL E 141 49.65 18.85 -24.31
CA VAL E 141 49.14 18.68 -25.66
C VAL E 141 48.07 17.61 -25.67
N ALA E 142 46.88 17.95 -26.14
CA ALA E 142 45.74 17.03 -26.18
C ALA E 142 45.36 16.59 -27.58
N GLN E 143 45.35 17.50 -28.54
CA GLN E 143 44.94 17.19 -29.90
C GLN E 143 45.77 18.02 -30.87
N HIS E 144 46.19 17.39 -31.97
CA HIS E 144 46.80 18.12 -33.08
C HIS E 144 45.68 18.59 -33.98
N LEU E 145 45.19 19.81 -33.72
CA LEU E 145 44.05 20.32 -34.47
C LEU E 145 44.35 20.46 -35.95
N GLY E 146 45.60 20.77 -36.30
CA GLY E 146 45.99 21.01 -37.68
C GLY E 146 46.41 22.45 -37.88
N GLU E 147 46.88 22.73 -39.10
CA GLU E 147 47.44 24.03 -39.44
C GLU E 147 48.54 24.43 -38.46
N SER E 148 49.38 23.45 -38.12
CA SER E 148 50.49 23.63 -37.18
C SER E 148 50.00 24.19 -35.84
N THR E 149 48.86 23.68 -35.37
CA THR E 149 48.27 24.14 -34.12
C THR E 149 47.96 22.93 -33.24
N VAL E 150 48.29 23.03 -31.96
CA VAL E 150 48.06 21.96 -30.99
C VAL E 150 47.15 22.49 -29.90
N ARG E 151 46.07 21.76 -29.62
CA ARG E 151 45.18 22.11 -28.51
C ARG E 151 45.67 21.45 -27.24
N THR E 152 45.80 22.24 -26.17
CA THR E 152 46.42 21.79 -24.93
C THR E 152 45.51 22.01 -23.75
N ILE E 153 45.69 21.19 -22.72
CA ILE E 153 44.95 21.29 -21.47
C ILE E 153 45.87 21.90 -20.41
N ALA E 154 45.40 22.95 -19.74
CA ALA E 154 46.21 23.63 -18.75
C ALA E 154 46.19 22.90 -17.41
N MET E 155 47.32 22.94 -16.71
CA MET E 155 47.45 22.34 -15.39
C MET E 155 47.43 23.37 -14.27
N ASP E 156 47.04 24.61 -14.58
CA ASP E 156 46.91 25.67 -13.58
C ASP E 156 45.98 26.73 -14.17
N GLY E 157 45.78 27.81 -13.42
CA GLY E 157 44.88 28.85 -13.85
C GLY E 157 45.35 29.49 -15.15
N THR E 158 44.38 29.81 -16.02
CA THR E 158 44.67 30.45 -17.30
C THR E 158 44.41 31.94 -17.26
N GLU E 159 44.12 32.51 -16.09
CA GLU E 159 43.93 33.94 -15.98
C GLU E 159 45.22 34.68 -16.32
N GLY E 160 45.10 35.76 -17.09
CA GLY E 160 46.23 36.56 -17.47
C GLY E 160 46.86 36.17 -18.79
N LEU E 161 46.55 34.99 -19.32
CA LEU E 161 47.06 34.61 -20.62
C LEU E 161 46.55 35.54 -21.71
N VAL E 162 47.43 35.89 -22.64
CA VAL E 162 47.09 36.77 -23.76
C VAL E 162 47.36 36.03 -25.05
N ARG E 163 46.52 36.31 -26.05
CA ARG E 163 46.71 35.72 -27.37
C ARG E 163 48.00 36.23 -27.99
N GLY E 164 48.95 35.33 -28.19
CA GLY E 164 50.27 35.66 -28.68
C GLY E 164 51.41 35.32 -27.74
N GLN E 165 51.11 35.04 -26.47
CA GLN E 165 52.15 34.72 -25.51
C GLN E 165 52.89 33.45 -25.93
N LYS E 166 54.22 33.47 -25.78
CA LYS E 166 55.05 32.38 -26.24
C LYS E 166 54.95 31.19 -25.30
N VAL E 167 54.95 29.99 -25.87
CA VAL E 167 54.94 28.75 -25.11
C VAL E 167 56.07 27.86 -25.63
N LEU E 168 56.88 27.35 -24.72
CA LEU E 168 58.05 26.56 -25.08
C LEU E 168 57.82 25.08 -24.74
N ASP E 169 58.08 24.22 -25.71
CA ASP E 169 57.93 22.79 -25.51
C ASP E 169 59.05 22.25 -24.62
N SER E 170 58.71 21.25 -23.81
CA SER E 170 59.70 20.58 -22.98
C SER E 170 60.27 19.33 -23.65
N GLY E 171 59.59 18.79 -24.65
CA GLY E 171 60.05 17.62 -25.35
C GLY E 171 59.65 16.30 -24.73
N ALA E 172 59.02 16.32 -23.57
CA ALA E 172 58.61 15.10 -22.88
C ALA E 172 57.30 15.38 -22.17
N PRO E 173 56.52 14.33 -21.87
CA PRO E 173 55.33 14.53 -21.05
C PRO E 173 55.71 15.06 -19.67
N ILE E 174 54.71 15.60 -18.99
CA ILE E 174 54.88 16.15 -17.65
C ILE E 174 55.62 15.13 -16.78
N LYS E 175 56.73 15.54 -16.20
CA LYS E 175 57.55 14.68 -15.37
C LYS E 175 57.56 15.16 -13.93
N ILE E 176 57.66 14.20 -13.01
CA ILE E 176 57.59 14.49 -11.58
C ILE E 176 58.81 13.89 -10.88
N PRO E 177 59.30 14.50 -9.81
CA PRO E 177 60.32 13.83 -9.00
C PRO E 177 59.80 12.51 -8.47
N VAL E 178 60.62 11.46 -8.58
CA VAL E 178 60.22 10.13 -8.19
C VAL E 178 61.41 9.45 -7.51
N GLY E 179 61.11 8.69 -6.47
CA GLY E 179 62.15 8.01 -5.72
C GLY E 179 61.89 8.04 -4.23
N PRO E 180 62.86 7.54 -3.45
CA PRO E 180 62.68 7.52 -1.99
C PRO E 180 62.53 8.91 -1.38
N GLU E 181 63.14 9.93 -1.98
CA GLU E 181 63.06 11.27 -1.42
C GLU E 181 61.63 11.79 -1.40
N THR E 182 60.78 11.28 -2.31
CA THR E 182 59.38 11.72 -2.34
C THR E 182 58.64 11.38 -1.05
N LEU E 183 59.05 10.31 -0.36
CA LEU E 183 58.38 9.92 0.87
C LEU E 183 58.46 11.04 1.90
N GLY E 184 57.31 11.37 2.48
CA GLY E 184 57.21 12.45 3.43
C GLY E 184 56.97 13.81 2.83
N ARG E 185 56.97 13.93 1.51
CA ARG E 185 56.83 15.21 0.84
C ARG E 185 55.47 15.29 0.15
N ILE E 186 54.91 16.49 0.13
CA ILE E 186 53.65 16.77 -0.56
C ILE E 186 53.96 17.35 -1.93
N MET E 187 53.28 16.85 -2.95
CA MET E 187 53.50 17.27 -4.32
C MET E 187 52.17 17.71 -4.95
N ASN E 188 52.28 18.52 -6.00
CA ASN E 188 51.14 18.93 -6.79
C ASN E 188 51.08 18.10 -8.06
N VAL E 189 50.20 18.50 -9.00
CA VAL E 189 50.04 17.75 -10.24
C VAL E 189 51.35 17.73 -11.02
N ILE E 190 52.03 18.87 -11.11
CA ILE E 190 53.24 18.96 -11.91
C ILE E 190 54.47 18.47 -11.18
N GLY E 191 54.36 18.15 -9.89
CA GLY E 191 55.47 17.63 -9.12
C GLY E 191 56.16 18.63 -8.22
N GLU E 192 55.82 19.91 -8.32
CA GLU E 192 56.45 20.90 -7.47
C GLU E 192 56.09 20.64 -6.01
N PRO E 193 57.06 20.67 -5.10
CA PRO E 193 56.74 20.48 -3.68
C PRO E 193 55.86 21.62 -3.17
N ILE E 194 54.79 21.26 -2.48
CA ILE E 194 53.88 22.22 -1.89
C ILE E 194 53.86 22.13 -0.37
N ASP E 195 54.91 21.53 0.21
CA ASP E 195 55.05 21.42 1.66
C ASP E 195 56.03 22.42 2.23
N GLU E 196 56.54 23.35 1.41
CA GLU E 196 57.50 24.39 1.80
C GLU E 196 58.69 23.82 2.57
N ARG E 197 58.99 22.54 2.36
CA ARG E 197 60.14 21.90 2.99
C ARG E 197 61.39 21.91 2.11
N GLY E 198 61.30 22.45 0.90
CA GLY E 198 62.42 22.50 0.01
C GLY E 198 62.22 21.65 -1.23
N PRO E 199 63.10 21.79 -2.21
CA PRO E 199 62.98 21.00 -3.44
C PRO E 199 63.18 19.52 -3.17
N ILE E 200 62.46 18.69 -3.93
CA ILE E 200 62.55 17.24 -3.80
C ILE E 200 63.71 16.78 -4.69
N LYS E 201 64.83 16.43 -4.06
CA LYS E 201 66.05 16.09 -4.79
C LYS E 201 66.08 14.59 -5.08
N THR E 202 65.28 14.20 -6.07
CA THR E 202 65.25 12.81 -6.53
C THR E 202 66.27 12.61 -7.63
N LYS E 203 66.91 11.45 -7.62
CA LYS E 203 67.93 11.16 -8.64
C LYS E 203 67.29 10.88 -10.00
N GLN E 204 66.05 10.41 -10.02
CA GLN E 204 65.37 10.05 -11.27
C GLN E 204 64.02 10.76 -11.33
N PHE E 205 63.62 11.12 -12.54
CA PHE E 205 62.34 11.76 -12.79
C PHE E 205 61.55 10.90 -13.78
N ALA E 206 60.29 10.64 -13.47
CA ALA E 206 59.44 9.79 -14.29
C ALA E 206 58.32 10.60 -14.92
N ALA E 207 57.82 10.09 -16.04
CA ALA E 207 56.76 10.76 -16.80
C ALA E 207 55.40 10.42 -16.23
N ILE E 208 54.50 11.40 -16.25
CA ILE E 208 53.15 11.20 -15.74
C ILE E 208 52.45 10.08 -16.51
N HIS E 209 52.51 10.14 -17.84
CA HIS E 209 51.83 9.17 -18.69
C HIS E 209 52.76 8.01 -19.01
N ALA E 210 52.23 6.80 -18.89
CA ALA E 210 53.00 5.60 -19.18
C ALA E 210 52.03 4.49 -19.56
N GLU E 211 52.55 3.48 -20.25
CA GLU E 211 51.71 2.36 -20.69
C GLU E 211 51.39 1.44 -19.52
N ALA E 212 50.26 0.75 -19.65
CA ALA E 212 49.80 -0.15 -18.59
C ALA E 212 50.64 -1.43 -18.58
N PRO E 213 50.72 -2.10 -17.44
CA PRO E 213 51.41 -3.39 -17.39
C PRO E 213 50.78 -4.38 -18.37
N GLU E 214 51.64 -5.15 -19.04
CA GLU E 214 51.17 -6.05 -20.09
C GLU E 214 50.54 -7.31 -19.49
N PHE E 215 49.89 -8.07 -20.36
CA PHE E 215 49.17 -9.27 -19.91
C PHE E 215 50.12 -10.28 -19.28
N MET E 216 51.31 -10.45 -19.86
CA MET E 216 52.25 -11.44 -19.31
C MET E 216 52.91 -10.99 -18.02
N GLU E 217 52.65 -9.76 -17.57
CA GLU E 217 53.21 -9.26 -16.32
C GLU E 217 52.21 -9.25 -15.17
N MET E 218 50.95 -9.61 -15.41
CA MET E 218 49.94 -9.58 -14.37
C MET E 218 50.14 -10.75 -13.40
N SER E 219 49.78 -10.51 -12.15
CA SER E 219 49.82 -11.53 -11.12
C SER E 219 48.42 -12.04 -10.82
N VAL E 220 48.34 -13.27 -10.30
CA VAL E 220 47.07 -13.92 -10.02
C VAL E 220 46.90 -14.27 -8.55
N GLU E 221 47.87 -13.93 -7.70
CA GLU E 221 47.78 -14.27 -6.29
C GLU E 221 46.67 -13.47 -5.61
N GLN E 222 45.92 -14.14 -4.73
CA GLN E 222 44.83 -13.50 -4.00
C GLN E 222 44.89 -13.93 -2.54
N GLU E 223 45.07 -12.97 -1.65
CA GLU E 223 45.11 -13.21 -0.21
C GLU E 223 44.15 -12.23 0.46
N ILE E 224 43.76 -12.55 1.69
CA ILE E 224 42.78 -11.76 2.44
C ILE E 224 43.52 -10.75 3.30
N LEU E 225 43.23 -9.46 3.07
CA LEU E 225 43.79 -8.38 3.87
C LEU E 225 42.79 -8.05 4.97
N VAL E 226 43.01 -8.61 6.17
CA VAL E 226 42.12 -8.34 7.29
C VAL E 226 42.19 -6.87 7.65
N THR E 227 41.03 -6.22 7.68
CA THR E 227 40.94 -4.79 7.98
C THR E 227 40.42 -4.48 9.38
N GLY E 228 39.97 -5.49 10.12
CA GLY E 228 39.39 -5.24 11.42
C GLY E 228 38.01 -4.64 11.39
N ILE E 229 37.39 -4.58 10.22
CA ILE E 229 36.03 -4.07 10.07
C ILE E 229 35.12 -5.27 9.82
N LYS E 230 34.05 -5.38 10.59
CA LYS E 230 33.20 -6.56 10.50
C LYS E 230 32.61 -6.73 9.11
N VAL E 231 31.97 -5.67 8.58
CA VAL E 231 31.27 -5.79 7.29
C VAL E 231 32.26 -6.20 6.21
N VAL E 232 33.38 -5.49 6.11
CA VAL E 232 34.37 -5.79 5.08
C VAL E 232 34.90 -7.20 5.26
N ASP E 233 35.50 -7.48 6.42
CA ASP E 233 36.19 -8.75 6.63
C ASP E 233 35.26 -9.94 6.43
N LEU E 234 33.98 -9.80 6.78
CA LEU E 234 33.10 -10.96 6.67
C LEU E 234 32.42 -11.03 5.30
N LEU E 235 31.64 -10.02 4.93
CA LEU E 235 30.90 -10.11 3.68
C LEU E 235 31.80 -9.89 2.47
N ALA E 236 32.63 -8.85 2.50
CA ALA E 236 33.40 -8.43 1.33
C ALA E 236 34.87 -8.33 1.71
N PRO E 237 35.56 -9.45 1.89
CA PRO E 237 36.97 -9.39 2.29
C PRO E 237 37.82 -8.69 1.25
N TYR E 238 38.75 -7.88 1.72
CA TYR E 238 39.62 -7.14 0.83
C TYR E 238 40.83 -7.98 0.45
N ALA E 239 41.18 -7.94 -0.83
CA ALA E 239 42.29 -8.73 -1.35
C ALA E 239 43.60 -7.98 -1.23
N LYS E 240 44.67 -8.70 -0.89
CA LYS E 240 45.98 -8.09 -0.86
C LYS E 240 46.49 -7.90 -2.28
N GLY E 241 46.93 -6.69 -2.59
CA GLY E 241 47.40 -6.38 -3.93
C GLY E 241 46.32 -6.15 -4.95
N GLY E 242 45.05 -6.16 -4.54
CA GLY E 242 43.95 -5.95 -5.45
C GLY E 242 43.36 -4.56 -5.33
N LYS E 243 42.67 -4.14 -6.38
CA LYS E 243 42.05 -2.83 -6.42
C LYS E 243 40.76 -2.85 -5.61
N ILE E 244 40.70 -2.01 -4.58
CA ILE E 244 39.55 -1.92 -3.68
C ILE E 244 38.85 -0.59 -3.89
N GLY E 245 37.53 -0.64 -4.00
CA GLY E 245 36.74 0.56 -4.22
C GLY E 245 35.69 0.81 -3.17
N LEU E 246 35.61 2.04 -2.69
CA LEU E 246 34.63 2.44 -1.68
C LEU E 246 33.59 3.33 -2.34
N PHE E 247 32.47 2.74 -2.75
CA PHE E 247 31.39 3.49 -3.36
C PHE E 247 30.51 4.12 -2.30
N GLY E 248 30.16 5.39 -2.52
CA GLY E 248 29.27 6.08 -1.60
C GLY E 248 28.94 7.45 -2.12
N GLY E 249 27.81 7.97 -1.63
CA GLY E 249 27.34 9.28 -2.01
C GLY E 249 27.93 10.38 -1.16
N ALA E 250 27.22 11.51 -1.14
CA ALA E 250 27.66 12.65 -0.34
C ALA E 250 27.39 12.39 1.13
N GLY E 251 28.41 12.56 1.96
CA GLY E 251 28.29 12.41 3.39
C GLY E 251 27.80 11.06 3.86
N VAL E 252 28.38 9.99 3.34
CA VAL E 252 27.99 8.63 3.72
C VAL E 252 29.07 7.88 4.48
N GLY E 253 30.31 8.36 4.47
CA GLY E 253 31.36 7.72 5.25
C GLY E 253 32.53 7.22 4.43
N LYS E 254 32.66 7.70 3.19
CA LYS E 254 33.75 7.25 2.33
C LYS E 254 35.11 7.64 2.90
N THR E 255 35.29 8.91 3.26
CA THR E 255 36.59 9.36 3.73
C THR E 255 36.86 8.87 5.16
N VAL E 256 35.81 8.68 5.95
CA VAL E 256 35.97 8.09 7.28
C VAL E 256 36.45 6.65 7.14
N LEU E 257 35.84 5.89 6.22
CA LEU E 257 36.26 4.50 6.03
C LEU E 257 37.69 4.42 5.53
N ILE E 258 38.06 5.28 4.58
CA ILE E 258 39.41 5.23 4.03
C ILE E 258 40.43 5.65 5.08
N MET E 259 40.05 6.57 5.97
CA MET E 259 40.93 6.89 7.10
C MET E 259 41.07 5.69 8.03
N GLU E 260 39.98 4.96 8.25
CA GLU E 260 40.06 3.74 9.06
C GLU E 260 40.99 2.72 8.43
N LEU E 261 40.90 2.55 7.11
CA LEU E 261 41.80 1.63 6.43
C LEU E 261 43.26 2.08 6.58
N ILE E 262 43.50 3.38 6.49
CA ILE E 262 44.86 3.88 6.68
C ILE E 262 45.35 3.58 8.09
N ASN E 263 44.49 3.82 9.09
CA ASN E 263 44.89 3.61 10.48
C ASN E 263 45.13 2.14 10.79
N ASN E 264 44.31 1.25 10.23
CA ASN E 264 44.38 -0.16 10.58
C ASN E 264 45.41 -0.91 9.74
N VAL E 265 45.71 -0.44 8.53
CA VAL E 265 46.55 -1.21 7.62
C VAL E 265 47.83 -0.47 7.31
N ALA E 266 47.73 0.78 6.87
CA ALA E 266 48.91 1.52 6.41
C ALA E 266 49.96 1.66 7.51
N LYS E 267 49.51 1.87 8.75
CA LYS E 267 50.45 1.99 9.86
C LYS E 267 51.28 0.72 10.03
N ALA E 268 50.65 -0.45 9.91
CA ALA E 268 51.37 -1.71 10.09
C ALA E 268 52.10 -2.14 8.82
N HIS E 269 51.69 -1.66 7.66
CA HIS E 269 52.29 -2.07 6.40
C HIS E 269 53.79 -1.84 6.40
N GLY E 270 54.54 -2.90 6.07
CA GLY E 270 55.99 -2.79 6.05
C GLY E 270 56.53 -2.00 4.89
N GLY E 271 55.77 -1.93 3.79
CA GLY E 271 56.18 -1.19 2.62
C GLY E 271 55.78 0.27 2.70
N TYR E 272 55.97 0.97 1.59
CA TYR E 272 55.64 2.38 1.51
C TYR E 272 54.17 2.54 1.13
N SER E 273 53.73 3.79 1.06
CA SER E 273 52.35 4.08 0.69
C SER E 273 52.30 5.45 0.02
N VAL E 274 51.27 5.66 -0.79
CA VAL E 274 51.04 6.93 -1.44
C VAL E 274 49.56 7.29 -1.32
N PHE E 275 49.26 8.46 -0.78
CA PHE E 275 47.89 8.95 -0.68
C PHE E 275 47.70 10.06 -1.70
N ALA E 276 46.84 9.82 -2.69
CA ALA E 276 46.59 10.78 -3.76
C ALA E 276 45.23 11.43 -3.53
N GLY E 277 45.24 12.72 -3.19
CA GLY E 277 44.02 13.46 -2.99
C GLY E 277 43.54 14.15 -4.24
N VAL E 278 42.47 13.63 -4.85
CA VAL E 278 41.93 14.17 -6.09
C VAL E 278 40.56 14.76 -5.79
N GLY E 279 40.43 16.06 -5.99
CA GLY E 279 39.16 16.75 -5.87
C GLY E 279 38.45 16.60 -4.54
N GLU E 280 39.18 16.77 -3.44
CA GLU E 280 38.59 16.76 -2.12
C GLU E 280 38.98 18.02 -1.37
N ARG E 281 38.22 18.31 -0.32
CA ARG E 281 38.42 19.53 0.46
C ARG E 281 39.84 19.61 1.01
N THR E 282 40.45 20.78 0.89
CA THR E 282 41.85 20.94 1.28
C THR E 282 42.07 20.72 2.77
N ARG E 283 41.09 21.12 3.60
CA ARG E 283 41.23 20.95 5.04
C ARG E 283 41.44 19.49 5.41
N GLU E 284 40.83 18.57 4.65
CA GLU E 284 41.08 17.15 4.89
C GLU E 284 42.55 16.80 4.69
N GLY E 285 43.16 17.36 3.65
CA GLY E 285 44.58 17.11 3.43
C GLY E 285 45.45 17.65 4.54
N ASN E 286 45.15 18.88 4.99
CA ASN E 286 45.93 19.46 6.08
C ASN E 286 45.81 18.63 7.34
N ASP E 287 44.60 18.14 7.64
CA ASP E 287 44.42 17.27 8.79
C ASP E 287 45.25 16.00 8.65
N LEU E 288 45.13 15.32 7.51
CA LEU E 288 45.86 14.08 7.31
C LEU E 288 47.36 14.29 7.38
N TYR E 289 47.86 15.38 6.80
CA TYR E 289 49.29 15.67 6.86
C TYR E 289 49.76 15.82 8.29
N HIS E 290 49.05 16.61 9.09
CA HIS E 290 49.45 16.79 10.49
C HIS E 290 49.21 15.52 11.30
N GLU E 291 48.14 14.79 11.02
CA GLU E 291 47.88 13.54 11.72
C GLU E 291 49.00 12.54 11.47
N MET E 292 49.45 12.42 10.23
CA MET E 292 50.54 11.50 9.92
C MET E 292 51.85 11.97 10.54
N ILE E 293 52.07 13.29 10.61
CA ILE E 293 53.25 13.82 11.28
C ILE E 293 53.25 13.42 12.75
N GLU E 294 52.11 13.58 13.41
CA GLU E 294 52.00 13.18 14.82
C GLU E 294 52.23 11.69 14.99
N SER E 295 51.63 10.88 14.12
CA SER E 295 51.77 9.43 14.22
C SER E 295 53.17 8.95 13.90
N GLY E 296 53.98 9.76 13.22
CA GLY E 296 55.32 9.38 12.84
C GLY E 296 55.44 8.81 11.44
N VAL E 297 54.32 8.62 10.75
CA VAL E 297 54.37 8.10 9.38
C VAL E 297 55.09 9.09 8.48
N ILE E 298 54.93 10.38 8.72
CA ILE E 298 55.67 11.43 8.03
C ILE E 298 56.60 12.07 9.06
N ASN E 299 57.89 11.75 8.98
CA ASN E 299 58.88 12.32 9.88
C ASN E 299 59.54 13.51 9.20
N LEU E 300 59.51 14.66 9.85
CA LEU E 300 60.09 15.88 9.30
C LEU E 300 61.54 16.08 9.70
N LYS E 301 62.16 15.09 10.34
CA LYS E 301 63.53 15.18 10.81
C LYS E 301 64.46 14.24 10.05
N ASP E 302 64.11 12.96 9.97
CA ASP E 302 64.90 11.97 9.26
C ASP E 302 64.04 11.26 8.22
N ALA E 303 64.70 10.58 7.28
CA ALA E 303 64.00 9.93 6.19
C ALA E 303 63.44 8.58 6.60
N THR E 304 62.65 8.55 7.67
CA THR E 304 61.93 7.36 8.08
C THR E 304 60.46 7.41 7.65
N SER E 305 60.09 8.40 6.85
CA SER E 305 58.72 8.50 6.38
C SER E 305 58.38 7.35 5.46
N LYS E 306 57.13 6.87 5.54
CA LYS E 306 56.68 5.72 4.78
C LYS E 306 55.53 6.04 3.84
N VAL E 307 55.12 7.31 3.74
CA VAL E 307 53.98 7.68 2.91
C VAL E 307 54.32 8.95 2.14
N ALA E 308 54.06 8.94 0.84
CA ALA E 308 54.19 10.13 -0.01
C ALA E 308 52.81 10.67 -0.32
N LEU E 309 52.71 12.00 -0.42
CA LEU E 309 51.43 12.68 -0.61
C LEU E 309 51.45 13.46 -1.91
N VAL E 310 50.46 13.21 -2.76
CA VAL E 310 50.18 14.02 -3.95
C VAL E 310 48.76 14.54 -3.83
N TYR E 311 48.59 15.86 -3.98
CA TYR E 311 47.29 16.49 -3.73
C TYR E 311 46.87 17.35 -4.91
N GLY E 312 45.64 17.11 -5.38
CA GLY E 312 45.02 17.81 -6.47
C GLY E 312 43.66 18.38 -6.10
N GLN E 313 43.57 19.00 -4.93
CA GLN E 313 42.30 19.28 -4.27
C GLN E 313 41.37 20.12 -5.15
N MET E 314 40.11 20.21 -4.72
CA MET E 314 39.05 20.76 -5.55
C MET E 314 39.31 22.21 -5.94
N ASN E 315 40.15 22.93 -5.19
CA ASN E 315 40.48 24.29 -5.58
C ASN E 315 41.21 24.35 -6.91
N GLU E 316 41.87 23.26 -7.30
CA GLU E 316 42.65 23.25 -8.53
C GLU E 316 41.74 23.34 -9.75
N PRO E 317 42.27 23.83 -10.87
CA PRO E 317 41.48 23.90 -12.10
C PRO E 317 41.15 22.52 -12.63
N PRO E 318 40.16 22.40 -13.52
CA PRO E 318 39.75 21.06 -13.99
C PRO E 318 40.89 20.27 -14.61
N GLY E 319 41.77 20.92 -15.36
CA GLY E 319 42.87 20.20 -15.98
C GLY E 319 43.77 19.53 -14.96
N ALA E 320 44.09 20.24 -13.87
CA ALA E 320 44.96 19.67 -12.85
C ALA E 320 44.32 18.47 -12.17
N ARG E 321 43.01 18.57 -11.87
CA ARG E 321 42.33 17.47 -11.18
C ARG E 321 42.24 16.22 -12.04
N ALA E 322 42.42 16.34 -13.35
CA ALA E 322 42.37 15.19 -14.25
C ALA E 322 43.71 14.50 -14.40
N ARG E 323 44.77 15.01 -13.78
CA ARG E 323 46.10 14.42 -13.90
C ARG E 323 46.77 14.10 -12.57
N VAL E 324 46.28 14.63 -11.44
CA VAL E 324 46.92 14.39 -10.16
C VAL E 324 46.89 12.91 -9.79
N ALA E 325 45.78 12.24 -10.10
CA ALA E 325 45.71 10.79 -9.87
C ALA E 325 46.82 10.08 -10.61
N LEU E 326 47.11 10.51 -11.84
CA LEU E 326 48.22 9.93 -12.58
C LEU E 326 49.56 10.22 -11.91
N THR E 327 49.70 11.38 -11.27
CA THR E 327 50.92 11.70 -10.54
C THR E 327 51.12 10.74 -9.36
N GLY E 328 50.08 10.57 -8.55
CA GLY E 328 50.16 9.62 -7.45
C GLY E 328 50.40 8.21 -7.94
N LEU E 329 49.79 7.85 -9.07
CA LEU E 329 50.00 6.54 -9.65
C LEU E 329 51.43 6.36 -10.10
N THR E 330 52.06 7.40 -10.66
CA THR E 330 53.44 7.29 -11.10
C THR E 330 54.38 7.12 -9.92
N VAL E 331 54.19 7.91 -8.86
CA VAL E 331 55.07 7.76 -7.70
C VAL E 331 54.86 6.41 -7.03
N ALA E 332 53.64 5.87 -7.10
CA ALA E 332 53.43 4.51 -6.62
C ALA E 332 54.10 3.49 -7.54
N GLU E 333 54.05 3.72 -8.85
CA GLU E 333 54.64 2.81 -9.83
C GLU E 333 56.14 2.67 -9.63
N TYR E 334 56.80 3.78 -9.30
CA TYR E 334 58.24 3.70 -9.05
C TYR E 334 58.53 2.72 -7.93
N PHE E 335 57.82 2.84 -6.81
CA PHE E 335 58.03 1.94 -5.69
C PHE E 335 57.68 0.51 -6.06
N ARG E 336 56.64 0.33 -6.88
CA ARG E 336 56.26 -1.02 -7.28
C ARG E 336 57.34 -1.68 -8.13
N ASP E 337 57.87 -0.97 -9.12
CA ASP E 337 58.74 -1.59 -10.09
C ASP E 337 60.22 -1.42 -9.73
N GLN E 338 60.70 -0.18 -9.66
CA GLN E 338 62.12 0.05 -9.48
C GLN E 338 62.60 -0.42 -8.10
N GLU E 339 61.91 0.01 -7.04
CA GLU E 339 62.29 -0.41 -5.70
C GLU E 339 61.81 -1.83 -5.37
N GLY E 340 60.81 -2.34 -6.09
CA GLY E 340 60.29 -3.66 -5.81
C GLY E 340 59.70 -3.81 -4.43
N GLN E 341 59.07 -2.76 -3.90
CA GLN E 341 58.48 -2.78 -2.57
C GLN E 341 56.96 -2.65 -2.70
N ASP E 342 56.25 -3.42 -1.87
CA ASP E 342 54.80 -3.34 -1.84
C ASP E 342 54.35 -1.94 -1.40
N VAL E 343 53.34 -1.42 -2.09
CA VAL E 343 52.83 -0.07 -1.83
C VAL E 343 51.32 -0.14 -1.63
N LEU E 344 50.80 0.81 -0.86
CA LEU E 344 49.37 0.98 -0.67
C LEU E 344 48.99 2.32 -1.26
N LEU E 345 48.34 2.31 -2.42
CA LEU E 345 47.93 3.54 -3.08
C LEU E 345 46.52 3.87 -2.63
N PHE E 346 46.40 4.83 -1.70
CA PHE E 346 45.11 5.34 -1.29
C PHE E 346 44.79 6.59 -2.11
N ILE E 347 43.74 6.49 -2.94
CA ILE E 347 43.29 7.66 -3.76
C ILE E 347 41.93 8.10 -3.23
N ASP E 348 41.65 9.41 -3.23
CA ASP E 348 40.37 9.93 -2.69
C ASP E 348 39.49 10.44 -3.84
N ASN E 349 38.25 9.95 -3.91
CA ASN E 349 37.29 10.39 -4.97
C ASN E 349 37.91 10.27 -6.37
N ILE E 350 38.15 9.06 -6.84
CA ILE E 350 38.64 8.89 -8.23
C ILE E 350 37.58 9.50 -9.15
N PHE E 351 36.31 9.47 -8.73
CA PHE E 351 35.26 10.12 -9.50
C PHE E 351 35.68 11.52 -9.97
N ARG E 352 36.37 12.26 -9.11
CA ARG E 352 36.77 13.62 -9.49
C ARG E 352 37.64 13.62 -10.74
N PHE E 353 38.43 12.57 -10.94
CA PHE E 353 39.21 12.45 -12.17
C PHE E 353 38.30 12.43 -13.39
N THR E 354 37.24 11.63 -13.35
CA THR E 354 36.28 11.59 -14.43
C THR E 354 35.54 12.92 -14.57
N GLN E 355 35.16 13.52 -13.45
CA GLN E 355 34.39 14.77 -13.48
C GLN E 355 35.21 15.88 -14.13
N ALA E 356 36.51 15.94 -13.81
CA ALA E 356 37.39 16.91 -14.45
C ALA E 356 37.44 16.70 -15.95
N GLY E 357 37.47 15.44 -16.39
CA GLY E 357 37.47 15.16 -17.82
C GLY E 357 36.22 15.67 -18.51
N SER E 358 35.06 15.52 -17.87
CA SER E 358 33.82 16.02 -18.45
C SER E 358 33.86 17.52 -18.62
N GLU E 359 34.44 18.23 -17.66
CA GLU E 359 34.50 19.69 -17.74
C GLU E 359 35.38 20.15 -18.90
N VAL E 360 36.48 19.44 -19.17
CA VAL E 360 37.37 19.83 -20.25
C VAL E 360 36.95 19.23 -21.59
N SER E 361 36.19 18.13 -21.57
CA SER E 361 35.75 17.50 -22.81
C SER E 361 34.92 18.45 -23.65
N ALA E 362 34.04 19.22 -23.01
CA ALA E 362 33.23 20.19 -23.74
C ALA E 362 34.11 21.20 -24.45
N LEU E 363 35.14 21.69 -23.78
CA LEU E 363 36.05 22.66 -24.39
C LEU E 363 37.04 22.02 -25.35
N LEU E 364 37.14 20.69 -25.35
CA LEU E 364 38.00 19.97 -26.29
C LEU E 364 37.28 19.61 -27.57
N GLY E 365 36.07 20.10 -27.78
CA GLY E 365 35.31 19.85 -28.99
C GLY E 365 34.95 18.40 -29.21
N ARG E 366 34.17 17.83 -28.29
CA ARG E 366 33.71 16.45 -28.39
C ARG E 366 32.21 16.42 -28.21
N ILE E 367 31.53 15.59 -29.01
CA ILE E 367 30.09 15.40 -28.88
C ILE E 367 29.82 14.77 -27.51
N PRO E 368 28.98 15.38 -26.69
CA PRO E 368 28.76 14.84 -25.34
C PRO E 368 28.12 13.46 -25.38
N SER E 369 28.54 12.62 -24.44
CA SER E 369 27.99 11.28 -24.32
C SER E 369 26.78 11.31 -23.40
N ALA E 370 26.33 10.14 -22.95
CA ALA E 370 25.17 10.06 -22.08
C ALA E 370 25.39 10.86 -20.81
N VAL E 371 24.31 11.43 -20.28
CA VAL E 371 24.34 12.37 -19.17
C VAL E 371 25.00 13.68 -19.60
N GLY E 372 26.20 13.58 -20.16
CA GLY E 372 27.00 14.76 -20.44
C GLY E 372 28.48 14.52 -20.24
N TYR E 373 28.83 13.31 -19.83
CA TYR E 373 30.23 12.95 -19.63
C TYR E 373 30.97 12.92 -20.97
N GLN E 374 32.29 12.84 -20.89
CA GLN E 374 33.11 12.78 -22.09
C GLN E 374 32.83 11.48 -22.85
N PRO E 375 32.99 11.49 -24.17
CA PRO E 375 32.83 10.25 -24.94
C PRO E 375 33.92 9.23 -24.70
N THR E 376 35.01 9.60 -24.02
CA THR E 376 36.15 8.72 -23.79
C THR E 376 36.22 8.28 -22.33
N LEU E 377 35.08 8.24 -21.65
CA LEU E 377 35.06 7.90 -20.23
C LEU E 377 35.65 6.53 -19.98
N ALA E 378 35.15 5.52 -20.68
CA ALA E 378 35.60 4.15 -20.43
C ALA E 378 37.08 4.01 -20.77
N THR E 379 37.51 4.58 -21.90
CA THR E 379 38.89 4.41 -22.33
C THR E 379 39.87 5.11 -21.40
N ASP E 380 39.61 6.38 -21.06
CA ASP E 380 40.55 7.08 -20.18
C ASP E 380 40.55 6.48 -18.78
N MET E 381 39.37 6.08 -18.28
CA MET E 381 39.30 5.45 -16.97
C MET E 381 40.07 4.12 -16.98
N GLY E 382 39.93 3.33 -18.03
CA GLY E 382 40.70 2.09 -18.12
C GLY E 382 42.19 2.34 -18.21
N THR E 383 42.59 3.33 -18.99
CA THR E 383 44.00 3.68 -19.11
C THR E 383 44.59 4.04 -17.75
N MET E 384 43.85 4.80 -16.95
CA MET E 384 44.31 5.15 -15.62
C MET E 384 44.31 3.93 -14.69
N GLN E 385 43.20 3.19 -14.66
CA GLN E 385 43.06 2.08 -13.73
C GLN E 385 44.01 0.94 -14.07
N GLU E 386 44.20 0.65 -15.36
CA GLU E 386 45.02 -0.50 -15.75
C GLU E 386 46.45 -0.35 -15.25
N ARG E 387 46.94 0.89 -15.16
CA ARG E 387 48.27 1.11 -14.62
C ARG E 387 48.32 0.81 -13.12
N ILE E 388 47.20 0.99 -12.42
CA ILE E 388 47.18 0.67 -10.99
C ILE E 388 46.83 -0.80 -10.84
N THR E 389 47.83 -1.67 -10.99
CA THR E 389 47.66 -3.10 -10.89
C THR E 389 48.92 -3.73 -10.32
N THR E 390 48.75 -4.76 -9.51
CA THR E 390 49.88 -5.55 -9.06
C THR E 390 50.49 -6.29 -10.24
N THR E 391 51.80 -6.19 -10.39
CA THR E 391 52.53 -6.91 -11.41
C THR E 391 53.41 -7.95 -10.76
N LYS E 392 54.21 -8.64 -11.57
CA LYS E 392 55.16 -9.61 -11.03
C LYS E 392 56.35 -8.96 -10.36
N LYS E 393 56.62 -7.69 -10.64
CA LYS E 393 57.69 -6.98 -9.95
C LYS E 393 57.28 -6.59 -8.53
N GLY E 394 56.08 -6.02 -8.38
CA GLY E 394 55.65 -5.57 -7.07
C GLY E 394 54.14 -5.54 -7.00
N SER E 395 53.63 -5.24 -5.82
CA SER E 395 52.20 -5.24 -5.54
C SER E 395 51.76 -3.86 -5.09
N ILE E 396 50.60 -3.44 -5.57
CA ILE E 396 49.98 -2.18 -5.17
C ILE E 396 48.55 -2.48 -4.73
N THR E 397 48.29 -2.41 -3.43
CA THR E 397 46.93 -2.53 -2.91
C THR E 397 46.26 -1.16 -3.01
N SER E 398 45.31 -1.03 -3.92
CA SER E 398 44.71 0.26 -4.25
C SER E 398 43.37 0.40 -3.54
N VAL E 399 43.26 1.38 -2.66
CA VAL E 399 42.00 1.71 -2.00
C VAL E 399 41.52 3.02 -2.60
N GLN E 400 40.56 2.94 -3.51
CA GLN E 400 40.07 4.11 -4.24
C GLN E 400 38.64 4.42 -3.80
N ALA E 401 38.42 5.62 -3.28
CA ALA E 401 37.08 6.06 -2.95
C ALA E 401 36.42 6.63 -4.20
N ILE E 402 35.19 6.19 -4.46
CA ILE E 402 34.47 6.55 -5.69
C ILE E 402 33.15 7.16 -5.28
N TYR E 403 32.97 8.44 -5.57
CA TYR E 403 31.73 9.14 -5.26
C TYR E 403 30.68 8.82 -6.32
N VAL E 404 29.48 8.48 -5.88
CA VAL E 404 28.36 8.21 -6.77
C VAL E 404 27.50 9.47 -6.83
N PRO E 405 27.31 10.09 -7.99
CA PRO E 405 26.43 11.27 -8.07
C PRO E 405 25.01 10.94 -7.66
N ALA E 406 24.42 11.81 -6.84
CA ALA E 406 23.01 11.71 -6.41
C ALA E 406 22.70 10.33 -5.82
N ASP E 407 23.69 9.77 -5.14
CA ASP E 407 23.61 8.41 -4.61
C ASP E 407 23.09 7.44 -5.67
N ASP E 408 23.48 7.66 -6.92
CA ASP E 408 23.00 6.90 -8.07
C ASP E 408 24.17 6.11 -8.63
N LEU E 409 24.06 4.78 -8.60
CA LEU E 409 25.12 3.91 -9.08
C LEU E 409 24.98 3.53 -10.55
N THR E 410 23.88 3.92 -11.20
CA THR E 410 23.74 3.75 -12.64
C THR E 410 24.36 4.90 -13.42
N ASP E 411 24.84 5.92 -12.73
CA ASP E 411 25.56 6.99 -13.39
C ASP E 411 26.78 6.42 -14.11
N PRO E 412 27.10 6.91 -15.30
CA PRO E 412 28.21 6.32 -16.07
C PRO E 412 29.54 6.25 -15.32
N ALA E 413 29.88 7.27 -14.53
CA ALA E 413 31.16 7.25 -13.84
C ALA E 413 31.26 6.13 -12.82
N PRO E 414 30.40 6.05 -11.80
CA PRO E 414 30.51 4.91 -10.87
C PRO E 414 30.27 3.57 -11.53
N ALA E 415 29.38 3.50 -12.53
CA ALA E 415 29.06 2.22 -13.17
C ALA E 415 30.29 1.63 -13.85
N THR E 416 31.05 2.46 -14.55
CA THR E 416 32.23 1.97 -15.26
C THR E 416 33.32 1.53 -14.28
N THR E 417 33.43 2.19 -13.13
CA THR E 417 34.48 1.88 -12.18
C THR E 417 34.35 0.46 -11.62
N PHE E 418 33.13 -0.10 -11.61
CA PHE E 418 32.93 -1.42 -11.02
C PHE E 418 33.79 -2.48 -11.67
N ALA E 419 33.98 -2.40 -12.99
CA ALA E 419 34.73 -3.44 -13.70
C ALA E 419 36.21 -3.45 -13.34
N HIS E 420 36.72 -2.39 -12.74
CA HIS E 420 38.14 -2.26 -12.46
C HIS E 420 38.50 -2.55 -11.01
N LEU E 421 37.62 -3.23 -10.27
CA LEU E 421 37.82 -3.44 -8.84
C LEU E 421 37.59 -4.90 -8.48
N ASP E 422 38.55 -5.47 -7.75
CA ASP E 422 38.36 -6.82 -7.22
C ASP E 422 37.36 -6.84 -6.07
N ALA E 423 37.51 -5.91 -5.13
CA ALA E 423 36.62 -5.80 -3.99
C ALA E 423 35.89 -4.46 -4.06
N THR E 424 34.58 -4.50 -3.85
CA THR E 424 33.74 -3.31 -3.95
C THR E 424 32.95 -3.15 -2.67
N THR E 425 33.04 -1.98 -2.05
CA THR E 425 32.26 -1.64 -0.86
C THR E 425 31.34 -0.47 -1.22
N VAL E 426 30.03 -0.70 -1.10
CA VAL E 426 29.03 0.29 -1.46
C VAL E 426 28.36 0.78 -0.18
N LEU E 427 28.69 2.00 0.23
CA LEU E 427 27.99 2.62 1.34
C LEU E 427 26.66 3.20 0.88
N SER E 428 25.63 3.07 1.71
CA SER E 428 24.28 3.50 1.37
C SER E 428 23.82 4.57 2.36
N ARG E 429 23.21 5.63 1.84
CA ARG E 429 22.73 6.69 2.73
C ARG E 429 21.66 6.19 3.68
N ALA E 430 20.75 5.33 3.18
CA ALA E 430 19.65 4.84 4.02
C ALA E 430 20.17 4.10 5.24
N ILE E 431 21.19 3.26 5.05
CA ILE E 431 21.81 2.58 6.18
C ILE E 431 22.38 3.59 7.18
N ALA E 432 22.98 4.67 6.67
CA ALA E 432 23.45 5.73 7.55
C ALA E 432 22.28 6.42 8.25
N GLU E 433 21.16 6.58 7.56
CA GLU E 433 19.98 7.19 8.18
C GLU E 433 19.50 6.36 9.37
N LEU E 434 19.51 5.04 9.23
CA LEU E 434 19.13 4.18 10.35
C LEU E 434 20.14 4.27 11.49
N GLY E 435 21.35 4.77 11.23
CA GLY E 435 22.37 4.92 12.24
C GLY E 435 23.51 3.93 12.13
N ILE E 436 23.33 2.86 11.35
CA ILE E 436 24.38 1.86 11.21
C ILE E 436 25.60 2.49 10.55
N TYR E 437 26.72 2.52 11.27
CA TYR E 437 27.97 3.05 10.74
C TYR E 437 29.06 2.02 11.00
N PRO E 438 29.80 1.59 9.97
CA PRO E 438 29.79 2.09 8.59
C PRO E 438 28.53 1.71 7.82
N ALA E 439 28.19 2.49 6.80
CA ALA E 439 26.95 2.32 6.05
C ALA E 439 27.09 1.33 4.89
N VAL E 440 28.01 0.37 5.01
CA VAL E 440 28.22 -0.62 3.96
C VAL E 440 26.92 -1.35 3.69
N ASP E 441 26.56 -1.44 2.42
CA ASP E 441 25.37 -2.20 2.04
C ASP E 441 25.71 -3.68 2.06
N PRO E 442 25.10 -4.48 2.93
CA PRO E 442 25.49 -5.89 3.04
C PRO E 442 25.25 -6.69 1.77
N LEU E 443 24.21 -6.35 1.02
CA LEU E 443 23.81 -7.15 -0.13
C LEU E 443 24.32 -6.59 -1.45
N ASP E 444 25.06 -5.48 -1.44
CA ASP E 444 25.63 -4.89 -2.64
C ASP E 444 27.13 -5.02 -2.71
N SER E 445 27.82 -4.90 -1.58
CA SER E 445 29.27 -5.05 -1.56
C SER E 445 29.67 -6.46 -1.98
N THR E 446 30.69 -6.55 -2.81
CA THR E 446 31.15 -7.83 -3.33
C THR E 446 32.67 -7.89 -3.27
N SER E 447 33.20 -9.09 -3.44
CA SER E 447 34.64 -9.31 -3.47
C SER E 447 34.94 -10.55 -4.30
N ARG E 448 36.17 -10.60 -4.83
CA ARG E 448 36.58 -11.74 -5.64
C ARG E 448 37.26 -12.83 -4.83
N ILE E 449 37.72 -12.54 -3.62
CA ILE E 449 38.32 -13.57 -2.77
C ILE E 449 37.29 -14.25 -1.88
N MET E 450 36.01 -13.92 -2.05
CA MET E 450 34.94 -14.64 -1.35
C MET E 450 34.66 -15.95 -2.08
N ASP E 451 35.67 -16.81 -2.06
CA ASP E 451 35.63 -18.14 -2.63
C ASP E 451 35.90 -19.16 -1.54
N PRO E 452 35.09 -20.21 -1.42
CA PRO E 452 35.29 -21.18 -0.32
C PRO E 452 36.67 -21.81 -0.32
N ASN E 453 37.31 -21.91 -1.48
CA ASN E 453 38.68 -22.44 -1.53
C ASN E 453 39.73 -21.39 -1.21
N ILE E 454 39.33 -20.13 -1.01
CA ILE E 454 40.27 -19.07 -0.72
C ILE E 454 40.04 -18.56 0.70
N VAL E 455 38.83 -18.06 0.96
CA VAL E 455 38.53 -17.47 2.26
C VAL E 455 38.23 -18.51 3.31
N GLY E 456 37.96 -19.75 2.92
CA GLY E 456 37.64 -20.81 3.85
C GLY E 456 36.16 -21.16 3.82
N SER E 457 35.87 -22.44 4.05
CA SER E 457 34.50 -22.91 3.97
C SER E 457 33.64 -22.28 5.06
N GLU E 458 34.12 -22.30 6.30
CA GLU E 458 33.36 -21.72 7.40
C GLU E 458 33.03 -20.26 7.15
N HIS E 459 34.05 -19.47 6.80
CA HIS E 459 33.84 -18.06 6.51
C HIS E 459 32.84 -17.86 5.38
N TYR E 460 33.00 -18.64 4.31
CA TYR E 460 32.10 -18.54 3.16
C TYR E 460 30.65 -18.83 3.58
N ASP E 461 30.46 -19.92 4.34
CA ASP E 461 29.12 -20.30 4.76
C ASP E 461 28.49 -19.22 5.63
N VAL E 462 29.26 -18.68 6.57
CA VAL E 462 28.74 -17.64 7.46
C VAL E 462 28.33 -16.41 6.66
N ALA E 463 29.19 -15.95 5.76
CA ALA E 463 28.89 -14.77 4.97
C ALA E 463 27.64 -14.99 4.13
N ARG E 464 27.57 -16.13 3.45
CA ARG E 464 26.42 -16.42 2.60
C ARG E 464 25.14 -16.51 3.40
N GLY E 465 25.18 -17.12 4.60
CA GLY E 465 24.00 -17.21 5.42
C GLY E 465 23.52 -15.85 5.90
N VAL E 466 24.45 -14.99 6.31
CA VAL E 466 24.11 -13.63 6.71
C VAL E 466 23.44 -12.90 5.55
N GLN E 467 24.04 -12.99 4.37
CA GLN E 467 23.46 -12.34 3.20
C GLN E 467 22.07 -12.89 2.92
N LYS E 468 21.88 -14.20 3.07
CA LYS E 468 20.58 -14.81 2.80
C LYS E 468 19.51 -14.30 3.74
N ILE E 469 19.81 -14.26 5.04
CA ILE E 469 18.79 -13.83 5.99
C ILE E 469 18.47 -12.34 5.79
N LEU E 470 19.49 -11.53 5.48
CA LEU E 470 19.22 -10.12 5.20
C LEU E 470 18.39 -9.96 3.94
N GLN E 471 18.65 -10.78 2.92
CA GLN E 471 17.87 -10.74 1.69
C GLN E 471 16.42 -11.11 1.95
N ASP E 472 16.18 -12.12 2.78
CA ASP E 472 14.80 -12.50 3.11
C ASP E 472 14.09 -11.39 3.87
N TYR E 473 14.80 -10.73 4.79
CA TYR E 473 14.21 -9.59 5.47
C TYR E 473 13.84 -8.47 4.49
N LYS E 474 14.74 -8.21 3.53
CA LYS E 474 14.42 -7.23 2.50
C LYS E 474 13.20 -7.64 1.69
N SER E 475 13.07 -8.95 1.41
CA SER E 475 11.92 -9.44 0.67
C SER E 475 10.62 -9.28 1.46
N LEU E 476 10.69 -9.32 2.79
CA LEU E 476 9.50 -9.14 3.63
C LEU E 476 9.24 -7.69 4.00
N GLN E 477 10.15 -6.78 3.64
CA GLN E 477 9.99 -5.37 3.99
C GLN E 477 8.64 -4.80 3.58
N ASP E 478 8.19 -5.06 2.35
CA ASP E 478 6.94 -4.45 1.87
C ASP E 478 5.74 -4.91 2.70
N ILE E 479 5.64 -6.21 2.92
CA ILE E 479 4.55 -6.75 3.73
C ILE E 479 4.59 -6.15 5.12
N ILE E 480 5.79 -6.03 5.70
CA ILE E 480 5.90 -5.38 7.00
C ILE E 480 5.37 -3.96 6.92
N ALA E 481 5.88 -3.19 5.95
CA ALA E 481 5.63 -1.75 5.90
C ALA E 481 4.14 -1.46 5.78
N ILE E 482 3.39 -2.33 5.12
CA ILE E 482 1.97 -2.02 4.98
C ILE E 482 1.18 -2.72 6.08
N LEU E 483 1.22 -4.04 6.14
CA LEU E 483 0.35 -4.76 7.05
C LEU E 483 0.77 -4.58 8.50
N GLY E 484 2.06 -4.74 8.78
CA GLY E 484 2.51 -4.87 10.16
C GLY E 484 3.23 -6.17 10.36
N MET E 485 4.16 -6.20 11.33
CA MET E 485 4.89 -7.43 11.61
C MET E 485 3.96 -8.50 12.18
N ASP E 486 2.80 -8.08 12.69
CA ASP E 486 1.85 -9.04 13.25
C ASP E 486 1.38 -10.05 12.21
N GLU E 487 1.19 -9.59 10.97
CA GLU E 487 0.73 -10.48 9.91
C GLU E 487 1.91 -11.21 9.27
N LEU E 488 2.72 -11.86 10.10
CA LEU E 488 3.84 -12.68 9.64
C LEU E 488 3.85 -13.98 10.42
N SER E 489 4.53 -14.99 9.77
CA SER E 489 4.69 -16.30 10.44
C SER E 489 5.69 -16.15 11.59
N GLU E 490 5.45 -16.92 12.69
CA GLU E 490 6.42 -16.88 13.79
C GLU E 490 7.82 -17.23 13.30
N GLU E 491 7.92 -18.12 12.31
CA GLU E 491 9.19 -18.37 11.66
C GLU E 491 9.72 -17.12 10.98
N ASP E 492 8.84 -16.39 10.29
CA ASP E 492 9.25 -15.14 9.65
C ASP E 492 9.71 -14.12 10.68
N LYS E 493 8.99 -14.02 11.81
CA LYS E 493 9.41 -13.12 12.86
C LYS E 493 10.81 -13.46 13.35
N LEU E 494 11.14 -14.75 13.42
CA LEU E 494 12.49 -15.15 13.80
C LEU E 494 13.52 -14.62 12.80
N THR E 495 13.22 -14.75 11.51
CA THR E 495 14.12 -14.23 10.49
C THR E 495 14.28 -12.71 10.63
N VAL E 496 13.17 -12.01 10.83
CA VAL E 496 13.23 -10.56 11.01
C VAL E 496 14.04 -10.20 12.24
N SER E 497 13.76 -10.87 13.37
CA SER E 497 14.46 -10.56 14.60
C SER E 497 15.95 -10.83 14.48
N ARG E 498 16.31 -11.98 13.91
CA ARG E 498 17.73 -12.30 13.74
C ARG E 498 18.41 -11.36 12.76
N ALA E 499 17.74 -11.06 11.63
CA ALA E 499 18.34 -10.20 10.63
C ALA E 499 18.67 -8.82 11.19
N ARG E 500 17.75 -8.26 11.98
CA ARG E 500 18.00 -6.95 12.58
C ARG E 500 19.20 -7.00 13.52
N LYS E 501 19.34 -8.07 14.29
CA LYS E 501 20.51 -8.21 15.15
C LYS E 501 21.79 -8.23 14.32
N ILE E 502 21.75 -8.91 13.18
CA ILE E 502 22.92 -8.95 12.30
C ILE E 502 23.23 -7.56 11.76
N GLN E 503 22.21 -6.85 11.30
CA GLN E 503 22.40 -5.49 10.80
C GLN E 503 23.02 -4.60 11.87
N ARG E 504 22.54 -4.70 13.10
CA ARG E 504 23.14 -3.92 14.18
C ARG E 504 24.58 -4.34 14.42
N PHE E 505 24.85 -5.64 14.42
CA PHE E 505 26.19 -6.13 14.70
C PHE E 505 27.16 -5.76 13.59
N LEU E 506 26.66 -5.56 12.37
CA LEU E 506 27.52 -5.10 11.29
C LEU E 506 28.14 -3.74 11.61
N SER E 507 27.41 -2.89 12.34
CA SER E 507 27.95 -1.61 12.77
C SER E 507 29.11 -1.83 13.72
N GLN E 508 30.12 -0.96 13.62
CA GLN E 508 31.32 -1.08 14.43
C GLN E 508 31.86 0.30 14.75
N PRO E 509 32.15 0.59 16.02
CA PRO E 509 32.82 1.86 16.35
C PRO E 509 34.18 1.94 15.67
N PHE E 510 34.49 3.10 15.13
CA PHE E 510 35.72 3.33 14.38
C PHE E 510 36.66 4.24 15.15
N GLN E 511 37.96 3.95 15.05
CA GLN E 511 38.95 4.74 15.77
C GLN E 511 38.96 6.20 15.32
N VAL E 512 38.79 6.44 14.02
CA VAL E 512 38.72 7.82 13.51
C VAL E 512 37.39 8.48 13.80
N ALA E 513 36.40 7.73 14.31
CA ALA E 513 35.10 8.26 14.65
C ALA E 513 34.91 8.40 16.16
N GLU E 514 35.97 8.19 16.94
CA GLU E 514 35.86 8.39 18.38
C GLU E 514 35.50 9.83 18.72
N VAL E 515 36.13 10.78 18.03
CA VAL E 515 35.84 12.19 18.25
C VAL E 515 34.45 12.60 17.77
N PHE E 516 33.75 11.74 17.05
CA PHE E 516 32.40 12.06 16.63
C PHE E 516 31.38 11.40 17.53
N THR E 517 31.44 10.07 17.67
CA THR E 517 30.41 9.36 18.42
C THR E 517 30.66 9.38 19.92
N GLY E 518 31.92 9.53 20.35
CA GLY E 518 32.27 9.40 21.74
C GLY E 518 32.52 7.98 22.20
N HIS E 519 32.39 7.00 21.31
CA HIS E 519 32.63 5.61 21.64
C HIS E 519 33.98 5.17 21.07
N LEU E 520 34.76 4.49 21.90
CA LEU E 520 36.09 4.06 21.48
C LEU E 520 35.99 3.02 20.35
N GLY E 521 36.89 3.14 19.39
CA GLY E 521 36.89 2.22 18.27
C GLY E 521 37.24 0.81 18.70
N LYS E 522 36.72 -0.16 17.95
CA LYS E 522 36.91 -1.58 18.25
C LYS E 522 37.42 -2.28 16.99
N LEU E 523 38.72 -2.57 16.95
CA LEU E 523 39.30 -3.34 15.87
C LEU E 523 39.06 -4.82 16.14
N VAL E 524 38.10 -5.42 15.42
CA VAL E 524 37.71 -6.81 15.65
C VAL E 524 38.50 -7.75 14.76
N PRO E 525 39.15 -8.76 15.32
CA PRO E 525 39.82 -9.76 14.49
C PRO E 525 38.82 -10.57 13.68
N LEU E 526 39.27 -11.07 12.53
CA LEU E 526 38.39 -11.77 11.60
C LEU E 526 37.71 -12.96 12.26
N LYS E 527 38.48 -13.75 13.02
CA LYS E 527 37.93 -14.95 13.65
C LYS E 527 36.77 -14.60 14.58
N GLU E 528 36.91 -13.53 15.34
CA GLU E 528 35.83 -13.09 16.23
C GLU E 528 34.59 -12.71 15.43
N THR E 529 34.77 -12.02 14.30
CA THR E 529 33.62 -11.67 13.47
C THR E 529 32.91 -12.93 12.97
N ILE E 530 33.67 -13.89 12.46
CA ILE E 530 33.07 -15.12 11.93
C ILE E 530 32.33 -15.86 13.03
N LYS E 531 32.98 -16.03 14.19
CA LYS E 531 32.37 -16.77 15.29
C LYS E 531 31.12 -16.06 15.80
N GLY E 532 31.18 -14.74 15.96
CA GLY E 532 30.03 -14.00 16.43
C GLY E 532 28.85 -14.10 15.49
N PHE E 533 29.11 -13.99 14.19
CA PHE E 533 28.00 -14.11 13.24
C PHE E 533 27.47 -15.54 13.17
N GLN E 534 28.35 -16.53 13.35
CA GLN E 534 27.87 -17.90 13.54
C GLN E 534 26.88 -17.99 14.68
N GLN E 535 27.28 -17.45 15.83
CA GLN E 535 26.43 -17.53 17.02
C GLN E 535 25.09 -16.82 16.79
N ILE E 536 25.14 -15.64 16.17
CA ILE E 536 23.91 -14.90 15.91
C ILE E 536 23.01 -15.67 14.95
N LEU E 537 23.58 -16.25 13.90
CA LEU E 537 22.79 -17.00 12.94
C LEU E 537 22.14 -18.22 13.59
N ALA E 538 22.89 -18.92 14.45
CA ALA E 538 22.36 -20.13 15.07
C ALA E 538 21.16 -19.84 15.94
N GLY E 539 21.16 -18.71 16.62
CA GLY E 539 20.12 -18.36 17.57
C GLY E 539 20.55 -18.32 19.01
N GLU E 540 21.85 -18.43 19.28
CA GLU E 540 22.33 -18.44 20.67
C GLU E 540 22.00 -17.15 21.39
N TYR E 541 22.00 -16.03 20.67
CA TYR E 541 21.76 -14.72 21.27
C TYR E 541 20.42 -14.13 20.83
N ASP E 542 19.42 -14.99 20.59
CA ASP E 542 18.08 -14.49 20.29
C ASP E 542 17.45 -13.79 21.48
N HIS E 543 17.77 -14.23 22.70
CA HIS E 543 17.20 -13.59 23.88
C HIS E 543 17.69 -12.16 24.05
N LEU E 544 18.93 -11.88 23.63
CA LEU E 544 19.49 -10.55 23.80
C LEU E 544 18.70 -9.53 22.98
N PRO E 545 18.57 -8.31 23.48
CA PRO E 545 17.90 -7.27 22.69
C PRO E 545 18.74 -6.86 21.48
N GLU E 546 18.04 -6.43 20.43
CA GLU E 546 18.73 -6.03 19.21
C GLU E 546 19.60 -4.79 19.43
N GLN E 547 19.17 -3.90 20.32
CA GLN E 547 19.95 -2.70 20.59
C GLN E 547 21.33 -3.03 21.12
N ALA E 548 21.46 -4.15 21.86
CA ALA E 548 22.75 -4.52 22.42
C ALA E 548 23.78 -4.83 21.34
N PHE E 549 23.35 -5.11 20.12
CA PHE E 549 24.25 -5.41 19.02
C PHE E 549 24.72 -4.18 18.27
N TYR E 550 24.22 -3.00 18.62
CA TYR E 550 24.50 -1.79 17.87
C TYR E 550 25.76 -1.11 18.38
N MET E 551 26.64 -0.74 17.45
CA MET E 551 27.90 -0.06 17.76
C MET E 551 28.70 -0.79 18.84
N VAL E 552 28.96 -2.08 18.60
CA VAL E 552 29.75 -2.90 19.49
C VAL E 552 30.88 -3.54 18.70
N GLY E 553 31.85 -4.11 19.43
CA GLY E 553 32.95 -4.79 18.80
C GLY E 553 32.64 -6.26 18.64
N PRO E 554 33.38 -7.12 19.35
CA PRO E 554 33.05 -8.55 19.34
C PRO E 554 31.74 -8.81 20.07
N ILE E 555 31.19 -10.00 19.82
CA ILE E 555 29.88 -10.37 20.37
C ILE E 555 29.91 -10.37 21.90
N GLU E 556 31.09 -10.55 22.50
CA GLU E 556 31.20 -10.48 23.95
C GLU E 556 30.78 -9.11 24.46
N GLU E 557 31.22 -8.05 23.79
CA GLU E 557 30.77 -6.72 24.13
C GLU E 557 29.26 -6.59 23.94
N ALA E 558 28.71 -7.29 22.93
CA ALA E 558 27.26 -7.24 22.72
C ALA E 558 26.52 -7.84 23.91
N VAL E 559 26.96 -9.00 24.41
CA VAL E 559 26.27 -9.62 25.54
C VAL E 559 26.49 -8.79 26.81
N ALA E 560 27.67 -8.20 26.96
CA ALA E 560 27.92 -7.33 28.11
C ALA E 560 27.00 -6.14 28.09
N LYS E 561 26.83 -5.51 26.93
CA LYS E 561 25.90 -4.41 26.79
C LYS E 561 24.47 -4.86 27.04
N ALA E 562 24.13 -6.07 26.60
CA ALA E 562 22.79 -6.60 26.83
C ALA E 562 22.49 -6.70 28.32
N ASP E 563 23.45 -7.25 29.08
CA ASP E 563 23.30 -7.31 30.53
C ASP E 563 23.23 -5.90 31.12
N LYS E 564 24.08 -5.00 30.63
CA LYS E 564 24.07 -3.61 31.08
C LYS E 564 22.70 -2.98 30.90
N LEU E 565 22.00 -3.36 29.83
CA LEU E 565 20.64 -2.87 29.55
C LEU E 565 19.66 -3.61 30.46
N ALA E 566 19.76 -3.32 31.75
CA ALA E 566 18.93 -3.96 32.75
C ALA E 566 17.69 -3.13 33.06
N ASP F 28 -10.98 14.18 -9.45
CA ASP F 28 -10.32 15.45 -9.18
C ASP F 28 -9.53 15.92 -10.41
N THR F 29 -8.35 16.48 -10.17
CA THR F 29 -7.54 16.96 -11.27
C THR F 29 -6.99 15.78 -12.08
N PRO F 30 -7.18 15.77 -13.41
CA PRO F 30 -6.71 14.64 -14.21
C PRO F 30 -5.21 14.42 -14.15
N GLU F 31 -4.42 15.48 -13.91
CA GLU F 31 -2.97 15.37 -14.00
C GLU F 31 -2.42 14.37 -13.00
N GLY F 32 -2.98 14.31 -11.80
CA GLY F 32 -2.55 13.38 -10.78
C GLY F 32 -2.58 11.93 -11.23
N VAL F 33 -1.54 11.17 -10.89
CA VAL F 33 -1.45 9.78 -11.30
C VAL F 33 -2.66 9.00 -10.79
N ARG F 34 -3.26 8.22 -11.68
CA ARG F 34 -4.49 7.49 -11.38
C ARG F 34 -4.20 6.00 -11.44
N SER F 35 -4.59 5.28 -10.39
CA SER F 35 -4.39 3.85 -10.33
C SER F 35 -5.57 3.12 -10.98
N GLY F 36 -5.34 1.85 -11.33
CA GLY F 36 -6.36 1.05 -11.97
C GLY F 36 -6.43 -0.34 -11.36
N ALA F 37 -7.48 -1.06 -11.75
CA ALA F 37 -7.66 -2.42 -11.27
C ALA F 37 -6.53 -3.32 -11.76
N GLY F 38 -6.03 -4.17 -10.87
CA GLY F 38 -4.95 -5.06 -11.18
C GLY F 38 -3.57 -4.51 -10.91
N ALA F 39 -3.46 -3.26 -10.48
CA ALA F 39 -2.16 -2.65 -10.25
C ALA F 39 -1.34 -3.45 -9.25
N VAL F 40 -1.99 -4.00 -8.23
CA VAL F 40 -1.28 -4.77 -7.21
C VAL F 40 -0.54 -5.95 -7.84
N ARG F 41 -1.23 -6.69 -8.72
CA ARG F 41 -0.58 -7.81 -9.39
C ARG F 41 0.37 -7.32 -10.48
N ASP F 42 0.01 -6.24 -11.17
CA ASP F 42 0.86 -5.73 -12.25
C ASP F 42 2.22 -5.29 -11.72
N ALA F 43 2.26 -4.78 -10.49
CA ALA F 43 3.52 -4.34 -9.90
C ALA F 43 4.53 -5.48 -9.84
N GLY F 44 4.08 -6.67 -9.50
CA GLY F 44 4.98 -7.79 -9.32
C GLY F 44 5.73 -7.78 -8.01
N GLY F 45 5.25 -7.03 -7.03
CA GLY F 45 5.88 -6.96 -5.72
C GLY F 45 5.39 -8.06 -4.79
N ALA F 46 5.77 -7.92 -3.52
CA ALA F 46 5.41 -8.93 -2.52
C ALA F 46 3.90 -9.10 -2.43
N PHE F 47 3.16 -7.98 -2.44
CA PHE F 47 1.70 -8.08 -2.34
C PHE F 47 1.11 -8.76 -3.56
N GLY F 48 1.65 -8.49 -4.75
CA GLY F 48 1.19 -9.18 -5.94
C GLY F 48 1.45 -10.68 -5.87
N LYS F 49 2.64 -11.05 -5.42
CA LYS F 49 2.97 -12.47 -5.29
C LYS F 49 2.09 -13.14 -4.24
N LYS F 50 1.80 -12.44 -3.14
CA LYS F 50 0.92 -12.99 -2.12
C LYS F 50 -0.47 -13.26 -2.69
N GLU F 51 -0.98 -12.32 -3.48
CA GLU F 51 -2.28 -12.53 -4.13
C GLU F 51 -2.23 -13.70 -5.10
N GLN F 52 -1.15 -13.81 -5.87
CA GLN F 52 -1.03 -14.91 -6.82
C GLN F 52 -1.03 -16.25 -6.11
N ALA F 53 -0.17 -16.41 -5.10
CA ALA F 53 -0.09 -17.67 -4.37
C ALA F 53 -1.39 -17.97 -3.64
N ASP F 54 -2.01 -16.96 -3.03
CA ASP F 54 -3.22 -17.18 -2.26
C ASP F 54 -4.36 -17.69 -3.14
N GLU F 55 -4.50 -17.13 -4.34
CA GLU F 55 -5.50 -17.64 -5.26
C GLU F 55 -5.26 -19.10 -5.61
N GLU F 56 -3.99 -19.45 -5.86
CA GLU F 56 -3.65 -20.82 -6.20
C GLU F 56 -3.96 -21.77 -5.06
N ARG F 57 -3.53 -21.42 -3.84
CA ARG F 57 -3.73 -22.29 -2.69
C ARG F 57 -5.21 -22.61 -2.48
N TYR F 58 -6.07 -21.60 -2.65
CA TYR F 58 -7.50 -21.82 -2.49
C TYR F 58 -8.06 -22.77 -3.56
N PHE F 59 -7.83 -22.43 -4.83
CA PHE F 59 -8.46 -23.20 -5.90
C PHE F 59 -7.76 -24.54 -6.12
N ARG F 60 -6.48 -24.66 -5.78
CA ARG F 60 -5.85 -25.97 -5.79
C ARG F 60 -6.57 -26.92 -4.86
N ALA F 61 -6.94 -26.45 -3.67
CA ALA F 61 -7.74 -27.26 -2.75
C ALA F 61 -9.15 -27.48 -3.29
N ARG F 62 -9.76 -26.44 -3.85
CA ARG F 62 -11.11 -26.57 -4.39
C ARG F 62 -11.17 -27.61 -5.51
N ALA F 63 -10.15 -27.60 -6.39
CA ALA F 63 -10.12 -28.58 -7.47
C ALA F 63 -10.08 -30.00 -6.92
N ARG F 64 -9.32 -30.22 -5.84
CA ARG F 64 -9.25 -31.54 -5.24
C ARG F 64 -10.62 -31.99 -4.75
N GLU F 65 -11.35 -31.09 -4.07
CA GLU F 65 -12.70 -31.41 -3.64
C GLU F 65 -13.61 -31.68 -4.84
N GLN F 66 -13.52 -30.82 -5.87
CA GLN F 66 -14.33 -31.00 -7.06
C GLN F 66 -13.96 -32.30 -7.77
N LEU F 67 -12.67 -32.60 -7.87
CA LEU F 67 -12.25 -33.83 -8.52
C LEU F 67 -12.73 -35.06 -7.76
N ALA F 68 -12.63 -35.03 -6.42
CA ALA F 68 -13.13 -36.13 -5.61
C ALA F 68 -14.63 -36.31 -5.79
N ALA F 69 -15.37 -35.20 -5.83
CA ALA F 69 -16.81 -35.28 -6.06
C ALA F 69 -17.12 -35.87 -7.42
N LEU F 70 -16.35 -35.49 -8.45
CA LEU F 70 -16.52 -36.07 -9.77
C LEU F 70 -16.23 -37.56 -9.77
N LYS F 71 -15.20 -37.98 -9.03
CA LYS F 71 -14.89 -39.40 -8.91
C LYS F 71 -16.04 -40.16 -8.25
N LYS F 72 -16.62 -39.57 -7.20
CA LYS F 72 -17.78 -40.18 -6.55
C LYS F 72 -18.97 -40.27 -7.49
N HIS F 73 -19.20 -39.21 -8.28
CA HIS F 73 -20.26 -39.24 -9.28
C HIS F 73 -20.04 -40.35 -10.29
N HIS F 74 -18.79 -40.49 -10.77
CA HIS F 74 -18.47 -41.53 -11.73
C HIS F 74 -18.69 -42.91 -11.13
N GLU F 75 -18.27 -43.10 -9.88
CA GLU F 75 -18.49 -44.38 -9.21
C GLU F 75 -19.99 -44.66 -9.05
N ASN F 76 -20.76 -43.63 -8.73
CA ASN F 76 -22.20 -43.79 -8.58
C ASN F 76 -22.85 -44.23 -9.89
N GLU F 77 -22.51 -43.57 -11.00
CA GLU F 77 -23.08 -43.96 -12.28
C GLU F 77 -22.57 -45.31 -12.75
N ILE F 78 -21.35 -45.69 -12.35
CA ILE F 78 -20.85 -47.02 -12.64
C ILE F 78 -21.68 -48.06 -11.89
N SER F 79 -21.99 -47.80 -10.62
CA SER F 79 -22.83 -48.70 -9.85
C SER F 79 -24.23 -48.80 -10.46
N HIS F 80 -24.77 -47.68 -10.92
CA HIS F 80 -26.08 -47.67 -11.57
C HIS F 80 -25.95 -47.46 -13.08
N ALA G 2 15.42 1.97 -11.99
CA ALA G 2 14.10 2.34 -11.50
C ALA G 2 13.39 3.25 -12.49
N THR G 3 12.85 2.66 -13.55
CA THR G 3 12.16 3.44 -14.56
C THR G 3 10.92 4.10 -13.99
N LEU G 4 10.51 5.19 -14.64
CA LEU G 4 9.23 5.82 -14.31
C LEU G 4 8.11 4.80 -14.36
N LYS G 5 8.20 3.83 -15.28
CA LYS G 5 7.21 2.75 -15.33
C LYS G 5 7.15 2.00 -14.01
N ASP G 6 8.32 1.60 -13.49
CA ASP G 6 8.36 0.86 -12.22
C ASP G 6 7.80 1.71 -11.08
N ILE G 7 8.22 2.97 -11.01
CA ILE G 7 7.76 3.86 -9.94
C ILE G 7 6.25 4.00 -10.02
N THR G 8 5.72 4.20 -11.23
CA THR G 8 4.29 4.32 -11.43
C THR G 8 3.55 3.07 -10.97
N ARG G 9 4.07 1.89 -11.34
CA ARG G 9 3.41 0.65 -10.96
C ARG G 9 3.35 0.52 -9.45
N ARG G 10 4.46 0.76 -8.76
CA ARG G 10 4.46 0.65 -7.31
C ARG G 10 3.52 1.67 -6.69
N LEU G 11 3.55 2.90 -7.19
CA LEU G 11 2.69 3.96 -6.65
C LEU G 11 1.22 3.60 -6.80
N LYS G 12 0.82 3.13 -7.98
CA LYS G 12 -0.58 2.74 -8.20
C LYS G 12 -0.98 1.59 -7.28
N SER G 13 -0.10 0.60 -7.12
CA SER G 13 -0.42 -0.53 -6.26
C SER G 13 -0.65 -0.08 -4.83
N ILE G 14 0.24 0.76 -4.31
CA ILE G 14 0.11 1.22 -2.93
C ILE G 14 -1.13 2.10 -2.77
N LYS G 15 -1.45 2.89 -3.80
CA LYS G 15 -2.68 3.68 -3.75
C LYS G 15 -3.91 2.79 -3.61
N ASN G 16 -3.97 1.72 -4.42
CA ASN G 16 -5.07 0.78 -4.33
C ASN G 16 -5.13 0.14 -2.95
N ILE G 17 -3.97 -0.24 -2.42
CA ILE G 17 -3.90 -0.83 -1.08
C ILE G 17 -4.45 0.13 -0.05
N GLN G 18 -4.07 1.41 -0.15
CA GLN G 18 -4.58 2.43 0.78
C GLN G 18 -6.09 2.53 0.72
N LYS G 19 -6.65 2.59 -0.49
CA LYS G 19 -8.10 2.71 -0.62
C LYS G 19 -8.80 1.51 0.00
N ILE G 20 -8.31 0.31 -0.30
CA ILE G 20 -8.93 -0.90 0.22
C ILE G 20 -8.86 -0.94 1.74
N THR G 21 -7.70 -0.60 2.30
CA THR G 21 -7.55 -0.60 3.75
C THR G 21 -8.47 0.42 4.40
N LYS G 22 -8.64 1.59 3.78
CA LYS G 22 -9.53 2.59 4.36
C LYS G 22 -10.98 2.10 4.39
N SER G 23 -11.43 1.51 3.28
CA SER G 23 -12.79 0.95 3.26
C SER G 23 -12.93 -0.17 4.29
N MET G 24 -11.90 -1.00 4.42
CA MET G 24 -11.93 -2.08 5.40
C MET G 24 -12.00 -1.52 6.82
N LYS G 25 -11.29 -0.41 7.07
CA LYS G 25 -11.37 0.25 8.36
C LYS G 25 -12.79 0.73 8.63
N MET G 26 -13.44 1.29 7.62
CA MET G 26 -14.83 1.73 7.81
C MET G 26 -15.74 0.56 8.19
N VAL G 27 -15.61 -0.55 7.47
CA VAL G 27 -16.47 -1.71 7.74
C VAL G 27 -16.19 -2.28 9.13
N ALA G 28 -14.91 -2.40 9.48
CA ALA G 28 -14.55 -2.86 10.82
C ALA G 28 -15.08 -1.92 11.88
N ALA G 29 -15.06 -0.62 11.61
CA ALA G 29 -15.61 0.35 12.55
C ALA G 29 -17.10 0.12 12.77
N ALA G 30 -17.84 -0.13 11.70
CA ALA G 30 -19.27 -0.43 11.84
C ALA G 30 -19.48 -1.70 12.67
N LYS G 31 -18.73 -2.76 12.35
CA LYS G 31 -18.89 -4.01 13.08
C LYS G 31 -18.53 -3.84 14.55
N TYR G 32 -17.46 -3.10 14.83
CA TYR G 32 -17.06 -2.81 16.21
C TYR G 32 -18.12 -2.01 16.93
N ALA G 33 -18.74 -1.04 16.24
CA ALA G 33 -19.81 -0.27 16.85
C ALA G 33 -20.96 -1.18 17.26
N ARG G 34 -21.30 -2.14 16.40
CA ARG G 34 -22.35 -3.10 16.76
C ARG G 34 -21.89 -4.00 17.92
N ALA G 35 -20.65 -4.47 17.87
CA ALA G 35 -20.17 -5.44 18.86
C ALA G 35 -20.04 -4.81 20.25
N GLU G 36 -19.62 -3.55 20.30
CA GLU G 36 -19.58 -2.83 21.58
C GLU G 36 -20.98 -2.60 22.11
N ARG G 37 -21.95 -2.42 21.21
CA ARG G 37 -23.33 -2.12 21.62
C ARG G 37 -23.91 -3.26 22.44
N ASP G 38 -23.83 -4.50 21.93
CA ASP G 38 -24.37 -5.64 22.65
C ASP G 38 -23.39 -6.21 23.67
N LEU G 39 -22.15 -5.72 23.68
CA LEU G 39 -21.22 -6.12 24.73
C LEU G 39 -21.72 -5.66 26.09
N LYS G 40 -22.38 -4.51 26.15
CA LYS G 40 -22.96 -4.06 27.41
C LYS G 40 -24.04 -5.02 27.92
N PRO G 41 -25.05 -5.43 27.14
CA PRO G 41 -25.95 -6.49 27.61
C PRO G 41 -25.25 -7.81 27.94
N ALA G 42 -24.26 -8.21 27.13
CA ALA G 42 -23.54 -9.45 27.44
C ALA G 42 -22.77 -9.33 28.74
N ARG G 43 -22.35 -8.12 29.10
CA ARG G 43 -21.45 -7.93 30.24
C ARG G 43 -22.07 -8.41 31.55
N VAL G 44 -23.25 -7.88 31.88
CA VAL G 44 -23.89 -8.24 33.14
C VAL G 44 -24.27 -9.72 33.14
N TYR G 45 -24.66 -10.25 31.97
CA TYR G 45 -24.99 -11.67 31.88
C TYR G 45 -23.77 -12.52 32.23
N GLY G 46 -22.59 -12.14 31.72
CA GLY G 46 -21.38 -12.84 32.09
C GLY G 46 -21.02 -12.65 33.55
N ILE G 47 -21.26 -11.45 34.08
CA ILE G 47 -21.03 -11.19 35.49
C ILE G 47 -21.89 -12.10 36.36
N GLY G 48 -23.09 -12.45 35.87
CA GLY G 48 -23.91 -13.42 36.58
C GLY G 48 -23.22 -14.76 36.72
N SER G 49 -22.57 -15.23 35.65
CA SER G 49 -21.76 -16.44 35.75
C SER G 49 -20.60 -16.24 36.71
N LEU G 50 -19.96 -15.07 36.65
CA LEU G 50 -18.80 -14.81 37.49
C LEU G 50 -19.17 -14.87 38.97
N ALA G 51 -20.39 -14.43 39.31
CA ALA G 51 -20.82 -14.31 40.70
C ALA G 51 -20.66 -15.61 41.46
N LEU G 52 -20.85 -16.75 40.77
CA LEU G 52 -20.69 -18.07 41.36
C LEU G 52 -19.41 -18.18 42.19
N TYR G 53 -18.26 -18.02 41.54
CA TYR G 53 -16.99 -18.05 42.25
C TYR G 53 -16.62 -16.72 42.86
N GLU G 54 -17.30 -15.63 42.48
CA GLU G 54 -17.09 -14.34 43.13
C GLU G 54 -17.48 -14.41 44.60
N LYS G 55 -18.66 -14.95 44.88
CA LYS G 55 -19.13 -15.11 46.25
C LYS G 55 -18.78 -16.47 46.84
N ALA G 56 -19.10 -17.55 46.14
CA ALA G 56 -18.69 -18.90 46.56
C ALA G 56 -17.29 -19.17 46.04
N ASP G 57 -16.31 -18.61 46.76
CA ASP G 57 -14.90 -18.75 46.37
C ASP G 57 -14.51 -20.22 46.26
N ILE G 58 -14.24 -20.66 45.02
CA ILE G 58 -13.90 -22.04 44.73
C ILE G 58 -12.56 -22.08 44.00
N LYS G 59 -11.67 -22.96 44.45
CA LYS G 59 -10.38 -23.16 43.84
C LYS G 59 -10.18 -24.65 43.58
N VAL G 60 -9.42 -24.97 42.54
CA VAL G 60 -9.07 -26.35 42.22
C VAL G 60 -8.37 -26.91 43.46
N PRO G 61 -8.79 -28.07 43.99
CA PRO G 61 -8.23 -28.58 45.25
C PRO G 61 -6.71 -28.55 45.31
N GLU G 62 -6.04 -29.46 44.59
CA GLU G 62 -4.60 -29.33 44.40
C GLU G 62 -4.18 -29.68 42.97
N ASP G 63 -4.98 -30.51 42.30
CA ASP G 63 -4.57 -31.09 41.03
C ASP G 63 -5.77 -31.79 40.41
N LYS G 64 -5.85 -31.74 39.08
CA LYS G 64 -6.88 -32.41 38.31
C LYS G 64 -6.24 -33.40 37.35
N LYS G 65 -6.88 -34.55 37.16
CA LYS G 65 -6.34 -35.57 36.26
C LYS G 65 -6.20 -35.03 34.84
N LYS G 66 -7.20 -34.29 34.37
CA LYS G 66 -7.20 -33.70 33.03
C LYS G 66 -7.39 -32.19 33.16
N HIS G 67 -7.46 -31.52 32.01
CA HIS G 67 -7.71 -30.08 31.99
C HIS G 67 -8.22 -29.69 30.61
N LEU G 68 -9.03 -28.63 30.58
CA LEU G 68 -9.55 -28.08 29.34
C LEU G 68 -9.15 -26.63 29.22
N ILE G 69 -8.59 -26.25 28.06
CA ILE G 69 -8.23 -24.87 27.76
C ILE G 69 -9.09 -24.42 26.58
N ILE G 70 -9.97 -23.46 26.84
CA ILE G 70 -10.90 -22.96 25.83
C ILE G 70 -10.37 -21.61 25.35
N GLY G 71 -9.57 -21.64 24.29
CA GLY G 71 -9.10 -20.40 23.69
C GLY G 71 -10.02 -19.91 22.61
N VAL G 72 -10.71 -18.79 22.86
CA VAL G 72 -11.70 -18.27 21.92
C VAL G 72 -11.06 -17.19 21.07
N SER G 73 -11.44 -17.16 19.79
CA SER G 73 -10.97 -16.17 18.83
C SER G 73 -11.77 -16.35 17.55
N SER G 74 -11.54 -15.45 16.61
CA SER G 74 -12.20 -15.50 15.32
C SER G 74 -11.37 -16.31 14.32
N ASP G 75 -11.97 -16.54 13.16
CA ASP G 75 -11.25 -17.16 12.04
C ASP G 75 -10.65 -16.14 11.08
N ARG G 76 -11.00 -14.87 11.23
CA ARG G 76 -10.52 -13.81 10.36
C ARG G 76 -9.37 -13.08 11.03
N GLY G 77 -8.25 -12.98 10.33
CA GLY G 77 -7.09 -12.30 10.88
C GLY G 77 -7.14 -10.80 10.72
N LEU G 78 -6.01 -10.20 10.35
CA LEU G 78 -5.89 -8.74 10.20
C LEU G 78 -6.39 -8.01 11.44
N CYS G 79 -6.04 -8.55 12.59
CA CYS G 79 -6.46 -7.96 13.86
C CYS G 79 -5.27 -7.95 14.81
N GLY G 80 -4.11 -7.57 14.30
CA GLY G 80 -2.92 -7.51 15.13
C GLY G 80 -2.63 -8.84 15.78
N ALA G 81 -2.47 -8.81 17.11
CA ALA G 81 -2.08 -9.97 17.88
C ALA G 81 -3.25 -10.57 18.67
N ILE G 82 -4.49 -10.28 18.26
CA ILE G 82 -5.67 -10.82 18.93
C ILE G 82 -5.57 -12.34 19.05
N HIS G 83 -5.34 -13.01 17.91
CA HIS G 83 -5.17 -14.46 17.94
C HIS G 83 -3.83 -14.84 18.54
N SER G 84 -2.78 -14.09 18.20
CA SER G 84 -1.43 -14.42 18.66
C SER G 84 -1.35 -14.40 20.19
N SER G 85 -1.93 -13.38 20.81
CA SER G 85 -1.88 -13.29 22.28
C SER G 85 -2.57 -14.48 22.92
N VAL G 86 -3.75 -14.85 22.42
CA VAL G 86 -4.49 -15.99 22.97
C VAL G 86 -3.67 -17.28 22.80
N ALA G 87 -3.08 -17.46 21.62
CA ALA G 87 -2.26 -18.64 21.39
C ALA G 87 -1.07 -18.67 22.35
N LYS G 88 -0.45 -17.52 22.58
CA LYS G 88 0.67 -17.44 23.52
C LYS G 88 0.24 -17.83 24.92
N GLN G 89 -0.91 -17.33 25.36
CA GLN G 89 -1.41 -17.67 26.69
C GLN G 89 -1.68 -19.16 26.80
N ILE G 90 -2.29 -19.74 25.76
CA ILE G 90 -2.55 -21.18 25.75
C ILE G 90 -1.23 -21.96 25.84
N LYS G 91 -0.23 -21.53 25.07
CA LYS G 91 1.06 -22.23 25.11
C LYS G 91 1.71 -22.11 26.49
N SER G 92 1.63 -20.93 27.11
CA SER G 92 2.19 -20.76 28.44
C SER G 92 1.48 -21.66 29.44
N GLU G 93 0.16 -21.76 29.34
CA GLU G 93 -0.59 -22.60 30.28
C GLU G 93 -0.27 -24.08 30.08
N VAL G 94 -0.30 -24.55 28.83
CA VAL G 94 0.02 -25.96 28.57
C VAL G 94 1.45 -26.26 29.00
N ALA G 95 2.34 -25.27 28.91
CA ALA G 95 3.66 -25.41 29.50
C ALA G 95 3.58 -25.38 31.03
N ASN G 96 2.79 -24.45 31.58
CA ASN G 96 2.60 -24.40 33.02
C ASN G 96 1.95 -25.68 33.54
N LEU G 97 0.94 -26.17 32.83
CA LEU G 97 0.34 -27.43 33.20
C LEU G 97 1.13 -28.55 32.52
N THR G 98 0.66 -29.80 32.64
CA THR G 98 1.27 -30.99 32.04
C THR G 98 2.62 -31.29 32.69
N ALA G 99 3.11 -30.39 33.53
CA ALA G 99 4.22 -30.71 34.41
C ALA G 99 3.74 -31.50 35.63
N ALA G 100 2.56 -31.13 36.15
CA ALA G 100 1.95 -31.83 37.27
C ALA G 100 1.26 -33.12 36.86
N GLY G 101 1.22 -33.43 35.56
CA GLY G 101 0.56 -34.61 35.04
C GLY G 101 -0.81 -34.36 34.46
N LYS G 102 -1.42 -33.21 34.75
CA LYS G 102 -2.75 -32.90 34.24
C LYS G 102 -2.74 -32.88 32.72
N GLU G 103 -3.56 -33.75 32.12
CA GLU G 103 -3.67 -33.87 30.67
C GLU G 103 -4.53 -32.71 30.16
N VAL G 104 -3.89 -31.68 29.64
CA VAL G 104 -4.62 -30.54 29.11
C VAL G 104 -5.15 -30.89 27.73
N LYS G 105 -6.36 -30.43 27.45
CA LYS G 105 -6.95 -30.52 26.13
C LYS G 105 -7.44 -29.13 25.73
N ILE G 106 -7.33 -28.80 24.44
CA ILE G 106 -7.63 -27.47 23.95
C ILE G 106 -8.75 -27.56 22.91
N VAL G 107 -9.80 -26.78 23.12
CA VAL G 107 -10.86 -26.63 22.14
C VAL G 107 -10.63 -25.30 21.43
N GLY G 108 -10.25 -25.36 20.16
CA GLY G 108 -9.88 -24.16 19.44
C GLY G 108 -11.05 -23.47 18.77
N VAL G 109 -11.92 -22.84 19.54
CA VAL G 109 -12.89 -21.92 18.94
C VAL G 109 -12.09 -20.80 18.29
N GLY G 110 -12.15 -20.73 16.97
CA GLY G 110 -11.23 -19.94 16.19
C GLY G 110 -10.26 -20.78 15.38
N ASP G 111 -10.52 -20.85 14.06
CA ASP G 111 -9.61 -21.57 13.19
C ASP G 111 -8.22 -20.96 13.22
N LYS G 112 -8.13 -19.66 13.53
CA LYS G 112 -6.82 -19.03 13.73
C LYS G 112 -6.07 -19.69 14.88
N ILE G 113 -6.74 -19.86 16.02
CA ILE G 113 -6.13 -20.55 17.16
C ILE G 113 -5.74 -21.96 16.77
N ARG G 114 -6.65 -22.65 16.08
CA ARG G 114 -6.35 -24.00 15.62
C ARG G 114 -5.07 -24.02 14.80
N GLY G 115 -5.02 -23.20 13.74
CA GLY G 115 -3.87 -23.18 12.86
C GLY G 115 -2.58 -22.82 13.58
N ILE G 116 -2.64 -21.84 14.48
CA ILE G 116 -1.44 -21.48 15.22
C ILE G 116 -0.93 -22.66 16.03
N LEU G 117 -1.84 -23.42 16.65
CA LEU G 117 -1.44 -24.59 17.41
C LEU G 117 -1.69 -25.90 16.66
N HIS G 118 -2.05 -25.85 15.38
CA HIS G 118 -2.23 -27.07 14.60
C HIS G 118 -0.92 -27.81 14.36
N ARG G 119 0.20 -27.11 14.39
CA ARG G 119 1.49 -27.72 14.07
C ARG G 119 2.32 -28.06 15.30
N THR G 120 1.88 -27.64 16.48
CA THR G 120 2.58 -27.99 17.71
C THR G 120 1.70 -28.83 18.64
N HIS G 121 0.48 -28.35 18.89
CA HIS G 121 -0.41 -28.96 19.87
C HIS G 121 -1.66 -29.60 19.23
N SER G 122 -1.51 -30.14 18.02
CA SER G 122 -2.67 -30.70 17.33
C SER G 122 -3.28 -31.85 18.10
N ASP G 123 -2.46 -32.64 18.79
CA ASP G 123 -2.98 -33.76 19.57
C ASP G 123 -3.91 -33.27 20.68
N GLN G 124 -3.53 -32.19 21.36
CA GLN G 124 -4.35 -31.69 22.46
C GLN G 124 -5.71 -31.19 21.98
N PHE G 125 -5.81 -30.81 20.71
CA PHE G 125 -7.09 -30.39 20.17
C PHE G 125 -8.08 -31.54 20.16
N LEU G 126 -9.18 -31.39 20.90
CA LEU G 126 -10.27 -32.35 20.81
C LEU G 126 -11.21 -32.00 19.66
N VAL G 127 -11.82 -30.82 19.73
CA VAL G 127 -12.72 -30.33 18.69
C VAL G 127 -12.46 -28.85 18.48
N THR G 128 -12.44 -28.41 17.23
CA THR G 128 -12.26 -27.02 16.88
C THR G 128 -13.51 -26.52 16.17
N PHE G 129 -13.99 -25.35 16.57
CA PHE G 129 -15.22 -24.79 16.04
C PHE G 129 -14.90 -23.66 15.07
N LYS G 130 -15.44 -23.74 13.86
CA LYS G 130 -15.21 -22.77 12.81
C LYS G 130 -16.40 -21.80 12.74
N GLU G 131 -16.38 -20.94 11.72
CA GLU G 131 -17.41 -19.91 11.51
C GLU G 131 -17.55 -19.01 12.73
N VAL G 132 -16.41 -18.61 13.31
CA VAL G 132 -16.36 -17.71 14.46
C VAL G 132 -15.79 -16.39 14.01
N GLY G 133 -16.49 -15.30 14.32
CA GLY G 133 -16.09 -13.96 13.94
C GLY G 133 -16.81 -13.42 12.73
N ARG G 134 -17.14 -14.29 11.76
CA ARG G 134 -17.91 -13.85 10.60
C ARG G 134 -19.26 -13.31 11.01
N LYS G 135 -19.93 -13.99 11.93
CA LYS G 135 -21.22 -13.57 12.43
C LYS G 135 -21.11 -13.19 13.90
N PRO G 136 -21.76 -12.12 14.33
CA PRO G 136 -21.74 -11.73 15.74
C PRO G 136 -22.18 -12.90 16.62
N PRO G 137 -21.38 -13.26 17.61
CA PRO G 137 -21.71 -14.43 18.43
C PRO G 137 -22.93 -14.17 19.31
N THR G 138 -23.62 -15.26 19.64
CA THR G 138 -24.76 -15.20 20.55
C THR G 138 -24.75 -16.46 21.41
N PHE G 139 -25.70 -16.52 22.35
CA PHE G 139 -25.74 -17.65 23.29
C PHE G 139 -25.91 -18.97 22.56
N GLY G 140 -26.79 -19.01 21.55
CA GLY G 140 -27.02 -20.25 20.82
C GLY G 140 -25.75 -20.81 20.23
N ASP G 141 -24.89 -19.94 19.71
CA ASP G 141 -23.57 -20.37 19.24
C ASP G 141 -22.78 -21.00 20.39
N ALA G 142 -22.72 -20.29 21.51
CA ALA G 142 -22.10 -20.85 22.71
C ALA G 142 -22.83 -22.11 23.15
N SER G 143 -24.16 -22.14 22.98
CA SER G 143 -24.91 -23.35 23.24
C SER G 143 -24.38 -24.51 22.40
N VAL G 144 -24.18 -24.29 21.10
CA VAL G 144 -23.66 -25.34 20.24
C VAL G 144 -22.28 -25.78 20.72
N ILE G 145 -21.41 -24.82 21.01
CA ILE G 145 -20.03 -25.14 21.41
C ILE G 145 -20.04 -25.97 22.70
N ALA G 146 -20.77 -25.52 23.71
CA ALA G 146 -20.81 -26.23 24.99
C ALA G 146 -21.46 -27.59 24.85
N LEU G 147 -22.56 -27.67 24.10
CA LEU G 147 -23.25 -28.95 23.92
C LEU G 147 -22.35 -29.96 23.25
N GLU G 148 -21.67 -29.56 22.16
CA GLU G 148 -20.74 -30.48 21.51
C GLU G 148 -19.60 -30.82 22.46
N LEU G 149 -19.18 -29.88 23.29
CA LEU G 149 -18.15 -30.17 24.28
C LEU G 149 -18.61 -31.28 25.23
N LEU G 150 -19.86 -31.23 25.69
CA LEU G 150 -20.40 -32.33 26.47
C LEU G 150 -20.56 -33.58 25.62
N ASN G 151 -21.00 -33.41 24.37
CA ASN G 151 -21.17 -34.56 23.48
C ASN G 151 -19.86 -35.29 23.25
N SER G 152 -18.73 -34.60 23.38
CA SER G 152 -17.44 -35.26 23.27
C SER G 152 -17.27 -36.29 24.38
N GLY G 153 -17.78 -36.01 25.57
CA GLY G 153 -17.67 -36.90 26.70
C GLY G 153 -16.36 -36.81 27.44
N TYR G 154 -15.43 -35.96 27.00
CA TYR G 154 -14.15 -35.81 27.67
C TYR G 154 -14.34 -35.29 29.09
N GLU G 155 -13.64 -35.91 30.03
CA GLU G 155 -13.75 -35.56 31.45
C GLU G 155 -12.95 -34.29 31.68
N PHE G 156 -13.59 -33.15 31.47
CA PHE G 156 -12.94 -31.85 31.67
C PHE G 156 -13.13 -31.38 33.11
N ASP G 157 -12.55 -32.16 34.03
CA ASP G 157 -12.61 -31.85 35.45
C ASP G 157 -12.24 -30.40 35.73
N GLU G 158 -11.14 -29.94 35.16
CA GLU G 158 -10.73 -28.54 35.26
C GLU G 158 -10.83 -27.89 33.90
N GLY G 159 -11.36 -26.66 33.86
CA GLY G 159 -11.52 -25.94 32.63
C GLY G 159 -10.91 -24.55 32.74
N SER G 160 -10.51 -24.03 31.59
CA SER G 160 -9.93 -22.70 31.51
C SER G 160 -10.32 -22.09 30.17
N ILE G 161 -10.86 -20.88 30.20
CA ILE G 161 -11.25 -20.15 28.99
C ILE G 161 -10.35 -18.93 28.87
N ILE G 162 -9.81 -18.71 27.67
CA ILE G 162 -8.88 -17.64 27.39
C ILE G 162 -9.46 -16.75 26.29
N PHE G 163 -9.47 -15.45 26.52
CA PHE G 163 -10.06 -14.52 25.57
C PHE G 163 -9.45 -13.14 25.77
N ASN G 164 -9.51 -12.33 24.71
CA ASN G 164 -9.03 -10.95 24.75
C ASN G 164 -10.19 -10.07 25.21
N ARG G 165 -10.27 -9.85 26.52
CA ARG G 165 -11.31 -8.98 27.06
C ARG G 165 -11.10 -7.54 26.57
N PHE G 166 -12.19 -6.90 26.18
CA PHE G 166 -12.13 -5.54 25.65
C PHE G 166 -11.82 -4.56 26.78
N ARG G 167 -10.71 -3.83 26.65
CA ARG G 167 -10.39 -2.80 27.62
C ARG G 167 -10.82 -1.43 27.12
N SER G 168 -10.31 -1.04 25.96
CA SER G 168 -10.63 0.22 25.33
C SER G 168 -10.69 0.03 23.82
N VAL G 169 -11.02 1.10 23.11
CA VAL G 169 -11.08 1.07 21.65
C VAL G 169 -9.72 0.71 21.06
N ILE G 170 -8.64 0.93 21.79
CA ILE G 170 -7.31 0.64 21.29
C ILE G 170 -6.61 -0.49 22.05
N SER G 171 -7.10 -0.87 23.22
CA SER G 171 -6.43 -1.83 24.08
C SER G 171 -7.34 -3.00 24.41
N TYR G 172 -6.78 -4.20 24.48
CA TYR G 172 -7.49 -5.40 24.87
C TYR G 172 -6.59 -6.23 25.77
N LYS G 173 -7.21 -6.95 26.71
CA LYS G 173 -6.51 -7.77 27.69
C LYS G 173 -6.87 -9.23 27.49
N THR G 174 -5.86 -10.08 27.35
CA THR G 174 -6.06 -11.52 27.18
C THR G 174 -6.36 -12.14 28.55
N GLU G 175 -7.60 -11.96 29.01
CA GLU G 175 -8.02 -12.46 30.30
C GLU G 175 -8.28 -13.97 30.24
N GLU G 176 -8.07 -14.63 31.37
CA GLU G 176 -8.33 -16.06 31.51
C GLU G 176 -9.24 -16.29 32.70
N LYS G 177 -10.35 -17.00 32.48
CA LYS G 177 -11.30 -17.31 33.55
C LYS G 177 -11.35 -18.81 33.78
N PRO G 178 -11.08 -19.29 34.99
CA PRO G 178 -11.11 -20.74 35.23
C PRO G 178 -12.54 -21.27 35.21
N ILE G 179 -12.66 -22.54 34.81
CA ILE G 179 -13.94 -23.25 34.77
C ILE G 179 -13.82 -24.45 35.70
N PHE G 180 -14.35 -24.31 36.91
CA PHE G 180 -14.37 -25.42 37.88
C PHE G 180 -15.57 -26.33 37.61
N SER G 181 -15.56 -26.93 36.41
CA SER G 181 -16.70 -27.69 35.93
C SER G 181 -16.96 -28.93 36.79
N LEU G 182 -15.89 -29.56 37.28
CA LEU G 182 -16.02 -30.82 38.02
C LEU G 182 -16.98 -30.66 39.20
N ASP G 183 -17.86 -31.66 39.35
CA ASP G 183 -18.84 -31.63 40.45
C ASP G 183 -18.14 -31.60 41.80
N THR G 184 -17.04 -32.34 41.95
CA THR G 184 -16.34 -32.37 43.22
C THR G 184 -15.86 -30.98 43.62
N VAL G 185 -15.19 -30.29 42.69
CA VAL G 185 -14.69 -28.95 43.02
C VAL G 185 -15.83 -27.95 43.16
N ALA G 186 -16.92 -28.13 42.39
CA ALA G 186 -18.08 -27.27 42.55
C ALA G 186 -18.75 -27.48 43.91
N SER G 187 -18.56 -28.65 44.51
CA SER G 187 -19.12 -28.96 45.82
C SER G 187 -17.95 -28.96 46.81
N ALA G 188 -17.62 -27.78 47.32
CA ALA G 188 -16.53 -27.58 48.26
C ALA G 188 -17.09 -27.03 49.56
N GLU G 189 -16.20 -26.62 50.47
CA GLU G 189 -16.64 -26.04 51.73
C GLU G 189 -17.52 -24.82 51.50
N SER G 190 -17.27 -24.08 50.42
CA SER G 190 -18.04 -22.87 50.15
C SER G 190 -19.55 -23.14 50.07
N MET G 191 -19.93 -24.30 49.55
CA MET G 191 -21.34 -24.64 49.42
C MET G 191 -21.89 -25.40 50.62
N SER G 192 -21.18 -25.42 51.75
CA SER G 192 -21.72 -26.04 52.95
C SER G 192 -22.99 -25.32 53.41
N ILE G 193 -23.02 -23.99 53.26
CA ILE G 193 -24.17 -23.19 53.70
C ILE G 193 -25.28 -23.15 52.67
N TYR G 194 -25.08 -23.73 51.49
CA TYR G 194 -26.10 -23.70 50.45
C TYR G 194 -27.06 -24.86 50.64
N ASP G 195 -28.36 -24.58 50.48
CA ASP G 195 -29.38 -25.52 50.96
C ASP G 195 -29.91 -26.47 49.89
N ASP G 196 -30.64 -25.95 48.92
CA ASP G 196 -31.39 -26.81 48.01
C ASP G 196 -30.51 -27.55 47.01
N ILE G 197 -29.36 -26.97 46.67
CA ILE G 197 -28.46 -27.51 45.65
C ILE G 197 -28.17 -28.99 45.91
N ASP G 198 -28.45 -29.81 44.92
CA ASP G 198 -28.16 -31.24 44.91
C ASP G 198 -27.04 -31.49 43.90
N ALA G 199 -26.37 -32.65 44.01
CA ALA G 199 -25.25 -32.93 43.14
C ALA G 199 -25.65 -32.91 41.66
N ASP G 200 -26.80 -33.51 41.34
CA ASP G 200 -27.25 -33.59 39.95
C ASP G 200 -27.48 -32.20 39.38
N VAL G 201 -28.24 -31.37 40.09
CA VAL G 201 -28.51 -30.04 39.58
C VAL G 201 -27.28 -29.15 39.69
N LEU G 202 -26.32 -29.49 40.55
CA LEU G 202 -25.04 -28.79 40.57
C LEU G 202 -24.26 -29.06 39.29
N ARG G 203 -24.24 -30.31 38.84
CA ARG G 203 -23.62 -30.62 37.55
C ARG G 203 -24.36 -29.90 36.42
N ASN G 204 -25.69 -29.85 36.49
CA ASN G 204 -26.44 -29.08 35.50
C ASN G 204 -26.08 -27.60 35.53
N TYR G 205 -25.94 -27.04 36.73
CA TYR G 205 -25.60 -25.63 36.88
C TYR G 205 -24.22 -25.34 36.31
N GLN G 206 -23.25 -26.20 36.62
CA GLN G 206 -21.93 -26.05 36.02
C GLN G 206 -21.99 -26.13 34.50
N GLU G 207 -22.86 -26.97 33.95
CA GLU G 207 -22.99 -27.03 32.50
C GLU G 207 -23.54 -25.72 31.93
N TYR G 208 -24.62 -25.22 32.53
CA TYR G 208 -25.18 -23.95 32.06
C TYR G 208 -24.18 -22.82 32.23
N SER G 209 -23.42 -22.85 33.32
CA SER G 209 -22.36 -21.87 33.53
C SER G 209 -21.32 -21.95 32.43
N LEU G 210 -20.94 -23.16 32.04
CA LEU G 210 -20.02 -23.33 30.94
C LEU G 210 -20.56 -22.68 29.67
N ALA G 211 -21.82 -22.97 29.34
CA ALA G 211 -22.40 -22.41 28.13
C ALA G 211 -22.43 -20.89 28.17
N ASN G 212 -22.85 -20.32 29.29
CA ASN G 212 -23.01 -18.88 29.34
C ASN G 212 -21.65 -18.16 29.46
N ILE G 213 -20.67 -18.77 30.13
CA ILE G 213 -19.34 -18.17 30.16
C ILE G 213 -18.70 -18.24 28.78
N ILE G 214 -19.00 -19.28 28.00
CA ILE G 214 -18.56 -19.29 26.62
C ILE G 214 -19.20 -18.13 25.86
N TYR G 215 -20.50 -17.92 26.08
CA TYR G 215 -21.16 -16.79 25.42
C TYR G 215 -20.51 -15.46 25.78
N TYR G 216 -20.30 -15.22 27.08
CA TYR G 216 -19.72 -13.94 27.52
C TYR G 216 -18.33 -13.75 26.94
N SER G 217 -17.52 -14.80 26.95
CA SER G 217 -16.16 -14.70 26.43
C SER G 217 -16.16 -14.34 24.94
N LEU G 218 -17.07 -14.92 24.17
CA LEU G 218 -17.11 -14.65 22.74
C LEU G 218 -17.37 -13.17 22.46
N LYS G 219 -18.34 -12.57 23.16
CA LYS G 219 -18.69 -11.18 22.92
C LYS G 219 -17.52 -10.25 23.20
N GLU G 220 -16.79 -10.51 24.30
CA GLU G 220 -15.60 -9.71 24.59
C GLU G 220 -14.57 -9.87 23.48
N SER G 221 -14.32 -11.11 23.05
CA SER G 221 -13.31 -11.34 22.01
C SER G 221 -13.72 -10.68 20.70
N THR G 222 -14.98 -10.81 20.30
CA THR G 222 -15.42 -10.25 19.03
C THR G 222 -15.26 -8.73 19.00
N THR G 223 -15.65 -8.06 20.08
CA THR G 223 -15.48 -6.61 20.14
C THR G 223 -14.02 -6.23 20.08
N SER G 224 -13.17 -6.94 20.83
CA SER G 224 -11.74 -6.69 20.79
C SER G 224 -11.20 -6.93 19.38
N GLU G 225 -11.62 -8.02 18.73
CA GLU G 225 -11.14 -8.32 17.40
C GLU G 225 -11.52 -7.22 16.42
N GLN G 226 -12.77 -6.76 16.47
CA GLN G 226 -13.22 -5.71 15.56
C GLN G 226 -12.48 -4.41 15.79
N SER G 227 -12.29 -4.04 17.06
CA SER G 227 -11.56 -2.81 17.37
C SER G 227 -10.12 -2.90 16.87
N ALA G 228 -9.48 -4.04 17.12
CA ALA G 228 -8.11 -4.22 16.66
C ALA G 228 -8.02 -4.17 15.15
N ARG G 229 -8.98 -4.80 14.47
CA ARG G 229 -9.00 -4.78 13.01
C ARG G 229 -9.15 -3.35 12.49
N MET G 230 -10.05 -2.58 13.09
CA MET G 230 -10.22 -1.18 12.69
C MET G 230 -8.91 -0.41 12.87
N THR G 231 -8.27 -0.57 14.03
CA THR G 231 -7.03 0.15 14.30
C THR G 231 -5.93 -0.27 13.32
N ALA G 232 -5.80 -1.57 13.09
CA ALA G 232 -4.77 -2.08 12.19
C ALA G 232 -4.98 -1.57 10.77
N MET G 233 -6.23 -1.57 10.30
CA MET G 233 -6.50 -1.06 8.97
C MET G 233 -6.21 0.43 8.87
N ASP G 234 -6.53 1.18 9.92
CA ASP G 234 -6.19 2.60 9.94
C ASP G 234 -4.67 2.79 9.85
N ASN G 235 -3.92 2.00 10.61
CA ASN G 235 -2.47 2.11 10.59
C ASN G 235 -1.91 1.75 9.22
N ALA G 236 -2.46 0.69 8.61
CA ALA G 236 -2.05 0.31 7.26
C ALA G 236 -2.30 1.44 6.28
N SER G 237 -3.45 2.10 6.40
CA SER G 237 -3.76 3.23 5.53
C SER G 237 -2.75 4.37 5.74
N LYS G 238 -2.40 4.65 7.00
CA LYS G 238 -1.41 5.69 7.28
C LYS G 238 -0.06 5.36 6.64
N ASN G 239 0.38 4.11 6.80
CA ASN G 239 1.64 3.68 6.21
C ASN G 239 1.61 3.80 4.69
N ALA G 240 0.49 3.40 4.09
CA ALA G 240 0.34 3.55 2.65
C ALA G 240 0.40 5.01 2.24
N SER G 241 -0.19 5.90 3.05
CA SER G 241 -0.14 7.32 2.74
C SER G 241 1.30 7.84 2.76
N GLU G 242 2.08 7.46 3.77
CA GLU G 242 3.47 7.88 3.80
C GLU G 242 4.22 7.35 2.58
N MET G 243 4.00 6.08 2.25
CA MET G 243 4.70 5.46 1.14
C MET G 243 4.34 6.15 -0.17
N ILE G 244 3.06 6.44 -0.39
CA ILE G 244 2.66 7.08 -1.64
C ILE G 244 3.18 8.51 -1.71
N ASP G 245 3.27 9.20 -0.57
CA ASP G 245 3.89 10.52 -0.59
C ASP G 245 5.33 10.45 -1.08
N LYS G 246 6.11 9.51 -0.51
CA LYS G 246 7.50 9.35 -0.94
C LYS G 246 7.57 8.96 -2.41
N LEU G 247 6.71 8.03 -2.83
CA LEU G 247 6.73 7.55 -4.21
C LEU G 247 6.33 8.66 -5.18
N THR G 248 5.40 9.52 -4.79
CA THR G 248 5.01 10.64 -5.64
C THR G 248 6.16 11.61 -5.81
N LEU G 249 6.89 11.90 -4.74
CA LEU G 249 8.09 12.73 -4.87
C LEU G 249 9.08 12.10 -5.85
N THR G 250 9.32 10.80 -5.69
CA THR G 250 10.23 10.09 -6.59
C THR G 250 9.72 10.15 -8.04
N PHE G 251 8.42 9.97 -8.22
CA PHE G 251 7.81 9.98 -9.54
C PHE G 251 7.99 11.34 -10.21
N ASN G 252 7.75 12.42 -9.48
CA ASN G 252 7.95 13.75 -10.05
C ASN G 252 9.39 13.95 -10.47
N ARG G 253 10.33 13.58 -9.59
CA ARG G 253 11.75 13.72 -9.92
C ARG G 253 12.09 12.93 -11.19
N THR G 254 11.63 11.68 -11.26
CA THR G 254 11.95 10.82 -12.40
C THR G 254 11.34 11.36 -13.68
N ARG G 255 10.08 11.83 -13.62
CA ARG G 255 9.43 12.39 -14.80
C ARG G 255 10.21 13.58 -15.32
N GLN G 256 10.57 14.51 -14.43
CA GLN G 256 11.34 15.67 -14.86
C GLN G 256 12.67 15.25 -15.46
N ALA G 257 13.32 14.26 -14.85
CA ALA G 257 14.59 13.76 -15.37
C ALA G 257 14.42 13.19 -16.77
N VAL G 258 13.35 12.44 -16.99
CA VAL G 258 13.10 11.84 -18.31
C VAL G 258 12.95 12.94 -19.37
N ILE G 259 12.15 13.96 -19.05
CA ILE G 259 11.96 15.06 -19.99
C ILE G 259 13.28 15.74 -20.28
N THR G 260 14.07 16.00 -19.24
CA THR G 260 15.37 16.63 -19.41
C THR G 260 16.29 15.78 -20.27
N LYS G 261 16.30 14.47 -20.02
CA LYS G 261 17.19 13.57 -20.76
C LYS G 261 16.83 13.52 -22.23
N GLU G 262 15.53 13.42 -22.54
CA GLU G 262 15.14 13.41 -23.95
C GLU G 262 15.45 14.75 -24.60
N LEU G 263 15.26 15.86 -23.88
CA LEU G 263 15.67 17.16 -24.40
C LEU G 263 17.15 17.18 -24.75
N ILE G 264 17.98 16.70 -23.83
CA ILE G 264 19.44 16.73 -24.02
C ILE G 264 19.82 15.86 -25.21
N GLU G 265 19.20 14.69 -25.33
CA GLU G 265 19.48 13.82 -26.47
C GLU G 265 19.14 14.52 -27.78
N ILE G 266 17.97 15.15 -27.85
CA ILE G 266 17.55 15.81 -29.09
C ILE G 266 18.48 16.97 -29.42
N ILE G 267 18.84 17.76 -28.40
CA ILE G 267 19.75 18.89 -28.62
C ILE G 267 21.09 18.40 -29.13
N SER G 268 21.62 17.35 -28.50
CA SER G 268 22.91 16.79 -28.92
C SER G 268 22.85 16.30 -30.35
N GLY G 269 21.75 15.64 -30.72
CA GLY G 269 21.58 15.21 -32.09
C GLY G 269 21.52 16.39 -33.06
N ALA G 270 20.84 17.46 -32.67
CA ALA G 270 20.75 18.63 -33.54
C ALA G 270 22.11 19.28 -33.75
N ALA G 271 22.85 19.48 -32.66
CA ALA G 271 24.14 20.17 -32.75
C ALA G 271 25.14 19.37 -33.57
N ALA G 272 25.13 18.04 -33.43
CA ALA G 272 26.07 17.21 -34.16
C ALA G 272 25.90 17.36 -35.66
N LEU G 273 24.68 17.59 -36.12
CA LEU G 273 24.40 17.78 -37.54
C LEU G 273 25.14 19.00 -38.08
N GLY H 36 -36.08 -6.67 51.14
CA GLY H 36 -35.33 -5.90 52.12
C GLY H 36 -33.92 -5.59 51.66
N GLN H 37 -33.79 -4.57 50.81
CA GLN H 37 -32.50 -4.17 50.24
C GLN H 37 -31.78 -5.36 49.61
N MET H 38 -32.52 -6.09 48.79
CA MET H 38 -32.01 -7.29 48.12
C MET H 38 -31.74 -6.95 46.66
N SER H 39 -30.46 -6.88 46.29
CA SER H 39 -30.09 -6.58 44.91
C SER H 39 -30.50 -7.74 44.00
N PHE H 40 -31.24 -7.42 42.94
CA PHE H 40 -31.78 -8.41 42.02
C PHE H 40 -31.30 -8.12 40.61
N THR H 41 -30.67 -9.11 39.98
CA THR H 41 -30.13 -8.98 38.63
C THR H 41 -30.83 -10.00 37.73
N PHE H 42 -31.81 -9.54 36.95
CA PHE H 42 -32.49 -10.37 35.97
C PHE H 42 -32.02 -9.94 34.59
N ALA H 43 -31.23 -10.78 33.94
CA ALA H 43 -30.65 -10.42 32.65
C ALA H 43 -30.71 -11.61 31.71
N SER H 44 -30.77 -11.30 30.42
CA SER H 44 -30.76 -12.27 29.35
C SER H 44 -29.60 -11.98 28.40
N PRO H 45 -29.22 -12.91 27.53
CA PRO H 45 -28.20 -12.60 26.53
C PRO H 45 -28.56 -11.43 25.64
N THR H 46 -29.85 -11.19 25.41
CA THR H 46 -30.25 -10.10 24.53
C THR H 46 -30.54 -8.83 25.33
N GLN H 47 -31.48 -8.89 26.26
CA GLN H 47 -31.92 -7.73 27.02
C GLN H 47 -31.60 -7.89 28.51
N VAL H 48 -31.50 -6.75 29.20
CA VAL H 48 -31.23 -6.70 30.63
C VAL H 48 -32.42 -6.09 31.34
N PHE H 49 -33.00 -6.84 32.26
CA PHE H 49 -34.09 -6.41 33.12
C PHE H 49 -33.50 -5.85 34.41
N PHE H 50 -34.25 -5.77 35.52
CA PHE H 50 -33.72 -5.33 36.81
C PHE H 50 -32.30 -5.84 37.03
N ASN H 51 -31.40 -4.92 37.38
CA ASN H 51 -29.98 -5.24 37.57
C ASN H 51 -29.51 -4.62 38.87
N GLY H 52 -29.19 -5.46 39.85
CA GLY H 52 -28.74 -4.95 41.14
C GLY H 52 -29.72 -3.99 41.78
N ALA H 53 -31.01 -4.31 41.73
CA ALA H 53 -32.06 -3.45 42.23
C ALA H 53 -32.69 -4.06 43.47
N ASN H 54 -32.93 -3.23 44.48
CA ASN H 54 -33.53 -3.68 45.73
C ASN H 54 -34.98 -4.09 45.50
N VAL H 55 -35.31 -5.34 45.82
CA VAL H 55 -36.62 -5.92 45.56
C VAL H 55 -37.07 -6.67 46.81
N ARG H 56 -38.38 -6.69 47.04
CA ARG H 56 -38.91 -7.45 48.17
C ARG H 56 -38.89 -8.95 47.88
N GLN H 57 -39.64 -9.38 46.87
CA GLN H 57 -39.77 -10.79 46.53
C GLN H 57 -39.62 -11.00 45.04
N VAL H 58 -39.00 -12.11 44.66
CA VAL H 58 -38.92 -12.52 43.26
C VAL H 58 -39.38 -13.96 43.13
N ASP H 59 -40.68 -14.15 42.86
CA ASP H 59 -41.16 -15.49 42.54
C ASP H 59 -40.53 -15.94 41.23
N VAL H 60 -39.90 -17.11 41.25
CA VAL H 60 -39.14 -17.58 40.09
C VAL H 60 -39.61 -18.98 39.69
N PRO H 61 -39.78 -19.25 38.39
CA PRO H 61 -40.15 -20.60 37.93
C PRO H 61 -38.95 -21.54 37.92
N THR H 62 -38.56 -21.98 39.11
CA THR H 62 -37.38 -22.81 39.28
C THR H 62 -37.75 -24.29 39.21
N GLN H 63 -36.79 -25.10 38.80
CA GLN H 63 -36.97 -26.54 38.86
C GLN H 63 -36.97 -27.00 40.32
N THR H 64 -37.36 -28.26 40.52
CA THR H 64 -37.55 -28.83 41.85
C THR H 64 -38.51 -27.96 42.66
N GLY H 65 -39.49 -27.40 41.99
CA GLY H 65 -40.48 -26.53 42.64
C GLY H 65 -40.08 -25.07 42.60
N ALA H 66 -41.09 -24.21 42.65
CA ALA H 66 -40.88 -22.77 42.63
C ALA H 66 -40.76 -22.26 44.06
N PHE H 67 -39.72 -21.47 44.32
CA PHE H 67 -39.50 -20.89 45.63
C PHE H 67 -39.35 -19.37 45.48
N GLY H 68 -40.07 -18.63 46.31
CA GLY H 68 -40.03 -17.18 46.22
C GLY H 68 -38.73 -16.63 46.77
N ILE H 69 -37.97 -15.93 45.92
CA ILE H 69 -36.77 -15.26 46.38
C ILE H 69 -37.14 -14.23 47.43
N LEU H 70 -36.43 -14.24 48.56
CA LEU H 70 -36.71 -13.39 49.69
C LEU H 70 -35.57 -12.39 49.88
N ALA H 71 -35.69 -11.57 50.93
CA ALA H 71 -34.62 -10.64 51.25
C ALA H 71 -33.35 -11.37 51.67
N SER H 72 -33.48 -12.42 52.47
CA SER H 72 -32.34 -13.16 53.01
C SER H 72 -32.58 -14.66 52.86
N HIS H 73 -33.04 -15.08 51.68
CA HIS H 73 -33.22 -16.50 51.42
C HIS H 73 -31.87 -17.21 51.44
N VAL H 74 -31.87 -18.45 51.91
CA VAL H 74 -30.66 -19.26 52.03
C VAL H 74 -30.00 -19.37 50.66
N PRO H 75 -28.67 -19.19 50.56
CA PRO H 75 -28.00 -19.33 49.27
C PRO H 75 -28.35 -20.64 48.58
N THR H 76 -29.02 -20.54 47.43
CA THR H 76 -29.58 -21.70 46.75
C THR H 76 -29.34 -21.58 45.25
N LEU H 77 -28.42 -22.37 44.73
CA LEU H 77 -28.12 -22.38 43.30
C LEU H 77 -28.98 -23.44 42.63
N GLN H 78 -30.11 -23.03 42.06
CA GLN H 78 -31.07 -23.94 41.45
C GLN H 78 -31.36 -23.51 40.02
N VAL H 79 -31.55 -24.50 39.14
CA VAL H 79 -31.76 -24.22 37.72
C VAL H 79 -33.23 -23.93 37.46
N LEU H 80 -33.49 -23.10 36.45
CA LEU H 80 -34.83 -22.64 36.13
C LEU H 80 -35.58 -23.65 35.26
N ARG H 81 -36.89 -23.45 35.17
CA ARG H 81 -37.78 -24.20 34.30
C ARG H 81 -38.68 -23.21 33.59
N PRO H 82 -39.22 -23.57 32.43
CA PRO H 82 -40.14 -22.66 31.73
C PRO H 82 -41.31 -22.25 32.62
N GLY H 83 -41.52 -20.95 32.71
CA GLY H 83 -42.56 -20.43 33.58
C GLY H 83 -42.45 -18.92 33.68
N LEU H 84 -43.17 -18.37 34.65
CA LEU H 84 -43.26 -16.93 34.85
C LEU H 84 -42.51 -16.51 36.10
N VAL H 85 -41.75 -15.42 35.99
CA VAL H 85 -41.07 -14.80 37.11
C VAL H 85 -41.80 -13.53 37.48
N VAL H 86 -42.10 -13.37 38.78
CA VAL H 86 -42.74 -12.17 39.29
C VAL H 86 -41.77 -11.50 40.24
N VAL H 87 -41.37 -10.28 39.91
CA VAL H 87 -40.46 -9.50 40.73
C VAL H 87 -41.28 -8.47 41.51
N HIS H 88 -41.36 -8.65 42.83
CA HIS H 88 -42.14 -7.77 43.69
C HIS H 88 -41.28 -6.59 44.13
N ALA H 89 -41.19 -5.60 43.25
CA ALA H 89 -40.36 -4.43 43.52
C ALA H 89 -40.81 -3.73 44.79
N GLU H 90 -39.83 -3.22 45.54
CA GLU H 90 -40.09 -2.66 46.87
C GLU H 90 -41.13 -1.55 46.83
N ASP H 91 -41.20 -0.81 45.72
CA ASP H 91 -42.19 0.26 45.61
C ASP H 91 -43.61 -0.28 45.79
N GLY H 92 -43.86 -1.49 45.31
CA GLY H 92 -45.16 -2.12 45.48
C GLY H 92 -45.67 -2.83 44.22
N THR H 93 -45.31 -2.30 43.06
CA THR H 93 -45.69 -2.96 41.81
C THR H 93 -44.87 -4.23 41.60
N THR H 94 -45.49 -5.20 40.93
CA THR H 94 -44.86 -6.50 40.68
C THR H 94 -44.82 -6.73 39.18
N SER H 95 -43.63 -6.58 38.59
CA SER H 95 -43.46 -6.88 37.18
C SER H 95 -43.44 -8.40 36.96
N LYS H 96 -43.96 -8.81 35.80
CA LYS H 96 -44.07 -10.23 35.47
C LYS H 96 -43.39 -10.48 34.14
N TYR H 97 -42.45 -11.43 34.12
CA TYR H 97 -41.75 -11.83 32.91
C TYR H 97 -41.82 -13.35 32.77
N PHE H 98 -41.60 -13.82 31.55
CA PHE H 98 -41.55 -15.25 31.27
C PHE H 98 -40.10 -15.68 31.08
N VAL H 99 -39.75 -16.83 31.67
CA VAL H 99 -38.38 -17.34 31.66
C VAL H 99 -38.37 -18.70 30.99
N SER H 100 -37.38 -18.90 30.10
CA SER H 100 -37.18 -20.20 29.48
C SER H 100 -36.41 -21.13 30.42
N SER H 101 -35.18 -20.75 30.77
CA SER H 101 -34.32 -21.57 31.63
C SER H 101 -33.13 -20.73 32.06
N GLY H 102 -32.39 -21.24 33.03
CA GLY H 102 -31.22 -20.53 33.55
C GLY H 102 -30.90 -20.99 34.97
N SER H 103 -30.27 -20.09 35.71
CA SER H 103 -29.82 -20.36 37.07
C SER H 103 -30.28 -19.26 38.01
N VAL H 104 -30.86 -19.64 39.13
CA VAL H 104 -31.25 -18.70 40.18
C VAL H 104 -30.07 -18.63 41.14
N THR H 105 -29.15 -17.70 40.89
CA THR H 105 -27.94 -17.57 41.69
C THR H 105 -28.16 -16.56 42.81
N VAL H 106 -28.77 -17.01 43.89
CA VAL H 106 -28.93 -16.21 45.09
C VAL H 106 -27.76 -16.49 46.03
N ASN H 107 -26.99 -15.46 46.34
CA ASN H 107 -25.78 -15.60 47.14
C ASN H 107 -26.10 -15.53 48.63
N ALA H 108 -25.07 -15.66 49.45
CA ALA H 108 -25.23 -15.50 50.89
C ALA H 108 -25.73 -14.11 51.24
N ASP H 109 -25.17 -13.09 50.60
CA ASP H 109 -25.67 -11.74 50.75
C ASP H 109 -26.94 -11.56 49.92
N SER H 110 -27.55 -10.39 50.03
CA SER H 110 -28.81 -10.12 49.35
C SER H 110 -28.58 -9.83 47.87
N SER H 111 -27.99 -10.79 47.15
CA SER H 111 -27.72 -10.66 45.72
C SER H 111 -28.18 -11.93 45.02
N VAL H 112 -29.22 -11.81 44.20
CA VAL H 112 -29.75 -12.92 43.42
C VAL H 112 -29.54 -12.59 41.94
N GLN H 113 -28.85 -13.49 41.23
CA GLN H 113 -28.55 -13.32 39.81
C GLN H 113 -29.44 -14.26 39.02
N LEU H 114 -30.50 -13.72 38.44
CA LEU H 114 -31.45 -14.52 37.66
C LEU H 114 -31.10 -14.43 36.18
N LEU H 115 -30.18 -15.30 35.76
CA LEU H 115 -29.81 -15.39 34.36
C LEU H 115 -30.79 -16.29 33.63
N ALA H 116 -31.36 -15.80 32.54
CA ALA H 116 -32.33 -16.55 31.74
C ALA H 116 -31.88 -16.55 30.29
N GLU H 117 -31.90 -17.73 29.65
CA GLU H 117 -31.52 -17.81 28.25
C GLU H 117 -32.45 -16.98 27.38
N GLU H 118 -33.76 -17.06 27.63
CA GLU H 118 -34.75 -16.27 26.90
C GLU H 118 -35.67 -15.61 27.93
N ALA H 119 -35.43 -14.34 28.22
CA ALA H 119 -36.27 -13.56 29.12
C ALA H 119 -37.23 -12.73 28.27
N VAL H 120 -38.50 -13.11 28.27
CA VAL H 120 -39.52 -12.55 27.39
C VAL H 120 -40.67 -12.03 28.24
N THR H 121 -41.17 -10.85 27.89
CA THR H 121 -42.36 -10.32 28.55
C THR H 121 -43.60 -11.03 28.05
N LEU H 122 -44.68 -10.92 28.82
CA LEU H 122 -45.90 -11.66 28.53
C LEU H 122 -46.65 -11.11 27.32
N ASP H 123 -46.51 -9.81 27.02
CA ASP H 123 -47.28 -9.21 25.94
C ASP H 123 -46.85 -9.76 24.58
N MET H 124 -45.55 -9.83 24.32
CA MET H 124 -45.07 -10.19 22.99
C MET H 124 -45.38 -11.64 22.64
N LEU H 125 -45.63 -12.48 23.64
CA LEU H 125 -46.05 -13.85 23.37
C LEU H 125 -47.44 -13.87 22.73
N ASP H 126 -47.61 -14.74 21.73
CA ASP H 126 -48.87 -14.82 21.00
C ASP H 126 -49.72 -15.96 21.55
N PRO H 127 -50.90 -15.68 22.11
CA PRO H 127 -51.69 -16.76 22.72
C PRO H 127 -52.25 -17.76 21.72
N GLY H 128 -52.70 -17.30 20.55
CA GLY H 128 -53.24 -18.22 19.57
C GLY H 128 -52.21 -19.23 19.11
N VAL H 129 -51.02 -18.76 18.74
CA VAL H 129 -49.97 -19.69 18.33
C VAL H 129 -49.45 -20.47 19.52
N ALA H 130 -49.54 -19.92 20.73
CA ALA H 130 -49.18 -20.69 21.92
C ALA H 130 -50.06 -21.94 22.03
N LYS H 131 -51.38 -21.75 21.92
CA LYS H 131 -52.30 -22.89 21.96
C LYS H 131 -52.04 -23.82 20.79
N ALA H 132 -51.82 -23.26 19.60
CA ALA H 132 -51.54 -24.08 18.43
C ALA H 132 -50.33 -24.98 18.66
N ASN H 133 -49.23 -24.39 19.15
CA ASN H 133 -48.01 -25.16 19.39
C ASN H 133 -48.22 -26.21 20.48
N LEU H 134 -48.96 -25.85 21.53
CA LEU H 134 -49.25 -26.83 22.58
C LEU H 134 -49.96 -28.05 22.00
N GLU H 135 -51.05 -27.82 21.24
CA GLU H 135 -51.81 -28.92 20.68
C GLU H 135 -50.99 -29.71 19.66
N LYS H 136 -50.19 -29.00 18.84
CA LYS H 136 -49.36 -29.67 17.85
C LYS H 136 -48.34 -30.60 18.51
N ALA H 137 -47.66 -30.10 19.54
CA ALA H 137 -46.71 -30.94 20.27
C ALA H 137 -47.41 -32.11 20.94
N GLN H 138 -48.61 -31.88 21.49
CA GLN H 138 -49.38 -32.98 22.08
C GLN H 138 -49.68 -34.05 21.03
N SER H 139 -49.99 -33.64 19.80
CA SER H 139 -50.17 -34.60 18.72
C SER H 139 -48.86 -35.31 18.40
N GLU H 140 -47.75 -34.57 18.39
CA GLU H 140 -46.45 -35.15 18.08
C GLU H 140 -46.03 -36.18 19.11
N LEU H 141 -46.55 -36.06 20.34
CA LEU H 141 -46.18 -36.99 21.41
C LEU H 141 -46.34 -38.44 20.98
N LEU H 142 -47.49 -38.78 20.38
CA LEU H 142 -47.73 -40.16 19.96
C LEU H 142 -46.75 -40.59 18.87
N GLY H 143 -46.52 -39.72 17.89
CA GLY H 143 -45.62 -40.06 16.79
C GLY H 143 -44.15 -40.13 17.19
N ALA H 144 -43.80 -39.56 18.34
CA ALA H 144 -42.41 -39.56 18.82
C ALA H 144 -42.08 -40.95 19.34
N ALA H 145 -41.67 -41.83 18.42
CA ALA H 145 -41.37 -43.21 18.77
C ALA H 145 -40.16 -43.29 19.71
N ASP H 146 -39.10 -42.57 19.39
CA ASP H 146 -37.89 -42.62 20.21
C ASP H 146 -38.15 -42.00 21.58
N GLU H 147 -37.70 -42.69 22.62
CA GLU H 147 -37.85 -42.17 23.97
C GLU H 147 -37.09 -40.85 24.13
N ALA H 148 -35.93 -40.72 23.48
CA ALA H 148 -35.25 -39.43 23.45
C ALA H 148 -36.09 -38.38 22.73
N SER H 149 -36.63 -38.74 21.56
CA SER H 149 -37.48 -37.81 20.83
C SER H 149 -38.76 -37.53 21.58
N ARG H 150 -39.33 -38.56 22.21
CA ARG H 150 -40.51 -38.33 23.04
C ARG H 150 -40.19 -37.39 24.20
N ALA H 151 -38.99 -37.51 24.75
CA ALA H 151 -38.56 -36.60 25.80
C ALA H 151 -38.44 -35.17 25.28
N GLU H 152 -37.95 -35.02 24.05
CA GLU H 152 -37.88 -33.69 23.45
C GLU H 152 -39.28 -33.08 23.28
N ILE H 153 -40.21 -33.87 22.77
CA ILE H 153 -41.59 -33.40 22.64
C ILE H 153 -42.20 -33.15 24.01
N GLN H 154 -41.76 -33.91 25.02
CA GLN H 154 -42.20 -33.66 26.40
C GLN H 154 -41.72 -32.30 26.89
N ILE H 155 -40.47 -31.95 26.58
CA ILE H 155 -39.98 -30.60 26.93
C ILE H 155 -40.83 -29.56 26.23
N ARG H 156 -41.13 -29.80 24.95
CA ARG H 156 -41.98 -28.89 24.20
C ARG H 156 -43.33 -28.70 24.88
N ILE H 157 -43.99 -29.81 25.24
CA ILE H 157 -45.32 -29.72 25.83
C ILE H 157 -45.27 -29.08 27.21
N GLU H 158 -44.20 -29.33 27.98
CA GLU H 158 -44.06 -28.68 29.28
C GLU H 158 -43.96 -27.17 29.13
N ALA H 159 -43.07 -26.74 28.21
CA ALA H 159 -42.94 -25.31 27.97
C ALA H 159 -44.25 -24.71 27.46
N ASN H 160 -44.93 -25.43 26.57
CA ASN H 160 -46.21 -24.97 26.04
C ASN H 160 -47.28 -24.91 27.13
N GLU H 161 -47.26 -25.87 28.06
CA GLU H 161 -48.20 -25.83 29.18
C GLU H 161 -48.00 -24.59 30.02
N ALA H 162 -46.75 -24.33 30.42
CA ALA H 162 -46.47 -23.11 31.16
C ALA H 162 -46.81 -21.88 30.34
N LEU H 163 -46.57 -21.95 29.03
CA LEU H 163 -46.84 -20.83 28.13
C LEU H 163 -48.33 -20.51 28.08
N VAL H 164 -49.17 -21.52 27.87
CA VAL H 164 -50.60 -21.29 27.75
C VAL H 164 -51.18 -20.88 29.10
N LYS H 165 -50.58 -21.35 30.20
CA LYS H 165 -50.97 -20.82 31.50
C LYS H 165 -50.63 -19.34 31.60
N ALA H 166 -49.47 -18.94 31.10
CA ALA H 166 -49.11 -17.52 31.10
C ALA H 166 -50.07 -16.70 30.25
N LEU H 167 -50.42 -17.20 29.07
CA LEU H 167 -51.32 -16.49 28.17
C LEU H 167 -52.77 -16.72 28.56
N VAL I 87 -32.93 -35.82 38.05
CA VAL I 87 -33.11 -36.71 36.91
C VAL I 87 -34.57 -36.76 36.49
N ALA I 88 -35.02 -35.70 35.83
CA ALA I 88 -36.39 -35.58 35.36
C ALA I 88 -36.48 -36.16 33.95
N TYR I 89 -37.59 -35.90 33.25
CA TYR I 89 -37.77 -36.46 31.91
C TYR I 89 -36.65 -36.05 30.96
N TRP I 90 -36.18 -34.81 31.06
CA TRP I 90 -35.06 -34.38 30.22
C TRP I 90 -33.80 -35.16 30.53
N ARG I 91 -33.54 -35.43 31.80
CA ARG I 91 -32.49 -36.37 32.15
C ARG I 91 -33.00 -37.79 31.97
N GLN I 92 -32.08 -38.75 32.12
CA GLN I 92 -32.35 -40.19 31.98
C GLN I 92 -32.63 -40.52 30.52
N ALA I 93 -32.85 -39.50 29.69
CA ALA I 93 -32.89 -39.65 28.24
C ALA I 93 -31.55 -39.33 27.61
N GLY I 94 -30.70 -38.58 28.30
CA GLY I 94 -29.45 -38.09 27.77
C GLY I 94 -29.42 -36.58 27.58
N LEU I 95 -30.58 -35.94 27.46
CA LEU I 95 -30.64 -34.50 27.27
C LEU I 95 -30.08 -33.77 28.49
N SER I 96 -29.07 -32.94 28.25
CA SER I 96 -28.53 -32.14 29.34
C SER I 96 -29.36 -30.88 29.53
N TYR I 97 -29.08 -30.17 30.63
CA TYR I 97 -29.80 -28.93 30.90
C TYR I 97 -29.62 -27.93 29.78
N ILE I 98 -28.47 -27.97 29.10
CA ILE I 98 -28.24 -27.04 27.99
C ILE I 98 -29.17 -27.37 26.84
N ARG I 99 -29.32 -28.65 26.49
CA ARG I 99 -30.24 -29.04 25.44
C ARG I 99 -31.68 -28.73 25.81
N TYR I 100 -32.04 -28.96 27.08
CA TYR I 100 -33.35 -28.58 27.59
C TYR I 100 -33.58 -27.08 27.45
N SER I 101 -32.55 -26.29 27.71
CA SER I 101 -32.62 -24.86 27.53
C SER I 101 -32.82 -24.51 26.05
N GLN I 102 -32.10 -25.19 25.16
CA GLN I 102 -32.27 -24.95 23.74
C GLN I 102 -33.71 -25.22 23.31
N ILE I 103 -34.28 -26.33 23.77
CA ILE I 103 -35.63 -26.69 23.37
C ILE I 103 -36.64 -25.66 23.88
N CYS I 104 -36.57 -25.35 25.18
CA CYS I 104 -37.52 -24.38 25.74
C CYS I 104 -37.33 -23.00 25.12
N ALA I 105 -36.08 -22.62 24.84
CA ALA I 105 -35.80 -21.34 24.20
C ALA I 105 -36.42 -21.26 22.81
N LYS I 106 -36.25 -22.32 22.01
CA LYS I 106 -36.87 -22.36 20.69
C LYS I 106 -38.39 -22.28 20.81
N ALA I 107 -38.95 -23.01 21.77
CA ALA I 107 -40.40 -22.95 21.98
C ALA I 107 -40.86 -21.54 22.33
N VAL I 108 -40.13 -20.88 23.23
CA VAL I 108 -40.48 -19.52 23.64
C VAL I 108 -40.42 -18.57 22.45
N ARG I 109 -39.32 -18.63 21.69
CA ARG I 109 -39.18 -17.76 20.53
C ARG I 109 -40.23 -18.06 19.47
N ASP I 110 -40.68 -19.31 19.40
CA ASP I 110 -41.79 -19.65 18.51
C ASP I 110 -43.06 -18.94 18.94
N ALA I 111 -43.33 -18.91 20.24
CA ALA I 111 -44.54 -18.26 20.75
C ALA I 111 -44.51 -16.75 20.59
N LEU I 112 -43.34 -16.17 20.32
CA LEU I 112 -43.27 -14.73 20.08
C LEU I 112 -44.11 -14.35 18.89
N LYS I 113 -44.66 -13.14 18.95
CA LYS I 113 -45.40 -12.59 17.82
C LYS I 113 -44.46 -12.35 16.65
N ALA I 114 -45.03 -12.40 15.43
CA ALA I 114 -44.23 -12.22 14.23
C ALA I 114 -43.50 -10.88 14.23
N GLU I 115 -44.16 -9.83 14.74
CA GLU I 115 -43.49 -8.54 14.87
C GLU I 115 -42.30 -8.63 15.79
N PHE I 116 -42.43 -9.36 16.89
CA PHE I 116 -41.32 -9.57 17.82
C PHE I 116 -40.44 -10.74 17.44
N LYS I 117 -40.83 -11.53 16.45
CA LYS I 117 -40.00 -12.66 16.01
C LYS I 117 -38.70 -12.22 15.36
N ALA I 118 -38.56 -10.93 15.05
CA ALA I 118 -37.29 -10.42 14.54
C ALA I 118 -36.17 -10.69 15.54
N ASN I 119 -36.43 -10.51 16.83
CA ASN I 119 -35.43 -10.82 17.85
C ASN I 119 -35.17 -12.33 17.92
N ALA I 120 -36.20 -13.14 17.71
CA ALA I 120 -36.01 -14.59 17.66
C ALA I 120 -35.05 -14.96 16.53
N GLU I 121 -35.20 -14.33 15.37
CA GLU I 121 -34.23 -14.51 14.30
C GLU I 121 -32.86 -13.97 14.68
N LYS I 122 -32.84 -12.81 15.35
CA LYS I 122 -31.59 -12.21 15.82
C LYS I 122 -30.78 -13.19 16.65
N THR I 123 -31.47 -14.01 17.46
CA THR I 123 -30.78 -14.99 18.30
C THR I 123 -29.80 -15.83 17.48
N SER I 124 -30.28 -16.40 16.37
CA SER I 124 -29.45 -17.04 15.34
C SER I 124 -28.30 -17.85 15.91
N GLY I 125 -28.60 -18.85 16.73
CA GLY I 125 -27.57 -19.58 17.44
C GLY I 125 -26.86 -20.65 16.65
N SER I 126 -27.17 -20.82 15.37
CA SER I 126 -26.53 -21.84 14.54
C SER I 126 -25.42 -21.28 13.67
N ASN I 127 -25.01 -20.03 13.89
CA ASN I 127 -24.00 -19.42 13.02
C ASN I 127 -22.67 -20.18 13.09
N VAL I 128 -22.23 -20.52 14.30
CA VAL I 128 -20.96 -21.24 14.43
C VAL I 128 -21.13 -22.69 13.97
N LYS I 129 -20.03 -23.27 13.51
CA LYS I 129 -19.99 -24.65 13.07
C LYS I 129 -18.89 -25.38 13.82
N ILE I 130 -18.96 -26.71 13.78
CA ILE I 130 -17.98 -27.58 14.43
C ILE I 130 -17.34 -28.47 13.38
N VAL I 131 -16.01 -28.50 13.37
CA VAL I 131 -15.25 -29.44 12.56
C VAL I 131 -14.45 -30.33 13.52
N LYS I 132 -14.82 -31.61 13.58
CA LYS I 132 -14.07 -32.55 14.40
C LYS I 132 -12.63 -32.67 13.88
N VAL I 133 -11.68 -32.75 14.81
CA VAL I 133 -10.27 -32.80 14.44
C VAL I 133 -9.99 -34.03 13.59
N LYS I 134 -10.53 -35.18 14.00
CA LYS I 134 -10.34 -36.41 13.23
C LYS I 134 -11.60 -37.26 13.25
N ILE J 68 -57.84 -55.05 96.87
CA ILE J 68 -58.07 -54.45 95.57
C ILE J 68 -57.02 -53.37 95.30
N ASP J 69 -56.53 -52.76 96.38
CA ASP J 69 -55.57 -51.68 96.26
C ASP J 69 -54.28 -52.16 95.62
N THR J 70 -53.82 -53.37 95.97
CA THR J 70 -52.61 -53.92 95.35
C THR J 70 -52.84 -54.21 93.87
N ALA J 71 -53.98 -54.83 93.54
CA ALA J 71 -54.34 -55.04 92.14
C ALA J 71 -54.43 -53.71 91.41
N ALA J 72 -54.97 -52.69 92.08
CA ALA J 72 -55.00 -51.35 91.52
C ALA J 72 -53.59 -50.82 91.30
N LYS J 73 -52.66 -51.11 92.21
CA LYS J 73 -51.26 -50.72 92.01
C LYS J 73 -50.68 -51.38 90.77
N PHE J 74 -50.96 -52.67 90.58
CA PHE J 74 -50.45 -53.39 89.41
C PHE J 74 -50.99 -52.77 88.12
N ILE J 75 -52.31 -52.59 88.04
CA ILE J 75 -52.90 -52.03 86.82
C ILE J 75 -52.46 -50.58 86.62
N GLY J 76 -52.28 -49.83 87.71
CA GLY J 76 -51.81 -48.46 87.59
C GLY J 76 -50.39 -48.36 87.10
N ALA J 77 -49.52 -49.27 87.55
CA ALA J 77 -48.16 -49.32 87.02
C ALA J 77 -48.18 -49.66 85.53
N GLY J 78 -49.02 -50.63 85.15
CA GLY J 78 -49.16 -50.94 83.74
C GLY J 78 -49.65 -49.76 82.92
N ALA J 79 -50.58 -48.99 83.47
CA ALA J 79 -51.06 -47.79 82.81
C ALA J 79 -50.00 -46.69 82.79
N ALA J 80 -49.12 -46.66 83.79
CA ALA J 80 -48.12 -45.61 83.83
C ALA J 80 -46.90 -45.91 82.98
N THR J 81 -46.72 -47.17 82.56
CA THR J 81 -45.56 -47.50 81.75
C THR J 81 -45.79 -47.30 80.25
N VAL J 82 -47.05 -47.24 79.81
CA VAL J 82 -47.31 -46.96 78.40
C VAL J 82 -46.91 -45.52 78.05
N GLY J 83 -46.80 -44.64 79.05
CA GLY J 83 -46.34 -43.29 78.79
C GLY J 83 -44.91 -43.17 78.29
N VAL J 84 -44.29 -44.29 77.91
CA VAL J 84 -42.95 -44.30 77.31
C VAL J 84 -43.01 -44.37 75.78
N ALA J 85 -44.14 -44.76 75.22
CA ALA J 85 -44.27 -44.89 73.77
C ALA J 85 -44.02 -43.55 73.07
N GLY J 86 -44.57 -42.47 73.64
CA GLY J 86 -44.32 -41.15 73.07
C GLY J 86 -42.85 -40.80 73.09
N SER J 87 -42.15 -41.16 74.17
CA SER J 87 -40.71 -40.92 74.22
C SER J 87 -39.98 -41.69 73.14
N GLY J 88 -40.36 -42.95 72.91
CA GLY J 88 -39.73 -43.72 71.84
C GLY J 88 -39.96 -43.12 70.47
N ALA J 89 -41.21 -42.72 70.20
CA ALA J 89 -41.52 -42.10 68.91
C ALA J 89 -40.73 -40.82 68.74
N GLY J 90 -40.64 -40.00 69.79
CA GLY J 90 -39.86 -38.78 69.70
C GLY J 90 -38.38 -39.04 69.44
N ILE J 91 -37.83 -40.07 70.09
CA ILE J 91 -36.41 -40.37 69.88
C ILE J 91 -36.17 -40.84 68.44
N GLY J 92 -37.08 -41.64 67.90
CA GLY J 92 -36.97 -42.02 66.50
C GLY J 92 -37.04 -40.81 65.59
N THR J 93 -37.94 -39.87 65.90
CA THR J 93 -38.03 -38.63 65.14
C THR J 93 -36.71 -37.86 65.19
N VAL J 94 -36.11 -37.76 66.37
CA VAL J 94 -34.85 -37.03 66.53
C VAL J 94 -33.80 -37.64 65.62
N PHE J 95 -33.64 -38.96 65.68
CA PHE J 95 -32.55 -39.58 64.93
C PHE J 95 -32.80 -39.52 63.43
N GLY J 96 -34.05 -39.65 62.99
CA GLY J 96 -34.33 -39.46 61.57
C GLY J 96 -34.02 -38.04 61.11
N SER J 97 -34.37 -37.06 61.92
CA SER J 97 -34.02 -35.69 61.61
C SER J 97 -32.51 -35.52 61.54
N LEU J 98 -31.78 -36.18 62.43
CA LEU J 98 -30.32 -36.14 62.38
C LEU J 98 -29.82 -36.69 61.05
N ILE J 99 -30.45 -37.77 60.58
CA ILE J 99 -30.08 -38.34 59.28
C ILE J 99 -30.24 -37.31 58.18
N ILE J 100 -31.43 -36.71 58.08
CA ILE J 100 -31.67 -35.79 56.96
C ILE J 100 -30.82 -34.53 57.10
N GLY J 101 -30.58 -34.06 58.32
CA GLY J 101 -29.71 -32.93 58.51
C GLY J 101 -28.28 -33.21 58.06
N TYR J 102 -27.74 -34.36 58.46
CA TYR J 102 -26.40 -34.73 58.05
C TYR J 102 -26.31 -34.85 56.54
N ALA J 103 -27.37 -35.34 55.90
CA ALA J 103 -27.41 -35.35 54.43
C ALA J 103 -27.30 -33.94 53.87
N ARG J 104 -28.08 -33.00 54.42
CA ARG J 104 -28.11 -31.63 53.91
C ARG J 104 -26.75 -30.95 54.09
N ASN J 105 -26.20 -30.98 55.31
CA ASN J 105 -24.98 -30.25 55.63
C ASN J 105 -23.99 -31.19 56.31
N PRO J 106 -23.21 -31.94 55.54
CA PRO J 106 -22.18 -32.79 56.13
C PRO J 106 -21.08 -31.95 56.77
N SER J 107 -20.26 -32.63 57.57
CA SER J 107 -19.16 -32.04 58.34
C SER J 107 -19.66 -31.07 59.40
N LEU J 108 -20.98 -30.95 59.58
CA LEU J 108 -21.56 -30.20 60.67
C LEU J 108 -22.07 -31.11 61.77
N LYS J 109 -21.67 -32.38 61.76
CA LYS J 109 -22.17 -33.35 62.71
C LYS J 109 -21.99 -32.88 64.15
N GLN J 110 -20.89 -32.19 64.43
CA GLN J 110 -20.61 -31.68 65.77
C GLN J 110 -21.83 -30.99 66.38
N GLN J 111 -22.28 -29.91 65.75
CA GLN J 111 -23.48 -29.22 66.23
C GLN J 111 -24.72 -30.08 66.01
N LEU J 112 -24.81 -30.74 64.86
CA LEU J 112 -25.98 -31.57 64.57
C LEU J 112 -26.11 -32.70 65.57
N PHE J 113 -25.03 -33.45 65.80
CA PHE J 113 -25.10 -34.52 66.79
C PHE J 113 -25.25 -33.98 68.20
N SER J 114 -24.74 -32.78 68.48
CA SER J 114 -25.02 -32.15 69.77
C SER J 114 -26.51 -31.97 69.96
N TYR J 115 -27.19 -31.43 68.95
CA TYR J 115 -28.63 -31.24 69.03
C TYR J 115 -29.35 -32.59 69.15
N ALA J 116 -28.88 -33.59 68.41
CA ALA J 116 -29.50 -34.91 68.46
C ALA J 116 -29.39 -35.52 69.84
N ILE J 117 -28.19 -35.45 70.44
CA ILE J 117 -27.99 -35.97 71.79
C ILE J 117 -28.88 -35.24 72.78
N LEU J 118 -28.96 -33.91 72.66
CA LEU J 118 -29.86 -33.15 73.53
C LEU J 118 -31.30 -33.67 73.44
N GLY J 119 -31.82 -33.79 72.22
CA GLY J 119 -33.20 -34.22 72.07
C GLY J 119 -33.43 -35.65 72.56
N PHE J 120 -32.51 -36.55 72.23
CA PHE J 120 -32.63 -37.94 72.68
C PHE J 120 -32.59 -38.01 74.21
N ALA J 121 -31.73 -37.21 74.83
CA ALA J 121 -31.67 -37.17 76.28
C ALA J 121 -32.99 -36.70 76.86
N LEU J 122 -33.58 -35.65 76.27
CA LEU J 122 -34.86 -35.16 76.77
C LEU J 122 -35.95 -36.23 76.67
N SER J 123 -36.02 -36.91 75.52
CA SER J 123 -37.05 -37.92 75.33
C SER J 123 -36.89 -39.07 76.30
N GLU J 124 -35.65 -39.56 76.47
CA GLU J 124 -35.39 -40.63 77.43
C GLU J 124 -35.70 -40.18 78.85
N ALA J 125 -35.44 -38.92 79.17
CA ALA J 125 -35.78 -38.39 80.49
C ALA J 125 -37.28 -38.43 80.71
N MET J 126 -38.06 -38.06 79.68
CA MET J 126 -39.51 -38.14 79.80
C MET J 126 -39.97 -39.58 80.03
N GLY J 127 -39.42 -40.52 79.25
CA GLY J 127 -39.77 -41.92 79.44
C GLY J 127 -39.42 -42.42 80.83
N LEU J 128 -38.24 -42.03 81.32
CA LEU J 128 -37.82 -42.40 82.67
C LEU J 128 -38.74 -41.81 83.72
N PHE J 129 -39.21 -40.58 83.49
CA PHE J 129 -40.16 -39.96 84.41
C PHE J 129 -41.46 -40.77 84.49
N CYS J 130 -41.97 -41.19 83.34
CA CYS J 130 -43.15 -42.06 83.35
C CYS J 130 -42.86 -43.36 84.09
N LEU J 131 -41.66 -43.92 83.88
CA LEU J 131 -41.27 -45.12 84.60
C LEU J 131 -41.27 -44.90 86.11
N MET J 132 -40.73 -43.75 86.54
CA MET J 132 -40.70 -43.44 87.97
C MET J 132 -42.11 -43.31 88.54
N VAL J 133 -43.03 -42.71 87.77
CA VAL J 133 -44.41 -42.65 88.23
C VAL J 133 -45.00 -44.05 88.36
N ALA J 134 -44.66 -44.94 87.42
CA ALA J 134 -45.09 -46.33 87.52
C ALA J 134 -44.54 -46.98 88.78
N PHE J 135 -43.27 -46.72 89.09
CA PHE J 135 -42.67 -47.22 90.33
C PHE J 135 -43.41 -46.71 91.55
N LEU J 136 -43.73 -45.42 91.55
CA LEU J 136 -44.49 -44.83 92.65
C LEU J 136 -45.83 -45.54 92.84
N ILE J 137 -46.55 -45.76 91.73
CA ILE J 137 -47.85 -46.40 91.83
C ILE J 137 -47.72 -47.83 92.34
N LEU J 138 -46.76 -48.59 91.81
CA LEU J 138 -46.62 -49.98 92.23
C LEU J 138 -46.19 -50.10 93.68
N PHE J 139 -45.41 -49.14 94.18
CA PHE J 139 -44.95 -49.20 95.56
C PHE J 139 -45.32 -47.93 96.33
N ILE K 68 -58.21 -62.13 91.68
CA ILE K 68 -58.41 -60.86 91.00
C ILE K 68 -57.07 -60.14 90.87
N ASP K 69 -56.13 -60.50 91.73
CA ASP K 69 -54.79 -59.88 91.68
C ASP K 69 -54.13 -60.15 90.34
N THR K 70 -54.07 -61.42 89.94
CA THR K 70 -53.48 -61.76 88.64
C THR K 70 -54.26 -61.12 87.50
N ALA K 71 -55.59 -61.02 87.65
CA ALA K 71 -56.40 -60.38 86.62
C ALA K 71 -55.94 -58.95 86.35
N ALA K 72 -55.80 -58.17 87.42
CA ALA K 72 -55.32 -56.79 87.27
C ALA K 72 -53.87 -56.78 86.79
N LYS K 73 -53.08 -57.80 87.17
CA LYS K 73 -51.77 -57.95 86.58
C LYS K 73 -51.86 -57.99 85.06
N PHE K 74 -52.71 -58.87 84.54
CA PHE K 74 -52.83 -59.04 83.09
C PHE K 74 -53.36 -57.79 82.42
N ILE K 75 -54.29 -57.10 83.07
CA ILE K 75 -54.75 -55.81 82.51
C ILE K 75 -53.60 -54.82 82.45
N GLY K 76 -52.79 -54.78 83.51
CA GLY K 76 -51.60 -53.94 83.49
C GLY K 76 -50.63 -54.34 82.40
N ALA K 77 -50.50 -55.64 82.13
CA ALA K 77 -49.66 -56.09 81.04
C ALA K 77 -50.19 -55.60 79.71
N GLY K 78 -51.49 -55.74 79.49
CA GLY K 78 -52.10 -55.23 78.27
C GLY K 78 -51.86 -53.74 78.09
N ALA K 79 -51.89 -53.01 79.21
CA ALA K 79 -51.50 -51.59 79.15
C ALA K 79 -50.01 -51.44 78.83
N ALA K 80 -49.19 -52.34 79.37
CA ALA K 80 -47.73 -52.24 79.21
C ALA K 80 -47.32 -52.45 77.75
N THR K 81 -48.00 -53.35 77.05
CA THR K 81 -47.63 -53.64 75.67
C THR K 81 -47.74 -52.40 74.80
N VAL K 82 -48.66 -51.49 75.15
CA VAL K 82 -48.87 -50.29 74.35
C VAL K 82 -47.61 -49.43 74.30
N GLY K 83 -46.77 -49.50 75.33
CA GLY K 83 -45.52 -48.76 75.32
C GLY K 83 -44.60 -49.19 74.17
N VAL K 84 -44.68 -50.46 73.79
CA VAL K 84 -43.83 -50.96 72.70
C VAL K 84 -44.18 -50.25 71.39
N ALA K 85 -45.46 -49.94 71.18
CA ALA K 85 -45.91 -49.41 69.90
C ALA K 85 -45.20 -48.10 69.52
N GLY K 86 -45.16 -47.15 70.45
CA GLY K 86 -44.49 -45.88 70.16
C GLY K 86 -43.05 -46.07 69.76
N SER K 87 -42.41 -47.10 70.31
CA SER K 87 -41.06 -47.46 69.85
C SER K 87 -41.06 -47.84 68.39
N GLY K 88 -42.04 -48.66 67.96
CA GLY K 88 -42.13 -49.04 66.56
C GLY K 88 -42.38 -47.84 65.66
N ALA K 89 -43.24 -46.92 66.10
CA ALA K 89 -43.49 -45.73 65.32
C ALA K 89 -42.21 -44.92 65.12
N GLY K 90 -41.41 -44.78 66.18
CA GLY K 90 -40.12 -44.13 66.04
C GLY K 90 -39.19 -44.85 65.08
N ILE K 91 -39.19 -46.19 65.14
CA ILE K 91 -38.34 -46.97 64.25
C ILE K 91 -38.74 -46.73 62.80
N GLY K 92 -40.05 -46.71 62.55
CA GLY K 92 -40.52 -46.40 61.18
C GLY K 92 -40.03 -45.03 60.74
N THR K 93 -40.13 -44.03 61.61
CA THR K 93 -39.73 -42.65 61.25
C THR K 93 -38.24 -42.59 60.90
N VAL K 94 -37.38 -43.12 61.77
CA VAL K 94 -35.91 -42.99 61.53
C VAL K 94 -35.56 -43.70 60.22
N PHE K 95 -36.10 -44.90 60.00
CA PHE K 95 -35.78 -45.66 58.76
C PHE K 95 -36.35 -44.89 57.56
N GLY K 96 -37.52 -44.29 57.73
CA GLY K 96 -38.10 -43.47 56.64
C GLY K 96 -37.14 -42.34 56.26
N SER K 97 -36.58 -41.68 57.29
CA SER K 97 -35.61 -40.59 57.02
C SER K 97 -34.39 -41.12 56.28
N LEU K 98 -33.97 -42.34 56.60
CA LEU K 98 -32.82 -42.95 55.89
C LEU K 98 -33.14 -42.98 54.39
N ILE K 99 -34.38 -43.29 54.03
CA ILE K 99 -34.79 -43.30 52.59
C ILE K 99 -34.46 -41.94 51.99
N ILE K 100 -35.08 -40.87 52.52
CA ILE K 100 -34.86 -39.53 51.92
C ILE K 100 -33.38 -39.18 52.02
N GLY K 101 -32.73 -39.54 53.13
CA GLY K 101 -31.32 -39.20 53.29
C GLY K 101 -30.45 -39.81 52.21
N TYR K 102 -30.63 -41.10 51.95
CA TYR K 102 -29.88 -41.74 50.87
C TYR K 102 -30.26 -41.16 49.52
N ALA K 103 -31.55 -40.87 49.32
CA ALA K 103 -32.00 -40.26 48.06
C ALA K 103 -31.24 -38.97 47.78
N ARG K 104 -30.97 -38.17 48.81
CA ARG K 104 -30.27 -36.91 48.60
C ARG K 104 -28.78 -37.15 48.38
N ASN K 105 -28.11 -37.75 49.36
CA ASN K 105 -26.70 -38.05 49.23
C ASN K 105 -26.47 -39.56 49.13
N PRO K 106 -26.16 -40.10 47.94
CA PRO K 106 -25.84 -41.53 47.87
C PRO K 106 -24.46 -41.86 48.44
N SER K 107 -23.50 -40.97 48.27
CA SER K 107 -22.15 -41.22 48.80
C SER K 107 -22.18 -41.39 50.31
N LEU K 108 -22.97 -40.57 51.00
CA LEU K 108 -23.12 -40.69 52.45
C LEU K 108 -23.97 -41.91 52.73
N LYS K 109 -23.32 -43.08 52.82
CA LYS K 109 -24.03 -44.32 53.07
C LYS K 109 -23.59 -44.94 54.40
N GLN K 110 -22.28 -45.11 54.58
CA GLN K 110 -21.76 -45.75 55.77
C GLN K 110 -22.18 -44.99 57.03
N GLN K 111 -21.87 -43.69 57.07
CA GLN K 111 -22.24 -42.88 58.23
C GLN K 111 -23.75 -42.77 58.36
N LEU K 112 -24.43 -42.51 57.24
CA LEU K 112 -25.89 -42.36 57.26
C LEU K 112 -26.57 -43.63 57.79
N PHE K 113 -26.22 -44.78 57.21
CA PHE K 113 -26.83 -46.04 57.63
C PHE K 113 -26.51 -46.35 59.08
N SER K 114 -25.25 -46.14 59.49
CA SER K 114 -24.87 -46.37 60.87
C SER K 114 -25.70 -45.54 61.84
N TYR K 115 -25.84 -44.24 61.55
CA TYR K 115 -26.64 -43.37 62.41
C TYR K 115 -28.09 -43.82 62.46
N ALA K 116 -28.63 -44.24 61.31
CA ALA K 116 -29.99 -44.76 61.28
C ALA K 116 -30.13 -45.99 62.17
N ILE K 117 -29.15 -46.89 62.11
CA ILE K 117 -29.17 -48.09 62.95
C ILE K 117 -29.12 -47.70 64.42
N LEU K 118 -28.28 -46.72 64.77
CA LEU K 118 -28.23 -46.20 66.12
C LEU K 118 -29.60 -45.70 66.59
N GLY K 119 -30.25 -44.91 65.74
CA GLY K 119 -31.58 -44.43 66.07
C GLY K 119 -32.57 -45.56 66.30
N PHE K 120 -32.52 -46.56 65.42
CA PHE K 120 -33.34 -47.75 65.61
C PHE K 120 -33.03 -48.41 66.95
N ALA K 121 -31.75 -48.46 67.31
CA ALA K 121 -31.35 -49.08 68.56
C ALA K 121 -32.03 -48.41 69.74
N LEU K 122 -31.95 -47.08 69.80
CA LEU K 122 -32.59 -46.37 70.91
C LEU K 122 -34.10 -46.59 70.91
N SER K 123 -34.73 -46.44 69.75
CA SER K 123 -36.18 -46.56 69.67
C SER K 123 -36.64 -47.94 70.13
N GLU K 124 -35.96 -48.99 69.65
CA GLU K 124 -36.32 -50.35 70.04
C GLU K 124 -36.05 -50.58 71.52
N ALA K 125 -34.98 -49.98 72.06
CA ALA K 125 -34.70 -50.11 73.48
C ALA K 125 -35.85 -49.61 74.33
N MET K 126 -36.50 -48.53 73.88
CA MET K 126 -37.67 -48.03 74.63
C MET K 126 -38.74 -49.13 74.77
N GLY K 127 -39.13 -49.74 73.65
CA GLY K 127 -40.11 -50.81 73.70
C GLY K 127 -39.63 -52.01 74.48
N LEU K 128 -38.33 -52.30 74.40
CA LEU K 128 -37.77 -53.41 75.17
C LEU K 128 -37.93 -53.19 76.67
N PHE K 129 -37.67 -51.97 77.13
CA PHE K 129 -37.86 -51.64 78.53
C PHE K 129 -39.33 -51.78 78.93
N CYS K 130 -40.24 -51.31 78.07
CA CYS K 130 -41.66 -51.51 78.40
C CYS K 130 -42.03 -52.99 78.42
N LEU K 131 -41.41 -53.79 77.56
CA LEU K 131 -41.59 -55.24 77.63
C LEU K 131 -41.07 -55.79 78.95
N MET K 132 -39.97 -55.24 79.47
CA MET K 132 -39.49 -55.64 80.79
C MET K 132 -40.53 -55.33 81.86
N VAL K 133 -41.20 -54.18 81.73
CA VAL K 133 -42.28 -53.86 82.67
C VAL K 133 -43.40 -54.89 82.58
N ALA K 134 -43.74 -55.29 81.35
CA ALA K 134 -44.73 -56.35 81.18
C ALA K 134 -44.26 -57.66 81.82
N PHE K 135 -42.96 -57.96 81.71
CA PHE K 135 -42.39 -59.12 82.38
C PHE K 135 -42.62 -59.05 83.88
N LEU K 136 -42.31 -57.89 84.47
CA LEU K 136 -42.53 -57.72 85.91
C LEU K 136 -43.98 -57.94 86.27
N ILE K 137 -44.89 -57.47 85.41
CA ILE K 137 -46.31 -57.73 85.63
C ILE K 137 -46.59 -59.23 85.64
N LEU K 138 -46.02 -59.95 84.67
CA LEU K 138 -46.25 -61.40 84.60
C LEU K 138 -45.74 -62.10 85.85
N PHE K 139 -44.59 -61.69 86.35
CA PHE K 139 -43.99 -62.31 87.52
C PHE K 139 -44.46 -61.63 88.81
N ILE L 68 -64.01 -64.44 86.25
CA ILE L 68 -63.44 -63.10 86.13
C ILE L 68 -62.08 -63.19 85.45
N ASP L 69 -61.39 -64.32 85.66
CA ASP L 69 -60.08 -64.53 85.06
C ASP L 69 -60.17 -64.50 83.53
N THR L 70 -61.16 -65.19 82.96
CA THR L 70 -61.32 -65.20 81.51
C THR L 70 -61.72 -63.83 80.98
N ALA L 71 -62.65 -63.15 81.66
CA ALA L 71 -62.97 -61.78 81.28
C ALA L 71 -61.75 -60.88 81.35
N ALA L 72 -60.92 -61.10 82.37
CA ALA L 72 -59.67 -60.35 82.49
C ALA L 72 -58.75 -60.64 81.31
N LYS L 73 -58.65 -61.91 80.88
CA LYS L 73 -57.84 -62.23 79.72
C LYS L 73 -58.36 -61.52 78.49
N PHE L 74 -59.69 -61.51 78.32
CA PHE L 74 -60.29 -60.84 77.16
C PHE L 74 -59.95 -59.35 77.16
N ILE L 75 -60.20 -58.67 78.27
CA ILE L 75 -60.01 -57.22 78.30
C ILE L 75 -58.52 -56.87 78.24
N GLY L 76 -57.67 -57.66 78.90
CA GLY L 76 -56.24 -57.42 78.82
C GLY L 76 -55.70 -57.62 77.42
N ALA L 77 -56.15 -58.67 76.74
CA ALA L 77 -55.74 -58.89 75.35
C ALA L 77 -56.20 -57.78 74.44
N GLY L 78 -57.45 -57.33 74.62
CA GLY L 78 -57.96 -56.24 73.81
C GLY L 78 -57.19 -54.95 74.01
N ALA L 79 -56.79 -54.67 75.26
CA ALA L 79 -55.96 -53.52 75.53
C ALA L 79 -54.55 -53.71 74.98
N ALA L 80 -54.06 -54.96 74.96
CA ALA L 80 -52.69 -55.22 74.55
C ALA L 80 -52.51 -55.11 73.04
N THR L 81 -53.46 -55.62 72.26
CA THR L 81 -53.29 -55.69 70.81
C THR L 81 -53.27 -54.32 70.15
N VAL L 82 -53.64 -53.26 70.87
CA VAL L 82 -53.67 -51.92 70.28
C VAL L 82 -52.30 -51.46 69.81
N GLY L 83 -51.23 -52.11 70.27
CA GLY L 83 -49.89 -51.73 69.86
C GLY L 83 -49.67 -51.80 68.36
N VAL L 84 -50.48 -52.59 67.67
CA VAL L 84 -50.33 -52.78 66.22
C VAL L 84 -50.46 -51.46 65.46
N ALA L 85 -51.29 -50.56 65.98
CA ALA L 85 -51.47 -49.22 65.42
C ALA L 85 -50.15 -48.51 65.21
N GLY L 86 -49.26 -48.59 66.21
CA GLY L 86 -47.96 -47.93 66.09
C GLY L 86 -47.15 -48.47 64.94
N SER L 87 -47.24 -49.89 64.86
CA SER L 87 -46.55 -50.56 63.74
C SER L 87 -47.12 -50.03 62.41
N GLY L 88 -48.38 -49.97 62.25
CA GLY L 88 -49.03 -49.53 61.02
C GLY L 88 -48.62 -48.12 60.65
N ALA L 89 -48.62 -47.22 61.64
CA ALA L 89 -48.19 -45.85 61.39
C ALA L 89 -46.72 -45.81 60.97
N GLY L 90 -45.88 -46.63 61.59
CA GLY L 90 -44.47 -46.65 61.23
C GLY L 90 -44.24 -47.11 59.80
N ILE L 91 -44.90 -48.20 59.39
CA ILE L 91 -44.71 -48.69 58.04
C ILE L 91 -45.30 -47.73 57.02
N GLY L 92 -46.43 -47.09 57.37
CA GLY L 92 -46.94 -46.04 56.51
C GLY L 92 -45.94 -44.91 56.34
N THR L 93 -45.30 -44.51 57.44
CA THR L 93 -44.29 -43.47 57.38
C THR L 93 -43.14 -43.86 56.46
N VAL L 94 -42.60 -45.06 56.66
CA VAL L 94 -41.39 -45.46 55.87
C VAL L 94 -41.77 -45.57 54.39
N PHE L 95 -42.92 -46.15 54.06
CA PHE L 95 -43.25 -46.31 52.65
C PHE L 95 -43.60 -44.96 52.01
N GLY L 96 -44.27 -44.08 52.75
CA GLY L 96 -44.43 -42.72 52.25
C GLY L 96 -43.09 -42.03 52.02
N SER L 97 -42.14 -42.27 52.91
CA SER L 97 -40.79 -41.69 52.69
C SER L 97 -40.22 -42.27 51.39
N LEU L 98 -40.37 -43.58 51.18
CA LEU L 98 -39.93 -44.17 49.93
C LEU L 98 -40.52 -43.41 48.75
N ILE L 99 -41.81 -43.06 48.84
CA ILE L 99 -42.46 -42.33 47.75
C ILE L 99 -41.64 -41.10 47.36
N ILE L 100 -41.39 -40.22 48.33
CA ILE L 100 -40.72 -38.96 48.02
C ILE L 100 -39.26 -39.19 47.67
N GLY L 101 -38.59 -40.12 48.35
CA GLY L 101 -37.21 -40.41 48.02
C GLY L 101 -37.03 -40.86 46.58
N TYR L 102 -37.90 -41.76 46.13
CA TYR L 102 -37.89 -42.16 44.73
C TYR L 102 -38.25 -41.00 43.82
N ALA L 103 -39.18 -40.15 44.27
CA ALA L 103 -39.53 -38.97 43.49
C ALA L 103 -38.33 -38.07 43.28
N ARG L 104 -37.54 -37.85 44.34
CA ARG L 104 -36.37 -36.99 44.23
C ARG L 104 -35.28 -37.61 43.38
N ASN L 105 -34.98 -38.89 43.61
CA ASN L 105 -33.91 -39.59 42.90
C ASN L 105 -34.49 -40.91 42.38
N PRO L 106 -35.05 -40.91 41.16
CA PRO L 106 -35.61 -42.14 40.59
C PRO L 106 -34.63 -43.31 40.58
N SER L 107 -35.17 -44.52 40.50
CA SER L 107 -34.40 -45.77 40.53
C SER L 107 -33.70 -45.85 41.88
N LEU L 108 -32.47 -46.38 41.94
CA LEU L 108 -31.76 -46.61 43.20
C LEU L 108 -32.55 -47.48 44.16
N LYS L 109 -33.51 -48.24 43.64
CA LYS L 109 -34.32 -49.11 44.49
C LYS L 109 -33.50 -50.25 45.07
N GLN L 110 -32.28 -50.46 44.59
CA GLN L 110 -31.37 -51.39 45.25
C GLN L 110 -31.18 -51.01 46.71
N GLN L 111 -31.29 -49.73 47.03
CA GLN L 111 -31.30 -49.26 48.41
C GLN L 111 -32.58 -48.52 48.77
N LEU L 112 -33.17 -47.77 47.84
CA LEU L 112 -34.39 -47.03 48.16
C LEU L 112 -35.53 -47.96 48.56
N PHE L 113 -35.73 -49.04 47.82
CA PHE L 113 -36.73 -50.03 48.19
C PHE L 113 -36.26 -50.93 49.32
N SER L 114 -34.97 -51.28 49.31
CA SER L 114 -34.42 -52.18 50.33
C SER L 114 -34.57 -51.60 51.72
N TYR L 115 -34.14 -50.35 51.91
CA TYR L 115 -34.23 -49.72 53.22
C TYR L 115 -35.67 -49.61 53.69
N ALA L 116 -36.58 -49.33 52.76
CA ALA L 116 -37.99 -49.26 53.11
C ALA L 116 -38.51 -50.62 53.57
N ILE L 117 -38.10 -51.70 52.89
CA ILE L 117 -38.51 -53.04 53.31
C ILE L 117 -37.92 -53.35 54.69
N LEU L 118 -36.67 -52.95 54.92
CA LEU L 118 -36.04 -53.13 56.22
C LEU L 118 -36.81 -52.42 57.33
N GLY L 119 -37.12 -51.14 57.11
CA GLY L 119 -37.88 -50.38 58.09
C GLY L 119 -39.27 -50.95 58.29
N PHE L 120 -39.90 -51.42 57.21
CA PHE L 120 -41.17 -52.11 57.32
C PHE L 120 -41.05 -53.34 58.20
N ALA L 121 -39.99 -54.11 58.01
CA ALA L 121 -39.77 -55.31 58.83
C ALA L 121 -39.66 -54.95 60.30
N LEU L 122 -38.81 -53.98 60.62
CA LEU L 122 -38.63 -53.60 62.03
C LEU L 122 -39.91 -53.06 62.63
N SER L 123 -40.55 -52.11 61.93
CA SER L 123 -41.77 -51.48 62.43
C SER L 123 -42.85 -52.53 62.65
N GLU L 124 -43.11 -53.36 61.64
CA GLU L 124 -44.14 -54.39 61.78
C GLU L 124 -43.81 -55.33 62.92
N ALA L 125 -42.57 -55.81 62.99
CA ALA L 125 -42.17 -56.70 64.08
C ALA L 125 -42.50 -56.09 65.44
N MET L 126 -42.34 -54.77 65.56
CA MET L 126 -42.70 -54.10 66.81
C MET L 126 -44.16 -54.36 67.17
N GLY L 127 -45.08 -54.14 66.23
CA GLY L 127 -46.50 -54.35 66.53
C GLY L 127 -46.88 -55.82 66.64
N LEU L 128 -46.36 -56.64 65.72
CA LEU L 128 -46.73 -58.06 65.70
C LEU L 128 -46.27 -58.74 66.97
N PHE L 129 -45.08 -58.40 67.46
CA PHE L 129 -44.66 -58.86 68.78
C PHE L 129 -45.65 -58.42 69.85
N CYS L 130 -46.17 -57.20 69.73
CA CYS L 130 -47.15 -56.71 70.69
C CYS L 130 -48.42 -57.55 70.66
N LEU L 131 -48.89 -57.89 69.46
CA LEU L 131 -50.10 -58.70 69.35
C LEU L 131 -49.86 -60.13 69.83
N MET L 132 -48.63 -60.62 69.70
CA MET L 132 -48.29 -61.92 70.26
C MET L 132 -48.45 -61.93 71.78
N VAL L 133 -48.16 -60.80 72.43
CA VAL L 133 -48.41 -60.70 73.85
C VAL L 133 -49.91 -60.80 74.15
N ALA L 134 -50.73 -60.21 73.28
CA ALA L 134 -52.18 -60.38 73.43
C ALA L 134 -52.57 -61.85 73.29
N PHE L 135 -51.92 -62.56 72.37
CA PHE L 135 -52.13 -64.01 72.27
C PHE L 135 -51.76 -64.71 73.57
N LEU L 136 -50.64 -64.30 74.17
CA LEU L 136 -50.22 -64.88 75.45
C LEU L 136 -51.24 -64.60 76.55
N ILE L 137 -51.81 -63.39 76.55
CA ILE L 137 -52.86 -63.04 77.51
C ILE L 137 -54.06 -63.96 77.32
N LEU L 138 -54.45 -64.18 76.07
CA LEU L 138 -55.58 -65.06 75.80
C LEU L 138 -55.30 -66.48 76.26
N PHE L 139 -54.09 -66.97 76.02
CA PHE L 139 -53.75 -68.35 76.39
C PHE L 139 -52.61 -68.38 77.40
N ILE M 68 -70.61 -61.57 83.09
CA ILE M 68 -69.24 -61.08 83.07
C ILE M 68 -68.67 -61.21 81.66
N ASP M 69 -69.23 -62.14 80.87
CA ASP M 69 -68.80 -62.28 79.49
C ASP M 69 -69.14 -61.05 78.67
N THR M 70 -70.16 -60.29 79.07
CA THR M 70 -70.50 -59.05 78.39
C THR M 70 -69.32 -58.09 78.37
N ALA M 71 -68.67 -57.92 79.52
CA ALA M 71 -67.45 -57.13 79.56
C ALA M 71 -66.38 -57.73 78.66
N ALA M 72 -66.22 -59.05 78.74
CA ALA M 72 -65.18 -59.73 77.96
C ALA M 72 -65.35 -59.43 76.46
N LYS M 73 -66.59 -59.36 75.99
CA LYS M 73 -66.86 -59.10 74.59
C LYS M 73 -66.98 -57.62 74.27
N PHE M 74 -67.07 -56.74 75.26
CA PHE M 74 -67.25 -55.33 74.93
C PHE M 74 -66.04 -54.46 75.24
N ILE M 75 -65.57 -54.44 76.49
CA ILE M 75 -64.47 -53.52 76.82
C ILE M 75 -63.18 -53.98 76.16
N GLY M 76 -62.91 -55.28 76.20
CA GLY M 76 -61.73 -55.79 75.52
C GLY M 76 -61.76 -55.55 74.02
N ALA M 77 -62.90 -55.86 73.39
CA ALA M 77 -63.02 -55.68 71.94
C ALA M 77 -62.88 -54.22 71.55
N GLY M 78 -63.47 -53.30 72.34
CA GLY M 78 -63.34 -51.89 72.05
C GLY M 78 -61.90 -51.40 72.13
N ALA M 79 -61.16 -51.85 73.15
CA ALA M 79 -59.75 -51.49 73.26
C ALA M 79 -58.96 -52.01 72.06
N ALA M 80 -59.31 -53.21 71.58
CA ALA M 80 -58.67 -53.74 70.39
C ALA M 80 -59.02 -52.92 69.15
N THR M 81 -60.23 -52.36 69.10
CA THR M 81 -60.67 -51.60 67.93
C THR M 81 -59.83 -50.35 67.70
N VAL M 82 -59.15 -49.85 68.73
CA VAL M 82 -58.34 -48.65 68.58
C VAL M 82 -57.22 -48.89 67.58
N GLY M 83 -56.69 -50.11 67.53
CA GLY M 83 -55.52 -50.39 66.71
C GLY M 83 -55.71 -50.05 65.23
N VAL M 84 -56.84 -50.47 64.66
CA VAL M 84 -57.04 -50.31 63.22
C VAL M 84 -57.05 -48.83 62.84
N ALA M 85 -57.86 -48.02 63.54
CA ALA M 85 -57.93 -46.61 63.21
C ALA M 85 -56.65 -45.87 63.59
N GLY M 86 -55.85 -46.46 64.49
CA GLY M 86 -54.54 -45.89 64.77
C GLY M 86 -53.64 -45.89 63.54
N SER M 87 -53.74 -46.94 62.72
CA SER M 87 -52.98 -47.01 61.46
C SER M 87 -53.53 -46.08 60.39
N GLY M 88 -54.70 -45.49 60.61
CA GLY M 88 -55.20 -44.47 59.69
C GLY M 88 -54.22 -43.33 59.55
N ALA M 89 -53.54 -42.96 60.63
CA ALA M 89 -52.46 -41.99 60.54
C ALA M 89 -51.39 -42.47 59.58
N GLY M 90 -51.05 -43.76 59.61
CA GLY M 90 -50.04 -44.28 58.70
C GLY M 90 -50.46 -44.19 57.24
N ILE M 91 -51.70 -44.60 56.95
CA ILE M 91 -52.14 -44.56 55.55
C ILE M 91 -52.28 -43.12 55.08
N GLY M 92 -52.72 -42.22 55.96
CA GLY M 92 -52.74 -40.81 55.61
C GLY M 92 -51.34 -40.27 55.36
N THR M 93 -50.37 -40.73 56.13
CA THR M 93 -48.97 -40.37 55.88
C THR M 93 -48.52 -40.84 54.51
N VAL M 94 -48.88 -42.08 54.15
CA VAL M 94 -48.56 -42.60 52.83
C VAL M 94 -49.13 -41.69 51.74
N PHE M 95 -50.41 -41.38 51.85
CA PHE M 95 -51.05 -40.59 50.81
C PHE M 95 -50.47 -39.18 50.76
N GLY M 96 -50.20 -38.57 51.92
CA GLY M 96 -49.61 -37.25 51.94
C GLY M 96 -48.23 -37.22 51.31
N SER M 97 -47.42 -38.23 51.61
CA SER M 97 -46.11 -38.32 50.99
C SER M 97 -46.26 -38.53 49.48
N LEU M 98 -47.30 -39.24 49.06
CA LEU M 98 -47.59 -39.33 47.63
C LEU M 98 -47.88 -37.95 47.04
N ILE M 99 -48.64 -37.13 47.77
CA ILE M 99 -48.89 -35.75 47.33
C ILE M 99 -47.58 -35.02 47.12
N ILE M 100 -46.70 -35.10 48.13
CA ILE M 100 -45.43 -34.36 48.08
C ILE M 100 -44.58 -34.87 46.92
N GLY M 101 -44.48 -36.19 46.76
CA GLY M 101 -43.72 -36.75 45.66
C GLY M 101 -44.25 -36.31 44.30
N TYR M 102 -45.57 -36.33 44.13
CA TYR M 102 -46.16 -35.90 42.86
C TYR M 102 -45.85 -34.43 42.61
N ALA M 103 -45.88 -33.61 43.66
CA ALA M 103 -45.51 -32.22 43.50
C ALA M 103 -44.08 -32.07 42.98
N ARG M 104 -43.14 -32.84 43.54
CA ARG M 104 -41.74 -32.69 43.16
C ARG M 104 -41.50 -33.15 41.73
N ASN M 105 -42.01 -34.32 41.36
CA ASN M 105 -41.79 -34.89 40.04
C ASN M 105 -43.11 -35.47 39.52
N PRO M 106 -43.91 -34.68 38.82
CA PRO M 106 -45.20 -35.13 38.28
C PRO M 106 -45.06 -35.96 36.99
N SER M 107 -44.13 -36.92 37.01
CA SER M 107 -43.94 -37.84 35.90
C SER M 107 -43.82 -39.31 36.33
N LEU M 108 -43.45 -39.59 37.56
CA LEU M 108 -43.33 -40.95 38.07
C LEU M 108 -44.62 -41.47 38.69
N LYS M 109 -45.75 -40.83 38.38
CA LYS M 109 -47.01 -41.18 39.03
C LYS M 109 -47.37 -42.65 38.82
N GLN M 110 -46.99 -43.23 37.69
CA GLN M 110 -47.30 -44.63 37.43
C GLN M 110 -46.59 -45.53 38.43
N GLN M 111 -45.37 -45.17 38.84
CA GLN M 111 -44.67 -45.92 39.86
C GLN M 111 -44.93 -45.35 41.26
N LEU M 112 -45.07 -44.03 41.36
CA LEU M 112 -45.39 -43.39 42.64
C LEU M 112 -46.68 -43.97 43.22
N PHE M 113 -47.74 -44.01 42.40
CA PHE M 113 -49.02 -44.53 42.86
C PHE M 113 -48.91 -45.98 43.26
N SER M 114 -48.15 -46.78 42.49
CA SER M 114 -47.97 -48.18 42.81
C SER M 114 -47.31 -48.36 44.17
N TYR M 115 -46.23 -47.62 44.42
CA TYR M 115 -45.57 -47.68 45.73
C TYR M 115 -46.51 -47.24 46.84
N ALA M 116 -47.30 -46.19 46.58
CA ALA M 116 -48.26 -45.71 47.58
C ALA M 116 -49.29 -46.79 47.91
N ILE M 117 -49.83 -47.45 46.88
CA ILE M 117 -50.79 -48.52 47.07
C ILE M 117 -50.18 -49.64 47.90
N LEU M 118 -48.95 -50.02 47.58
CA LEU M 118 -48.26 -51.04 48.36
C LEU M 118 -48.20 -50.66 49.83
N GLY M 119 -47.70 -49.45 50.13
CA GLY M 119 -47.56 -49.04 51.51
C GLY M 119 -48.89 -48.94 52.25
N PHE M 120 -49.89 -48.33 51.60
CA PHE M 120 -51.22 -48.23 52.19
C PHE M 120 -51.80 -49.61 52.45
N ALA M 121 -51.63 -50.53 51.51
CA ALA M 121 -52.12 -51.89 51.68
C ALA M 121 -51.52 -52.52 52.92
N LEU M 122 -50.20 -52.38 53.08
CA LEU M 122 -49.54 -52.98 54.23
C LEU M 122 -50.03 -52.36 55.55
N SER M 123 -50.14 -51.03 55.58
CA SER M 123 -50.54 -50.35 56.82
C SER M 123 -51.98 -50.72 57.19
N GLU M 124 -52.90 -50.64 56.21
CA GLU M 124 -54.28 -51.01 56.47
C GLU M 124 -54.40 -52.50 56.80
N ALA M 125 -53.50 -53.32 56.26
CA ALA M 125 -53.48 -54.73 56.62
C ALA M 125 -53.13 -54.91 58.09
N MET M 126 -52.15 -54.15 58.59
CA MET M 126 -51.85 -54.16 60.02
C MET M 126 -53.08 -53.77 60.83
N GLY M 127 -53.73 -52.67 60.43
CA GLY M 127 -54.92 -52.23 61.15
C GLY M 127 -56.01 -53.29 61.15
N LEU M 128 -56.24 -53.91 60.00
CA LEU M 128 -57.25 -54.95 59.88
C LEU M 128 -56.87 -56.20 60.66
N PHE M 129 -55.58 -56.46 60.83
CA PHE M 129 -55.15 -57.54 61.71
C PHE M 129 -55.59 -57.28 63.14
N CYS M 130 -55.33 -56.06 63.63
CA CYS M 130 -55.80 -55.72 64.97
C CYS M 130 -57.32 -55.79 65.04
N LEU M 131 -58.00 -55.36 63.98
CA LEU M 131 -59.45 -55.38 63.94
C LEU M 131 -59.99 -56.82 63.95
N MET M 132 -59.30 -57.72 63.25
CA MET M 132 -59.68 -59.13 63.27
C MET M 132 -59.52 -59.71 64.67
N VAL M 133 -58.44 -59.33 65.36
CA VAL M 133 -58.30 -59.74 66.76
C VAL M 133 -59.46 -59.21 67.59
N ALA M 134 -59.87 -57.97 67.32
CA ALA M 134 -61.04 -57.39 67.99
C ALA M 134 -62.29 -58.22 67.74
N PHE M 135 -62.48 -58.64 66.49
CA PHE M 135 -63.62 -59.50 66.16
C PHE M 135 -63.54 -60.81 66.92
N LEU M 136 -62.34 -61.39 67.01
CA LEU M 136 -62.15 -62.64 67.73
C LEU M 136 -62.56 -62.50 69.19
N ILE M 137 -62.18 -61.38 69.80
CA ILE M 137 -62.59 -61.13 71.19
C ILE M 137 -64.11 -61.05 71.29
N LEU M 138 -64.74 -60.40 70.32
CA LEU M 138 -66.20 -60.28 70.35
C LEU M 138 -66.88 -61.63 70.22
N PHE M 139 -66.33 -62.52 69.39
CA PHE M 139 -66.90 -63.85 69.22
C PHE M 139 -65.95 -64.93 69.74
N ILE N 68 -74.38 -55.48 84.26
CA ILE N 68 -73.01 -55.40 83.74
C ILE N 68 -73.06 -55.14 82.24
N ASP N 69 -74.22 -55.43 81.65
CA ASP N 69 -74.38 -55.23 80.21
C ASP N 69 -74.21 -53.76 79.83
N THR N 70 -74.95 -52.87 80.50
CA THR N 70 -74.83 -51.44 80.19
C THR N 70 -73.43 -50.93 80.50
N ALA N 71 -72.84 -51.39 81.61
CA ALA N 71 -71.48 -50.98 81.96
C ALA N 71 -70.50 -51.37 80.87
N ALA N 72 -70.57 -52.63 80.42
CA ALA N 72 -69.68 -53.10 79.36
C ALA N 72 -69.92 -52.33 78.07
N LYS N 73 -71.18 -52.08 77.75
CA LYS N 73 -71.50 -51.28 76.57
C LYS N 73 -70.82 -49.93 76.62
N PHE N 74 -70.98 -49.23 77.75
CA PHE N 74 -70.44 -47.87 77.88
C PHE N 74 -68.93 -47.88 77.76
N ILE N 75 -68.25 -48.73 78.53
CA ILE N 75 -66.80 -48.68 78.54
C ILE N 75 -66.21 -49.17 77.22
N GLY N 76 -66.80 -50.21 76.62
CA GLY N 76 -66.35 -50.67 75.32
C GLY N 76 -66.54 -49.64 74.23
N ALA N 77 -67.71 -48.98 74.23
CA ALA N 77 -67.96 -47.93 73.25
C ALA N 77 -66.97 -46.78 73.41
N GLY N 78 -66.69 -46.40 74.66
CA GLY N 78 -65.68 -45.39 74.88
C GLY N 78 -64.30 -45.81 74.38
N ALA N 79 -63.94 -47.08 74.61
CA ALA N 79 -62.65 -47.57 74.17
C ALA N 79 -62.53 -47.57 72.65
N ALA N 80 -63.53 -48.12 71.95
CA ALA N 80 -63.47 -48.20 70.50
C ALA N 80 -63.42 -46.82 69.86
N THR N 81 -63.97 -45.81 70.52
CA THR N 81 -63.97 -44.46 69.97
C THR N 81 -62.57 -43.85 69.94
N VAL N 82 -61.65 -44.38 70.74
CA VAL N 82 -60.30 -43.82 70.82
C VAL N 82 -59.60 -43.87 69.46
N GLY N 83 -59.88 -44.90 68.66
CA GLY N 83 -59.19 -45.06 67.39
C GLY N 83 -59.30 -43.85 66.49
N VAL N 84 -60.40 -43.11 66.59
CA VAL N 84 -60.69 -41.93 65.80
C VAL N 84 -59.49 -40.98 65.71
N ALA N 85 -58.73 -40.90 66.81
CA ALA N 85 -57.59 -39.99 66.85
C ALA N 85 -56.57 -40.27 65.76
N GLY N 86 -56.26 -41.55 65.52
CA GLY N 86 -55.29 -41.88 64.47
C GLY N 86 -55.76 -41.45 63.10
N SER N 87 -57.02 -41.69 62.78
CA SER N 87 -57.56 -41.25 61.51
C SER N 87 -57.53 -39.72 61.42
N GLY N 88 -57.83 -39.03 62.51
CA GLY N 88 -57.71 -37.58 62.52
C GLY N 88 -56.29 -37.11 62.24
N ALA N 89 -55.31 -37.80 62.82
CA ALA N 89 -53.91 -37.46 62.57
C ALA N 89 -53.55 -37.64 61.10
N GLY N 90 -54.00 -38.75 60.51
CA GLY N 90 -53.78 -38.94 59.07
C GLY N 90 -54.49 -37.91 58.22
N ILE N 91 -55.70 -37.52 58.65
CA ILE N 91 -56.46 -36.47 57.98
C ILE N 91 -55.70 -35.16 58.00
N GLY N 92 -55.05 -34.87 59.12
CA GLY N 92 -54.20 -33.70 59.18
C GLY N 92 -52.98 -33.83 58.30
N THR N 93 -52.37 -35.02 58.27
CA THR N 93 -51.16 -35.23 57.50
C THR N 93 -51.40 -35.02 56.01
N VAL N 94 -52.49 -35.58 55.49
CA VAL N 94 -52.74 -35.49 54.05
C VAL N 94 -52.89 -34.02 53.63
N PHE N 95 -53.67 -33.26 54.40
CA PHE N 95 -53.92 -31.88 54.00
C PHE N 95 -52.69 -31.01 54.21
N GLY N 96 -51.88 -31.28 55.24
CA GLY N 96 -50.62 -30.58 55.36
C GLY N 96 -49.70 -30.86 54.19
N SER N 97 -49.66 -32.11 53.74
CA SER N 97 -48.86 -32.44 52.56
C SER N 97 -49.40 -31.75 51.32
N LEU N 98 -50.73 -31.62 51.23
CA LEU N 98 -51.31 -30.82 50.16
C LEU N 98 -50.82 -29.38 50.23
N ILE N 99 -50.74 -28.83 51.44
CA ILE N 99 -50.24 -27.47 51.62
C ILE N 99 -48.84 -27.35 51.05
N ILE N 100 -47.94 -28.23 51.48
CA ILE N 100 -46.55 -28.12 51.06
C ILE N 100 -46.40 -28.40 49.56
N GLY N 101 -47.20 -29.32 49.03
CA GLY N 101 -47.12 -29.60 47.60
C GLY N 101 -47.58 -28.44 46.75
N TYR N 102 -48.71 -27.83 47.11
CA TYR N 102 -49.17 -26.65 46.39
C TYR N 102 -48.16 -25.52 46.51
N ALA N 103 -47.54 -25.38 47.68
CA ALA N 103 -46.48 -24.38 47.82
C ALA N 103 -45.32 -24.66 46.87
N ARG N 104 -44.87 -25.93 46.82
CA ARG N 104 -43.74 -26.27 45.98
C ARG N 104 -44.09 -26.15 44.50
N ASN N 105 -45.20 -26.74 44.08
CA ASN N 105 -45.63 -26.73 42.67
C ASN N 105 -46.99 -26.08 42.57
N PRO N 106 -47.07 -24.79 42.24
CA PRO N 106 -48.39 -24.15 42.08
C PRO N 106 -49.23 -24.80 41.00
N SER N 107 -48.60 -25.25 39.91
CA SER N 107 -49.32 -26.00 38.88
C SER N 107 -49.58 -27.42 39.37
N LEU N 108 -50.45 -28.12 38.62
CA LEU N 108 -50.91 -29.47 38.94
C LEU N 108 -51.69 -29.51 40.24
N LYS N 109 -52.18 -28.37 40.73
CA LYS N 109 -52.86 -28.33 42.02
C LYS N 109 -54.17 -29.12 42.00
N GLN N 110 -54.90 -29.06 40.88
CA GLN N 110 -56.20 -29.72 40.79
C GLN N 110 -56.06 -31.23 41.00
N GLN N 111 -55.15 -31.86 40.26
CA GLN N 111 -54.87 -33.28 40.48
C GLN N 111 -54.30 -33.53 41.87
N LEU N 112 -53.44 -32.62 42.33
CA LEU N 112 -52.90 -32.71 43.68
C LEU N 112 -54.02 -32.68 44.71
N PHE N 113 -54.97 -31.76 44.54
CA PHE N 113 -56.09 -31.65 45.46
C PHE N 113 -56.97 -32.89 45.41
N SER N 114 -57.19 -33.45 44.22
CA SER N 114 -57.96 -34.68 44.11
C SER N 114 -57.28 -35.83 44.86
N TYR N 115 -55.96 -35.94 44.71
CA TYR N 115 -55.21 -36.95 45.46
C TYR N 115 -55.39 -36.74 46.96
N ALA N 116 -55.30 -35.49 47.42
CA ALA N 116 -55.48 -35.21 48.82
C ALA N 116 -56.87 -35.63 49.30
N ILE N 117 -57.90 -35.31 48.51
CA ILE N 117 -59.26 -35.71 48.82
C ILE N 117 -59.35 -37.22 48.98
N LEU N 118 -58.76 -37.96 48.04
CA LEU N 118 -58.76 -39.41 48.13
C LEU N 118 -58.11 -39.89 49.43
N GLY N 119 -56.95 -39.33 49.76
CA GLY N 119 -56.27 -39.74 50.99
C GLY N 119 -57.10 -39.45 52.23
N PHE N 120 -57.71 -38.27 52.27
CA PHE N 120 -58.62 -37.94 53.36
C PHE N 120 -59.74 -38.96 53.46
N ALA N 121 -60.37 -39.28 52.34
CA ALA N 121 -61.47 -40.24 52.35
C ALA N 121 -61.01 -41.59 52.89
N LEU N 122 -59.81 -42.02 52.47
CA LEU N 122 -59.29 -43.32 52.88
C LEU N 122 -59.08 -43.38 54.39
N SER N 123 -58.32 -42.42 54.93
CA SER N 123 -58.04 -42.45 56.37
C SER N 123 -59.30 -42.21 57.18
N GLU N 124 -60.19 -41.33 56.69
CA GLU N 124 -61.45 -41.09 57.36
C GLU N 124 -62.28 -42.36 57.44
N ALA N 125 -62.31 -43.15 56.36
CA ALA N 125 -63.00 -44.44 56.40
C ALA N 125 -62.39 -45.36 57.44
N MET N 126 -61.05 -45.40 57.49
CA MET N 126 -60.38 -46.23 58.50
C MET N 126 -60.86 -45.85 59.90
N GLY N 127 -60.95 -44.56 60.19
CA GLY N 127 -61.48 -44.13 61.48
C GLY N 127 -62.96 -44.41 61.65
N LEU N 128 -63.73 -44.22 60.57
CA LEU N 128 -65.19 -44.32 60.65
C LEU N 128 -65.63 -45.73 60.99
N PHE N 129 -64.88 -46.74 60.53
CA PHE N 129 -65.27 -48.10 60.89
C PHE N 129 -65.18 -48.32 62.39
N CYS N 130 -64.12 -47.81 63.02
CA CYS N 130 -63.99 -47.95 64.48
C CYS N 130 -65.05 -47.12 65.20
N LEU N 131 -65.39 -45.96 64.66
CA LEU N 131 -66.50 -45.18 65.23
C LEU N 131 -67.79 -45.99 65.18
N MET N 132 -68.04 -46.66 64.05
CA MET N 132 -69.21 -47.52 63.92
C MET N 132 -69.14 -48.69 64.89
N VAL N 133 -67.95 -49.25 65.11
CA VAL N 133 -67.81 -50.35 66.07
C VAL N 133 -68.14 -49.88 67.48
N ALA N 134 -67.71 -48.67 67.83
CA ALA N 134 -68.09 -48.10 69.12
C ALA N 134 -69.62 -47.99 69.22
N PHE N 135 -70.25 -47.50 68.16
CA PHE N 135 -71.72 -47.44 68.14
C PHE N 135 -72.33 -48.83 68.27
N LEU N 136 -71.74 -49.82 67.59
CA LEU N 136 -72.24 -51.19 67.65
C LEU N 136 -72.18 -51.74 69.07
N ILE N 137 -71.05 -51.52 69.75
CA ILE N 137 -70.91 -51.96 71.13
C ILE N 137 -71.94 -51.30 72.01
N LEU N 138 -72.15 -49.99 71.81
CA LEU N 138 -73.15 -49.29 72.62
C LEU N 138 -74.56 -49.80 72.35
N PHE N 139 -74.84 -50.22 71.13
CA PHE N 139 -76.18 -50.68 70.78
C PHE N 139 -76.18 -52.14 70.36
N ILE O 68 -68.70 -45.26 94.92
CA ILE O 68 -68.12 -45.85 93.73
C ILE O 68 -68.13 -44.82 92.59
N ASP O 69 -69.06 -43.86 92.68
CA ASP O 69 -69.12 -42.79 91.69
C ASP O 69 -67.84 -41.97 91.71
N THR O 70 -67.31 -41.69 92.90
CA THR O 70 -66.05 -40.96 93.00
C THR O 70 -64.90 -41.72 92.34
N ALA O 71 -64.86 -43.04 92.53
CA ALA O 71 -63.86 -43.85 91.85
C ALA O 71 -64.00 -43.74 90.34
N ALA O 72 -65.24 -43.73 89.85
CA ALA O 72 -65.50 -43.52 88.44
C ALA O 72 -64.97 -42.17 87.98
N LYS O 73 -65.19 -41.13 88.79
CA LYS O 73 -64.66 -39.80 88.47
C LYS O 73 -63.14 -39.86 88.36
N PHE O 74 -62.50 -40.56 89.30
CA PHE O 74 -61.04 -40.69 89.29
C PHE O 74 -60.56 -41.33 87.99
N ILE O 75 -61.10 -42.50 87.68
CA ILE O 75 -60.63 -43.25 86.51
C ILE O 75 -60.96 -42.50 85.22
N GLY O 76 -62.17 -41.95 85.13
CA GLY O 76 -62.55 -41.19 83.94
C GLY O 76 -61.70 -39.97 83.72
N ALA O 77 -61.40 -39.23 84.80
CA ALA O 77 -60.54 -38.07 84.68
C ALA O 77 -59.13 -38.48 84.27
N GLY O 78 -58.61 -39.56 84.86
CA GLY O 78 -57.30 -40.06 84.46
C GLY O 78 -57.25 -40.41 82.98
N ALA O 79 -58.32 -41.03 82.48
CA ALA O 79 -58.40 -41.38 81.06
C ALA O 79 -58.50 -40.13 80.19
N ALA O 80 -59.34 -39.16 80.60
CA ALA O 80 -59.51 -37.96 79.80
C ALA O 80 -58.22 -37.15 79.74
N THR O 81 -57.43 -37.16 80.81
CA THR O 81 -56.16 -36.44 80.82
C THR O 81 -55.21 -36.99 79.77
N VAL O 82 -55.33 -38.28 79.42
CA VAL O 82 -54.48 -38.87 78.40
C VAL O 82 -54.59 -38.09 77.09
N GLY O 83 -55.77 -37.54 76.82
CA GLY O 83 -56.02 -36.79 75.60
C GLY O 83 -55.01 -35.68 75.35
N VAL O 84 -54.73 -34.85 76.36
CA VAL O 84 -53.86 -33.69 76.24
C VAL O 84 -52.57 -34.06 75.52
N ALA O 85 -52.10 -35.30 75.71
CA ALA O 85 -50.87 -35.76 75.07
C ALA O 85 -50.88 -35.47 73.57
N GLY O 86 -52.01 -35.70 72.91
CA GLY O 86 -52.12 -35.38 71.50
C GLY O 86 -51.82 -33.93 71.20
N SER O 87 -52.37 -33.02 72.01
CA SER O 87 -52.14 -31.60 71.77
C SER O 87 -50.71 -31.19 72.09
N GLY O 88 -50.15 -31.73 73.19
CA GLY O 88 -48.75 -31.46 73.50
C GLY O 88 -47.83 -31.91 72.40
N ALA O 89 -48.14 -33.05 71.77
CA ALA O 89 -47.42 -33.43 70.57
C ALA O 89 -47.67 -32.43 69.45
N GLY O 90 -48.91 -31.96 69.32
CA GLY O 90 -49.23 -31.00 68.27
C GLY O 90 -48.48 -29.69 68.43
N ILE O 91 -48.50 -29.12 69.64
CA ILE O 91 -47.85 -27.80 69.82
C ILE O 91 -46.38 -27.94 69.42
N GLY O 92 -45.81 -29.13 69.65
CA GLY O 92 -44.41 -29.38 69.26
C GLY O 92 -44.25 -29.30 67.76
N THR O 93 -45.16 -29.92 67.01
CA THR O 93 -45.05 -29.95 65.53
C THR O 93 -45.11 -28.52 64.97
N VAL O 94 -46.07 -27.71 65.43
CA VAL O 94 -46.24 -26.36 64.82
C VAL O 94 -44.95 -25.56 65.06
N PHE O 95 -44.38 -25.65 66.28
CA PHE O 95 -43.15 -24.88 66.59
C PHE O 95 -41.96 -25.50 65.85
N GLY O 96 -41.96 -26.84 65.72
CA GLY O 96 -40.89 -27.48 64.95
C GLY O 96 -40.91 -26.98 63.51
N SER O 97 -42.11 -26.87 62.93
CA SER O 97 -42.26 -26.35 61.55
C SER O 97 -41.73 -24.92 61.48
N LEU O 98 -42.01 -24.13 62.52
CA LEU O 98 -41.50 -22.73 62.56
C LEU O 98 -39.98 -22.77 62.39
N ILE O 99 -39.31 -23.72 63.07
CA ILE O 99 -37.84 -23.85 62.96
C ILE O 99 -37.46 -24.03 61.48
N ILE O 100 -38.04 -25.03 60.81
CA ILE O 100 -37.64 -25.33 59.41
C ILE O 100 -38.13 -24.20 58.49
N GLY O 101 -39.25 -23.56 58.82
CA GLY O 101 -39.71 -22.41 58.02
C GLY O 101 -38.74 -21.27 58.14
N TYR O 102 -38.55 -20.74 59.36
CA TYR O 102 -37.59 -19.68 59.59
C TYR O 102 -36.23 -20.02 59.00
N ALA O 103 -35.92 -21.32 58.91
CA ALA O 103 -34.65 -21.73 58.33
C ALA O 103 -34.53 -21.30 56.87
N ARG O 104 -35.58 -21.54 56.09
CA ARG O 104 -35.50 -21.23 54.66
C ARG O 104 -35.50 -19.73 54.40
N ASN O 105 -36.42 -19.01 55.06
CA ASN O 105 -36.55 -17.57 54.89
C ASN O 105 -36.56 -16.92 56.26
N PRO O 106 -35.39 -16.53 56.77
CA PRO O 106 -35.34 -15.96 58.13
C PRO O 106 -36.11 -14.67 58.30
N SER O 107 -36.41 -13.95 57.23
CA SER O 107 -37.19 -12.72 57.33
C SER O 107 -38.67 -13.08 57.39
N LEU O 108 -39.53 -12.05 57.44
CA LEU O 108 -40.96 -12.22 57.61
C LEU O 108 -41.29 -12.99 58.89
N LYS O 109 -40.49 -12.79 59.93
CA LYS O 109 -40.76 -13.44 61.21
C LYS O 109 -42.14 -13.07 61.72
N GLN O 110 -42.53 -11.80 61.60
CA GLN O 110 -43.81 -11.33 62.10
C GLN O 110 -44.96 -12.19 61.60
N GLN O 111 -45.04 -12.38 60.28
CA GLN O 111 -46.07 -13.24 59.71
C GLN O 111 -45.93 -14.68 60.17
N LEU O 112 -44.74 -15.25 60.00
CA LEU O 112 -44.50 -16.65 60.35
C LEU O 112 -44.77 -16.90 61.83
N PHE O 113 -44.26 -16.03 62.69
CA PHE O 113 -44.46 -16.19 64.13
C PHE O 113 -45.92 -16.01 64.50
N SER O 114 -46.62 -15.06 63.86
CA SER O 114 -48.05 -14.91 64.07
C SER O 114 -48.77 -16.23 63.80
N TYR O 115 -48.46 -16.85 62.66
CA TYR O 115 -49.08 -18.13 62.33
C TYR O 115 -48.75 -19.18 63.39
N ALA O 116 -47.48 -19.26 63.78
CA ALA O 116 -47.05 -20.25 64.77
C ALA O 116 -47.77 -20.07 66.11
N ILE O 117 -47.88 -18.82 66.57
CA ILE O 117 -48.58 -18.53 67.82
C ILE O 117 -50.04 -18.96 67.72
N LEU O 118 -50.69 -18.62 66.60
CA LEU O 118 -52.04 -19.11 66.38
C LEU O 118 -52.12 -20.63 66.43
N GLY O 119 -51.12 -21.31 65.85
CA GLY O 119 -51.12 -22.77 65.85
C GLY O 119 -51.03 -23.35 67.25
N PHE O 120 -50.17 -22.77 68.07
CA PHE O 120 -50.10 -23.18 69.47
C PHE O 120 -51.44 -22.95 70.15
N ALA O 121 -52.03 -21.77 69.95
CA ALA O 121 -53.33 -21.48 70.55
C ALA O 121 -54.34 -22.55 70.16
N LEU O 122 -54.32 -22.96 68.89
CA LEU O 122 -55.27 -23.95 68.38
C LEU O 122 -55.08 -25.31 69.06
N SER O 123 -53.87 -25.84 69.00
CA SER O 123 -53.63 -27.18 69.54
C SER O 123 -53.85 -27.20 71.05
N GLU O 124 -53.31 -26.21 71.76
CA GLU O 124 -53.51 -26.14 73.20
C GLU O 124 -54.98 -25.96 73.54
N ALA O 125 -55.75 -25.29 72.68
CA ALA O 125 -57.18 -25.18 72.89
C ALA O 125 -57.85 -26.55 72.86
N MET O 126 -57.49 -27.36 71.87
CA MET O 126 -58.05 -28.71 71.80
C MET O 126 -57.70 -29.52 73.05
N GLY O 127 -56.42 -29.52 73.42
CA GLY O 127 -56.00 -30.28 74.59
C GLY O 127 -56.63 -29.77 75.87
N LEU O 128 -56.74 -28.45 76.00
CA LEU O 128 -57.36 -27.85 77.17
C LEU O 128 -58.83 -28.21 77.26
N PHE O 129 -59.51 -28.29 76.12
CA PHE O 129 -60.90 -28.75 76.14
C PHE O 129 -60.99 -30.20 76.62
N CYS O 130 -60.03 -31.03 76.20
CA CYS O 130 -60.00 -32.40 76.72
C CYS O 130 -59.82 -32.42 78.24
N LEU O 131 -58.89 -31.62 78.76
CA LEU O 131 -58.70 -31.56 80.20
C LEU O 131 -59.92 -30.96 80.91
N MET O 132 -60.61 -30.04 80.24
CA MET O 132 -61.86 -29.52 80.78
C MET O 132 -62.90 -30.62 80.90
N VAL O 133 -62.97 -31.51 79.90
CA VAL O 133 -63.85 -32.67 80.00
C VAL O 133 -63.45 -33.53 81.20
N ALA O 134 -62.14 -33.68 81.42
CA ALA O 134 -61.69 -34.41 82.60
C ALA O 134 -62.20 -33.76 83.88
N PHE O 135 -62.12 -32.44 83.97
CA PHE O 135 -62.64 -31.73 85.14
C PHE O 135 -64.15 -31.94 85.29
N LEU O 136 -64.88 -31.89 84.18
CA LEU O 136 -66.32 -32.11 84.23
C LEU O 136 -66.63 -33.51 84.75
N ILE O 137 -65.82 -34.50 84.36
CA ILE O 137 -65.95 -35.84 84.93
C ILE O 137 -65.71 -35.80 86.43
N LEU O 138 -64.69 -35.05 86.85
CA LEU O 138 -64.46 -34.87 88.29
C LEU O 138 -65.70 -34.29 88.98
N PHE O 139 -66.44 -33.43 88.30
CA PHE O 139 -67.68 -32.90 88.87
C PHE O 139 -68.90 -33.48 88.18
N ILE P 68 -62.41 -48.52 97.89
CA ILE P 68 -62.27 -48.74 96.46
C ILE P 68 -61.86 -47.45 95.77
N ASP P 69 -62.27 -46.32 96.34
CA ASP P 69 -61.89 -45.03 95.79
C ASP P 69 -60.37 -44.84 95.81
N THR P 70 -59.74 -45.25 96.91
CA THR P 70 -58.27 -45.21 96.97
C THR P 70 -57.66 -46.14 95.93
N ALA P 71 -58.30 -47.30 95.69
CA ALA P 71 -57.82 -48.19 94.64
C ALA P 71 -57.91 -47.54 93.27
N ALA P 72 -59.01 -46.83 93.00
CA ALA P 72 -59.15 -46.17 91.70
C ALA P 72 -58.06 -45.15 91.46
N LYS P 73 -57.49 -44.59 92.54
CA LYS P 73 -56.45 -43.58 92.42
C LYS P 73 -55.25 -44.12 91.65
N PHE P 74 -54.84 -45.35 91.94
CA PHE P 74 -53.65 -45.92 91.28
C PHE P 74 -53.82 -45.99 89.77
N ILE P 75 -54.91 -46.63 89.32
CA ILE P 75 -55.12 -46.82 87.89
C ILE P 75 -55.36 -45.47 87.21
N GLY P 76 -56.13 -44.59 87.85
CA GLY P 76 -56.34 -43.27 87.29
C GLY P 76 -55.05 -42.48 87.16
N ALA P 77 -54.17 -42.59 88.16
CA ALA P 77 -52.89 -41.92 88.11
C ALA P 77 -52.03 -42.45 86.97
N GLY P 78 -52.01 -43.77 86.78
CA GLY P 78 -51.28 -44.34 85.66
C GLY P 78 -51.80 -43.82 84.33
N ALA P 79 -53.12 -43.81 84.18
CA ALA P 79 -53.72 -43.31 82.95
C ALA P 79 -53.37 -41.84 82.72
N ALA P 80 -53.47 -41.02 83.77
CA ALA P 80 -53.10 -39.61 83.65
C ALA P 80 -51.63 -39.46 83.28
N THR P 81 -50.78 -40.33 83.83
CA THR P 81 -49.36 -40.32 83.52
C THR P 81 -49.10 -40.64 82.05
N VAL P 82 -49.99 -41.42 81.43
CA VAL P 82 -49.85 -41.66 79.99
C VAL P 82 -49.74 -40.37 79.21
N GLY P 83 -50.43 -39.31 79.65
CA GLY P 83 -50.48 -38.07 78.89
C GLY P 83 -49.14 -37.41 78.66
N VAL P 84 -48.14 -37.75 79.48
CA VAL P 84 -46.83 -37.10 79.36
C VAL P 84 -46.08 -37.58 78.13
N ALA P 85 -46.46 -38.75 77.58
CA ALA P 85 -45.80 -39.28 76.40
C ALA P 85 -45.99 -38.38 75.19
N GLY P 86 -47.14 -37.72 75.10
CA GLY P 86 -47.35 -36.79 73.99
C GLY P 86 -46.29 -35.70 73.96
N SER P 87 -46.04 -35.08 75.12
CA SER P 87 -44.95 -34.12 75.22
C SER P 87 -43.60 -34.77 74.96
N GLY P 88 -43.42 -36.02 75.42
CA GLY P 88 -42.17 -36.71 75.15
C GLY P 88 -41.87 -36.84 73.68
N ALA P 89 -42.91 -37.07 72.87
CA ALA P 89 -42.73 -37.11 71.42
C ALA P 89 -42.55 -35.72 70.84
N GLY P 90 -43.31 -34.75 71.34
CA GLY P 90 -43.24 -33.39 70.79
C GLY P 90 -41.87 -32.78 70.95
N ILE P 91 -41.25 -32.96 72.12
CA ILE P 91 -39.92 -32.41 72.34
C ILE P 91 -38.92 -33.03 71.39
N GLY P 92 -39.01 -34.34 71.17
CA GLY P 92 -38.16 -34.96 70.18
C GLY P 92 -38.37 -34.38 68.79
N THR P 93 -39.63 -34.09 68.47
CA THR P 93 -39.96 -33.48 67.15
C THR P 93 -39.31 -32.11 67.03
N VAL P 94 -39.55 -31.21 68.00
CA VAL P 94 -39.02 -29.82 67.88
C VAL P 94 -37.49 -29.84 67.95
N PHE P 95 -36.92 -30.61 68.87
CA PHE P 95 -35.44 -30.72 68.91
C PHE P 95 -34.96 -31.28 67.56
N GLY P 96 -35.72 -32.22 67.00
CA GLY P 96 -35.37 -32.78 65.68
C GLY P 96 -35.34 -31.69 64.62
N SER P 97 -36.32 -30.79 64.66
CA SER P 97 -36.36 -29.68 63.68
C SER P 97 -35.14 -28.78 63.86
N LEU P 98 -34.82 -28.43 65.11
CA LEU P 98 -33.59 -27.64 65.36
C LEU P 98 -32.48 -28.24 64.48
N ILE P 99 -32.33 -29.56 64.53
CA ILE P 99 -31.24 -30.20 63.78
C ILE P 99 -31.34 -29.86 62.31
N ILE P 100 -32.51 -30.14 61.72
CA ILE P 100 -32.65 -29.99 60.26
C ILE P 100 -32.54 -28.52 59.85
N GLY P 101 -33.09 -27.62 60.68
CA GLY P 101 -32.98 -26.20 60.37
C GLY P 101 -31.54 -25.72 60.41
N TYR P 102 -30.78 -26.17 61.41
CA TYR P 102 -29.37 -25.78 61.49
C TYR P 102 -28.60 -26.32 60.29
N ALA P 103 -28.90 -27.55 59.87
CA ALA P 103 -28.33 -28.06 58.63
C ALA P 103 -28.68 -27.15 57.46
N ARG P 104 -29.90 -26.63 57.43
CA ARG P 104 -30.32 -25.77 56.33
C ARG P 104 -29.56 -24.44 56.34
N ASN P 105 -29.44 -23.80 57.51
CA ASN P 105 -28.80 -22.50 57.62
C ASN P 105 -28.10 -22.41 58.97
N PRO P 106 -26.78 -22.61 59.00
CA PRO P 106 -26.06 -22.52 60.29
C PRO P 106 -26.04 -21.11 60.89
N SER P 107 -26.22 -20.07 60.08
CA SER P 107 -26.13 -18.71 60.59
C SER P 107 -27.30 -18.35 61.51
N LEU P 108 -28.39 -19.10 61.45
CA LEU P 108 -29.58 -18.78 62.23
C LEU P 108 -29.55 -19.38 63.63
N LYS P 109 -28.42 -19.98 64.03
CA LYS P 109 -28.32 -20.70 65.30
C LYS P 109 -29.01 -20.00 66.46
N GLN P 110 -28.67 -18.73 66.70
CA GLN P 110 -29.21 -17.96 67.81
C GLN P 110 -30.74 -18.03 67.86
N GLN P 111 -31.40 -17.51 66.82
CA GLN P 111 -32.85 -17.52 66.82
C GLN P 111 -33.39 -18.94 66.64
N LEU P 112 -32.70 -19.77 65.88
CA LEU P 112 -33.12 -21.16 65.72
C LEU P 112 -33.17 -21.87 67.07
N PHE P 113 -32.08 -21.79 67.83
CA PHE P 113 -32.04 -22.39 69.15
C PHE P 113 -33.05 -21.75 70.09
N SER P 114 -33.23 -20.42 69.99
CA SER P 114 -34.22 -19.76 70.82
C SER P 114 -35.61 -20.31 70.58
N TYR P 115 -36.02 -20.42 69.31
CA TYR P 115 -37.33 -20.96 68.99
C TYR P 115 -37.46 -22.41 69.41
N ALA P 116 -36.37 -23.19 69.25
CA ALA P 116 -36.40 -24.58 69.66
C ALA P 116 -36.61 -24.72 71.16
N ILE P 117 -35.90 -23.91 71.95
CA ILE P 117 -36.09 -23.91 73.40
C ILE P 117 -37.51 -23.51 73.74
N LEU P 118 -38.03 -22.49 73.05
CA LEU P 118 -39.43 -22.10 73.24
C LEU P 118 -40.37 -23.28 73.03
N GLY P 119 -40.22 -23.97 71.90
CA GLY P 119 -41.12 -25.07 71.59
C GLY P 119 -41.00 -26.22 72.56
N PHE P 120 -39.77 -26.60 72.90
CA PHE P 120 -39.54 -27.65 73.89
C PHE P 120 -40.15 -27.29 75.23
N ALA P 121 -39.96 -26.04 75.66
CA ALA P 121 -40.51 -25.57 76.92
C ALA P 121 -42.04 -25.64 76.90
N LEU P 122 -42.65 -25.22 75.79
CA LEU P 122 -44.10 -25.23 75.70
C LEU P 122 -44.67 -26.64 75.68
N SER P 123 -44.04 -27.54 74.93
CA SER P 123 -44.49 -28.92 74.90
C SER P 123 -44.36 -29.56 76.29
N GLU P 124 -43.24 -29.31 76.95
CA GLU P 124 -43.07 -29.80 78.32
C GLU P 124 -44.06 -29.16 79.26
N ALA P 125 -44.45 -27.91 79.00
CA ALA P 125 -45.47 -27.25 79.81
C ALA P 125 -46.78 -28.02 79.72
N MET P 126 -47.21 -28.34 78.51
CA MET P 126 -48.45 -29.12 78.34
C MET P 126 -48.32 -30.50 78.98
N GLY P 127 -47.18 -31.17 78.76
CA GLY P 127 -46.99 -32.49 79.33
C GLY P 127 -47.00 -32.49 80.84
N LEU P 128 -46.31 -31.53 81.44
CA LEU P 128 -46.28 -31.40 82.89
C LEU P 128 -47.63 -31.01 83.44
N PHE P 129 -48.38 -30.20 82.70
CA PHE P 129 -49.74 -29.86 83.10
C PHE P 129 -50.60 -31.11 83.20
N CYS P 130 -50.48 -31.99 82.21
CA CYS P 130 -51.19 -33.26 82.30
C CYS P 130 -50.67 -34.13 83.44
N LEU P 131 -49.35 -34.17 83.60
CA LEU P 131 -48.73 -35.05 84.58
C LEU P 131 -49.11 -34.66 86.01
N MET P 132 -49.25 -33.36 86.26
CA MET P 132 -49.65 -32.89 87.59
C MET P 132 -50.95 -33.53 88.03
N VAL P 133 -51.84 -33.83 87.09
CA VAL P 133 -53.10 -34.48 87.43
C VAL P 133 -52.85 -35.84 88.09
N ALA P 134 -51.83 -36.55 87.63
CA ALA P 134 -51.53 -37.86 88.23
C ALA P 134 -51.21 -37.72 89.72
N PHE P 135 -50.32 -36.79 90.06
CA PHE P 135 -50.01 -36.56 91.46
C PHE P 135 -51.23 -36.03 92.22
N LEU P 136 -52.02 -35.16 91.58
CA LEU P 136 -53.23 -34.63 92.19
C LEU P 136 -54.18 -35.75 92.58
N ILE P 137 -54.45 -36.67 91.66
CA ILE P 137 -55.41 -37.74 91.93
C ILE P 137 -54.83 -38.74 92.93
N LEU P 138 -53.53 -39.05 92.83
CA LEU P 138 -52.94 -40.00 93.77
C LEU P 138 -52.91 -39.45 95.18
N PHE P 139 -52.68 -38.15 95.34
CA PHE P 139 -52.58 -37.54 96.66
C PHE P 139 -53.61 -36.44 96.85
N ILE Q 68 -73.62 -48.99 89.25
CA ILE Q 68 -72.42 -49.23 88.45
C ILE Q 68 -72.57 -48.56 87.09
N ASP Q 69 -73.83 -48.28 86.72
CA ASP Q 69 -74.10 -47.64 85.44
C ASP Q 69 -73.45 -46.27 85.33
N THR Q 70 -73.56 -45.46 86.39
CA THR Q 70 -72.93 -44.14 86.38
C THR Q 70 -71.41 -44.26 86.32
N ALA Q 71 -70.85 -45.25 87.01
CA ALA Q 71 -69.42 -45.51 86.93
C ALA Q 71 -69.01 -45.78 85.49
N ALA Q 72 -69.80 -46.61 84.80
CA ALA Q 72 -69.53 -46.90 83.40
C ALA Q 72 -69.65 -45.64 82.54
N LYS Q 73 -70.67 -44.81 82.81
CA LYS Q 73 -70.79 -43.55 82.11
C LYS Q 73 -69.50 -42.75 82.21
N PHE Q 74 -69.00 -42.59 83.43
CA PHE Q 74 -67.80 -41.77 83.65
C PHE Q 74 -66.59 -42.38 82.97
N ILE Q 75 -66.35 -43.69 83.16
CA ILE Q 75 -65.14 -44.30 82.62
C ILE Q 75 -65.19 -44.34 81.09
N GLY Q 76 -66.35 -44.66 80.53
CA GLY Q 76 -66.47 -44.68 79.08
C GLY Q 76 -66.30 -43.30 78.47
N ALA Q 77 -66.91 -42.29 79.09
CA ALA Q 77 -66.75 -40.92 78.59
C ALA Q 77 -65.28 -40.49 78.67
N GLY Q 78 -64.60 -40.83 79.77
CA GLY Q 78 -63.19 -40.51 79.89
C GLY Q 78 -62.34 -41.21 78.84
N ALA Q 79 -62.63 -42.50 78.58
CA ALA Q 79 -61.89 -43.25 77.59
C ALA Q 79 -62.09 -42.67 76.20
N ALA Q 80 -63.34 -42.36 75.85
CA ALA Q 80 -63.63 -41.77 74.55
C ALA Q 80 -62.97 -40.41 74.40
N THR Q 81 -62.76 -39.70 75.52
CA THR Q 81 -62.15 -38.37 75.46
C THR Q 81 -60.70 -38.43 74.99
N VAL Q 82 -60.06 -39.59 75.10
CA VAL Q 82 -58.67 -39.73 74.65
C VAL Q 82 -58.55 -39.39 73.17
N GLY Q 83 -59.48 -39.91 72.36
CA GLY Q 83 -59.41 -39.69 70.93
C GLY Q 83 -59.63 -38.23 70.53
N VAL Q 84 -60.48 -37.53 71.28
CA VAL Q 84 -60.91 -36.18 70.87
C VAL Q 84 -59.71 -35.24 70.79
N ALA Q 85 -58.74 -35.41 71.68
CA ALA Q 85 -57.55 -34.57 71.70
C ALA Q 85 -56.38 -35.17 70.94
N GLY Q 86 -56.52 -36.39 70.41
CA GLY Q 86 -55.52 -36.90 69.50
C GLY Q 86 -55.45 -36.10 68.21
N SER Q 87 -56.56 -35.46 67.84
CA SER Q 87 -56.58 -34.59 66.67
C SER Q 87 -55.70 -33.36 66.84
N GLY Q 88 -55.28 -33.05 68.07
CA GLY Q 88 -54.41 -31.91 68.29
C GLY Q 88 -53.11 -32.02 67.50
N ALA Q 89 -52.52 -33.21 67.51
CA ALA Q 89 -51.32 -33.45 66.71
C ALA Q 89 -51.61 -33.23 65.23
N GLY Q 90 -52.76 -33.71 64.76
CA GLY Q 90 -53.12 -33.51 63.37
C GLY Q 90 -53.21 -32.05 62.99
N ILE Q 91 -53.90 -31.25 63.82
CA ILE Q 91 -54.08 -29.85 63.50
C ILE Q 91 -52.77 -29.09 63.63
N GLY Q 92 -51.90 -29.49 64.56
CA GLY Q 92 -50.56 -28.92 64.61
C GLY Q 92 -49.76 -29.21 63.37
N THR Q 93 -49.89 -30.44 62.84
CA THR Q 93 -49.24 -30.79 61.59
C THR Q 93 -49.76 -29.93 60.45
N VAL Q 94 -51.08 -29.76 60.37
CA VAL Q 94 -51.67 -28.94 59.31
C VAL Q 94 -51.16 -27.51 59.41
N PHE Q 95 -51.24 -26.92 60.61
CA PHE Q 95 -50.76 -25.57 60.81
C PHE Q 95 -49.26 -25.48 60.57
N GLY Q 96 -48.52 -26.51 61.01
CA GLY Q 96 -47.09 -26.54 60.77
C GLY Q 96 -46.74 -26.53 59.29
N SER Q 97 -47.50 -27.28 58.48
CA SER Q 97 -47.23 -27.33 57.06
C SER Q 97 -47.45 -25.97 56.40
N LEU Q 98 -48.44 -25.21 56.88
CA LEU Q 98 -48.64 -23.85 56.38
C LEU Q 98 -47.41 -23.00 56.62
N ILE Q 99 -46.76 -23.17 57.78
CA ILE Q 99 -45.51 -22.48 58.06
C ILE Q 99 -44.47 -22.84 57.01
N ILE Q 100 -44.32 -24.14 56.74
CA ILE Q 100 -43.35 -24.58 55.74
C ILE Q 100 -43.72 -24.06 54.36
N GLY Q 101 -45.01 -24.13 54.01
CA GLY Q 101 -45.44 -23.65 52.71
C GLY Q 101 -45.17 -22.17 52.51
N TYR Q 102 -45.51 -21.36 53.51
CA TYR Q 102 -45.27 -19.93 53.43
C TYR Q 102 -43.78 -19.64 53.28
N ALA Q 103 -42.94 -20.45 53.93
CA ALA Q 103 -41.49 -20.27 53.81
C ALA Q 103 -41.02 -20.44 52.37
N ARG Q 104 -41.49 -21.50 51.72
CA ARG Q 104 -41.05 -21.77 50.34
C ARG Q 104 -41.69 -20.77 49.37
N ASN Q 105 -43.00 -20.59 49.46
CA ASN Q 105 -43.71 -19.64 48.62
C ASN Q 105 -44.39 -18.60 49.49
N PRO Q 106 -43.76 -17.44 49.72
CA PRO Q 106 -44.43 -16.38 50.48
C PRO Q 106 -45.68 -15.86 49.80
N SER Q 107 -45.80 -16.03 48.48
CA SER Q 107 -47.01 -15.67 47.76
C SER Q 107 -48.00 -16.83 47.79
N LEU Q 108 -49.13 -16.65 47.11
CA LEU Q 108 -50.18 -17.66 47.04
C LEU Q 108 -50.68 -18.06 48.42
N LYS Q 109 -50.61 -17.13 49.38
CA LYS Q 109 -51.06 -17.42 50.73
C LYS Q 109 -52.55 -17.70 50.76
N GLN Q 110 -53.34 -16.92 50.02
CA GLN Q 110 -54.79 -17.06 49.99
C GLN Q 110 -55.20 -18.52 49.83
N GLN Q 111 -54.79 -19.15 48.74
CA GLN Q 111 -55.11 -20.57 48.55
C GLN Q 111 -54.41 -21.43 49.59
N LEU Q 112 -53.17 -21.10 49.92
CA LEU Q 112 -52.43 -21.87 50.92
C LEU Q 112 -53.15 -21.85 52.26
N PHE Q 113 -53.48 -20.65 52.76
CA PHE Q 113 -54.16 -20.54 54.05
C PHE Q 113 -55.56 -21.14 53.98
N SER Q 114 -56.25 -20.96 52.85
CA SER Q 114 -57.59 -21.54 52.71
C SER Q 114 -57.53 -23.06 52.82
N TYR Q 115 -56.57 -23.69 52.15
CA TYR Q 115 -56.41 -25.13 52.27
C TYR Q 115 -56.04 -25.52 53.69
N ALA Q 116 -55.21 -24.71 54.34
CA ALA Q 116 -54.82 -25.00 55.72
C ALA Q 116 -56.03 -25.01 56.64
N ILE Q 117 -56.92 -24.03 56.47
CA ILE Q 117 -58.17 -24.00 57.23
C ILE Q 117 -59.04 -25.20 56.87
N LEU Q 118 -59.13 -25.50 55.57
CA LEU Q 118 -59.87 -26.68 55.12
C LEU Q 118 -59.36 -27.95 55.75
N GLY Q 119 -58.09 -28.00 56.11
CA GLY Q 119 -57.52 -29.17 56.78
C GLY Q 119 -57.72 -29.16 58.27
N PHE Q 120 -57.53 -27.99 58.89
CA PHE Q 120 -57.72 -27.88 60.33
C PHE Q 120 -59.17 -28.17 60.72
N ALA Q 121 -60.11 -27.51 60.05
CA ALA Q 121 -61.52 -27.80 60.29
C ALA Q 121 -61.82 -29.27 60.06
N LEU Q 122 -61.19 -29.86 59.06
CA LEU Q 122 -61.32 -31.28 58.80
C LEU Q 122 -60.85 -32.10 59.99
N SER Q 123 -59.63 -31.82 60.47
CA SER Q 123 -59.07 -32.57 61.59
C SER Q 123 -59.86 -32.33 62.88
N GLU Q 124 -60.24 -31.08 63.14
CA GLU Q 124 -60.94 -30.77 64.38
C GLU Q 124 -62.34 -31.37 64.40
N ALA Q 125 -62.99 -31.46 63.24
CA ALA Q 125 -64.36 -31.95 63.20
C ALA Q 125 -64.44 -33.39 63.71
N MET Q 126 -63.50 -34.24 63.29
CA MET Q 126 -63.48 -35.61 63.77
C MET Q 126 -63.21 -35.67 65.26
N GLY Q 127 -62.28 -34.83 65.74
CA GLY Q 127 -62.02 -34.77 67.17
C GLY Q 127 -63.24 -34.32 67.96
N LEU Q 128 -63.90 -33.25 67.50
CA LEU Q 128 -65.12 -32.81 68.15
C LEU Q 128 -66.23 -33.83 68.00
N PHE Q 129 -66.23 -34.60 66.91
CA PHE Q 129 -67.18 -35.70 66.80
C PHE Q 129 -66.92 -36.76 67.86
N CYS Q 130 -65.64 -37.07 68.12
CA CYS Q 130 -65.30 -37.98 69.21
C CYS Q 130 -65.73 -37.41 70.54
N LEU Q 131 -65.61 -36.08 70.71
CA LEU Q 131 -66.09 -35.44 71.92
C LEU Q 131 -67.60 -35.57 72.06
N MET Q 132 -68.33 -35.43 70.95
CA MET Q 132 -69.77 -35.65 70.98
C MET Q 132 -70.09 -37.07 71.39
N VAL Q 133 -69.33 -38.04 70.88
CA VAL Q 133 -69.52 -39.44 71.31
C VAL Q 133 -69.28 -39.57 72.80
N ALA Q 134 -68.21 -38.95 73.30
CA ALA Q 134 -67.89 -39.01 74.72
C ALA Q 134 -69.01 -38.44 75.57
N PHE Q 135 -69.55 -37.29 75.15
CA PHE Q 135 -70.68 -36.69 75.86
C PHE Q 135 -71.91 -37.59 75.80
N LEU Q 136 -72.16 -38.21 74.64
CA LEU Q 136 -73.29 -39.13 74.50
C LEU Q 136 -73.16 -40.30 75.47
N ILE Q 137 -71.95 -40.81 75.65
CA ILE Q 137 -71.73 -41.88 76.62
C ILE Q 137 -72.12 -41.41 78.02
N LEU Q 138 -71.75 -40.18 78.37
CA LEU Q 138 -72.14 -39.64 79.67
C LEU Q 138 -73.65 -39.54 79.80
N PHE Q 139 -74.34 -39.15 78.74
CA PHE Q 139 -75.79 -39.03 78.78
C PHE Q 139 -76.46 -40.21 78.07
N SER R 62 42.75 52.49 -38.18
CA SER R 62 42.40 53.69 -37.45
C SER R 62 42.39 53.43 -35.95
N VAL R 63 41.30 52.83 -35.46
CA VAL R 63 41.22 52.44 -34.06
C VAL R 63 42.31 51.40 -33.78
N ASP R 64 42.80 51.40 -32.53
CA ASP R 64 43.99 50.62 -32.21
C ASP R 64 43.78 49.14 -32.46
N LEU R 65 42.61 48.62 -32.10
CA LEU R 65 42.31 47.20 -32.22
C LEU R 65 43.32 46.34 -31.48
N GLU R 66 43.96 46.92 -30.48
CA GLU R 66 44.86 46.19 -29.59
C GLU R 66 44.47 46.36 -28.12
N GLU R 67 43.94 47.53 -27.75
CA GLU R 67 43.38 47.73 -26.42
C GLU R 67 41.90 48.08 -26.47
N THR R 68 41.31 48.15 -27.66
CA THR R 68 39.90 48.43 -27.82
C THR R 68 39.33 47.51 -28.89
N GLY R 69 38.00 47.47 -28.98
CA GLY R 69 37.35 46.62 -29.96
C GLY R 69 35.91 47.05 -30.18
N ARG R 70 35.28 46.40 -31.14
CA ARG R 70 33.90 46.68 -31.53
C ARG R 70 33.07 45.42 -31.40
N VAL R 71 31.90 45.54 -30.77
CA VAL R 71 31.01 44.40 -30.56
C VAL R 71 30.51 43.88 -31.91
N LEU R 72 30.91 42.67 -32.27
CA LEU R 72 30.41 42.08 -33.51
C LEU R 72 28.94 41.70 -33.39
N SER R 73 28.56 41.07 -32.28
CA SER R 73 27.19 40.63 -32.08
C SER R 73 26.91 40.52 -30.59
N ILE R 74 25.83 41.13 -30.14
CA ILE R 74 25.42 41.07 -28.74
C ILE R 74 24.11 40.29 -28.69
N GLY R 75 24.14 39.14 -28.02
CA GLY R 75 22.97 38.31 -27.89
C GLY R 75 23.19 37.16 -26.94
N ASP R 76 22.15 36.77 -26.20
CA ASP R 76 22.20 35.68 -25.22
C ASP R 76 23.19 35.97 -24.09
N GLY R 77 23.52 37.24 -23.86
CA GLY R 77 24.42 37.61 -22.78
C GLY R 77 25.89 37.40 -23.07
N ILE R 78 26.25 36.89 -24.25
CA ILE R 78 27.64 36.67 -24.63
C ILE R 78 27.92 37.58 -25.82
N ALA R 79 28.70 38.64 -25.59
CA ALA R 79 29.01 39.60 -26.64
C ALA R 79 30.31 39.21 -27.31
N ARG R 80 30.24 38.91 -28.60
CA ARG R 80 31.45 38.64 -29.39
C ARG R 80 32.01 39.96 -29.89
N VAL R 81 33.26 40.25 -29.54
CA VAL R 81 33.89 41.54 -29.84
C VAL R 81 35.16 41.29 -30.64
N HIS R 82 35.29 42.01 -31.75
CA HIS R 82 36.50 41.96 -32.57
C HIS R 82 37.59 42.81 -31.93
N GLY R 83 38.83 42.55 -32.34
CA GLY R 83 39.95 43.34 -31.84
C GLY R 83 40.36 42.92 -30.44
N LEU R 84 40.86 43.90 -29.68
CA LEU R 84 41.37 43.66 -28.33
C LEU R 84 42.38 42.52 -28.31
N ARG R 85 43.37 42.62 -29.20
CA ARG R 85 44.36 41.56 -29.33
C ARG R 85 45.25 41.43 -28.09
N ASN R 86 45.25 42.42 -27.20
CA ASN R 86 46.04 42.37 -25.98
C ASN R 86 45.18 42.09 -24.75
N VAL R 87 43.93 41.66 -24.94
CA VAL R 87 43.09 41.32 -23.80
C VAL R 87 43.65 40.09 -23.12
N GLN R 88 43.72 40.15 -21.78
CA GLN R 88 44.10 39.00 -20.98
C GLN R 88 42.88 38.14 -20.72
N ALA R 89 43.10 36.83 -20.57
CA ALA R 89 42.03 35.94 -20.21
C ALA R 89 41.47 36.34 -18.84
N GLU R 90 40.14 36.44 -18.76
CA GLU R 90 39.40 36.83 -17.57
C GLU R 90 39.60 38.29 -17.19
N GLU R 91 40.15 39.11 -18.08
CA GLU R 91 40.34 40.53 -17.80
C GLU R 91 39.03 41.29 -17.98
N MET R 92 38.76 42.21 -17.07
CA MET R 92 37.56 43.03 -17.18
C MET R 92 37.72 44.03 -18.33
N VAL R 93 36.67 44.15 -19.14
CA VAL R 93 36.62 45.11 -20.24
C VAL R 93 35.35 45.94 -20.08
N GLU R 94 35.47 47.25 -20.27
CA GLU R 94 34.35 48.17 -20.11
C GLU R 94 33.77 48.52 -21.47
N PHE R 95 32.45 48.62 -21.53
CA PHE R 95 31.73 48.93 -22.75
C PHE R 95 31.41 50.42 -22.83
N SER R 96 31.02 50.86 -24.04
CA SER R 96 30.63 52.25 -24.23
C SER R 96 29.41 52.61 -23.41
N SER R 97 28.44 51.69 -23.32
CA SER R 97 27.22 51.95 -22.56
C SER R 97 27.47 52.14 -21.07
N GLY R 98 28.62 51.70 -20.57
CA GLY R 98 28.96 51.80 -19.18
C GLY R 98 29.02 50.48 -18.46
N LEU R 99 28.39 49.44 -18.99
CA LEU R 99 28.46 48.13 -18.37
C LEU R 99 29.87 47.56 -18.49
N LYS R 100 30.27 46.81 -17.47
CA LYS R 100 31.57 46.18 -17.42
C LYS R 100 31.41 44.69 -17.71
N GLY R 101 32.37 44.13 -18.47
CA GLY R 101 32.29 42.75 -18.88
C GLY R 101 33.57 42.00 -18.57
N MET R 102 33.48 40.68 -18.63
CA MET R 102 34.59 39.78 -18.36
C MET R 102 34.86 38.92 -19.58
N SER R 103 36.10 38.94 -20.06
CA SER R 103 36.47 38.11 -21.21
C SER R 103 36.58 36.65 -20.80
N LEU R 104 35.86 35.78 -21.50
CA LEU R 104 35.93 34.35 -21.23
C LEU R 104 36.55 33.60 -22.41
N ASN R 105 36.01 33.73 -23.61
CA ASN R 105 36.49 32.99 -24.76
C ASN R 105 37.42 33.88 -25.59
N LEU R 106 38.72 33.70 -25.40
CA LEU R 106 39.71 34.43 -26.20
C LEU R 106 39.92 33.70 -27.52
N GLU R 107 38.86 33.68 -28.32
CA GLU R 107 38.90 33.00 -29.61
C GLU R 107 39.86 33.71 -30.56
N PRO R 108 40.35 33.01 -31.58
CA PRO R 108 41.34 33.63 -32.48
C PRO R 108 40.87 34.91 -33.14
N ASP R 109 39.60 34.99 -33.53
CA ASP R 109 39.09 36.15 -34.24
C ASP R 109 38.37 37.14 -33.35
N ASN R 110 37.66 36.67 -32.32
CA ASN R 110 36.90 37.54 -31.45
C ASN R 110 37.10 37.09 -30.00
N VAL R 111 36.83 38.00 -29.07
CA VAL R 111 36.88 37.72 -27.65
C VAL R 111 35.47 37.78 -27.10
N GLY R 112 34.99 36.65 -26.57
CA GLY R 112 33.66 36.61 -25.98
C GLY R 112 33.64 37.11 -24.55
N VAL R 113 32.89 38.18 -24.30
CA VAL R 113 32.84 38.84 -23.00
C VAL R 113 31.42 38.76 -22.46
N VAL R 114 31.28 38.26 -21.24
CA VAL R 114 29.98 38.23 -20.56
C VAL R 114 29.68 39.62 -20.03
N VAL R 115 28.48 40.12 -20.30
CA VAL R 115 28.11 41.49 -19.94
C VAL R 115 27.45 41.45 -18.56
N PHE R 116 28.10 42.07 -17.57
CA PHE R 116 27.55 42.17 -16.22
C PHE R 116 26.48 43.28 -16.22
N GLY R 117 25.32 42.93 -16.74
CA GLY R 117 24.22 43.88 -16.81
C GLY R 117 23.23 43.49 -17.88
N ASN R 118 22.25 44.37 -18.06
CA ASN R 118 21.23 44.15 -19.06
C ASN R 118 21.82 44.30 -20.45
N ASP R 119 21.67 43.27 -21.28
CA ASP R 119 22.29 43.26 -22.60
C ASP R 119 21.72 44.32 -23.53
N LYS R 120 20.55 44.88 -23.22
CA LYS R 120 19.94 45.86 -24.09
C LYS R 120 20.82 47.09 -24.26
N LEU R 121 21.65 47.41 -23.27
CA LEU R 121 22.51 48.59 -23.37
C LEU R 121 23.58 48.40 -24.45
N ILE R 122 24.05 47.17 -24.64
CA ILE R 122 25.11 46.90 -25.61
C ILE R 122 24.49 46.71 -26.98
N LYS R 123 25.12 47.29 -28.00
CA LYS R 123 24.70 47.15 -29.39
C LYS R 123 25.90 46.78 -30.25
N GLU R 124 25.62 46.34 -31.48
CA GLU R 124 26.69 46.07 -32.43
C GLU R 124 27.41 47.35 -32.80
N GLY R 125 28.73 47.27 -32.90
CA GLY R 125 29.54 48.43 -33.21
C GLY R 125 29.95 49.26 -32.02
N ASP R 126 29.49 48.90 -30.81
CA ASP R 126 29.90 49.64 -29.62
C ASP R 126 31.37 49.37 -29.31
N ILE R 127 32.04 50.38 -28.79
CA ILE R 127 33.47 50.30 -28.50
C ILE R 127 33.68 49.70 -27.12
N VAL R 128 34.48 48.65 -27.06
CA VAL R 128 34.86 48.01 -25.80
C VAL R 128 36.32 48.36 -25.52
N LYS R 129 36.61 48.71 -24.26
CA LYS R 129 37.93 49.15 -23.86
C LYS R 129 38.49 48.28 -22.76
N ARG R 130 39.78 47.96 -22.85
CA ARG R 130 40.44 47.16 -21.83
C ARG R 130 40.57 47.97 -20.53
N THR R 131 40.48 47.26 -19.41
CA THR R 131 40.73 47.83 -18.10
C THR R 131 42.07 47.43 -17.53
N GLY R 132 42.82 46.59 -18.25
CA GLY R 132 44.15 46.20 -17.79
C GLY R 132 44.17 45.53 -16.44
N ALA R 133 43.16 44.70 -16.15
CA ALA R 133 43.08 44.03 -14.86
C ALA R 133 42.11 42.86 -14.94
N ILE R 134 42.54 41.71 -14.44
CA ILE R 134 41.61 40.59 -14.24
C ILE R 134 40.55 41.01 -13.24
N VAL R 135 39.33 40.50 -13.41
CA VAL R 135 38.16 40.96 -12.68
C VAL R 135 38.45 41.10 -11.20
N ASP R 136 38.17 42.27 -10.66
CA ASP R 136 38.49 42.59 -9.27
C ASP R 136 37.37 43.45 -8.68
N VAL R 137 37.32 43.48 -7.36
CA VAL R 137 36.26 44.21 -6.66
C VAL R 137 36.88 45.09 -5.57
N PRO R 138 36.25 46.20 -5.21
CA PRO R 138 36.73 47.00 -4.08
C PRO R 138 36.68 46.19 -2.80
N VAL R 139 37.79 46.17 -2.08
CA VAL R 139 37.94 45.33 -0.90
C VAL R 139 38.62 46.15 0.19
N GLY R 140 38.13 46.01 1.42
CA GLY R 140 38.70 46.72 2.54
C GLY R 140 37.66 46.91 3.63
N GLU R 141 38.12 47.47 4.75
CA GLU R 141 37.23 47.78 5.86
C GLU R 141 36.30 48.94 5.56
N GLU R 142 36.57 49.71 4.52
CA GLU R 142 35.69 50.82 4.15
C GLU R 142 34.33 50.31 3.71
N LEU R 143 34.25 49.08 3.22
CA LEU R 143 32.99 48.51 2.77
C LEU R 143 32.09 48.10 3.92
N LEU R 144 32.59 48.06 5.14
CA LEU R 144 31.76 47.72 6.29
C LEU R 144 30.60 48.70 6.41
N GLY R 145 29.40 48.16 6.60
CA GLY R 145 28.22 49.00 6.70
C GLY R 145 27.64 49.45 5.39
N ARG R 146 28.12 48.92 4.27
CA ARG R 146 27.71 49.39 2.95
C ARG R 146 27.06 48.25 2.18
N VAL R 147 26.00 48.58 1.45
CA VAL R 147 25.36 47.66 0.53
C VAL R 147 25.92 47.90 -0.85
N VAL R 148 26.60 46.90 -1.41
CA VAL R 148 27.21 47.01 -2.73
C VAL R 148 26.65 45.92 -3.63
N ASP R 149 26.89 46.08 -4.92
CA ASP R 149 26.49 45.06 -5.89
C ASP R 149 27.65 44.10 -6.14
N ALA R 150 27.47 43.21 -7.11
CA ALA R 150 28.49 42.21 -7.39
C ALA R 150 29.80 42.84 -7.82
N LEU R 151 29.75 43.87 -8.65
CA LEU R 151 30.97 44.53 -9.10
C LEU R 151 31.61 45.36 -7.99
N GLY R 152 30.87 45.66 -6.92
CA GLY R 152 31.39 46.46 -5.82
C GLY R 152 30.90 47.88 -5.79
N ASN R 153 30.12 48.32 -6.76
CA ASN R 153 29.57 49.66 -6.74
C ASN R 153 28.52 49.78 -5.65
N ALA R 154 28.49 50.93 -4.99
CA ALA R 154 27.58 51.13 -3.87
C ALA R 154 26.16 51.37 -4.39
N ILE R 155 25.20 50.67 -3.80
CA ILE R 155 23.79 50.85 -4.12
C ILE R 155 22.99 51.35 -2.93
N ASP R 156 23.63 51.61 -1.80
CA ASP R 156 22.96 52.08 -0.59
C ASP R 156 22.80 53.59 -0.57
N GLY R 157 23.29 54.30 -1.59
CA GLY R 157 23.19 55.74 -1.62
C GLY R 157 23.88 56.46 -0.50
N LYS R 158 24.82 55.80 0.18
CA LYS R 158 25.58 56.43 1.25
C LYS R 158 26.85 57.10 0.74
N GLY R 159 27.12 57.02 -0.56
CA GLY R 159 28.30 57.64 -1.13
C GLY R 159 29.25 56.63 -1.74
N PRO R 160 30.31 57.12 -2.37
CA PRO R 160 31.27 56.21 -2.99
C PRO R 160 32.06 55.43 -1.95
N ILE R 161 32.42 54.19 -2.31
CA ILE R 161 33.25 53.38 -1.43
C ILE R 161 34.69 53.88 -1.50
N GLY R 162 35.27 54.14 -0.33
CA GLY R 162 36.64 54.62 -0.27
C GLY R 162 37.67 53.51 -0.22
N SER R 163 37.33 52.37 -0.82
CA SER R 163 38.24 51.23 -0.82
C SER R 163 39.52 51.56 -1.59
N LYS R 164 40.65 51.07 -1.06
CA LYS R 164 41.94 51.29 -1.67
C LYS R 164 42.63 50.01 -2.12
N THR R 165 42.11 48.84 -1.75
CA THR R 165 42.73 47.56 -2.09
C THR R 165 41.77 46.77 -2.98
N ARG R 166 41.99 46.84 -4.30
CA ARG R 166 41.25 46.00 -5.22
C ARG R 166 41.79 44.59 -5.19
N ARG R 167 40.91 43.61 -5.11
CA ARG R 167 41.30 42.20 -5.02
C ARG R 167 40.57 41.41 -6.10
N ARG R 168 41.31 40.51 -6.77
CA ARG R 168 40.70 39.66 -7.78
C ARG R 168 39.68 38.71 -7.15
N VAL R 169 38.64 38.39 -7.92
CA VAL R 169 37.61 37.46 -7.43
C VAL R 169 37.92 36.02 -7.75
N GLY R 170 38.94 35.75 -8.56
CA GLY R 170 39.27 34.39 -8.94
C GLY R 170 40.51 33.84 -8.29
N LEU R 171 40.97 34.48 -7.22
CA LEU R 171 42.17 34.01 -6.53
C LEU R 171 41.95 32.60 -5.98
N LYS R 172 42.99 31.78 -6.07
CA LYS R 172 42.90 30.39 -5.62
C LYS R 172 42.80 30.33 -4.11
N ALA R 173 42.22 29.23 -3.62
CA ALA R 173 42.08 29.01 -2.20
C ALA R 173 43.43 28.74 -1.56
N PRO R 174 43.57 29.03 -0.27
CA PRO R 174 44.82 28.71 0.43
C PRO R 174 45.13 27.23 0.38
N GLY R 175 46.43 26.91 0.30
CA GLY R 175 46.89 25.55 0.14
C GLY R 175 46.91 24.77 1.44
N ILE R 176 47.55 23.61 1.37
CA ILE R 176 47.60 22.71 2.53
C ILE R 176 48.36 23.36 3.68
N ILE R 177 49.56 23.87 3.40
CA ILE R 177 50.41 24.40 4.48
C ILE R 177 49.80 25.62 5.16
N PRO R 178 49.30 26.64 4.45
CA PRO R 178 48.75 27.81 5.17
C PRO R 178 47.63 27.48 6.13
N ARG R 179 46.79 26.50 5.81
CA ARG R 179 45.64 26.19 6.63
C ARG R 179 46.07 25.51 7.93
N ILE R 180 45.23 25.67 8.96
CA ILE R 180 45.42 25.00 10.24
C ILE R 180 44.04 24.61 10.78
N SER R 181 44.05 23.63 11.69
CA SER R 181 42.80 23.10 12.22
C SER R 181 41.98 24.19 12.89
N VAL R 182 40.67 24.16 12.66
CA VAL R 182 39.79 25.18 13.21
C VAL R 182 39.69 25.02 14.72
N ARG R 183 39.96 26.09 15.45
CA ARG R 183 39.93 26.05 16.91
C ARG R 183 39.06 27.12 17.55
N GLU R 184 39.03 28.32 16.98
CA GLU R 184 38.30 29.41 17.59
C GLU R 184 36.79 29.22 17.40
N PRO R 185 35.98 29.37 18.46
CA PRO R 185 34.54 29.12 18.34
C PRO R 185 33.82 30.25 17.62
N MET R 186 32.90 29.86 16.74
CA MET R 186 32.03 30.81 16.05
C MET R 186 30.63 30.67 16.64
N GLN R 187 30.23 31.64 17.44
CA GLN R 187 28.98 31.56 18.19
C GLN R 187 27.82 32.05 17.31
N THR R 188 26.93 31.12 16.96
CA THR R 188 25.76 31.49 16.15
C THR R 188 24.77 32.31 16.98
N GLY R 189 24.57 31.95 18.23
CA GLY R 189 23.54 32.55 19.06
C GLY R 189 22.29 31.71 19.19
N ILE R 190 22.09 30.76 18.29
CA ILE R 190 20.99 29.80 18.42
C ILE R 190 21.44 28.67 19.34
N LYS R 191 20.60 28.33 20.31
CA LYS R 191 20.95 27.28 21.27
C LYS R 191 21.19 25.95 20.55
N ALA R 192 20.32 25.60 19.61
CA ALA R 192 20.45 24.32 18.91
C ALA R 192 21.77 24.25 18.16
N VAL R 193 22.14 25.32 17.47
CA VAL R 193 23.39 25.33 16.71
C VAL R 193 24.59 25.30 17.65
N ASP R 194 24.65 26.25 18.59
CA ASP R 194 25.82 26.34 19.46
C ASP R 194 25.96 25.14 20.40
N SER R 195 24.90 24.35 20.57
CA SER R 195 24.93 23.21 21.46
C SER R 195 25.08 21.89 20.72
N LEU R 196 24.29 21.67 19.68
CA LEU R 196 24.26 20.38 19.01
C LEU R 196 25.06 20.36 17.71
N VAL R 197 25.17 21.48 17.00
CA VAL R 197 25.94 21.52 15.76
C VAL R 197 26.95 22.67 15.86
N PRO R 198 27.93 22.60 16.76
CA PRO R 198 28.84 23.73 16.94
C PRO R 198 29.66 24.01 15.69
N ILE R 199 29.75 25.29 15.34
CA ILE R 199 30.45 25.73 14.15
C ILE R 199 31.69 26.50 14.57
N GLY R 200 32.84 26.15 14.02
CA GLY R 200 34.08 26.82 14.29
C GLY R 200 34.39 27.91 13.26
N ARG R 201 35.38 28.74 13.61
CA ARG R 201 35.80 29.84 12.74
C ARG R 201 36.71 29.28 11.65
N GLY R 202 36.22 29.29 10.42
CA GLY R 202 36.92 28.68 9.30
C GLY R 202 36.23 27.45 8.75
N GLN R 203 35.05 27.10 9.23
CA GLN R 203 34.34 25.90 8.82
C GLN R 203 33.20 26.28 7.87
N ARG R 204 33.03 25.49 6.82
CA ARG R 204 31.94 25.67 5.87
C ARG R 204 30.76 24.84 6.33
N GLU R 205 29.71 25.49 6.82
CA GLU R 205 28.52 24.81 7.29
C GLU R 205 27.36 25.18 6.38
N LEU R 206 26.72 24.17 5.79
CA LEU R 206 25.64 24.38 4.84
C LEU R 206 24.31 24.42 5.59
N ILE R 207 23.61 25.54 5.49
CA ILE R 207 22.26 25.63 6.05
C ILE R 207 21.28 25.17 4.99
N ILE R 208 21.11 23.86 4.88
CA ILE R 208 20.25 23.27 3.85
C ILE R 208 18.83 23.15 4.39
N GLY R 209 17.86 23.23 3.48
CA GLY R 209 16.46 23.13 3.85
C GLY R 209 15.58 23.58 2.71
N ASP R 210 14.29 23.30 2.85
CA ASP R 210 13.32 23.71 1.85
C ASP R 210 13.03 25.20 2.00
N ARG R 211 12.19 25.72 1.11
CA ARG R 211 11.81 27.12 1.20
C ARG R 211 10.90 27.33 2.39
N GLN R 212 10.98 28.52 2.98
CA GLN R 212 10.20 28.98 4.13
C GLN R 212 10.63 28.30 5.42
N THR R 213 11.77 27.61 5.43
CA THR R 213 12.25 26.91 6.61
C THR R 213 13.12 27.78 7.52
N GLY R 214 13.35 29.04 7.15
CA GLY R 214 14.03 29.96 8.05
C GLY R 214 15.54 29.85 8.09
N LYS R 215 16.18 29.55 6.96
CA LYS R 215 17.64 29.56 6.91
C LYS R 215 18.19 30.98 7.02
N THR R 216 17.59 31.91 6.29
CA THR R 216 18.00 33.30 6.38
C THR R 216 17.83 33.84 7.79
N SER R 217 16.84 33.30 8.52
CA SER R 217 16.71 33.63 9.93
C SER R 217 17.95 33.20 10.71
N ILE R 218 18.46 32.00 10.44
CA ILE R 218 19.68 31.54 11.11
C ILE R 218 20.82 32.49 10.80
N ALA R 219 20.96 32.87 9.52
CA ALA R 219 22.08 33.74 9.15
C ALA R 219 21.97 35.10 9.83
N ILE R 220 20.78 35.70 9.83
CA ILE R 220 20.62 37.04 10.42
C ILE R 220 20.81 36.99 11.92
N ASP R 221 20.34 35.94 12.58
CA ASP R 221 20.56 35.89 14.03
C ASP R 221 22.03 35.64 14.34
N THR R 222 22.75 34.90 13.50
CA THR R 222 24.20 34.80 13.65
C THR R 222 24.86 36.17 13.56
N ILE R 223 24.49 36.95 12.54
CA ILE R 223 25.08 38.27 12.35
C ILE R 223 24.78 39.16 13.54
N ILE R 224 23.54 39.11 14.03
CA ILE R 224 23.16 39.92 15.19
C ILE R 224 23.92 39.48 16.43
N ASN R 225 24.15 38.17 16.59
CA ASN R 225 24.89 37.68 17.74
C ASN R 225 26.32 38.18 17.72
N GLN R 226 26.90 38.34 16.53
CA GLN R 226 28.28 38.81 16.47
C GLN R 226 28.47 40.22 17.02
N LYS R 227 27.38 40.97 17.22
CA LYS R 227 27.47 42.33 17.74
C LYS R 227 28.14 42.37 19.10
N ARG R 228 27.79 41.44 19.99
CA ARG R 228 28.37 41.41 21.32
C ARG R 228 29.89 41.41 21.28
N PHE R 229 30.46 40.48 20.53
CA PHE R 229 31.92 40.41 20.41
C PHE R 229 32.48 41.64 19.72
N ASN R 230 31.81 42.11 18.66
CA ASN R 230 32.37 43.20 17.87
C ASN R 230 32.44 44.50 18.67
N ASP R 231 31.43 44.78 19.49
CA ASP R 231 31.40 45.98 20.30
C ASP R 231 32.34 45.92 21.49
N GLY R 232 32.95 44.77 21.76
CA GLY R 232 33.92 44.65 22.83
C GLY R 232 35.28 45.15 22.41
N THR R 233 36.28 44.80 23.22
CA THR R 233 37.65 45.25 23.00
C THR R 233 38.54 44.20 22.36
N ASP R 234 38.37 42.93 22.74
CA ASP R 234 39.19 41.85 22.22
C ASP R 234 39.06 41.73 20.71
N GLU R 235 40.14 42.00 19.99
CA GLU R 235 40.07 42.00 18.53
C GLU R 235 39.90 40.60 17.97
N LYS R 236 40.56 39.60 18.58
CA LYS R 236 40.51 38.25 18.04
C LYS R 236 39.09 37.70 18.04
N LYS R 237 38.28 38.06 19.03
CA LYS R 237 36.91 37.58 19.08
C LYS R 237 36.01 38.28 18.08
N LYS R 238 36.40 39.45 17.59
CA LYS R 238 35.59 40.18 16.62
C LYS R 238 35.44 39.38 15.34
N LEU R 239 34.23 39.39 14.78
CA LEU R 239 33.92 38.65 13.57
C LEU R 239 33.10 39.54 12.65
N TYR R 240 33.73 40.09 11.62
CA TYR R 240 33.01 40.82 10.60
C TYR R 240 32.16 39.84 9.77
N CYS R 241 31.04 40.34 9.27
CA CYS R 241 30.08 39.51 8.55
C CYS R 241 29.85 40.06 7.15
N ILE R 242 29.71 39.16 6.18
CA ILE R 242 29.37 39.52 4.80
C ILE R 242 28.20 38.66 4.37
N TYR R 243 27.14 39.31 3.90
CA TYR R 243 25.94 38.62 3.43
C TYR R 243 25.80 38.81 1.93
N VAL R 244 25.80 37.72 1.18
CA VAL R 244 25.66 37.77 -0.27
C VAL R 244 24.26 37.28 -0.64
N ALA R 245 23.49 38.15 -1.30
CA ALA R 245 22.14 37.82 -1.75
C ALA R 245 22.18 37.48 -3.23
N ILE R 246 22.00 36.20 -3.55
CA ILE R 246 22.00 35.71 -4.92
C ILE R 246 20.57 35.34 -5.27
N GLY R 247 19.87 36.24 -5.95
CA GLY R 247 18.54 35.99 -6.45
C GLY R 247 17.42 36.46 -5.54
N GLN R 248 17.72 36.76 -4.27
CA GLN R 248 16.68 37.18 -3.35
C GLN R 248 16.04 38.47 -3.85
N LYS R 249 14.76 38.65 -3.50
CA LYS R 249 14.06 39.87 -3.87
C LYS R 249 14.71 41.09 -3.23
N ARG R 250 14.75 42.19 -3.99
CA ARG R 250 15.27 43.45 -3.46
C ARG R 250 14.52 43.87 -2.21
N SER R 251 13.20 43.64 -2.18
CA SER R 251 12.42 43.94 -1.00
C SER R 251 12.94 43.17 0.21
N THR R 252 13.20 41.87 0.03
CA THR R 252 13.72 41.04 1.11
C THR R 252 15.08 41.55 1.59
N VAL R 253 15.95 41.90 0.64
CA VAL R 253 17.28 42.41 1.02
C VAL R 253 17.13 43.72 1.79
N ALA R 254 16.22 44.59 1.37
CA ALA R 254 16.01 45.85 2.06
C ALA R 254 15.49 45.63 3.47
N GLN R 255 14.53 44.70 3.62
CA GLN R 255 14.04 44.36 4.96
C GLN R 255 15.18 43.84 5.83
N LEU R 256 16.07 43.03 5.25
CA LEU R 256 17.20 42.50 6.00
C LEU R 256 18.13 43.62 6.46
N VAL R 257 18.45 44.56 5.57
CA VAL R 257 19.35 45.65 5.95
C VAL R 257 18.69 46.54 6.99
N LYS R 258 17.37 46.74 6.91
CA LYS R 258 16.67 47.50 7.94
C LYS R 258 16.77 46.79 9.29
N ARG R 259 16.58 45.46 9.29
CA ARG R 259 16.71 44.70 10.51
C ARG R 259 18.11 44.84 11.10
N LEU R 260 19.13 44.74 10.24
CA LEU R 260 20.51 44.86 10.70
C LEU R 260 20.78 46.24 11.28
N THR R 261 20.29 47.28 10.61
CA THR R 261 20.49 48.65 11.12
C THR R 261 19.80 48.83 12.46
N ASP R 262 18.59 48.29 12.62
CA ASP R 262 17.88 48.39 13.89
C ASP R 262 18.63 47.66 14.99
N ALA R 263 19.18 46.49 14.68
CA ALA R 263 19.96 45.73 15.65
C ALA R 263 21.40 46.21 15.75
N ASP R 264 21.72 47.32 15.09
CA ASP R 264 23.07 47.90 15.09
C ASP R 264 24.11 46.85 14.72
N ALA R 265 23.78 46.07 13.68
CA ALA R 265 24.69 45.07 13.15
C ALA R 265 25.26 45.42 11.79
N MET R 266 24.72 46.46 11.13
CA MET R 266 25.22 46.86 9.83
C MET R 266 26.67 47.31 9.91
N LYS R 267 27.05 47.96 11.02
CA LYS R 267 28.37 48.58 11.12
C LYS R 267 29.50 47.61 10.82
N TYR R 268 29.31 46.33 11.10
CA TYR R 268 30.30 45.31 10.80
C TYR R 268 29.86 44.35 9.69
N THR R 269 28.89 44.74 8.89
CA THR R 269 28.32 43.86 7.87
C THR R 269 28.42 44.50 6.49
N ILE R 270 28.89 43.73 5.52
CA ILE R 270 28.95 44.14 4.12
C ILE R 270 27.93 43.29 3.37
N VAL R 271 26.91 43.92 2.80
CA VAL R 271 25.83 43.23 2.11
C VAL R 271 26.06 43.37 0.61
N VAL R 272 26.51 42.29 -0.02
CA VAL R 272 26.61 42.23 -1.48
C VAL R 272 25.31 41.63 -2.00
N SER R 273 24.61 42.37 -2.87
CA SER R 273 23.30 41.95 -3.34
C SER R 273 23.30 41.83 -4.86
N ALA R 274 22.94 40.65 -5.35
CA ALA R 274 22.68 40.40 -6.77
C ALA R 274 21.30 39.75 -6.86
N THR R 275 20.27 40.59 -6.93
CA THR R 275 18.90 40.14 -6.83
C THR R 275 18.44 39.47 -8.13
N ALA R 276 17.19 39.00 -8.11
CA ALA R 276 16.65 38.29 -9.27
C ALA R 276 16.59 39.18 -10.49
N SER R 277 16.23 40.45 -10.31
CA SER R 277 16.20 41.39 -11.44
C SER R 277 17.58 41.56 -12.04
N ASP R 278 18.63 41.45 -11.21
CA ASP R 278 19.99 41.59 -11.70
C ASP R 278 20.34 40.44 -12.65
N ALA R 279 21.30 40.72 -13.53
CA ALA R 279 21.64 39.78 -14.59
C ALA R 279 22.25 38.50 -14.01
N ALA R 280 22.14 37.43 -14.80
CA ALA R 280 22.74 36.15 -14.43
C ALA R 280 24.25 36.25 -14.24
N PRO R 281 25.03 36.91 -15.10
CA PRO R 281 26.46 37.09 -14.80
C PRO R 281 26.71 37.77 -13.46
N LEU R 282 25.91 38.77 -13.11
CA LEU R 282 26.07 39.43 -11.81
C LEU R 282 25.79 38.45 -10.68
N GLN R 283 24.71 37.68 -10.80
CA GLN R 283 24.41 36.68 -9.78
C GLN R 283 25.50 35.62 -9.70
N TYR R 284 26.17 35.35 -10.81
CA TYR R 284 27.28 34.40 -10.82
C TYR R 284 28.49 34.96 -10.09
N LEU R 285 28.81 36.21 -10.33
CA LEU R 285 30.01 36.80 -9.74
C LEU R 285 29.83 37.18 -8.28
N ALA R 286 28.60 37.48 -7.86
CA ALA R 286 28.33 37.98 -6.51
C ALA R 286 28.98 37.13 -5.42
N PRO R 287 28.83 35.80 -5.40
CA PRO R 287 29.49 35.03 -4.33
C PRO R 287 30.99 35.20 -4.30
N TYR R 288 31.64 35.19 -5.46
CA TYR R 288 33.09 35.36 -5.49
C TYR R 288 33.47 36.76 -5.04
N SER R 289 32.70 37.77 -5.43
CA SER R 289 32.96 39.13 -4.96
C SER R 289 32.87 39.21 -3.45
N GLY R 290 31.84 38.59 -2.87
CA GLY R 290 31.71 38.59 -1.42
C GLY R 290 32.85 37.84 -0.74
N CYS R 291 33.27 36.72 -1.32
CA CYS R 291 34.34 35.93 -0.71
C CYS R 291 35.65 36.71 -0.69
N SER R 292 35.97 37.38 -1.79
CA SER R 292 37.22 38.14 -1.87
C SER R 292 37.26 39.25 -0.83
N MET R 293 36.12 39.90 -0.59
CA MET R 293 36.06 40.92 0.45
C MET R 293 36.38 40.34 1.82
N GLY R 294 35.86 39.15 2.12
CA GLY R 294 36.21 38.49 3.37
C GLY R 294 37.63 37.97 3.38
N GLU R 295 38.15 37.63 2.19
CA GLU R 295 39.54 37.17 2.10
C GLU R 295 40.50 38.24 2.63
N TYR R 296 40.14 39.51 2.49
CA TYR R 296 40.90 40.59 3.10
C TYR R 296 41.08 40.38 4.59
N PHE R 297 39.97 40.15 5.29
CA PHE R 297 40.04 39.91 6.72
C PHE R 297 40.82 38.64 7.03
N ARG R 298 40.56 37.57 6.27
CA ARG R 298 41.23 36.31 6.54
C ARG R 298 42.75 36.45 6.41
N ASP R 299 43.22 37.12 5.36
CA ASP R 299 44.65 37.27 5.13
C ASP R 299 45.30 38.27 6.07
N ASN R 300 44.53 39.20 6.64
CA ASN R 300 45.07 40.25 7.48
C ASN R 300 44.87 39.98 8.97
N GLY R 301 44.89 38.72 9.36
CA GLY R 301 44.75 38.36 10.77
C GLY R 301 43.43 38.77 11.38
N LYS R 302 42.35 38.73 10.61
CA LYS R 302 41.02 39.05 11.09
C LYS R 302 40.08 37.90 10.77
N HIS R 303 38.98 37.83 11.49
CA HIS R 303 38.00 36.75 11.34
C HIS R 303 36.73 37.30 10.69
N ALA R 304 36.24 36.59 9.69
CA ALA R 304 35.11 37.07 8.90
C ALA R 304 34.11 35.93 8.73
N LEU R 305 32.85 36.31 8.54
CA LEU R 305 31.76 35.36 8.30
C LEU R 305 31.09 35.73 6.99
N ILE R 306 31.12 34.81 6.03
CA ILE R 306 30.52 35.01 4.71
C ILE R 306 29.31 34.10 4.59
N ILE R 307 28.17 34.67 4.21
CA ILE R 307 26.92 33.87 4.07
C ILE R 307 26.45 33.94 2.62
N TYR R 308 26.71 32.89 1.84
CA TYR R 308 26.28 32.85 0.42
C TYR R 308 24.84 32.38 0.36
N ASP R 309 23.90 33.25 0.75
CA ASP R 309 22.47 32.83 0.78
C ASP R 309 21.98 32.55 -0.63
N ASP R 310 21.30 31.41 -0.83
CA ASP R 310 20.74 31.04 -2.16
C ASP R 310 21.86 30.71 -3.15
N LEU R 311 22.81 29.85 -2.76
CA LEU R 311 23.85 29.41 -3.72
C LEU R 311 23.12 28.64 -4.82
N SER R 312 21.97 28.05 -4.50
CA SER R 312 21.16 27.33 -5.52
C SER R 312 20.88 28.28 -6.69
N LYS R 313 20.54 29.53 -6.41
CA LYS R 313 20.23 30.48 -7.47
C LYS R 313 21.49 30.87 -8.23
N GLN R 314 22.65 30.85 -7.58
CA GLN R 314 23.90 31.01 -8.33
C GLN R 314 24.11 29.85 -9.29
N ALA R 315 23.76 28.64 -8.85
CA ALA R 315 23.83 27.49 -9.75
C ALA R 315 22.89 27.65 -10.93
N VAL R 316 21.69 28.16 -10.69
CA VAL R 316 20.75 28.40 -11.78
C VAL R 316 21.30 29.44 -12.75
N ALA R 317 21.88 30.52 -12.22
CA ALA R 317 22.45 31.56 -13.08
C ALA R 317 23.59 31.02 -13.91
N TYR R 318 24.46 30.21 -13.30
CA TYR R 318 25.56 29.61 -14.03
C TYR R 318 25.05 28.66 -15.09
N ARG R 319 24.00 27.90 -14.79
CA ARG R 319 23.38 27.04 -15.79
C ARG R 319 22.87 27.85 -16.97
N GLN R 320 22.23 28.98 -16.68
CA GLN R 320 21.76 29.87 -17.75
C GLN R 320 22.93 30.33 -18.61
N MET R 321 24.01 30.81 -17.97
CA MET R 321 25.16 31.28 -18.72
C MET R 321 25.74 30.17 -19.60
N SER R 322 25.85 28.96 -19.05
CA SER R 322 26.44 27.86 -19.80
C SER R 322 25.55 27.46 -20.97
N LEU R 323 24.25 27.34 -20.74
CA LEU R 323 23.34 26.92 -21.81
C LEU R 323 23.28 27.96 -22.92
N LEU R 324 23.29 29.25 -22.55
CA LEU R 324 23.35 30.30 -23.57
C LEU R 324 24.71 30.33 -24.24
N LEU R 325 25.74 29.78 -23.61
CA LEU R 325 27.04 29.56 -24.24
C LEU R 325 27.10 28.24 -24.98
N ARG R 326 25.98 27.54 -25.09
CA ARG R 326 25.90 26.26 -25.80
C ARG R 326 26.84 25.21 -25.22
N ARG R 327 27.01 25.26 -23.90
CA ARG R 327 27.77 24.19 -23.26
C ARG R 327 26.87 22.98 -23.03
N PRO R 328 27.38 21.77 -23.26
CA PRO R 328 26.53 20.58 -23.16
C PRO R 328 25.98 20.42 -21.76
N PRO R 329 24.67 20.37 -21.61
CA PRO R 329 24.09 20.21 -20.28
C PRO R 329 24.29 18.82 -19.73
N GLY R 330 24.30 18.74 -18.41
CA GLY R 330 24.47 17.48 -17.72
C GLY R 330 23.21 17.07 -16.99
N ARG R 331 23.35 16.42 -15.84
CA ARG R 331 22.18 16.05 -15.05
C ARG R 331 21.45 17.30 -14.59
N GLU R 332 20.11 17.26 -14.66
CA GLU R 332 19.26 18.41 -14.33
C GLU R 332 19.60 19.64 -15.17
N ALA R 333 20.11 19.41 -16.38
CA ALA R 333 20.55 20.43 -17.32
C ALA R 333 21.70 21.28 -16.79
N TYR R 334 22.22 20.96 -15.61
CA TYR R 334 23.32 21.75 -15.07
C TYR R 334 24.62 21.42 -15.81
N PRO R 335 25.43 22.44 -16.11
CA PRO R 335 26.72 22.17 -16.74
C PRO R 335 27.64 21.39 -15.81
N GLY R 336 28.51 20.58 -16.41
CA GLY R 336 29.37 19.70 -15.65
C GLY R 336 30.32 20.40 -14.70
N ASP R 337 30.61 21.67 -14.95
CA ASP R 337 31.52 22.42 -14.09
C ASP R 337 30.81 23.11 -12.93
N VAL R 338 29.55 22.74 -12.66
CA VAL R 338 28.82 23.35 -11.56
C VAL R 338 29.46 22.98 -10.23
N PHE R 339 30.03 21.79 -10.12
CA PHE R 339 30.71 21.40 -8.89
C PHE R 339 31.91 22.30 -8.63
N TYR R 340 32.70 22.58 -9.66
CA TYR R 340 33.83 23.49 -9.50
C TYR R 340 33.36 24.89 -9.13
N LEU R 341 32.24 25.32 -9.72
CA LEU R 341 31.67 26.63 -9.44
C LEU R 341 31.53 26.89 -7.95
N HIS R 342 31.03 25.90 -7.21
CA HIS R 342 30.87 26.06 -5.77
C HIS R 342 32.10 25.66 -4.99
N SER R 343 32.86 24.67 -5.49
CA SER R 343 34.04 24.21 -4.79
C SER R 343 35.09 25.30 -4.67
N ARG R 344 35.39 25.98 -5.78
CA ARG R 344 36.41 27.03 -5.72
C ARG R 344 35.98 28.17 -4.80
N LEU R 345 34.67 28.44 -4.75
CA LEU R 345 34.18 29.48 -3.84
C LEU R 345 34.33 29.05 -2.37
N LEU R 346 33.86 27.85 -2.05
CA LEU R 346 33.82 27.44 -0.65
C LEU R 346 35.21 27.13 -0.11
N GLU R 347 36.11 26.64 -0.95
CA GLU R 347 37.45 26.28 -0.49
C GLU R 347 38.22 27.47 0.02
N ARG R 348 37.94 28.67 -0.49
CA ARG R 348 38.61 29.88 -0.03
C ARG R 348 38.38 30.09 1.47
N ALA R 349 37.25 29.62 1.99
CA ALA R 349 37.00 29.69 3.43
C ALA R 349 37.94 28.74 4.15
N ALA R 350 38.75 29.29 5.05
CA ALA R 350 39.75 28.49 5.74
C ALA R 350 40.23 29.23 6.97
N LYS R 351 40.76 28.46 7.93
CA LYS R 351 41.45 29.01 9.10
C LYS R 351 42.95 28.97 8.80
N MET R 352 43.53 30.13 8.49
CA MET R 352 44.96 30.20 8.22
C MET R 352 45.74 30.04 9.52
N ASN R 353 46.97 29.53 9.39
CA ASN R 353 47.78 29.28 10.57
C ASN R 353 48.35 30.58 11.13
N ASP R 354 49.10 30.44 12.22
CA ASP R 354 49.69 31.61 12.87
C ASP R 354 50.67 32.32 11.95
N ALA R 355 51.47 31.56 11.19
CA ALA R 355 52.46 32.17 10.31
C ALA R 355 51.83 33.02 9.22
N PHE R 356 50.55 32.79 8.91
CA PHE R 356 49.85 33.55 7.87
C PHE R 356 48.84 34.52 8.46
N GLY R 357 48.92 34.78 9.76
CA GLY R 357 48.06 35.74 10.42
C GLY R 357 46.94 35.14 11.25
N GLY R 358 46.65 33.86 11.06
CA GLY R 358 45.61 33.22 11.87
C GLY R 358 44.22 33.76 11.67
N GLY R 359 43.87 34.13 10.44
CA GLY R 359 42.53 34.60 10.17
C GLY R 359 41.55 33.47 9.89
N SER R 360 40.29 33.84 9.72
CA SER R 360 39.24 32.88 9.43
C SER R 360 38.25 33.50 8.45
N LEU R 361 37.60 32.64 7.66
CA LEU R 361 36.60 33.05 6.70
C LEU R 361 35.40 32.11 6.77
N THR R 362 34.88 31.91 7.97
CA THR R 362 33.74 31.02 8.18
C THR R 362 32.64 31.28 7.18
N ALA R 363 32.19 30.21 6.51
CA ALA R 363 31.22 30.31 5.42
C ALA R 363 29.96 29.55 5.77
N LEU R 364 28.80 30.17 5.51
CA LEU R 364 27.51 29.55 5.75
C LEU R 364 26.69 29.58 4.46
N PRO R 365 27.02 28.73 3.49
CA PRO R 365 26.21 28.68 2.26
C PRO R 365 24.82 28.15 2.55
N VAL R 366 23.86 28.56 1.73
CA VAL R 366 22.48 28.13 1.83
C VAL R 366 22.08 27.47 0.53
N ILE R 367 21.53 26.26 0.62
CA ILE R 367 20.99 25.53 -0.53
C ILE R 367 19.53 25.20 -0.24
N GLU R 368 18.64 25.57 -1.16
CA GLU R 368 17.22 25.31 -1.02
C GLU R 368 16.87 24.01 -1.72
N THR R 369 16.52 22.99 -0.92
CA THR R 369 16.03 21.74 -1.47
C THR R 369 14.56 21.86 -1.86
N GLN R 370 14.14 20.97 -2.76
CA GLN R 370 12.75 20.90 -3.19
C GLN R 370 12.15 19.60 -2.70
N ALA R 371 11.08 19.70 -1.91
CA ALA R 371 10.43 18.55 -1.29
C ALA R 371 11.42 17.68 -0.54
N GLY R 372 12.34 18.33 0.18
CA GLY R 372 13.34 17.60 0.96
C GLY R 372 14.23 16.71 0.12
N ASP R 373 14.60 17.16 -1.08
CA ASP R 373 15.48 16.39 -1.96
C ASP R 373 16.93 16.75 -1.65
N VAL R 374 17.45 16.15 -0.57
CA VAL R 374 18.86 16.31 -0.23
C VAL R 374 19.74 15.40 -1.07
N SER R 375 19.17 14.61 -1.97
CA SER R 375 19.92 13.77 -2.87
C SER R 375 20.02 14.37 -4.27
N ALA R 376 19.65 15.63 -4.44
CA ALA R 376 19.70 16.28 -5.74
C ALA R 376 21.13 16.72 -6.07
N TYR R 377 21.32 17.15 -7.31
CA TYR R 377 22.65 17.47 -7.82
C TYR R 377 23.34 18.56 -7.01
N ILE R 378 22.78 19.77 -7.03
CA ILE R 378 23.39 20.87 -6.30
C ILE R 378 23.45 20.59 -4.80
N PRO R 379 22.38 20.11 -4.14
CA PRO R 379 22.51 19.78 -2.71
C PRO R 379 23.64 18.81 -2.40
N THR R 380 23.71 17.67 -3.10
CA THR R 380 24.79 16.72 -2.84
C THR R 380 26.14 17.33 -3.16
N ASN R 381 26.24 18.13 -4.21
CA ASN R 381 27.49 18.79 -4.53
C ASN R 381 27.95 19.67 -3.39
N VAL R 382 27.07 20.52 -2.88
CA VAL R 382 27.45 21.45 -1.82
C VAL R 382 27.76 20.69 -0.53
N ILE R 383 27.00 19.63 -0.25
CA ILE R 383 27.28 18.79 0.92
C ILE R 383 28.66 18.17 0.81
N SER R 384 29.04 17.76 -0.40
CA SER R 384 30.35 17.17 -0.62
C SER R 384 31.47 18.18 -0.42
N ILE R 385 31.17 19.47 -0.43
CA ILE R 385 32.18 20.51 -0.24
C ILE R 385 32.20 21.00 1.21
N THR R 386 31.04 21.26 1.78
CA THR R 386 30.96 21.86 3.10
C THR R 386 31.42 20.89 4.18
N ASP R 387 31.87 21.44 5.30
CA ASP R 387 32.31 20.67 6.45
C ASP R 387 31.17 20.32 7.39
N GLY R 388 29.93 20.61 7.02
CA GLY R 388 28.78 20.18 7.78
C GLY R 388 27.52 20.65 7.10
N GLN R 389 26.38 20.21 7.65
CA GLN R 389 25.09 20.70 7.18
C GLN R 389 24.15 20.84 8.36
N ILE R 390 23.34 21.89 8.34
CA ILE R 390 22.27 22.10 9.32
C ILE R 390 20.96 21.94 8.56
N PHE R 391 20.36 20.78 8.65
CA PHE R 391 19.16 20.48 7.87
C PHE R 391 17.93 21.02 8.58
N LEU R 392 17.19 21.89 7.89
CA LEU R 392 15.96 22.46 8.40
C LEU R 392 14.77 21.76 7.75
N GLU R 393 13.78 21.40 8.55
CA GLU R 393 12.66 20.59 8.08
C GLU R 393 11.36 21.38 8.08
N THR R 394 10.64 21.31 6.96
CA THR R 394 9.35 21.98 6.85
C THR R 394 8.32 21.36 7.78
N GLU R 395 8.41 20.06 8.02
CA GLU R 395 7.50 19.42 8.98
C GLU R 395 7.62 20.07 10.35
N LEU R 396 8.85 20.19 10.85
CA LEU R 396 9.05 20.82 12.16
C LEU R 396 8.65 22.28 12.12
N PHE R 397 8.97 22.98 11.03
CA PHE R 397 8.63 24.40 10.92
C PHE R 397 7.11 24.60 11.03
N TYR R 398 6.33 23.76 10.36
CA TYR R 398 4.88 23.85 10.50
C TYR R 398 4.40 23.36 11.85
N LYS R 399 5.12 22.41 12.45
CA LYS R 399 4.79 21.89 13.77
C LYS R 399 5.21 22.84 14.89
N GLY R 400 5.80 23.98 14.53
CA GLY R 400 6.13 25.00 15.51
C GLY R 400 7.46 24.83 16.20
N ILE R 401 8.24 23.81 15.83
CA ILE R 401 9.57 23.64 16.37
C ILE R 401 10.52 24.55 15.61
N ARG R 402 10.65 25.79 16.07
CA ARG R 402 11.48 26.78 15.40
C ARG R 402 12.60 27.20 16.33
N PRO R 403 13.88 27.07 15.93
CA PRO R 403 14.36 26.63 14.61
C PRO R 403 14.09 25.16 14.34
N ALA R 404 13.86 24.81 13.08
CA ALA R 404 13.48 23.44 12.70
C ALA R 404 14.71 22.61 12.35
N ILE R 405 15.68 22.59 13.25
CA ILE R 405 16.92 21.88 13.02
C ILE R 405 16.71 20.40 13.26
N ASN R 406 16.96 19.59 12.23
CA ASN R 406 16.89 18.13 12.36
C ASN R 406 18.20 17.66 12.98
N VAL R 407 18.19 17.44 14.30
CA VAL R 407 19.42 17.06 15.00
C VAL R 407 19.96 15.74 14.48
N GLY R 408 19.07 14.84 14.06
CA GLY R 408 19.51 13.55 13.55
C GLY R 408 20.44 13.66 12.35
N LEU R 409 20.11 14.57 11.43
CA LEU R 409 20.90 14.73 10.22
C LEU R 409 21.92 15.86 10.30
N SER R 410 21.70 16.86 11.14
CA SER R 410 22.67 17.93 11.30
C SER R 410 23.97 17.38 11.89
N VAL R 411 25.10 17.79 11.31
CA VAL R 411 26.41 17.33 11.75
C VAL R 411 27.43 18.43 11.49
N SER R 412 28.47 18.48 12.31
CA SER R 412 29.56 19.44 12.16
C SER R 412 30.89 18.71 12.36
N ARG R 413 31.74 18.71 11.32
CA ARG R 413 33.01 18.01 11.40
C ARG R 413 33.93 18.65 12.44
N VAL R 414 34.09 19.97 12.39
CA VAL R 414 34.96 20.64 13.35
C VAL R 414 34.39 20.47 14.77
N GLY R 415 33.17 20.95 14.98
CA GLY R 415 32.41 20.67 16.18
C GLY R 415 33.14 20.83 17.50
N SER R 416 33.32 19.71 18.20
CA SER R 416 33.98 19.69 19.51
C SER R 416 35.28 20.51 19.51
N ALA R 417 35.97 20.54 18.37
CA ALA R 417 37.25 21.26 18.28
C ALA R 417 37.11 22.74 18.63
N ALA R 418 35.94 23.34 18.37
CA ALA R 418 35.74 24.78 18.51
C ALA R 418 34.47 25.06 19.30
N GLN R 419 34.32 24.34 20.42
CA GLN R 419 33.17 24.51 21.29
C GLN R 419 33.68 24.79 22.70
N THR R 420 33.12 25.83 23.33
CA THR R 420 33.49 26.18 24.69
C THR R 420 33.30 25.00 25.62
N ARG R 421 34.26 24.80 26.52
CA ARG R 421 34.22 23.66 27.44
C ARG R 421 32.94 23.65 28.26
N ALA R 422 32.48 24.83 28.69
CA ALA R 422 31.25 24.90 29.48
C ALA R 422 30.08 24.32 28.72
N MET R 423 29.87 24.76 27.47
CA MET R 423 28.79 24.23 26.67
C MET R 423 28.99 22.74 26.39
N LYS R 424 30.21 22.36 26.03
CA LYS R 424 30.50 20.95 25.71
C LYS R 424 30.16 20.04 26.88
N GLN R 425 30.36 20.52 28.11
CA GLN R 425 30.01 19.74 29.29
C GLN R 425 28.52 19.39 29.30
N VAL R 426 27.68 20.37 28.96
CA VAL R 426 26.24 20.13 28.95
C VAL R 426 25.71 19.72 27.58
N ALA R 427 26.38 20.13 26.49
CA ALA R 427 25.87 19.84 25.16
C ALA R 427 25.90 18.34 24.86
N GLY R 428 26.99 17.67 25.21
CA GLY R 428 27.09 16.25 24.93
C GLY R 428 26.00 15.46 25.63
N THR R 429 25.77 15.76 26.90
CA THR R 429 24.66 15.12 27.62
C THR R 429 23.33 15.45 26.98
N MET R 430 23.14 16.70 26.57
CA MET R 430 21.89 17.07 25.90
C MET R 430 21.71 16.30 24.60
N LYS R 431 22.78 16.18 23.80
CA LYS R 431 22.68 15.48 22.54
C LYS R 431 22.39 14.00 22.77
N LEU R 432 23.03 13.40 23.78
CA LEU R 432 22.76 11.99 24.09
C LEU R 432 21.31 11.79 24.49
N GLU R 433 20.80 12.65 25.37
CA GLU R 433 19.42 12.52 25.83
C GLU R 433 18.44 12.74 24.69
N LEU R 434 18.70 13.73 23.83
CA LEU R 434 17.82 13.99 22.71
C LEU R 434 17.82 12.83 21.72
N ALA R 435 19.00 12.23 21.49
CA ALA R 435 19.08 11.04 20.66
C ALA R 435 18.27 9.90 21.26
N GLN R 436 18.36 9.73 22.58
CA GLN R 436 17.51 8.74 23.25
C GLN R 436 16.03 9.04 23.00
N TYR R 437 15.67 10.31 23.07
CA TYR R 437 14.28 10.71 22.81
C TYR R 437 13.86 10.34 21.40
N ARG R 438 14.75 10.53 20.42
CA ARG R 438 14.43 10.16 19.05
C ARG R 438 14.24 8.65 18.91
N GLU R 439 15.08 7.86 19.59
CA GLU R 439 15.03 6.41 19.46
C GLU R 439 13.68 5.84 19.89
N VAL R 440 13.17 6.30 21.03
CA VAL R 440 11.91 5.80 21.57
C VAL R 440 10.73 6.69 21.19
N ALA R 441 10.92 7.63 20.26
CA ALA R 441 9.83 8.47 19.82
C ALA R 441 8.73 7.67 19.14
N ALA R 442 9.11 6.63 18.39
CA ALA R 442 8.13 5.81 17.68
C ALA R 442 7.14 5.17 18.65
N PHE R 443 7.65 4.64 19.77
CA PHE R 443 6.76 4.01 20.75
C PHE R 443 5.83 5.03 21.39
N ALA R 444 6.31 6.26 21.60
CA ALA R 444 5.59 7.31 22.32
C ALA R 444 4.16 7.53 21.83
N GLN R 445 3.94 7.35 20.52
CA GLN R 445 2.59 7.48 19.98
C GLN R 445 1.59 6.62 20.76
N PHE R 446 2.00 5.40 21.13
CA PHE R 446 1.16 4.52 21.95
C PHE R 446 1.98 3.89 23.07
N GLY R 447 2.93 4.66 23.62
CA GLY R 447 3.85 4.20 24.64
C GLY R 447 3.48 4.54 26.07
N SER R 448 2.21 4.84 26.36
CA SER R 448 1.80 5.00 27.75
C SER R 448 2.06 3.72 28.55
N ASP R 449 1.77 2.57 27.94
CA ASP R 449 1.98 1.27 28.57
C ASP R 449 3.38 0.74 28.25
N LEU R 450 4.38 1.56 28.56
CA LEU R 450 5.78 1.17 28.41
C LEU R 450 6.52 1.39 29.73
N ASP R 451 7.76 0.88 29.77
CA ASP R 451 8.56 0.98 30.98
C ASP R 451 8.81 2.43 31.36
N ALA R 452 8.95 2.65 32.67
CA ALA R 452 9.13 4.00 33.20
C ALA R 452 10.38 4.66 32.63
N ALA R 453 11.42 3.87 32.36
CA ALA R 453 12.62 4.42 31.73
C ALA R 453 12.28 5.04 30.38
N THR R 454 11.46 4.36 29.58
CA THR R 454 11.02 4.92 28.31
C THR R 454 10.24 6.21 28.51
N GLN R 455 9.32 6.22 29.48
CA GLN R 455 8.56 7.43 29.77
C GLN R 455 9.47 8.56 30.25
N GLN R 456 10.48 8.22 31.05
CA GLN R 456 11.45 9.22 31.49
C GLN R 456 12.20 9.80 30.30
N LEU R 457 12.61 8.94 29.37
CA LEU R 457 13.28 9.41 28.16
C LEU R 457 12.37 10.34 27.36
N LEU R 458 11.10 9.95 27.21
CA LEU R 458 10.16 10.79 26.48
C LEU R 458 10.02 12.16 27.12
N SER R 459 9.85 12.18 28.44
CA SER R 459 9.69 13.45 29.15
C SER R 459 10.93 14.32 29.01
N ARG R 460 12.11 13.74 29.25
CA ARG R 460 13.35 14.51 29.16
C ARG R 460 13.53 15.06 27.75
N GLY R 461 13.27 14.24 26.73
CA GLY R 461 13.41 14.70 25.36
C GLY R 461 12.45 15.81 24.99
N VAL R 462 11.18 15.64 25.33
CA VAL R 462 10.20 16.67 24.97
C VAL R 462 10.53 17.97 25.69
N ARG R 463 11.01 17.89 26.93
CA ARG R 463 11.40 19.09 27.64
C ARG R 463 12.64 19.73 27.04
N LEU R 464 13.60 18.93 26.61
CA LEU R 464 14.79 19.47 25.95
C LEU R 464 14.44 20.15 24.64
N THR R 465 13.48 19.58 23.90
CA THR R 465 13.08 20.15 22.62
C THR R 465 12.54 21.56 22.80
N GLU R 466 11.75 21.78 23.84
CA GLU R 466 11.22 23.11 24.11
C GLU R 466 12.36 24.09 24.41
N LEU R 467 13.37 23.64 25.16
CA LEU R 467 14.52 24.50 25.43
C LEU R 467 15.25 24.86 24.13
N LEU R 468 15.40 23.89 23.22
CA LEU R 468 16.09 24.16 21.97
C LEU R 468 15.37 25.23 21.15
N LYS R 469 14.04 25.24 21.20
CA LYS R 469 13.27 26.25 20.49
C LYS R 469 13.69 27.65 20.92
N GLN R 470 13.91 28.51 19.93
CA GLN R 470 14.33 29.89 20.17
C GLN R 470 13.51 30.82 19.28
N GLY R 471 13.42 32.07 19.70
CA GLY R 471 12.71 33.07 18.93
C GLY R 471 13.53 33.57 17.76
N GLN R 472 13.07 34.67 17.18
CA GLN R 472 13.67 35.22 15.98
C GLN R 472 14.26 36.59 16.27
N TYR R 473 15.39 36.88 15.64
CA TYR R 473 16.11 38.16 15.79
C TYR R 473 16.49 38.43 17.24
N ALA R 474 16.73 37.37 18.01
CA ALA R 474 17.07 37.50 19.43
C ALA R 474 18.10 36.44 19.80
N PRO R 475 19.37 36.67 19.47
CA PRO R 475 20.40 35.70 19.83
C PRO R 475 20.64 35.68 21.34
N MET R 476 21.17 34.55 21.81
CA MET R 476 21.48 34.35 23.21
C MET R 476 22.97 34.18 23.40
N ALA R 477 23.51 34.77 24.46
CA ALA R 477 24.92 34.61 24.79
C ALA R 477 25.21 33.17 25.18
N ILE R 478 26.48 32.78 24.99
CA ILE R 478 26.88 31.39 25.26
C ILE R 478 26.64 31.03 26.72
N GLU R 479 26.91 31.95 27.64
CA GLU R 479 26.71 31.65 29.06
C GLU R 479 25.23 31.41 29.36
N GLU R 480 24.36 32.23 28.80
CA GLU R 480 22.92 32.04 29.01
C GLU R 480 22.46 30.71 28.43
N GLN R 481 22.97 30.38 27.23
CA GLN R 481 22.66 29.07 26.65
C GLN R 481 23.14 27.95 27.56
N VAL R 482 24.34 28.10 28.13
CA VAL R 482 24.87 27.08 29.03
C VAL R 482 23.96 26.93 30.25
N ALA R 483 23.50 28.05 30.81
CA ALA R 483 22.60 27.99 31.95
C ALA R 483 21.32 27.23 31.62
N VAL R 484 20.71 27.58 30.48
CA VAL R 484 19.45 26.93 30.09
C VAL R 484 19.67 25.45 29.84
N ILE R 485 20.73 25.10 29.11
CA ILE R 485 21.02 23.71 28.79
C ILE R 485 21.35 22.92 30.05
N TYR R 486 22.04 23.55 31.01
CA TYR R 486 22.28 22.93 32.30
C TYR R 486 20.96 22.60 32.99
N ALA R 487 20.06 23.58 33.03
CA ALA R 487 18.74 23.38 33.61
C ALA R 487 18.04 22.19 32.96
N GLY R 488 18.16 22.09 31.63
CA GLY R 488 17.52 20.97 30.94
C GLY R 488 18.17 19.63 31.22
N VAL R 489 19.50 19.56 31.11
CA VAL R 489 20.19 18.27 31.18
C VAL R 489 20.12 17.69 32.58
N ARG R 490 20.19 18.54 33.61
CA ARG R 490 20.22 18.03 34.97
C ARG R 490 18.84 17.63 35.47
N GLY R 491 17.83 17.66 34.60
CA GLY R 491 16.49 17.24 34.96
C GLY R 491 15.84 18.09 36.03
N TYR R 492 15.98 19.41 35.89
CA TYR R 492 15.29 20.34 36.78
C TYR R 492 13.91 20.73 36.26
N LEU R 493 13.67 20.58 34.96
CA LEU R 493 12.39 20.90 34.36
C LEU R 493 11.56 19.67 34.00
N ASP R 494 12.03 18.48 34.37
CA ASP R 494 11.25 17.28 34.09
C ASP R 494 9.90 17.32 34.78
N LYS R 495 9.86 17.86 36.01
CA LYS R 495 8.60 18.00 36.71
C LYS R 495 7.70 19.04 36.04
N LEU R 496 8.29 20.09 35.49
CA LEU R 496 7.52 21.17 34.90
C LEU R 496 6.71 20.68 33.70
N GLU R 497 5.50 21.22 33.55
CA GLU R 497 4.63 20.85 32.44
C GLU R 497 5.29 21.26 31.12
N PRO R 498 5.17 20.43 30.07
CA PRO R 498 5.91 20.71 28.82
C PRO R 498 5.64 22.08 28.22
N SER R 499 4.40 22.56 28.22
CA SER R 499 4.13 23.88 27.67
C SER R 499 4.75 24.99 28.50
N LYS R 500 5.08 24.73 29.76
CA LYS R 500 5.67 25.73 30.64
C LYS R 500 7.17 25.84 30.48
N ILE R 501 7.80 24.97 29.70
CA ILE R 501 9.26 24.96 29.59
C ILE R 501 9.77 26.26 28.99
N THR R 502 9.10 26.75 27.93
CA THR R 502 9.53 28.00 27.31
C THR R 502 9.37 29.17 28.27
N LYS R 503 8.27 29.21 29.02
CA LYS R 503 8.07 30.27 30.00
C LYS R 503 9.15 30.22 31.07
N PHE R 504 9.50 29.02 31.52
CA PHE R 504 10.59 28.88 32.48
C PHE R 504 11.90 29.37 31.90
N GLU R 505 12.18 29.01 30.65
CA GLU R 505 13.42 29.45 30.01
C GLU R 505 13.49 30.97 30.00
N ASN R 506 12.41 31.62 29.56
CA ASN R 506 12.39 33.08 29.49
C ASN R 506 12.58 33.70 30.88
N ALA R 507 11.79 33.27 31.85
CA ALA R 507 11.88 33.85 33.18
C ALA R 507 13.24 33.58 33.82
N PHE R 508 13.76 32.37 33.63
CA PHE R 508 15.06 31.98 34.20
C PHE R 508 16.18 32.83 33.60
N LEU R 509 16.16 33.03 32.29
CA LEU R 509 17.13 33.92 31.67
C LEU R 509 17.03 35.32 32.25
N SER R 510 15.80 35.84 32.38
CA SER R 510 15.61 37.16 32.96
C SER R 510 16.21 37.24 34.36
N HIS R 511 15.91 36.25 35.20
CA HIS R 511 16.37 36.25 36.59
C HIS R 511 17.89 36.17 36.68
N VAL R 512 18.49 35.26 35.91
CA VAL R 512 19.93 35.06 36.00
C VAL R 512 20.68 36.27 35.45
N ILE R 513 20.11 36.94 34.45
CA ILE R 513 20.68 38.20 33.98
C ILE R 513 20.53 39.29 35.03
N SER R 514 19.38 39.34 35.69
CA SER R 514 19.13 40.40 36.67
C SER R 514 20.09 40.31 37.86
N GLN R 515 20.15 39.15 38.51
CA GLN R 515 20.87 39.09 39.79
C GLN R 515 22.14 38.27 39.73
N HIS R 516 22.02 36.99 39.42
CA HIS R 516 23.13 36.03 39.32
C HIS R 516 24.17 36.37 38.25
N GLN R 517 23.98 37.49 37.52
CA GLN R 517 24.90 37.89 36.44
C GLN R 517 26.37 37.67 36.79
N ALA R 518 26.73 37.69 38.08
CA ALA R 518 28.11 37.37 38.45
C ALA R 518 28.50 35.98 37.95
N LEU R 519 27.64 34.99 38.17
CA LEU R 519 27.96 33.63 37.73
C LEU R 519 28.04 33.53 36.23
N LEU R 520 27.18 34.26 35.51
CA LEU R 520 27.27 34.31 34.06
C LEU R 520 28.63 34.82 33.61
N GLY R 521 29.08 35.93 34.22
CA GLY R 521 30.40 36.45 33.90
C GLY R 521 31.49 35.45 34.22
N LYS R 522 31.36 34.75 35.35
CA LYS R 522 32.36 33.78 35.75
C LYS R 522 32.43 32.61 34.76
N ILE R 523 31.28 32.15 34.29
CA ILE R 523 31.24 31.12 33.26
C ILE R 523 31.93 31.61 31.99
N ARG R 524 31.61 32.84 31.58
CA ARG R 524 32.20 33.37 30.36
C ARG R 524 33.72 33.44 30.46
N ALA R 525 34.23 33.91 31.60
CA ALA R 525 35.67 34.05 31.77
C ALA R 525 36.35 32.68 31.89
N ASP R 526 35.82 31.81 32.76
CA ASP R 526 36.45 30.52 33.01
C ASP R 526 36.44 29.65 31.76
N GLY R 527 35.31 29.60 31.06
CA GLY R 527 35.16 28.75 29.91
C GLY R 527 34.71 27.33 30.22
N LYS R 528 34.65 26.97 31.50
CA LYS R 528 34.22 25.65 31.92
C LYS R 528 33.31 25.80 33.14
N ILE R 529 32.46 24.80 33.35
CA ILE R 529 31.62 24.79 34.54
C ILE R 529 32.41 24.13 35.67
N SER R 530 33.22 24.92 36.38
CA SER R 530 33.95 24.40 37.52
C SER R 530 32.97 23.96 38.60
N GLU R 531 33.45 23.10 39.51
CA GLU R 531 32.54 22.51 40.50
C GLU R 531 31.81 23.57 41.32
N GLU R 532 32.52 24.65 41.68
CA GLU R 532 31.88 25.74 42.41
C GLU R 532 30.75 26.35 41.59
N THR R 533 31.02 26.61 40.31
CA THR R 533 30.00 27.16 39.42
C THR R 533 28.83 26.20 39.28
N ASP R 534 29.11 24.91 39.17
CA ASP R 534 28.05 23.91 39.06
C ASP R 534 27.16 23.93 40.30
N ALA R 535 27.77 23.98 41.48
CA ALA R 535 26.99 24.03 42.71
C ALA R 535 26.13 25.29 42.77
N LYS R 536 26.73 26.43 42.43
CA LYS R 536 25.96 27.68 42.41
C LYS R 536 24.82 27.61 41.40
N LEU R 537 25.08 27.03 40.22
CA LEU R 537 24.06 26.88 39.19
C LEU R 537 22.92 26.00 39.69
N LYS R 538 23.26 24.90 40.37
CA LYS R 538 22.22 24.05 40.96
C LYS R 538 21.38 24.84 41.96
N GLU R 539 22.03 25.61 42.82
CA GLU R 539 21.30 26.45 43.77
C GLU R 539 20.36 27.39 43.04
N ILE R 540 20.88 28.08 42.02
CA ILE R 540 20.08 29.05 41.27
C ILE R 540 18.87 28.40 40.65
N VAL R 541 19.09 27.28 39.95
CA VAL R 541 18.00 26.64 39.22
C VAL R 541 16.95 26.12 40.18
N THR R 542 17.37 25.48 41.27
CA THR R 542 16.41 24.98 42.25
C THR R 542 15.60 26.10 42.86
N ASN R 543 16.27 27.16 43.33
CA ASN R 543 15.57 28.26 43.96
C ASN R 543 14.63 28.95 42.99
N PHE R 544 15.07 29.15 41.76
CA PHE R 544 14.21 29.80 40.77
C PHE R 544 13.07 28.89 40.33
N LEU R 545 13.32 27.58 40.30
CA LEU R 545 12.25 26.63 40.03
C LEU R 545 11.17 26.73 41.09
N ALA R 546 11.59 26.88 42.35
CA ALA R 546 10.62 27.12 43.41
C ALA R 546 9.87 28.43 43.19
N GLY R 547 10.61 29.52 42.94
CA GLY R 547 10.00 30.83 42.90
C GLY R 547 9.06 31.02 41.72
N PHE R 548 9.53 30.69 40.51
CA PHE R 548 8.78 30.92 39.29
C PHE R 548 7.48 30.12 39.29
N GLU R 549 7.53 28.86 39.72
CA GLU R 549 6.33 28.04 39.82
C GLU R 549 5.29 28.74 40.67
N ALA R 550 4.22 29.21 40.03
CA ALA R 550 3.17 29.96 40.72
C ALA R 550 1.88 29.95 39.92
#